data_6PQP
#
_entry.id   6PQP
#
_cell.length_a   1.00
_cell.length_b   1.00
_cell.length_c   1.00
_cell.angle_alpha   90.00
_cell.angle_beta   90.00
_cell.angle_gamma   90.00
#
_symmetry.space_group_name_H-M   'P 1'
#
loop_
_entity.id
_entity.type
_entity.pdbx_description
1 polymer 'Transient receptor potential cation channel subfamily A member 1'
2 branched 2-acetamido-2-deoxy-beta-D-glucopyranose-(1-4)-2-acetamido-2-deoxy-beta-D-glucopyranose
3 non-polymer N-benzylthioformamide
4 non-polymer '[(2~{R})-1-[2-azanylethoxy(oxidanyl)phosphoryl]oxy-3-hexadecanoyloxy-propan-2-yl] (~{Z})-octadec-9-enoate'
5 non-polymer 1-palmitoyl-2-oleoyl-sn-glycero-3-phosphocholine
#
_entity_poly.entity_id   1
_entity_poly.type   'polypeptide(L)'
_entity_poly.pdbx_seq_one_letter_code
;MAKRSLRKMWRPGEKKEPQGVVYEDVPDDTEDFKESLKVVFEGSAYGLQNFNKQKKLKRCDDMDTFFLHYAAAEGQIELM
EKITRDSSLEVLHEMDDYGNTPLHCAVEKNQIESVKFLLSRGANPNLRNFNMMAPLHIAVQGMNNEVMKVLLEHRTIDVN
LEGENGNTAVIIACTTNNSEALQILLKKGAKPCKSNKWGCFPIHQAAFSGSKECMEIILRFGEEHGYSRQLHINFMNNGK
ATPLHLAVQNGDLEMIKMCLDNGAQIDPVEKGRCTAIHFAATQGATEIVKLMISSYSGSVDIVNTTDGCHETMLHRASLF
DHHELADYLISVGADINKIDSEGRSPLILATASASWNIVNLLLSKGAQVDIKDNFGRNFLHLTVQQPYGLKNLRPEFMQM
QQIKELVMDEDNDGCTPLHYACRQGGPGSVNNLLGFNVSIHSKSKDKKSPLHFAASYGRINTCQRLLQDISDTRLLNEGD
LHGMTPLHLAAKNGHDKVVQLLLKKGALFLSDHNGWTALHHASMGGYTQTMKVILDTNLKCTDRLDEDGNTALHFAAREG
HAKAVALLLSHNADIVLNKQQASFLHLALHNKRKEVVLTIIRSKRWDECLKIFSHNSPGNKCPITEMIEYLPECMKVLLD
FCMLHSTEDKSCRDYYIEYNFKYLQCPLEFTKKTPTQDVIYEPLTALNAMVQNNRIELLNHPVCKEYLLMKWLAYGFRAH
MMNLGSYCLGLIPMTILVVNIKPGMAFNSTGIINETSDHSEILDTTNSYLIKTCMILVFLSSIFGYCKEAGQIFQQKRNY
FMDISNVLEWIIYTTGIIFVLPLFVEIPAHLQWQCGAIAVYFYWMNFLLYLQRFENCGIFIVMLEVILKTLLRSTVVFIF
LLLAFGLSFYILLNLQDPFSSPLLSIIQTFSMMLGDINYRESFLEPYLRNELAHPVLSFAQLVSFTIFVPIVLMNLLIGL
AVGDIAEVQKHASLKRIAMQVELHTSLEKKLPLWFLRKVDQKSTIVYPNKPRSGGMLFHIFCFLFCTGEIRQEIPNADKS
LEMEILKQKYRLKDLTFLLEKQHELIKLIIQKMEIISETEDDDSHCSFQDRFKKEQMEQRNSRWNTVLRAVKAKTHHLEP
SNSLEVLFQGPAADYKDDDDKAHHHHHHHHHH
;
_entity_poly.pdbx_strand_id   A,D,B,C
#
loop_
_chem_comp.id
_chem_comp.type
_chem_comp.name
_chem_comp.formula
6OU non-polymer '[(2~{R})-1-[2-azanylethoxy(oxidanyl)phosphoryl]oxy-3-hexadecanoyloxy-propan-2-yl] (~{Z})-octadec-9-enoate' 'C39 H76 N O8 P'
9BE non-polymer N-benzylthioformamide 'C8 H9 N S'
LBN non-polymer 1-palmitoyl-2-oleoyl-sn-glycero-3-phosphocholine 'C42 H82 N O8 P'
NAG D-saccharide, beta linking 2-acetamido-2-deoxy-beta-D-glucopyranose 'C8 H15 N O6'
#
# COMPACT_ATOMS: atom_id res chain seq x y z
N LYS A 447 56.13 -8.87 -36.98
CA LYS A 447 56.45 -8.61 -35.58
C LYS A 447 55.53 -7.54 -35.01
N LYS A 448 54.57 -7.09 -35.81
CA LYS A 448 53.64 -6.06 -35.36
C LYS A 448 52.63 -6.61 -34.38
N SER A 449 52.13 -7.82 -34.63
CA SER A 449 51.19 -8.49 -33.75
C SER A 449 51.75 -8.84 -32.37
N PRO A 450 53.02 -9.27 -32.20
CA PRO A 450 53.56 -9.34 -30.84
C PRO A 450 53.67 -8.00 -30.14
N LEU A 451 53.94 -6.92 -30.84
CA LEU A 451 54.00 -5.62 -30.18
C LEU A 451 52.60 -5.16 -29.78
N HIS A 452 51.60 -5.44 -30.61
CA HIS A 452 50.22 -5.10 -30.26
C HIS A 452 49.75 -5.91 -29.06
N PHE A 453 50.12 -7.20 -29.00
CA PHE A 453 49.73 -8.00 -27.84
C PHE A 453 50.48 -7.57 -26.59
N ALA A 454 51.75 -7.21 -26.72
CA ALA A 454 52.53 -6.85 -25.55
C ALA A 454 52.17 -5.47 -25.03
N ALA A 455 51.73 -4.57 -25.89
CA ALA A 455 51.28 -3.26 -25.45
C ALA A 455 49.84 -3.26 -25.01
N SER A 456 49.02 -4.18 -25.51
CA SER A 456 47.63 -4.24 -25.11
C SER A 456 47.43 -4.84 -23.73
N TYR A 457 48.47 -5.42 -23.12
CA TYR A 457 48.31 -6.07 -21.82
C TYR A 457 49.41 -5.67 -20.84
N GLY A 458 50.14 -4.60 -21.12
CA GLY A 458 51.05 -4.06 -20.13
C GLY A 458 52.33 -4.81 -19.93
N ARG A 459 52.75 -5.62 -20.89
CA ARG A 459 54.02 -6.31 -20.81
C ARG A 459 55.14 -5.34 -21.12
N ILE A 460 55.77 -4.80 -20.09
CA ILE A 460 56.74 -3.74 -20.30
C ILE A 460 58.09 -4.28 -20.78
N ASN A 461 58.48 -5.47 -20.32
CA ASN A 461 59.78 -6.01 -20.71
C ASN A 461 59.77 -6.50 -22.15
N THR A 462 58.66 -7.08 -22.58
CA THR A 462 58.52 -7.50 -23.97
C THR A 462 58.51 -6.28 -24.90
N CYS A 463 57.90 -5.19 -24.46
CA CYS A 463 57.94 -3.96 -25.25
C CYS A 463 59.31 -3.33 -25.26
N GLN A 464 60.10 -3.49 -24.20
CA GLN A 464 61.48 -3.00 -24.25
C GLN A 464 62.33 -3.84 -25.17
N ARG A 465 62.09 -5.16 -25.20
CA ARG A 465 62.89 -6.01 -26.08
C ARG A 465 62.49 -5.84 -27.54
N LEU A 466 61.22 -5.55 -27.82
CA LEU A 466 60.81 -5.31 -29.20
C LEU A 466 61.30 -3.98 -29.71
N LEU A 467 61.48 -3.00 -28.83
CA LEU A 467 61.83 -1.64 -29.23
C LEU A 467 63.29 -1.33 -28.93
N GLN A 468 64.17 -2.31 -29.15
CA GLN A 468 65.60 -2.04 -28.99
C GLN A 468 66.18 -1.43 -30.27
N ASP A 469 65.74 -1.90 -31.43
CA ASP A 469 66.17 -1.33 -32.70
C ASP A 469 65.45 -0.02 -32.92
N ILE A 470 66.18 1.09 -32.81
CA ILE A 470 65.58 2.43 -32.88
C ILE A 470 65.68 2.96 -34.30
N SER A 471 65.95 2.08 -35.26
CA SER A 471 66.13 2.51 -36.64
C SER A 471 64.80 2.77 -37.33
N ASP A 472 63.97 1.74 -37.45
CA ASP A 472 62.72 1.84 -38.19
C ASP A 472 61.58 2.17 -37.23
N THR A 473 60.96 3.34 -37.42
CA THR A 473 59.81 3.73 -36.64
C THR A 473 58.50 3.45 -37.37
N ARG A 474 58.56 2.81 -38.55
CA ARG A 474 57.34 2.42 -39.23
C ARG A 474 56.64 1.28 -38.52
N LEU A 475 57.37 0.50 -37.72
CA LEU A 475 56.75 -0.55 -36.91
C LEU A 475 56.18 0.01 -35.62
N LEU A 476 56.74 1.12 -35.14
CA LEU A 476 56.26 1.71 -33.89
C LEU A 476 54.91 2.39 -34.05
N ASN A 477 54.76 3.17 -35.11
CA ASN A 477 53.53 3.89 -35.39
C ASN A 477 52.65 3.19 -36.40
N GLU A 478 52.75 1.86 -36.49
CA GLU A 478 51.97 1.12 -37.46
C GLU A 478 50.51 1.03 -37.04
N GLY A 479 49.66 0.62 -37.98
CA GLY A 479 48.24 0.56 -37.75
C GLY A 479 47.80 -0.82 -37.30
N ASP A 480 46.51 -0.94 -37.07
CA ASP A 480 45.86 -2.18 -36.68
C ASP A 480 44.77 -2.48 -37.70
N LEU A 481 44.03 -3.57 -37.48
CA LEU A 481 42.83 -3.83 -38.27
C LEU A 481 41.79 -2.75 -38.04
N HIS A 482 41.64 -2.29 -36.81
CA HIS A 482 40.81 -1.14 -36.50
C HIS A 482 41.60 0.15 -36.42
N GLY A 483 42.81 0.18 -36.94
CA GLY A 483 43.54 1.43 -37.07
C GLY A 483 44.05 2.02 -35.77
N MET A 484 44.44 1.18 -34.83
CA MET A 484 44.94 1.62 -33.53
C MET A 484 46.44 1.38 -33.44
N THR A 485 47.19 2.41 -33.09
CA THR A 485 48.60 2.27 -32.80
C THR A 485 48.79 1.52 -31.48
N PRO A 486 49.99 1.01 -31.20
CA PRO A 486 50.28 0.52 -29.84
C PRO A 486 50.12 1.56 -28.75
N LEU A 487 50.25 2.84 -29.09
CA LEU A 487 49.92 3.91 -28.16
C LEU A 487 48.44 3.85 -27.76
N HIS A 488 47.57 3.61 -28.74
CA HIS A 488 46.14 3.50 -28.46
C HIS A 488 45.82 2.28 -27.62
N LEU A 489 46.46 1.15 -27.90
CA LEU A 489 46.21 -0.06 -27.11
C LEU A 489 46.73 0.09 -25.70
N ALA A 490 47.89 0.72 -25.53
CA ALA A 490 48.42 0.90 -24.20
C ALA A 490 47.63 1.91 -23.40
N ALA A 491 47.00 2.87 -24.08
CA ALA A 491 46.18 3.83 -23.36
C ALA A 491 44.77 3.32 -23.09
N LYS A 492 44.28 2.38 -23.90
CA LYS A 492 42.92 1.88 -23.72
C LYS A 492 42.79 1.07 -22.43
N ASN A 493 43.74 0.18 -22.18
CA ASN A 493 43.69 -0.65 -20.99
C ASN A 493 44.33 0.01 -19.79
N GLY A 494 44.92 1.18 -19.95
CA GLY A 494 45.35 1.95 -18.81
C GLY A 494 46.68 1.51 -18.24
N HIS A 495 47.69 1.33 -19.08
CA HIS A 495 49.03 1.00 -18.62
C HIS A 495 49.90 2.24 -18.79
N ASP A 496 50.20 2.90 -17.68
CA ASP A 496 50.90 4.17 -17.73
C ASP A 496 52.37 4.03 -18.04
N LYS A 497 53.02 2.97 -17.57
CA LYS A 497 54.44 2.83 -17.83
C LYS A 497 54.73 2.43 -19.26
N VAL A 498 53.83 1.65 -19.87
CA VAL A 498 53.99 1.28 -21.26
C VAL A 498 53.81 2.50 -22.17
N VAL A 499 52.80 3.32 -21.88
CA VAL A 499 52.58 4.49 -22.72
C VAL A 499 53.65 5.55 -22.47
N GLN A 500 54.20 5.59 -21.25
CA GLN A 500 55.33 6.47 -20.99
C GLN A 500 56.58 6.01 -21.73
N LEU A 501 56.76 4.70 -21.85
CA LEU A 501 57.89 4.15 -22.61
C LEU A 501 57.73 4.43 -24.10
N LEU A 502 56.51 4.28 -24.63
CA LEU A 502 56.28 4.57 -26.04
C LEU A 502 56.39 6.06 -26.35
N LEU A 503 56.12 6.93 -25.38
CA LEU A 503 56.35 8.35 -25.62
C LEU A 503 57.82 8.70 -25.48
N LYS A 504 58.55 8.00 -24.61
CA LYS A 504 59.99 8.26 -24.49
C LYS A 504 60.74 7.77 -25.72
N LYS A 505 60.34 6.64 -26.29
CA LYS A 505 60.95 6.19 -27.53
C LYS A 505 60.49 6.99 -28.74
N GLY A 506 59.40 7.74 -28.62
CA GLY A 506 58.96 8.58 -29.71
C GLY A 506 57.83 7.95 -30.49
N ALA A 507 56.61 8.41 -30.23
CA ALA A 507 55.44 7.95 -30.95
C ALA A 507 54.58 9.16 -31.31
N LEU A 508 53.75 9.00 -32.32
CA LEU A 508 52.95 10.08 -32.87
C LEU A 508 51.49 9.89 -32.48
N PHE A 509 50.87 10.96 -32.00
CA PHE A 509 49.47 10.92 -31.57
C PHE A 509 48.57 10.84 -32.80
N LEU A 510 48.46 9.64 -33.36
CA LEU A 510 47.62 9.46 -34.53
C LEU A 510 46.16 9.34 -34.11
N SER A 511 45.30 9.12 -35.09
CA SER A 511 43.87 9.03 -34.85
C SER A 511 43.36 7.65 -35.23
N ASP A 512 42.28 7.27 -34.57
CA ASP A 512 41.55 6.05 -34.86
C ASP A 512 40.78 6.23 -36.18
N HIS A 513 40.22 5.12 -36.69
CA HIS A 513 39.27 5.23 -37.79
C HIS A 513 38.01 5.99 -37.41
N ASN A 514 37.64 5.98 -36.13
CA ASN A 514 36.53 6.78 -35.64
C ASN A 514 37.01 8.06 -34.96
N GLY A 515 38.20 8.53 -35.30
CA GLY A 515 38.67 9.83 -34.86
C GLY A 515 39.16 9.92 -33.44
N TRP A 516 39.18 8.81 -32.71
CA TRP A 516 39.60 8.79 -31.32
C TRP A 516 41.10 9.05 -31.22
N THR A 517 41.56 9.39 -30.02
CA THR A 517 42.98 9.56 -29.75
C THR A 517 43.30 8.68 -28.55
N ALA A 518 44.56 8.64 -28.15
CA ALA A 518 44.94 7.93 -26.93
C ALA A 518 44.30 8.54 -25.71
N LEU A 519 44.13 9.87 -25.69
CA LEU A 519 43.48 10.52 -24.57
C LEU A 519 41.98 10.22 -24.55
N HIS A 520 41.39 10.03 -25.73
CA HIS A 520 39.99 9.63 -25.80
C HIS A 520 39.78 8.23 -25.23
N HIS A 521 40.71 7.30 -25.49
CA HIS A 521 40.60 5.97 -24.92
C HIS A 521 40.86 5.98 -23.43
N ALA A 522 41.84 6.77 -22.99
CA ALA A 522 42.14 6.86 -21.56
C ALA A 522 41.01 7.50 -20.79
N SER A 523 40.25 8.39 -21.42
CA SER A 523 39.10 8.98 -20.75
C SER A 523 37.84 8.14 -20.88
N MET A 524 37.73 7.36 -21.95
CA MET A 524 36.66 6.37 -22.03
C MET A 524 36.81 5.33 -20.93
N GLY A 525 38.05 4.95 -20.62
CA GLY A 525 38.27 4.00 -19.55
C GLY A 525 38.25 4.62 -18.17
N GLY A 526 38.70 5.86 -18.05
CA GLY A 526 38.75 6.50 -16.76
C GLY A 526 40.05 6.31 -16.01
N TYR A 527 41.14 6.08 -16.73
CA TYR A 527 42.44 5.83 -16.11
C TYR A 527 43.16 7.16 -15.98
N THR A 528 43.33 7.63 -14.74
CA THR A 528 43.92 8.93 -14.53
C THR A 528 45.42 8.96 -14.75
N GLN A 529 46.10 7.82 -14.69
CA GLN A 529 47.55 7.82 -14.78
C GLN A 529 48.03 8.03 -16.20
N THR A 530 47.50 7.25 -17.15
CA THR A 530 47.82 7.45 -18.56
C THR A 530 47.38 8.81 -19.04
N MET A 531 46.23 9.27 -18.52
CA MET A 531 45.72 10.60 -18.80
C MET A 531 46.68 11.67 -18.31
N LYS A 532 47.21 11.50 -17.11
CA LYS A 532 48.15 12.46 -16.55
C LYS A 532 49.47 12.48 -17.32
N VAL A 533 49.90 11.32 -17.81
CA VAL A 533 51.13 11.24 -18.59
C VAL A 533 50.97 11.95 -19.94
N ILE A 534 49.85 11.67 -20.64
CA ILE A 534 49.58 12.30 -21.92
C ILE A 534 49.44 13.81 -21.76
N LEU A 535 48.82 14.25 -20.66
CA LEU A 535 48.69 15.69 -20.43
C LEU A 535 50.01 16.33 -20.03
N ASP A 536 50.89 15.61 -19.34
CA ASP A 536 52.17 16.19 -18.98
C ASP A 536 53.15 16.23 -20.14
N THR A 537 52.95 15.42 -21.18
CA THR A 537 53.80 15.60 -22.36
C THR A 537 53.37 16.81 -23.16
N ASN A 538 52.15 16.80 -23.68
CA ASN A 538 51.66 17.86 -24.54
C ASN A 538 50.37 18.43 -23.98
N LEU A 539 50.07 19.67 -24.38
CA LEU A 539 48.81 20.30 -24.06
C LEU A 539 47.95 20.56 -25.28
N LYS A 540 48.51 20.41 -26.49
CA LYS A 540 47.79 20.66 -27.73
C LYS A 540 46.96 19.47 -28.18
N CYS A 541 46.80 18.46 -27.34
CA CYS A 541 46.01 17.28 -27.67
C CYS A 541 44.72 17.21 -26.87
N THR A 542 44.53 18.12 -25.90
CA THR A 542 43.35 18.08 -25.04
C THR A 542 42.08 18.41 -25.81
N ASP A 543 42.00 19.61 -26.35
CA ASP A 543 40.84 20.01 -27.13
C ASP A 543 40.97 19.40 -28.52
N ARG A 544 40.55 18.14 -28.64
CA ARG A 544 40.65 17.43 -29.90
C ARG A 544 39.33 16.74 -30.16
N LEU A 545 38.86 16.83 -31.39
CA LEU A 545 37.54 16.34 -31.75
C LEU A 545 37.63 14.98 -32.42
N ASP A 546 36.62 14.15 -32.18
CA ASP A 546 36.50 12.90 -32.90
C ASP A 546 35.65 13.13 -34.15
N GLU A 547 35.19 12.04 -34.76
CA GLU A 547 34.32 12.16 -35.92
C GLU A 547 32.92 12.62 -35.55
N ASP A 548 32.56 12.56 -34.26
CA ASP A 548 31.23 12.93 -33.81
C ASP A 548 31.26 14.21 -33.00
N GLY A 549 32.39 14.90 -32.96
CA GLY A 549 32.50 16.18 -32.28
C GLY A 549 32.75 16.09 -30.79
N ASN A 550 32.78 14.89 -30.22
CA ASN A 550 33.03 14.76 -28.79
C ASN A 550 34.49 15.00 -28.48
N THR A 551 34.75 15.58 -27.33
CA THR A 551 36.10 15.67 -26.81
C THR A 551 36.31 14.56 -25.79
N ALA A 552 37.49 14.56 -25.16
CA ALA A 552 37.77 13.57 -24.13
C ALA A 552 36.94 13.81 -22.88
N LEU A 553 36.62 15.07 -22.60
CA LEU A 553 35.80 15.39 -21.44
C LEU A 553 34.38 14.90 -21.62
N HIS A 554 33.90 14.86 -22.87
CA HIS A 554 32.59 14.28 -23.17
C HIS A 554 32.54 12.80 -22.79
N PHE A 555 33.59 12.04 -23.12
CA PHE A 555 33.57 10.62 -22.77
C PHE A 555 33.78 10.40 -21.28
N ALA A 556 34.66 11.19 -20.68
CA ALA A 556 34.92 11.04 -19.25
C ALA A 556 33.71 11.43 -18.40
N ALA A 557 32.86 12.31 -18.92
CA ALA A 557 31.61 12.60 -18.23
C ALA A 557 30.49 11.65 -18.61
N ARG A 558 30.54 11.06 -19.80
CA ARG A 558 29.50 10.14 -20.20
C ARG A 558 29.62 8.83 -19.44
N GLU A 559 30.84 8.35 -19.23
CA GLU A 559 31.00 7.10 -18.51
C GLU A 559 31.02 7.27 -17.00
N GLY A 560 30.99 8.50 -16.51
CA GLY A 560 30.82 8.72 -15.09
C GLY A 560 32.09 8.54 -14.29
N HIS A 561 33.20 9.10 -14.75
CA HIS A 561 34.47 9.03 -14.04
C HIS A 561 34.75 10.40 -13.46
N ALA A 562 34.67 10.50 -12.14
CA ALA A 562 34.74 11.81 -11.49
C ALA A 562 36.14 12.38 -11.53
N LYS A 563 37.15 11.56 -11.24
CA LYS A 563 38.51 12.07 -11.17
C LYS A 563 39.06 12.39 -12.55
N ALA A 564 38.58 11.71 -13.58
CA ALA A 564 38.99 12.06 -14.94
C ALA A 564 38.42 13.41 -15.35
N VAL A 565 37.17 13.68 -14.99
CA VAL A 565 36.55 14.98 -15.27
C VAL A 565 37.25 16.07 -14.47
N ALA A 566 37.58 15.79 -13.20
CA ALA A 566 38.31 16.77 -12.40
C ALA A 566 39.72 17.01 -12.93
N LEU A 567 40.34 15.99 -13.53
CA LEU A 567 41.68 16.17 -14.06
C LEU A 567 41.66 16.99 -15.35
N LEU A 568 40.75 16.68 -16.27
CA LEU A 568 40.61 17.51 -17.46
C LEU A 568 40.05 18.88 -17.17
N LEU A 569 39.40 19.05 -16.03
CA LEU A 569 38.78 20.32 -15.71
C LEU A 569 39.71 21.22 -14.93
N SER A 570 40.65 20.65 -14.18
CA SER A 570 41.71 21.44 -13.56
C SER A 570 42.65 22.00 -14.62
N HIS A 571 42.85 21.28 -15.71
CA HIS A 571 43.48 21.85 -16.88
C HIS A 571 42.42 22.55 -17.72
N ASN A 572 42.86 23.32 -18.69
CA ASN A 572 41.92 24.03 -19.56
C ASN A 572 41.29 23.03 -20.52
N ALA A 573 39.97 22.89 -20.45
CA ALA A 573 39.29 21.81 -21.15
C ALA A 573 38.67 22.22 -22.47
N ASP A 574 38.42 23.52 -22.69
CA ASP A 574 37.81 24.07 -23.90
C ASP A 574 36.45 23.42 -24.19
N ILE A 575 35.50 23.74 -23.31
CA ILE A 575 34.16 23.18 -23.35
C ILE A 575 33.46 23.57 -24.65
N VAL A 576 32.99 22.55 -25.38
CA VAL A 576 32.39 22.77 -26.68
C VAL A 576 31.19 21.84 -26.79
N LEU A 577 30.30 22.14 -27.71
CA LEU A 577 29.12 21.31 -27.89
C LEU A 577 29.43 20.11 -28.77
N ASN A 578 28.45 19.23 -28.89
CA ASN A 578 28.56 17.97 -29.59
C ASN A 578 28.16 18.20 -31.04
N LYS A 579 28.08 17.13 -31.84
CA LYS A 579 27.37 17.20 -33.10
C LYS A 579 25.89 17.45 -32.89
N GLN A 580 25.34 16.91 -31.80
CA GLN A 580 23.95 17.15 -31.41
C GLN A 580 23.83 18.25 -30.38
N GLN A 581 24.81 19.17 -30.33
CA GLN A 581 24.80 20.37 -29.50
C GLN A 581 24.68 20.05 -28.01
N ALA A 582 25.30 18.96 -27.59
CA ALA A 582 25.29 18.54 -26.20
C ALA A 582 26.64 18.84 -25.55
N SER A 583 26.61 19.54 -24.43
CA SER A 583 27.84 19.69 -23.68
C SER A 583 28.12 18.41 -22.90
N PHE A 584 29.24 18.40 -22.19
CA PHE A 584 29.57 17.24 -21.38
C PHE A 584 28.67 17.16 -20.16
N LEU A 585 28.15 18.30 -19.71
CA LEU A 585 27.24 18.32 -18.57
C LEU A 585 25.89 17.75 -18.95
N HIS A 586 25.42 18.03 -20.17
CA HIS A 586 24.20 17.40 -20.68
C HIS A 586 24.38 15.90 -20.78
N LEU A 587 25.52 15.47 -21.31
CA LEU A 587 25.77 14.06 -21.53
C LEU A 587 25.98 13.32 -20.22
N ALA A 588 26.37 14.03 -19.17
CA ALA A 588 26.41 13.45 -17.84
C ALA A 588 25.04 13.40 -17.19
N LEU A 589 24.20 14.40 -17.45
CA LEU A 589 22.87 14.40 -16.83
C LEU A 589 21.94 13.39 -17.46
N HIS A 590 22.09 13.11 -18.75
CA HIS A 590 21.19 12.13 -19.35
C HIS A 590 21.51 10.71 -18.93
N ASN A 591 22.70 10.45 -18.40
CA ASN A 591 23.07 9.13 -17.92
C ASN A 591 22.99 9.00 -16.42
N LYS A 592 22.48 10.03 -15.74
CA LYS A 592 22.22 10.04 -14.30
C LYS A 592 23.48 9.79 -13.48
N ARG A 593 24.59 10.35 -13.93
CA ARG A 593 25.85 10.21 -13.23
C ARG A 593 25.90 11.28 -12.15
N LYS A 594 25.64 10.89 -10.90
CA LYS A 594 25.51 11.85 -9.82
C LYS A 594 26.86 12.47 -9.46
N GLU A 595 27.90 11.65 -9.43
CA GLU A 595 29.16 12.10 -8.86
C GLU A 595 29.88 13.08 -9.78
N VAL A 596 29.76 12.90 -11.10
CA VAL A 596 30.47 13.83 -11.96
C VAL A 596 29.75 15.17 -12.03
N VAL A 597 28.42 15.22 -11.93
CA VAL A 597 27.79 16.54 -11.95
C VAL A 597 27.96 17.20 -10.59
N LEU A 598 28.12 16.41 -9.54
CA LEU A 598 28.42 17.01 -8.24
C LEU A 598 29.82 17.60 -8.23
N THR A 599 30.79 16.93 -8.85
CA THR A 599 32.13 17.51 -8.88
C THR A 599 32.27 18.61 -9.93
N ILE A 600 31.37 18.70 -10.91
CA ILE A 600 31.29 19.91 -11.72
C ILE A 600 30.78 21.07 -10.89
N ILE A 601 29.78 20.82 -10.04
CA ILE A 601 29.22 21.86 -9.18
C ILE A 601 30.27 22.35 -8.18
N ARG A 602 31.07 21.44 -7.63
CA ARG A 602 32.09 21.85 -6.68
C ARG A 602 33.28 22.57 -7.32
N SER A 603 33.35 22.63 -8.65
CA SER A 603 34.48 23.23 -9.33
C SER A 603 34.40 24.75 -9.32
N LYS A 604 35.35 25.37 -10.00
CA LYS A 604 35.38 26.82 -10.17
C LYS A 604 34.85 27.24 -11.53
N ARG A 605 34.69 26.30 -12.46
CA ARG A 605 34.29 26.60 -13.82
C ARG A 605 32.78 26.49 -14.01
N TRP A 606 32.04 26.28 -12.90
CA TRP A 606 30.61 25.95 -12.93
C TRP A 606 29.78 26.98 -13.68
N ASP A 607 30.02 28.27 -13.38
CA ASP A 607 29.29 29.36 -14.05
C ASP A 607 29.51 29.31 -15.55
N GLU A 608 30.76 29.09 -15.97
CA GLU A 608 31.06 28.92 -17.40
C GLU A 608 30.36 27.70 -17.95
N CYS A 609 30.32 26.61 -17.17
CA CYS A 609 29.64 25.39 -17.58
C CYS A 609 28.13 25.60 -17.69
N LEU A 610 27.60 26.63 -17.03
CA LEU A 610 26.19 26.92 -17.14
C LEU A 610 25.87 27.75 -18.35
N LYS A 611 26.85 28.45 -18.93
CA LYS A 611 26.53 29.46 -19.93
C LYS A 611 26.20 28.86 -21.29
N ILE A 612 26.95 27.83 -21.66
CA ILE A 612 26.82 27.21 -22.97
C ILE A 612 25.78 26.12 -23.17
N PHE A 613 24.89 26.37 -24.14
CA PHE A 613 23.90 25.39 -24.55
C PHE A 613 23.28 25.93 -25.83
N SER A 614 22.28 25.22 -26.36
CA SER A 614 21.61 25.65 -27.57
C SER A 614 20.15 25.97 -27.27
N HIS A 615 19.73 27.17 -27.63
CA HIS A 615 18.33 27.55 -27.50
C HIS A 615 17.47 26.80 -28.51
N ASN A 616 18.05 26.46 -29.66
CA ASN A 616 17.27 25.85 -30.74
C ASN A 616 17.10 24.35 -30.54
N SER A 617 18.02 23.72 -29.82
CA SER A 617 18.04 22.26 -29.70
C SER A 617 16.89 21.75 -28.83
N PRO A 618 16.03 20.87 -29.33
CA PRO A 618 14.89 20.41 -28.52
C PRO A 618 15.25 19.36 -27.49
N GLY A 619 16.41 18.73 -27.59
CA GLY A 619 16.80 17.67 -26.67
C GLY A 619 17.47 18.15 -25.40
N ASN A 620 18.62 18.81 -25.57
CA ASN A 620 19.38 19.34 -24.40
C ASN A 620 18.70 20.66 -24.11
N LYS A 621 17.51 20.60 -23.51
CA LYS A 621 16.74 21.86 -23.43
C LYS A 621 17.44 22.94 -22.60
N CYS A 622 17.63 22.74 -21.31
CA CYS A 622 18.23 23.72 -20.40
C CYS A 622 18.83 23.00 -19.21
N PRO A 623 20.10 23.25 -18.87
CA PRO A 623 20.80 22.41 -17.88
C PRO A 623 20.23 22.46 -16.47
N ILE A 624 19.70 23.60 -16.02
CA ILE A 624 19.03 23.64 -14.73
C ILE A 624 17.75 22.82 -14.76
N THR A 625 16.99 22.93 -15.84
CA THR A 625 15.79 22.11 -15.97
C THR A 625 16.13 20.64 -16.17
N GLU A 626 17.28 20.33 -16.79
CA GLU A 626 17.69 18.94 -16.89
C GLU A 626 18.11 18.39 -15.54
N MET A 627 18.73 19.23 -14.70
CA MET A 627 19.04 18.80 -13.33
C MET A 627 17.78 18.58 -12.53
N ILE A 628 16.75 19.39 -12.76
CA ILE A 628 15.49 19.19 -12.06
C ILE A 628 14.83 17.91 -12.53
N GLU A 629 14.90 17.62 -13.83
CA GLU A 629 14.24 16.45 -14.37
C GLU A 629 14.94 15.16 -13.97
N TYR A 630 16.27 15.12 -14.04
CA TYR A 630 17.00 13.87 -13.90
C TYR A 630 17.63 13.65 -12.53
N LEU A 631 18.36 14.62 -12.01
CA LEU A 631 19.09 14.45 -10.75
C LEU A 631 18.70 15.54 -9.77
N PRO A 632 17.53 15.43 -9.12
CA PRO A 632 17.11 16.48 -8.20
C PRO A 632 17.91 16.52 -6.92
N GLU A 633 18.55 15.42 -6.54
CA GLU A 633 19.39 15.39 -5.36
C GLU A 633 20.71 16.14 -5.56
N CYS A 634 21.04 16.54 -6.78
CA CYS A 634 22.13 17.47 -7.02
C CYS A 634 21.63 18.91 -7.05
N MET A 635 20.40 19.12 -7.52
CA MET A 635 19.78 20.44 -7.46
C MET A 635 19.57 20.88 -6.01
N LYS A 636 19.37 19.92 -5.10
CA LYS A 636 19.31 20.24 -3.68
C LYS A 636 20.63 20.83 -3.18
N VAL A 637 21.76 20.27 -3.62
CA VAL A 637 23.06 20.78 -3.22
C VAL A 637 23.30 22.15 -3.84
N LEU A 638 22.89 22.31 -5.11
CA LEU A 638 23.02 23.60 -5.78
C LEU A 638 22.21 24.68 -5.10
N LEU A 639 21.02 24.34 -4.59
CA LEU A 639 20.26 25.31 -3.82
C LEU A 639 20.86 25.51 -2.43
N ASP A 640 21.55 24.52 -1.89
CA ASP A 640 22.23 24.70 -0.61
C ASP A 640 23.39 25.67 -0.73
N PHE A 641 24.01 25.79 -1.90
CA PHE A 641 25.01 26.84 -2.06
C PHE A 641 24.39 28.23 -2.14
N CYS A 642 23.10 28.35 -2.45
CA CYS A 642 22.47 29.65 -2.50
C CYS A 642 22.16 30.20 -1.12
N MET A 643 21.99 29.32 -0.13
CA MET A 643 21.73 29.75 1.22
C MET A 643 23.02 30.16 1.91
N LEU A 644 22.99 31.30 2.60
CA LEU A 644 24.14 31.79 3.33
C LEU A 644 23.76 32.00 4.79
N HIS A 645 24.77 32.19 5.63
CA HIS A 645 24.56 32.35 7.06
C HIS A 645 25.51 33.43 7.57
N SER A 646 25.27 33.88 8.80
CA SER A 646 26.11 34.90 9.42
C SER A 646 27.10 34.32 10.42
N THR A 647 26.60 33.66 11.47
CA THR A 647 27.42 33.11 12.54
C THR A 647 26.58 32.13 13.33
N GLU A 648 27.08 30.90 13.50
CA GLU A 648 26.27 29.86 14.12
C GLU A 648 26.07 30.08 15.61
N ASP A 649 27.02 30.75 16.27
CA ASP A 649 26.91 30.95 17.71
C ASP A 649 26.03 32.14 18.06
N LYS A 650 25.94 33.13 17.17
CA LYS A 650 25.18 34.36 17.42
C LYS A 650 23.79 34.29 16.83
N SER A 651 23.19 33.09 16.86
CA SER A 651 21.92 32.83 16.17
C SER A 651 20.74 33.59 16.77
N CYS A 652 20.87 34.11 17.99
CA CYS A 652 19.80 34.92 18.57
C CYS A 652 20.03 36.41 18.41
N ARG A 653 21.29 36.84 18.46
CA ARG A 653 21.62 38.27 18.50
C ARG A 653 21.86 38.79 17.10
N ASP A 654 20.84 39.45 16.52
CA ASP A 654 20.89 40.15 15.23
C ASP A 654 21.28 39.25 14.08
N TYR A 655 20.93 37.97 14.18
CA TYR A 655 21.36 36.98 13.22
C TYR A 655 20.56 37.07 11.93
N TYR A 656 21.23 36.86 10.80
CA TYR A 656 20.59 36.94 9.50
C TYR A 656 21.05 35.79 8.64
N ILE A 657 20.22 35.44 7.67
CA ILE A 657 20.57 34.50 6.61
C ILE A 657 20.17 35.12 5.28
N GLU A 658 20.98 34.90 4.26
CA GLU A 658 20.76 35.53 2.96
C GLU A 658 20.42 34.47 1.92
N TYR A 659 19.35 34.72 1.18
CA TYR A 659 18.91 33.87 0.09
C TYR A 659 19.20 34.56 -1.23
N ASN A 660 19.84 33.84 -2.15
CA ASN A 660 20.17 34.35 -3.47
C ASN A 660 19.41 33.55 -4.51
N PHE A 661 18.69 34.23 -5.39
CA PHE A 661 17.77 33.58 -6.32
C PHE A 661 18.29 33.65 -7.74
N LYS A 662 19.61 33.46 -7.92
CA LYS A 662 20.18 33.62 -9.24
C LYS A 662 19.91 32.44 -10.16
N TYR A 663 19.70 31.26 -9.59
CA TYR A 663 19.48 30.07 -10.42
C TYR A 663 18.02 29.73 -10.62
N LEU A 664 17.10 30.54 -10.09
CA LEU A 664 15.70 30.13 -10.12
C LEU A 664 14.93 30.73 -11.28
N GLN A 665 15.48 31.70 -12.00
CA GLN A 665 14.71 32.32 -13.07
C GLN A 665 15.65 32.86 -14.14
N CYS A 666 15.11 33.02 -15.33
CA CYS A 666 15.80 33.69 -16.41
C CYS A 666 15.80 35.19 -16.16
N PRO A 667 16.66 35.94 -16.85
CA PRO A 667 16.52 37.40 -16.81
C PRO A 667 15.23 37.86 -17.46
N LEU A 668 14.74 39.02 -16.98
CA LEU A 668 13.40 39.48 -17.34
C LEU A 668 13.29 39.89 -18.79
N GLU A 669 14.39 40.34 -19.40
CA GLU A 669 14.34 40.78 -20.79
C GLU A 669 14.13 39.63 -21.77
N PHE A 670 14.36 38.39 -21.33
CA PHE A 670 14.04 37.24 -22.17
C PHE A 670 12.56 36.91 -22.11
N THR A 671 11.94 37.05 -20.93
CA THR A 671 10.65 36.42 -20.65
C THR A 671 9.52 37.06 -21.44
N LYS A 672 9.34 38.37 -21.29
CA LYS A 672 8.24 39.04 -21.95
C LYS A 672 8.54 39.38 -23.41
N LYS A 673 9.75 39.16 -23.87
CA LYS A 673 10.13 39.46 -25.26
C LYS A 673 9.88 38.25 -26.15
N THR A 674 8.61 37.92 -26.30
CA THR A 674 8.20 36.84 -27.22
C THR A 674 8.50 37.16 -28.68
N PRO A 675 8.20 38.39 -29.25
CA PRO A 675 8.58 38.62 -30.66
C PRO A 675 10.07 38.75 -30.90
N THR A 676 10.75 39.58 -30.10
CA THR A 676 12.10 40.01 -30.45
C THR A 676 13.21 39.11 -29.91
N GLN A 677 12.97 38.36 -28.83
CA GLN A 677 13.95 37.33 -28.46
C GLN A 677 13.65 36.00 -29.16
N ASP A 678 12.38 35.76 -29.49
CA ASP A 678 11.91 34.67 -30.37
C ASP A 678 12.23 33.28 -29.82
N VAL A 679 12.33 33.17 -28.50
CA VAL A 679 12.53 31.89 -27.83
C VAL A 679 11.43 31.78 -26.78
N ILE A 680 10.93 30.56 -26.58
CA ILE A 680 9.89 30.33 -25.57
C ILE A 680 10.47 30.53 -24.18
N TYR A 681 9.79 31.32 -23.37
CA TYR A 681 10.14 31.51 -21.97
C TYR A 681 8.88 31.59 -21.14
N GLU A 682 9.01 31.19 -19.89
CA GLU A 682 7.97 31.42 -18.90
C GLU A 682 8.59 32.13 -17.72
N PRO A 683 7.86 32.98 -17.02
CA PRO A 683 8.35 33.44 -15.72
C PRO A 683 8.32 32.29 -14.74
N LEU A 684 9.22 32.37 -13.74
CA LEU A 684 9.42 31.34 -12.72
C LEU A 684 9.76 30.00 -13.37
N THR A 685 10.92 29.96 -14.03
CA THR A 685 11.31 28.81 -14.84
C THR A 685 11.54 27.58 -13.99
N ALA A 686 12.38 27.71 -12.96
CA ALA A 686 12.76 26.57 -12.15
C ALA A 686 11.59 26.02 -11.36
N LEU A 687 10.71 26.91 -10.90
CA LEU A 687 9.55 26.46 -10.13
C LEU A 687 8.56 25.70 -11.01
N ASN A 688 8.35 26.16 -12.24
CA ASN A 688 7.46 25.43 -13.14
C ASN A 688 8.06 24.09 -13.53
N ALA A 689 9.38 24.03 -13.71
CA ALA A 689 10.02 22.76 -14.00
C ALA A 689 9.95 21.81 -12.80
N MET A 690 10.01 22.36 -11.59
CA MET A 690 9.90 21.53 -10.40
C MET A 690 8.47 21.07 -10.16
N VAL A 691 7.48 21.84 -10.58
CA VAL A 691 6.09 21.43 -10.43
C VAL A 691 5.72 20.37 -11.46
N GLN A 692 6.17 20.52 -12.71
CA GLN A 692 5.86 19.56 -13.75
C GLN A 692 6.50 18.19 -13.49
N ASN A 693 7.56 18.13 -12.71
CA ASN A 693 8.25 16.89 -12.40
C ASN A 693 7.97 16.38 -10.99
N ASN A 694 7.05 17.04 -10.27
CA ASN A 694 6.53 16.59 -8.97
C ASN A 694 7.61 16.51 -7.90
N ARG A 695 8.61 17.37 -7.99
CA ARG A 695 9.76 17.32 -7.07
C ARG A 695 9.43 18.14 -5.82
N ILE A 696 8.61 17.57 -4.95
CA ILE A 696 8.04 18.34 -3.84
C ILE A 696 9.09 18.62 -2.75
N GLU A 697 10.12 17.78 -2.63
CA GLU A 697 11.17 18.05 -1.64
C GLU A 697 12.04 19.23 -2.04
N LEU A 698 12.00 19.62 -3.30
CA LEU A 698 12.64 20.84 -3.75
C LEU A 698 11.74 22.05 -3.65
N LEU A 699 10.43 21.87 -3.77
CA LEU A 699 9.52 23.00 -3.53
C LEU A 699 9.48 23.36 -2.06
N ASN A 700 9.69 22.39 -1.18
CA ASN A 700 9.74 22.66 0.24
C ASN A 700 11.11 23.10 0.73
N HIS A 701 12.04 23.34 -0.17
CA HIS A 701 13.34 23.86 0.21
C HIS A 701 13.20 25.32 0.60
N PRO A 702 13.92 25.79 1.62
CA PRO A 702 13.68 27.15 2.13
C PRO A 702 14.03 28.25 1.16
N VAL A 703 14.90 28.01 0.19
CA VAL A 703 15.17 29.01 -0.84
C VAL A 703 13.94 29.19 -1.72
N CYS A 704 13.25 28.10 -2.07
CA CYS A 704 12.05 28.21 -2.88
C CYS A 704 10.90 28.82 -2.08
N LYS A 705 10.81 28.50 -0.79
CA LYS A 705 9.79 29.11 0.06
C LYS A 705 9.98 30.61 0.17
N GLU A 706 11.21 31.05 0.39
CA GLU A 706 11.46 32.49 0.45
C GLU A 706 11.31 33.15 -0.90
N TYR A 707 11.53 32.39 -1.98
CA TYR A 707 11.35 32.97 -3.31
C TYR A 707 9.88 33.23 -3.60
N LEU A 708 9.00 32.26 -3.28
CA LEU A 708 7.57 32.52 -3.42
C LEU A 708 7.08 33.59 -2.46
N LEU A 709 7.64 33.65 -1.25
CA LEU A 709 7.18 34.65 -0.29
C LEU A 709 7.55 36.05 -0.73
N MET A 710 8.77 36.23 -1.23
CA MET A 710 9.18 37.49 -1.83
C MET A 710 8.34 37.82 -3.06
N LYS A 711 8.02 36.82 -3.88
CA LYS A 711 7.24 37.07 -5.09
C LYS A 711 5.81 37.46 -4.74
N TRP A 712 5.29 36.95 -3.63
CA TRP A 712 3.96 37.32 -3.18
C TRP A 712 3.95 38.72 -2.58
N LEU A 713 4.98 39.06 -1.80
CA LEU A 713 5.05 40.41 -1.24
C LEU A 713 5.37 41.46 -2.29
N ALA A 714 5.91 41.05 -3.44
CA ALA A 714 6.23 42.02 -4.48
C ALA A 714 4.95 42.54 -5.13
N TYR A 715 4.22 41.67 -5.82
CA TYR A 715 3.04 42.10 -6.54
C TYR A 715 1.82 41.21 -6.39
N GLY A 716 1.93 40.01 -5.80
CA GLY A 716 0.79 39.12 -5.77
C GLY A 716 -0.25 39.52 -4.74
N PHE A 717 0.21 39.98 -3.57
CA PHE A 717 -0.71 40.41 -2.52
C PHE A 717 -1.50 41.62 -2.93
N ARG A 718 -0.85 42.61 -3.54
CA ARG A 718 -1.55 43.84 -3.90
C ARG A 718 -2.56 43.59 -5.02
N ALA A 719 -2.19 42.76 -5.99
CA ALA A 719 -3.10 42.46 -7.09
C ALA A 719 -4.29 41.65 -6.60
N HIS A 720 -4.06 40.70 -5.69
CA HIS A 720 -5.16 39.90 -5.20
C HIS A 720 -6.08 40.70 -4.28
N MET A 721 -5.52 41.60 -3.46
CA MET A 721 -6.38 42.42 -2.61
C MET A 721 -7.14 43.46 -3.40
N MET A 722 -6.59 43.95 -4.52
CA MET A 722 -7.37 44.84 -5.38
C MET A 722 -8.52 44.09 -6.04
N ASN A 723 -8.23 42.89 -6.55
CA ASN A 723 -9.25 42.07 -7.20
C ASN A 723 -10.36 41.67 -6.22
N LEU A 724 -9.99 41.45 -4.97
CA LEU A 724 -11.01 41.13 -3.96
C LEU A 724 -11.74 42.38 -3.50
N GLY A 725 -11.07 43.52 -3.45
CA GLY A 725 -11.69 44.72 -2.95
C GLY A 725 -12.73 45.29 -3.87
N SER A 726 -12.54 45.14 -5.19
CA SER A 726 -13.57 45.60 -6.13
C SER A 726 -14.87 44.80 -5.98
N TYR A 727 -14.74 43.48 -5.91
CA TYR A 727 -15.92 42.64 -5.75
C TYR A 727 -16.56 42.83 -4.39
N CYS A 728 -15.77 43.08 -3.35
CA CYS A 728 -16.34 43.28 -2.02
C CYS A 728 -17.03 44.63 -1.93
N LEU A 729 -16.54 45.61 -2.69
CA LEU A 729 -17.25 46.88 -2.86
C LEU A 729 -18.57 46.68 -3.59
N GLY A 730 -18.64 45.70 -4.48
CA GLY A 730 -19.95 45.33 -5.02
C GLY A 730 -20.82 44.57 -4.03
N LEU A 731 -20.21 43.77 -3.17
CA LEU A 731 -20.93 42.82 -2.33
C LEU A 731 -21.59 43.45 -1.13
N ILE A 732 -20.84 44.26 -0.38
CA ILE A 732 -21.33 44.76 0.92
C ILE A 732 -22.58 45.64 0.84
N PRO A 733 -22.69 46.63 -0.07
CA PRO A 733 -23.90 47.48 -0.05
C PRO A 733 -25.18 46.75 -0.39
N MET A 734 -25.14 45.67 -1.15
CA MET A 734 -26.38 44.94 -1.41
C MET A 734 -26.87 44.21 -0.17
N THR A 735 -25.95 43.63 0.62
CA THR A 735 -26.36 42.95 1.84
C THR A 735 -26.85 43.96 2.86
N ILE A 736 -26.22 45.13 2.93
CA ILE A 736 -26.70 46.21 3.79
C ILE A 736 -28.11 46.62 3.37
N LEU A 737 -28.33 46.75 2.06
CA LEU A 737 -29.60 47.21 1.53
C LEU A 737 -30.70 46.18 1.74
N VAL A 738 -30.34 44.90 1.79
CA VAL A 738 -31.32 43.85 2.05
C VAL A 738 -31.66 43.77 3.52
N VAL A 739 -30.65 43.78 4.39
CA VAL A 739 -30.94 43.67 5.82
C VAL A 739 -31.49 44.94 6.43
N ASN A 740 -31.51 46.05 5.70
CA ASN A 740 -32.10 47.28 6.23
C ASN A 740 -33.43 47.64 5.62
N ILE A 741 -33.94 46.88 4.66
CA ILE A 741 -35.24 47.15 4.05
C ILE A 741 -36.08 45.90 4.16
N LYS A 742 -37.34 46.05 4.59
CA LYS A 742 -38.25 44.92 4.63
C LYS A 742 -38.56 44.48 3.20
N PRO A 743 -38.44 43.19 2.89
CA PRO A 743 -38.68 42.71 1.53
C PRO A 743 -40.14 42.82 1.13
N GLY A 744 -40.36 42.89 -0.18
CA GLY A 744 -41.69 42.99 -0.74
C GLY A 744 -42.16 44.41 -0.95
N MET A 745 -41.54 45.39 -0.30
CA MET A 745 -41.93 46.79 -0.43
C MET A 745 -41.05 47.49 -1.46
N ALA A 746 -41.67 48.33 -2.27
CA ALA A 746 -40.93 49.11 -3.26
C ALA A 746 -40.18 50.24 -2.56
N PHE A 747 -38.90 50.35 -2.84
CA PHE A 747 -38.06 51.40 -2.26
C PHE A 747 -37.40 52.19 -3.37
N ASN A 748 -37.14 53.46 -3.06
CA ASN A 748 -36.56 54.46 -3.99
C ASN A 748 -35.57 55.36 -3.23
N SER A 749 -34.76 56.12 -3.97
CA SER A 749 -33.72 56.99 -3.41
C SER A 749 -34.21 57.86 -2.26
N THR A 750 -35.48 58.21 -2.24
CA THR A 750 -36.02 58.96 -1.12
C THR A 750 -36.41 58.08 0.05
N GLY A 751 -36.65 56.80 -0.19
CA GLY A 751 -37.03 55.91 0.89
C GLY A 751 -37.93 54.80 0.39
N ILE A 752 -38.81 54.34 1.27
CA ILE A 752 -39.63 53.15 1.05
C ILE A 752 -41.07 53.57 0.86
N ILE A 753 -41.67 53.16 -0.24
CA ILE A 753 -43.04 53.50 -0.58
C ILE A 753 -43.97 52.45 0.02
N ASN A 754 -44.90 52.88 0.87
CA ASN A 754 -45.88 51.99 1.45
C ASN A 754 -47.28 52.40 0.98
N ILE A 762 -47.29 56.20 1.60
CA ILE A 762 -46.40 57.06 2.37
C ILE A 762 -44.95 56.68 2.11
N LEU A 763 -44.04 57.56 2.52
CA LEU A 763 -42.62 57.35 2.35
C LEU A 763 -41.95 57.21 3.71
N ASP A 764 -40.93 56.35 3.76
CA ASP A 764 -40.19 56.10 4.98
C ASP A 764 -38.81 56.76 4.88
N THR A 765 -38.57 57.75 5.73
CA THR A 765 -37.33 58.51 5.79
C THR A 765 -36.41 57.83 6.83
N THR A 766 -35.36 58.55 7.27
CA THR A 766 -34.36 58.25 8.31
C THR A 766 -33.32 57.23 7.89
N ASN A 767 -33.37 56.74 6.65
CA ASN A 767 -32.31 55.88 6.13
C ASN A 767 -31.93 56.22 4.70
N SER A 768 -32.48 57.31 4.14
CA SER A 768 -32.37 57.57 2.71
C SER A 768 -30.95 57.91 2.30
N TYR A 769 -30.18 58.53 3.20
CA TYR A 769 -28.79 58.84 2.90
C TYR A 769 -27.94 57.59 2.76
N LEU A 770 -28.25 56.55 3.55
CA LEU A 770 -27.53 55.29 3.40
C LEU A 770 -28.03 54.52 2.17
N ILE A 771 -29.34 54.53 1.94
CA ILE A 771 -29.93 53.76 0.84
C ILE A 771 -29.47 54.29 -0.50
N LYS A 772 -29.37 55.62 -0.64
CA LYS A 772 -28.97 56.22 -1.90
C LYS A 772 -27.52 55.88 -2.24
N THR A 773 -26.62 55.98 -1.26
CA THR A 773 -25.22 55.68 -1.50
C THR A 773 -25.00 54.20 -1.77
N CYS A 774 -25.76 53.32 -1.10
CA CYS A 774 -25.63 51.89 -1.37
C CYS A 774 -26.13 51.53 -2.76
N MET A 775 -27.22 52.16 -3.22
CA MET A 775 -27.69 51.88 -4.57
C MET A 775 -26.73 52.42 -5.63
N ILE A 776 -26.12 53.58 -5.37
CA ILE A 776 -25.13 54.11 -6.30
C ILE A 776 -23.91 53.20 -6.38
N LEU A 777 -23.48 52.65 -5.24
CA LEU A 777 -22.34 51.74 -5.22
C LEU A 777 -22.63 50.45 -5.99
N VAL A 778 -23.83 49.89 -5.81
CA VAL A 778 -24.17 48.65 -6.52
C VAL A 778 -24.28 48.91 -8.02
N PHE A 779 -24.84 50.07 -8.40
CA PHE A 779 -24.99 50.40 -9.82
C PHE A 779 -23.64 50.60 -10.50
N LEU A 780 -22.74 51.36 -9.87
CA LEU A 780 -21.42 51.58 -10.43
C LEU A 780 -20.60 50.30 -10.48
N SER A 781 -20.70 49.47 -9.45
CA SER A 781 -19.96 48.21 -9.46
C SER A 781 -20.46 47.28 -10.55
N SER A 782 -21.76 47.30 -10.82
CA SER A 782 -22.30 46.45 -11.88
C SER A 782 -21.87 46.93 -13.26
N ILE A 783 -21.84 48.25 -13.49
CA ILE A 783 -21.43 48.67 -14.82
C ILE A 783 -19.92 48.53 -15.04
N PHE A 784 -19.10 48.72 -13.99
CA PHE A 784 -17.68 48.40 -14.16
C PHE A 784 -17.46 46.90 -14.33
N GLY A 785 -18.32 46.07 -13.73
CA GLY A 785 -18.24 44.65 -13.99
C GLY A 785 -18.59 44.29 -15.42
N TYR A 786 -19.56 44.99 -16.00
CA TYR A 786 -19.84 44.82 -17.43
C TYR A 786 -18.64 45.20 -18.29
N CYS A 787 -17.98 46.32 -17.97
CA CYS A 787 -16.85 46.75 -18.79
C CYS A 787 -15.67 45.79 -18.67
N LYS A 788 -15.42 45.27 -17.45
CA LYS A 788 -14.36 44.29 -17.26
C LYS A 788 -14.69 42.98 -17.97
N GLU A 789 -15.95 42.56 -17.95
CA GLU A 789 -16.34 41.34 -18.63
C GLU A 789 -16.29 41.49 -20.14
N ALA A 790 -16.61 42.67 -20.67
CA ALA A 790 -16.49 42.90 -22.10
C ALA A 790 -15.03 42.95 -22.53
N GLY A 791 -14.16 43.50 -21.67
CA GLY A 791 -12.73 43.44 -21.94
C GLY A 791 -12.21 42.01 -21.94
N GLN A 792 -12.71 41.17 -21.03
CA GLN A 792 -12.33 39.77 -21.04
C GLN A 792 -12.90 39.03 -22.24
N ILE A 793 -14.04 39.48 -22.77
CA ILE A 793 -14.57 38.93 -24.03
C ILE A 793 -13.63 39.26 -25.18
N PHE A 794 -13.31 40.53 -25.36
CA PHE A 794 -12.48 40.91 -26.50
C PHE A 794 -11.00 40.61 -26.30
N GLN A 795 -10.59 40.12 -25.14
CA GLN A 795 -9.23 39.62 -24.97
C GLN A 795 -9.14 38.10 -25.00
N GLN A 796 -10.15 37.39 -24.51
CA GLN A 796 -10.06 35.95 -24.35
C GLN A 796 -10.28 35.20 -25.66
N LYS A 797 -11.04 35.79 -26.59
CA LYS A 797 -11.27 35.30 -27.96
C LYS A 797 -11.90 33.91 -27.97
N ARG A 798 -13.14 33.87 -27.46
CA ARG A 798 -14.08 32.74 -27.53
C ARG A 798 -13.61 31.51 -26.77
N ASN A 799 -12.65 31.64 -25.86
CA ASN A 799 -12.33 30.57 -24.94
C ASN A 799 -13.18 30.62 -23.67
N TYR A 800 -14.01 31.65 -23.52
CA TYR A 800 -14.74 31.91 -22.29
C TYR A 800 -16.14 31.33 -22.27
N PHE A 801 -16.52 30.54 -23.29
CA PHE A 801 -17.89 30.05 -23.38
C PHE A 801 -18.16 28.99 -22.32
N MET A 802 -17.31 27.98 -22.22
CA MET A 802 -17.46 26.92 -21.22
C MET A 802 -16.74 27.28 -19.93
N ASP A 803 -17.19 28.37 -19.31
CA ASP A 803 -16.57 28.88 -18.09
C ASP A 803 -17.68 29.32 -17.15
N ILE A 804 -17.65 28.81 -15.91
CA ILE A 804 -18.78 29.02 -15.00
C ILE A 804 -18.74 30.43 -14.42
N SER A 805 -17.54 30.98 -14.17
CA SER A 805 -17.42 32.23 -13.43
C SER A 805 -17.93 33.40 -14.25
N ASN A 806 -17.80 33.32 -15.57
CA ASN A 806 -18.36 34.33 -16.44
C ASN A 806 -19.88 34.32 -16.40
N VAL A 807 -20.48 33.12 -16.38
CA VAL A 807 -21.94 32.98 -16.34
C VAL A 807 -22.48 33.51 -15.01
N LEU A 808 -21.80 33.17 -13.91
CA LEU A 808 -22.19 33.68 -12.61
C LEU A 808 -22.09 35.19 -12.54
N GLU A 809 -21.04 35.75 -13.15
CA GLU A 809 -20.92 37.20 -13.12
C GLU A 809 -21.96 37.88 -14.01
N TRP A 810 -22.33 37.27 -15.14
CA TRP A 810 -23.41 37.83 -15.95
C TRP A 810 -24.71 37.90 -15.15
N ILE A 811 -25.04 36.80 -14.46
CA ILE A 811 -26.27 36.75 -13.65
C ILE A 811 -26.22 37.78 -12.53
N ILE A 812 -25.07 37.88 -11.85
CA ILE A 812 -24.91 38.81 -10.73
C ILE A 812 -25.08 40.25 -11.18
N TYR A 813 -24.39 40.64 -12.25
CA TYR A 813 -24.40 42.06 -12.60
C TYR A 813 -25.72 42.46 -13.24
N THR A 814 -26.31 41.62 -14.09
CA THR A 814 -27.63 41.95 -14.64
C THR A 814 -28.69 42.04 -13.54
N THR A 815 -28.67 41.10 -12.62
CA THR A 815 -29.71 41.07 -11.61
C THR A 815 -29.53 42.17 -10.59
N GLY A 816 -28.29 42.54 -10.29
CA GLY A 816 -28.03 43.68 -9.43
C GLY A 816 -28.34 45.01 -10.08
N ILE A 817 -28.23 45.09 -11.41
CA ILE A 817 -28.75 46.25 -12.13
C ILE A 817 -30.25 46.36 -11.93
N ILE A 818 -30.97 45.27 -12.14
CA ILE A 818 -32.44 45.34 -12.11
C ILE A 818 -32.95 45.58 -10.68
N PHE A 819 -32.19 45.17 -9.66
CA PHE A 819 -32.59 45.44 -8.29
C PHE A 819 -32.46 46.91 -7.91
N VAL A 820 -31.66 47.69 -8.63
CA VAL A 820 -31.33 49.05 -8.23
C VAL A 820 -32.00 50.11 -9.10
N LEU A 821 -32.36 49.78 -10.35
CA LEU A 821 -32.98 50.67 -11.34
C LEU A 821 -34.18 51.55 -10.97
N PRO A 822 -34.99 51.29 -9.92
CA PRO A 822 -35.96 52.31 -9.49
C PRO A 822 -35.42 53.69 -9.14
N LEU A 823 -34.11 53.91 -9.03
CA LEU A 823 -33.66 55.29 -8.93
C LEU A 823 -33.76 56.00 -10.28
N PHE A 824 -33.52 55.28 -11.37
CA PHE A 824 -33.80 55.83 -12.70
C PHE A 824 -35.25 55.58 -13.13
N VAL A 825 -35.63 54.32 -13.30
CA VAL A 825 -36.86 53.94 -13.98
C VAL A 825 -37.72 53.12 -13.02
N GLU A 826 -38.98 53.53 -12.87
CA GLU A 826 -39.88 52.89 -11.91
C GLU A 826 -40.20 51.46 -12.33
N ILE A 827 -40.07 50.54 -11.38
CA ILE A 827 -40.23 49.09 -11.58
C ILE A 827 -41.20 48.60 -10.51
N PRO A 828 -42.10 47.65 -10.81
CA PRO A 828 -42.93 47.05 -9.77
C PRO A 828 -42.09 46.34 -8.72
N ALA A 829 -42.63 46.30 -7.50
CA ALA A 829 -41.88 45.78 -6.35
C ALA A 829 -41.67 44.28 -6.45
N HIS A 830 -42.58 43.57 -7.14
CA HIS A 830 -42.47 42.13 -7.29
C HIS A 830 -41.25 41.75 -8.11
N LEU A 831 -41.07 42.41 -9.26
CA LEU A 831 -39.89 42.17 -10.09
C LEU A 831 -38.61 42.60 -9.37
N GLN A 832 -38.69 43.68 -8.60
CA GLN A 832 -37.51 44.20 -7.92
C GLN A 832 -37.01 43.24 -6.86
N TRP A 833 -37.92 42.72 -6.03
CA TRP A 833 -37.47 41.77 -5.01
C TRP A 833 -37.20 40.39 -5.58
N GLN A 834 -37.86 40.02 -6.68
CA GLN A 834 -37.52 38.80 -7.37
C GLN A 834 -36.11 38.83 -7.91
N CYS A 835 -35.65 40.00 -8.35
CA CYS A 835 -34.26 40.11 -8.74
C CYS A 835 -33.33 40.20 -7.54
N GLY A 836 -33.75 40.87 -6.47
CA GLY A 836 -32.92 41.00 -5.29
C GLY A 836 -32.61 39.66 -4.65
N ALA A 837 -33.56 38.73 -4.69
CA ALA A 837 -33.33 37.42 -4.11
C ALA A 837 -32.27 36.65 -4.87
N ILE A 838 -32.36 36.66 -6.21
CA ILE A 838 -31.41 35.95 -7.05
C ILE A 838 -30.02 36.56 -6.92
N ALA A 839 -29.97 37.89 -6.82
CA ALA A 839 -28.67 38.55 -6.71
C ALA A 839 -28.01 38.27 -5.37
N VAL A 840 -28.77 38.30 -4.27
CA VAL A 840 -28.16 38.05 -2.96
C VAL A 840 -27.79 36.59 -2.79
N TYR A 841 -28.49 35.69 -3.48
CA TYR A 841 -28.03 34.30 -3.53
C TYR A 841 -26.70 34.19 -4.27
N PHE A 842 -26.63 34.70 -5.49
CA PHE A 842 -25.46 34.43 -6.31
C PHE A 842 -24.23 35.25 -5.94
N TYR A 843 -24.38 36.42 -5.28
CA TYR A 843 -23.20 37.13 -4.78
C TYR A 843 -22.41 36.28 -3.79
N TRP A 844 -23.06 35.82 -2.73
CA TRP A 844 -22.33 35.02 -1.75
C TRP A 844 -22.03 33.63 -2.25
N MET A 845 -22.77 33.12 -3.22
CA MET A 845 -22.38 31.82 -3.77
C MET A 845 -21.15 31.95 -4.66
N ASN A 846 -21.01 33.08 -5.36
CA ASN A 846 -19.84 33.32 -6.18
C ASN A 846 -18.62 33.63 -5.31
N PHE A 847 -18.83 34.21 -4.14
CA PHE A 847 -17.72 34.65 -3.32
C PHE A 847 -16.93 33.50 -2.71
N LEU A 848 -17.40 32.26 -2.85
CA LEU A 848 -16.57 31.11 -2.52
C LEU A 848 -15.43 30.93 -3.51
N LEU A 849 -15.60 31.36 -4.75
CA LEU A 849 -14.57 31.15 -5.76
C LEU A 849 -13.34 32.02 -5.53
N TYR A 850 -13.44 33.05 -4.71
CA TYR A 850 -12.28 33.87 -4.41
C TYR A 850 -11.49 33.35 -3.23
N LEU A 851 -12.00 32.34 -2.53
CA LEU A 851 -11.24 31.70 -1.48
C LEU A 851 -10.28 30.67 -2.01
N GLN A 852 -10.31 30.40 -3.32
CA GLN A 852 -9.46 29.37 -3.88
C GLN A 852 -8.02 29.82 -3.99
N ARG A 853 -7.79 31.14 -4.02
CA ARG A 853 -6.43 31.65 -4.15
C ARG A 853 -5.66 31.56 -2.84
N PHE A 854 -6.33 31.60 -1.71
CA PHE A 854 -5.65 31.51 -0.44
C PHE A 854 -5.15 30.09 -0.20
N GLU A 855 -4.25 29.94 0.77
CA GLU A 855 -3.65 28.64 0.97
C GLU A 855 -4.47 27.75 1.89
N ASN A 856 -5.21 28.33 2.83
CA ASN A 856 -5.98 27.48 3.75
C ASN A 856 -7.24 26.95 3.09
N CYS A 857 -7.95 27.76 2.33
CA CYS A 857 -9.30 27.41 1.90
C CYS A 857 -9.36 26.78 0.52
N GLY A 858 -8.25 26.81 -0.23
CA GLY A 858 -8.25 26.27 -1.58
C GLY A 858 -8.45 24.78 -1.62
N ILE A 859 -8.00 24.06 -0.59
CA ILE A 859 -8.19 22.62 -0.57
C ILE A 859 -9.66 22.27 -0.30
N PHE A 860 -10.37 23.08 0.48
CA PHE A 860 -11.79 22.83 0.69
C PHE A 860 -12.58 23.16 -0.56
N ILE A 861 -12.17 24.21 -1.28
CA ILE A 861 -12.88 24.55 -2.51
C ILE A 861 -12.65 23.50 -3.58
N VAL A 862 -11.46 22.91 -3.64
CA VAL A 862 -11.25 21.90 -4.67
C VAL A 862 -11.90 20.56 -4.28
N MET A 863 -12.00 20.24 -2.98
CA MET A 863 -12.72 19.03 -2.60
C MET A 863 -14.22 19.18 -2.84
N LEU A 864 -14.74 20.39 -2.62
CA LEU A 864 -16.15 20.66 -2.87
C LEU A 864 -16.45 20.61 -4.36
N GLU A 865 -15.52 21.08 -5.19
CA GLU A 865 -15.62 20.94 -6.64
C GLU A 865 -15.67 19.49 -7.08
N VAL A 866 -14.79 18.65 -6.51
CA VAL A 866 -14.73 17.24 -6.92
C VAL A 866 -16.02 16.52 -6.53
N ILE A 867 -16.51 16.74 -5.31
CA ILE A 867 -17.74 16.10 -4.86
C ILE A 867 -18.93 16.58 -5.68
N LEU A 868 -18.95 17.85 -6.06
CA LEU A 868 -20.08 18.38 -6.79
C LEU A 868 -20.11 17.89 -8.23
N LYS A 869 -18.93 17.73 -8.85
CA LYS A 869 -18.90 17.15 -10.19
C LYS A 869 -19.27 15.68 -10.18
N THR A 870 -18.83 14.95 -9.15
CA THR A 870 -19.22 13.55 -9.01
C THR A 870 -20.72 13.41 -8.80
N LEU A 871 -21.33 14.36 -8.11
CA LEU A 871 -22.77 14.34 -7.94
C LEU A 871 -23.48 14.74 -9.23
N LEU A 872 -22.85 15.58 -10.06
CA LEU A 872 -23.47 15.92 -11.34
C LEU A 872 -23.45 14.76 -12.32
N ARG A 873 -22.41 13.91 -12.26
CA ARG A 873 -22.35 12.80 -13.22
C ARG A 873 -23.45 11.77 -12.99
N SER A 874 -23.96 11.67 -11.76
CA SER A 874 -24.88 10.62 -11.37
C SER A 874 -26.33 11.03 -11.49
N THR A 875 -26.64 12.12 -12.18
CA THR A 875 -27.97 12.72 -12.07
C THR A 875 -29.05 11.94 -12.78
N VAL A 876 -28.72 11.15 -13.81
CA VAL A 876 -29.78 10.48 -14.55
C VAL A 876 -30.33 9.29 -13.76
N VAL A 877 -29.52 8.72 -12.87
CA VAL A 877 -30.00 7.68 -11.97
C VAL A 877 -30.99 8.27 -10.98
N PHE A 878 -30.70 9.46 -10.47
CA PHE A 878 -31.66 10.18 -9.63
C PHE A 878 -32.95 10.45 -10.37
N ILE A 879 -32.86 10.89 -11.63
CA ILE A 879 -34.04 11.23 -12.42
C ILE A 879 -34.92 10.00 -12.62
N PHE A 880 -34.32 8.88 -13.02
CA PHE A 880 -35.13 7.70 -13.31
C PHE A 880 -35.72 7.10 -12.05
N LEU A 881 -34.90 6.96 -11.00
CA LEU A 881 -35.34 6.33 -9.76
C LEU A 881 -36.39 7.18 -9.06
N LEU A 882 -36.15 8.48 -8.99
CA LEU A 882 -37.08 9.41 -8.39
C LEU A 882 -38.36 9.53 -9.18
N LEU A 883 -38.31 9.38 -10.50
CA LEU A 883 -39.51 9.49 -11.29
C LEU A 883 -40.36 8.24 -11.15
N ALA A 884 -39.72 7.08 -11.03
CA ALA A 884 -40.40 5.83 -10.71
C ALA A 884 -41.17 5.92 -9.41
N PHE A 885 -40.47 6.28 -8.33
CA PHE A 885 -41.14 6.36 -7.03
C PHE A 885 -42.17 7.47 -6.98
N GLY A 886 -41.94 8.59 -7.67
CA GLY A 886 -42.90 9.68 -7.63
C GLY A 886 -44.19 9.35 -8.33
N LEU A 887 -44.10 8.72 -9.51
CA LEU A 887 -45.34 8.38 -10.21
C LEU A 887 -46.05 7.21 -9.54
N SER A 888 -45.32 6.31 -8.90
CA SER A 888 -45.95 5.25 -8.13
C SER A 888 -46.72 5.81 -6.94
N PHE A 889 -46.12 6.75 -6.19
CA PHE A 889 -46.85 7.34 -5.08
C PHE A 889 -47.99 8.23 -5.56
N TYR A 890 -47.86 8.81 -6.75
CA TYR A 890 -48.96 9.61 -7.29
C TYR A 890 -50.17 8.74 -7.59
N ILE A 891 -49.94 7.53 -8.11
CA ILE A 891 -51.07 6.64 -8.34
C ILE A 891 -51.63 6.09 -7.03
N LEU A 892 -50.75 5.72 -6.11
CA LEU A 892 -51.18 5.10 -4.85
C LEU A 892 -51.86 6.08 -3.92
N LEU A 893 -51.18 7.17 -3.59
CA LEU A 893 -51.57 8.06 -2.50
C LEU A 893 -52.27 9.31 -3.00
N ASN A 894 -53.15 9.15 -4.00
CA ASN A 894 -53.66 10.29 -4.75
C ASN A 894 -54.57 11.19 -3.91
N LEU A 895 -55.27 10.64 -2.94
CA LEU A 895 -56.25 11.41 -2.19
C LEU A 895 -55.62 12.35 -1.17
N GLN A 896 -54.31 12.31 -0.98
CA GLN A 896 -53.65 13.17 -0.02
C GLN A 896 -53.13 14.42 -0.72
N ASP A 897 -53.12 15.53 0.01
CA ASP A 897 -52.66 16.79 -0.55
C ASP A 897 -51.19 16.86 -0.97
N PRO A 898 -50.21 16.19 -0.35
CA PRO A 898 -48.85 16.23 -0.92
C PRO A 898 -48.69 15.47 -2.21
N PHE A 899 -49.65 14.66 -2.61
CA PHE A 899 -49.54 13.86 -3.82
C PHE A 899 -50.68 14.16 -4.78
N SER A 900 -51.16 15.41 -4.80
CA SER A 900 -52.31 15.73 -5.64
C SER A 900 -51.91 15.81 -7.11
N SER A 901 -50.81 16.46 -7.41
CA SER A 901 -50.27 16.60 -8.74
C SER A 901 -49.14 15.61 -8.94
N PRO A 902 -48.78 15.29 -10.19
CA PRO A 902 -47.57 14.51 -10.38
C PRO A 902 -46.29 15.26 -10.07
N LEU A 903 -46.28 16.57 -10.32
CA LEU A 903 -45.07 17.34 -10.04
C LEU A 903 -44.88 17.52 -8.53
N LEU A 904 -45.98 17.73 -7.80
CA LEU A 904 -45.90 17.78 -6.35
C LEU A 904 -45.49 16.44 -5.77
N SER A 905 -45.89 15.34 -6.40
CA SER A 905 -45.47 14.03 -5.93
C SER A 905 -43.99 13.81 -6.16
N ILE A 906 -43.47 14.31 -7.28
CA ILE A 906 -42.03 14.21 -7.55
C ILE A 906 -41.23 15.03 -6.55
N ILE A 907 -41.69 16.25 -6.24
CA ILE A 907 -41.00 17.09 -5.26
C ILE A 907 -41.10 16.49 -3.87
N GLN A 908 -42.23 15.84 -3.55
CA GLN A 908 -42.38 15.21 -2.25
C GLN A 908 -41.45 14.02 -2.09
N THR A 909 -41.28 13.20 -3.12
CA THR A 909 -40.32 12.10 -3.00
C THR A 909 -38.88 12.61 -2.94
N PHE A 910 -38.59 13.71 -3.62
CA PHE A 910 -37.28 14.33 -3.47
C PHE A 910 -37.04 14.84 -2.06
N SER A 911 -38.10 15.30 -1.39
CA SER A 911 -37.92 15.70 0.00
C SER A 911 -37.85 14.51 0.94
N MET A 912 -38.51 13.40 0.60
CA MET A 912 -38.43 12.17 1.38
C MET A 912 -37.09 11.46 1.23
N MET A 913 -36.29 11.86 0.24
CA MET A 913 -34.98 11.25 -0.05
C MET A 913 -34.08 11.09 1.17
N LEU A 914 -34.02 12.11 2.03
CA LEU A 914 -33.06 12.04 3.13
C LEU A 914 -33.52 11.17 4.29
N GLY A 915 -34.81 10.90 4.42
CA GLY A 915 -35.27 10.07 5.50
C GLY A 915 -36.44 10.65 6.25
N ASP A 916 -36.98 11.75 5.74
CA ASP A 916 -38.16 12.38 6.34
C ASP A 916 -39.41 11.79 5.68
N ILE A 917 -39.70 10.55 6.07
CA ILE A 917 -40.66 9.73 5.33
C ILE A 917 -42.10 10.16 5.61
N ASN A 918 -42.34 10.64 6.84
CA ASN A 918 -43.70 10.99 7.34
C ASN A 918 -44.60 9.74 7.39
N TYR A 919 -44.15 8.68 8.10
CA TYR A 919 -44.87 7.41 8.16
C TYR A 919 -46.23 7.56 8.83
N ARG A 920 -46.26 8.18 10.02
CA ARG A 920 -47.51 8.30 10.76
C ARG A 920 -48.53 9.16 10.04
N GLU A 921 -48.08 10.24 9.39
CA GLU A 921 -49.02 11.18 8.81
C GLU A 921 -49.57 10.71 7.47
N SER A 922 -48.77 10.01 6.67
CA SER A 922 -49.17 9.67 5.31
C SER A 922 -49.51 8.21 5.09
N PHE A 923 -49.07 7.31 5.96
CA PHE A 923 -49.27 5.89 5.75
C PHE A 923 -50.09 5.23 6.84
N LEU A 924 -49.82 5.53 8.10
CA LEU A 924 -50.47 4.81 9.19
C LEU A 924 -51.87 5.33 9.45
N GLU A 925 -51.99 6.60 9.76
CA GLU A 925 -53.27 7.22 10.09
C GLU A 925 -54.28 7.25 8.96
N PRO A 926 -53.89 7.33 7.67
CA PRO A 926 -54.89 7.00 6.64
C PRO A 926 -55.28 5.54 6.62
N TYR A 927 -54.40 4.62 7.00
CA TYR A 927 -54.76 3.22 7.00
C TYR A 927 -55.74 2.89 8.11
N LEU A 928 -55.58 3.53 9.27
CA LEU A 928 -56.49 3.25 10.38
C LEU A 928 -57.86 3.87 10.17
N ARG A 929 -57.97 4.86 9.28
CA ARG A 929 -59.25 5.49 8.97
C ARG A 929 -59.86 4.97 7.69
N ASN A 930 -59.32 3.87 7.14
CA ASN A 930 -59.78 3.23 5.90
C ASN A 930 -59.76 4.20 4.72
N GLU A 931 -58.76 5.07 4.68
CA GLU A 931 -58.67 6.08 3.63
C GLU A 931 -57.60 5.75 2.61
N LEU A 932 -56.98 4.59 2.68
CA LEU A 932 -56.04 4.14 1.67
C LEU A 932 -56.73 3.20 0.70
N ALA A 933 -56.72 3.56 -0.57
CA ALA A 933 -56.95 2.60 -1.62
C ALA A 933 -55.63 1.88 -1.86
N HIS A 934 -55.70 0.56 -2.02
CA HIS A 934 -54.59 -0.37 -2.18
C HIS A 934 -53.63 -0.28 -0.99
N PRO A 935 -54.00 -0.76 0.20
CA PRO A 935 -53.09 -0.58 1.35
C PRO A 935 -51.88 -1.47 1.33
N VAL A 936 -52.01 -2.72 0.89
CA VAL A 936 -50.89 -3.66 0.87
C VAL A 936 -49.82 -3.18 -0.12
N LEU A 937 -50.28 -2.72 -1.28
CA LEU A 937 -49.37 -2.21 -2.30
C LEU A 937 -48.71 -0.93 -1.83
N SER A 938 -49.42 -0.15 -1.00
CA SER A 938 -48.87 1.09 -0.46
C SER A 938 -47.76 0.81 0.55
N PHE A 939 -47.98 -0.13 1.48
CA PHE A 939 -46.92 -0.45 2.44
C PHE A 939 -45.74 -1.15 1.77
N ALA A 940 -45.98 -1.94 0.72
CA ALA A 940 -44.88 -2.53 -0.03
C ALA A 940 -44.06 -1.47 -0.74
N GLN A 941 -44.73 -0.44 -1.26
CA GLN A 941 -44.03 0.67 -1.87
C GLN A 941 -43.24 1.44 -0.82
N LEU A 942 -43.78 1.55 0.39
CA LEU A 942 -43.09 2.25 1.47
C LEU A 942 -41.79 1.55 1.86
N VAL A 943 -41.85 0.23 2.07
CA VAL A 943 -40.64 -0.50 2.47
C VAL A 943 -39.64 -0.55 1.31
N SER A 944 -40.13 -0.60 0.06
CA SER A 944 -39.21 -0.57 -1.08
C SER A 944 -38.53 0.79 -1.21
N PHE A 945 -39.27 1.87 -0.97
CA PHE A 945 -38.65 3.20 -1.00
C PHE A 945 -37.65 3.36 0.11
N THR A 946 -37.95 2.86 1.31
CA THR A 946 -37.05 3.01 2.43
C THR A 946 -35.76 2.21 2.20
N ILE A 947 -35.85 1.07 1.54
CA ILE A 947 -34.64 0.31 1.25
C ILE A 947 -33.82 0.96 0.14
N PHE A 948 -34.46 1.41 -0.94
CA PHE A 948 -33.66 1.89 -2.06
C PHE A 948 -33.04 3.26 -1.83
N VAL A 949 -33.86 4.28 -1.61
CA VAL A 949 -33.33 5.64 -1.70
C VAL A 949 -32.55 6.08 -0.46
N PRO A 950 -33.06 6.04 0.79
CA PRO A 950 -32.21 6.55 1.88
C PRO A 950 -31.14 5.60 2.34
N ILE A 951 -31.26 4.30 2.08
CA ILE A 951 -30.21 3.38 2.51
C ILE A 951 -29.17 3.23 1.43
N VAL A 952 -29.57 2.74 0.25
CA VAL A 952 -28.60 2.32 -0.76
C VAL A 952 -27.99 3.53 -1.44
N LEU A 953 -28.82 4.44 -1.94
CA LEU A 953 -28.34 5.54 -2.77
C LEU A 953 -27.52 6.53 -1.97
N MET A 954 -27.92 6.77 -0.73
CA MET A 954 -27.17 7.70 0.11
C MET A 954 -25.83 7.12 0.54
N ASN A 955 -25.79 5.82 0.81
CA ASN A 955 -24.50 5.20 1.12
C ASN A 955 -23.61 5.14 -0.10
N LEU A 956 -24.19 5.06 -1.30
CA LEU A 956 -23.39 5.13 -2.51
C LEU A 956 -22.75 6.51 -2.65
N LEU A 957 -23.51 7.56 -2.38
CA LEU A 957 -22.94 8.90 -2.42
C LEU A 957 -21.89 9.11 -1.35
N ILE A 958 -22.07 8.52 -0.17
CA ILE A 958 -21.06 8.64 0.89
C ILE A 958 -19.77 7.91 0.51
N GLY A 959 -19.88 6.72 -0.07
CA GLY A 959 -18.69 6.00 -0.48
C GLY A 959 -17.93 6.69 -1.60
N LEU A 960 -18.66 7.27 -2.55
CA LEU A 960 -18.02 8.06 -3.60
C LEU A 960 -17.33 9.29 -3.03
N ALA A 961 -17.94 9.95 -2.05
CA ALA A 961 -17.33 11.14 -1.46
C ALA A 961 -16.08 10.79 -0.68
N VAL A 962 -16.09 9.67 0.05
CA VAL A 962 -14.93 9.24 0.81
C VAL A 962 -13.77 8.92 -0.12
N GLY A 963 -14.06 8.22 -1.23
CA GLY A 963 -13.01 7.90 -2.19
C GLY A 963 -12.42 9.13 -2.85
N ASP A 964 -13.27 10.10 -3.21
CA ASP A 964 -12.77 11.30 -3.88
C ASP A 964 -11.97 12.18 -2.95
N ILE A 965 -12.39 12.29 -1.69
CA ILE A 965 -11.63 13.11 -0.74
C ILE A 965 -10.29 12.48 -0.42
N ALA A 966 -10.24 11.14 -0.34
CA ALA A 966 -8.95 10.48 -0.15
C ALA A 966 -8.03 10.69 -1.34
N GLU A 967 -8.60 10.68 -2.54
CA GLU A 967 -7.83 10.90 -3.76
C GLU A 967 -7.27 12.32 -3.80
N VAL A 968 -8.05 13.30 -3.34
CA VAL A 968 -7.58 14.68 -3.36
C VAL A 968 -6.52 14.90 -2.29
N GLN A 969 -6.73 14.39 -1.08
CA GLN A 969 -5.74 14.58 -0.03
C GLN A 969 -4.49 13.73 -0.21
N LYS A 970 -4.49 12.80 -1.17
CA LYS A 970 -3.24 12.15 -1.52
C LYS A 970 -2.22 13.13 -2.09
N HIS A 971 -2.66 14.13 -2.83
CA HIS A 971 -1.79 15.08 -3.52
C HIS A 971 -2.05 16.51 -3.09
N ALA A 972 -2.20 16.75 -1.79
CA ALA A 972 -2.60 18.08 -1.35
C ALA A 972 -1.42 19.04 -1.29
N SER A 973 -0.30 18.57 -0.72
CA SER A 973 0.84 19.45 -0.47
C SER A 973 1.51 19.90 -1.75
N LEU A 974 1.41 19.11 -2.81
CA LEU A 974 1.88 19.58 -4.11
C LEU A 974 0.89 20.53 -4.75
N LYS A 975 -0.41 20.26 -4.57
CA LYS A 975 -1.44 21.04 -5.25
C LYS A 975 -1.50 22.47 -4.72
N ARG A 976 -1.21 22.66 -3.43
CA ARG A 976 -1.20 24.00 -2.84
C ARG A 976 -0.13 24.89 -3.48
N ILE A 977 1.10 24.39 -3.54
CA ILE A 977 2.20 25.19 -4.08
C ILE A 977 2.08 25.30 -5.58
N ALA A 978 1.47 24.30 -6.23
CA ALA A 978 1.23 24.38 -7.65
C ALA A 978 0.22 25.47 -7.98
N MET A 979 -0.83 25.61 -7.16
CA MET A 979 -1.79 26.69 -7.39
C MET A 979 -1.15 28.05 -7.14
N GLN A 980 -0.29 28.16 -6.14
CA GLN A 980 0.38 29.44 -5.89
C GLN A 980 1.32 29.82 -7.03
N VAL A 981 2.12 28.88 -7.52
CA VAL A 981 3.06 29.21 -8.57
C VAL A 981 2.35 29.42 -9.89
N GLU A 982 1.21 28.76 -10.11
CA GLU A 982 0.43 29.02 -11.32
C GLU A 982 -0.21 30.40 -11.27
N LEU A 983 -0.64 30.82 -10.07
CA LEU A 983 -1.20 32.16 -9.89
C LEU A 983 -0.16 33.22 -10.21
N HIS A 984 1.05 33.06 -9.68
CA HIS A 984 2.08 34.09 -9.93
C HIS A 984 2.58 34.07 -11.36
N THR A 985 2.74 32.88 -11.96
CA THR A 985 3.23 32.85 -13.34
C THR A 985 2.15 33.26 -14.33
N SER A 986 0.88 33.23 -13.94
CA SER A 986 -0.14 33.79 -14.80
C SER A 986 -0.26 35.29 -14.62
N LEU A 987 -0.03 35.77 -13.40
CA LEU A 987 -0.19 37.20 -13.15
C LEU A 987 0.98 37.98 -13.70
N GLU A 988 2.17 37.38 -13.78
CA GLU A 988 3.35 38.12 -14.21
C GLU A 988 3.38 38.36 -15.71
N LYS A 989 2.65 37.58 -16.50
CA LYS A 989 2.65 37.76 -17.95
C LYS A 989 1.90 39.01 -18.39
N LYS A 990 1.11 39.63 -17.51
CA LYS A 990 0.30 40.76 -17.89
C LYS A 990 0.83 42.09 -17.38
N LEU A 991 1.74 42.07 -16.42
CA LEU A 991 2.24 43.32 -15.87
C LEU A 991 3.31 43.91 -16.80
N PRO A 992 3.48 45.22 -16.80
CA PRO A 992 4.51 45.82 -17.66
C PRO A 992 5.91 45.59 -17.11
N LEU A 993 6.87 45.63 -18.02
CA LEU A 993 8.22 45.14 -17.73
C LEU A 993 9.01 46.10 -16.85
N TRP A 994 8.75 47.42 -16.95
CA TRP A 994 9.41 48.36 -16.06
C TRP A 994 8.97 48.16 -14.63
N PHE A 995 7.71 47.76 -14.42
CA PHE A 995 7.24 47.45 -13.08
C PHE A 995 7.90 46.19 -12.55
N LEU A 996 8.16 45.22 -13.44
CA LEU A 996 8.88 44.01 -13.05
C LEU A 996 10.31 44.31 -12.64
N ARG A 997 10.98 45.19 -13.41
CA ARG A 997 12.33 45.59 -13.04
C ARG A 997 12.34 46.40 -11.75
N LYS A 998 11.27 47.17 -11.50
CA LYS A 998 11.20 47.97 -10.29
C LYS A 998 10.99 47.10 -9.06
N VAL A 999 10.16 46.07 -9.17
CA VAL A 999 9.68 45.39 -7.97
C VAL A 999 10.50 44.15 -7.59
N ASP A 1000 11.24 43.55 -8.52
CA ASP A 1000 11.89 42.29 -8.18
C ASP A 1000 13.15 42.51 -7.36
N GLN A 1001 13.64 41.42 -6.77
CA GLN A 1001 14.82 41.42 -5.93
C GLN A 1001 15.62 40.16 -6.20
N LYS A 1002 16.94 40.29 -6.18
CA LYS A 1002 17.81 39.14 -6.39
C LYS A 1002 18.15 38.41 -5.10
N SER A 1003 18.13 39.11 -3.98
CA SER A 1003 18.50 38.49 -2.71
C SER A 1003 17.57 39.00 -1.62
N THR A 1004 17.36 38.15 -0.62
CA THR A 1004 16.57 38.51 0.56
C THR A 1004 17.36 38.20 1.81
N ILE A 1005 17.25 39.06 2.81
CA ILE A 1005 17.95 38.90 4.08
C ILE A 1005 16.90 38.71 5.16
N VAL A 1006 16.99 37.61 5.89
CA VAL A 1006 15.97 37.21 6.85
C VAL A 1006 16.60 37.20 8.24
N TYR A 1007 15.95 37.89 9.18
CA TYR A 1007 16.34 37.90 10.58
C TYR A 1007 15.35 37.05 11.36
N PRO A 1008 15.76 35.89 11.89
CA PRO A 1008 14.81 35.09 12.68
C PRO A 1008 14.43 35.74 14.01
N ASN A 1009 15.27 36.63 14.55
CA ASN A 1009 14.94 37.29 15.80
C ASN A 1009 13.95 38.43 15.60
N LYS A 1010 13.93 39.04 14.43
CA LYS A 1010 13.10 40.20 14.17
C LYS A 1010 11.86 39.78 13.38
N PRO A 1011 10.66 40.15 13.83
CA PRO A 1011 9.46 39.83 13.05
C PRO A 1011 9.36 40.68 11.79
N ARG A 1012 8.47 40.25 10.89
CA ARG A 1012 8.25 40.96 9.65
C ARG A 1012 7.49 42.27 9.89
N SER A 1013 7.57 43.16 8.91
CA SER A 1013 6.95 44.47 9.02
C SER A 1013 5.43 44.37 8.94
N GLY A 1014 4.76 45.33 9.58
CA GLY A 1014 3.31 45.32 9.68
C GLY A 1014 2.82 44.28 10.66
N GLY A 1015 3.29 44.38 11.92
CA GLY A 1015 2.97 43.38 12.91
C GLY A 1015 1.55 43.41 13.42
N MET A 1016 0.83 44.52 13.20
CA MET A 1016 -0.50 44.65 13.77
C MET A 1016 -1.54 43.84 13.00
N LEU A 1017 -1.79 44.19 11.75
CA LEU A 1017 -2.85 43.58 10.98
C LEU A 1017 -2.36 42.51 10.00
N PHE A 1018 -1.21 42.75 9.36
CA PHE A 1018 -0.69 41.82 8.37
C PHE A 1018 -0.26 40.51 8.99
N HIS A 1019 0.20 40.52 10.25
CA HIS A 1019 0.56 39.28 10.93
C HIS A 1019 -0.66 38.43 11.22
N ILE A 1020 -1.76 39.06 11.65
CA ILE A 1020 -3.00 38.32 11.89
C ILE A 1020 -3.59 37.82 10.57
N PHE A 1021 -3.45 38.60 9.50
CA PHE A 1021 -3.88 38.17 8.17
C PHE A 1021 -3.09 36.96 7.70
N CYS A 1022 -1.77 36.98 7.88
CA CYS A 1022 -0.93 35.86 7.46
C CYS A 1022 -1.14 34.64 8.36
N PHE A 1023 -1.58 34.85 9.59
CA PHE A 1023 -1.93 33.70 10.43
C PHE A 1023 -3.26 33.09 9.99
N LEU A 1024 -4.24 33.92 9.67
CA LEU A 1024 -5.57 33.40 9.36
C LEU A 1024 -5.64 32.77 7.97
N PHE A 1025 -5.10 33.45 6.96
CA PHE A 1025 -5.35 33.04 5.58
C PHE A 1025 -4.20 32.24 4.97
N CYS A 1026 -2.97 32.73 5.09
CA CYS A 1026 -1.83 31.89 4.72
C CYS A 1026 -1.47 30.99 5.90
N THR A 1027 -0.47 30.13 5.69
CA THR A 1027 -0.12 29.13 6.70
C THR A 1027 0.62 29.76 7.88
N SER A 1040 9.43 5.66 -2.00
CA SER A 1040 10.85 5.85 -2.26
C SER A 1040 11.51 4.53 -2.62
N LEU A 1041 10.72 3.46 -2.67
CA LEU A 1041 11.28 2.16 -3.00
C LEU A 1041 11.62 2.05 -4.47
N GLU A 1042 10.94 2.80 -5.33
CA GLU A 1042 11.13 2.69 -6.77
C GLU A 1042 12.52 3.18 -7.19
N MET A 1043 12.94 4.34 -6.66
CA MET A 1043 14.28 4.84 -6.96
C MET A 1043 15.35 3.96 -6.35
N GLU A 1044 15.06 3.32 -5.22
CA GLU A 1044 16.03 2.43 -4.59
C GLU A 1044 16.24 1.17 -5.42
N ILE A 1045 15.16 0.57 -5.91
CA ILE A 1045 15.28 -0.62 -6.75
C ILE A 1045 15.85 -0.25 -8.13
N LEU A 1046 15.63 0.99 -8.57
CA LEU A 1046 16.24 1.43 -9.82
C LEU A 1046 17.76 1.58 -9.69
N LYS A 1047 18.22 2.12 -8.55
CA LYS A 1047 19.65 2.19 -8.28
C LYS A 1047 20.25 0.79 -8.14
N GLN A 1048 19.49 -0.11 -7.51
CA GLN A 1048 19.85 -1.52 -7.43
C GLN A 1048 20.07 -2.13 -8.81
N LYS A 1049 19.17 -1.83 -9.74
CA LYS A 1049 19.25 -2.39 -11.09
C LYS A 1049 20.44 -1.83 -11.85
N TYR A 1050 20.74 -0.54 -11.67
CA TYR A 1050 21.91 0.03 -12.33
C TYR A 1050 23.20 -0.59 -11.81
N ARG A 1051 23.28 -0.79 -10.50
CA ARG A 1051 24.47 -1.39 -9.92
C ARG A 1051 24.65 -2.83 -10.37
N LEU A 1052 23.54 -3.57 -10.49
CA LEU A 1052 23.64 -4.96 -10.93
C LEU A 1052 24.04 -5.05 -12.40
N LYS A 1053 23.59 -4.10 -13.23
CA LYS A 1053 23.99 -4.10 -14.64
C LYS A 1053 25.47 -3.79 -14.81
N ASP A 1054 25.99 -2.84 -14.02
CA ASP A 1054 27.43 -2.58 -14.03
C ASP A 1054 28.22 -3.80 -13.58
N LEU A 1055 27.67 -4.52 -12.60
CA LEU A 1055 28.31 -5.71 -12.07
C LEU A 1055 28.43 -6.80 -13.13
N THR A 1056 27.34 -7.04 -13.88
CA THR A 1056 27.40 -8.11 -14.87
C THR A 1056 28.26 -7.74 -16.07
N PHE A 1057 28.37 -6.44 -16.40
CA PHE A 1057 29.28 -6.04 -17.46
C PHE A 1057 30.74 -6.30 -17.08
N LEU A 1058 31.10 -5.95 -15.84
CA LEU A 1058 32.48 -6.19 -15.38
C LEU A 1058 32.78 -7.68 -15.31
N LEU A 1059 31.79 -8.49 -14.90
CA LEU A 1059 32.03 -9.92 -14.82
C LEU A 1059 32.21 -10.55 -16.19
N GLU A 1060 31.53 -10.01 -17.21
CA GLU A 1060 31.74 -10.51 -18.57
C GLU A 1060 33.15 -10.20 -19.08
N LYS A 1061 33.65 -8.98 -18.83
CA LYS A 1061 35.02 -8.65 -19.21
C LYS A 1061 36.04 -9.55 -18.52
N GLN A 1062 35.80 -9.85 -17.25
CA GLN A 1062 36.70 -10.71 -16.50
C GLN A 1062 36.70 -12.14 -17.02
N HIS A 1063 35.53 -12.64 -17.42
CA HIS A 1063 35.45 -13.98 -17.99
C HIS A 1063 36.20 -14.08 -19.30
N GLU A 1064 36.16 -13.01 -20.11
CA GLU A 1064 36.93 -12.97 -21.34
C GLU A 1064 38.43 -13.01 -21.06
N LEU A 1065 38.88 -12.29 -20.02
CA LEU A 1065 40.30 -12.33 -19.66
C LEU A 1065 40.74 -13.70 -19.19
N ILE A 1066 39.89 -14.43 -18.48
CA ILE A 1066 40.27 -15.76 -18.01
C ILE A 1066 40.38 -16.75 -19.16
N LYS A 1067 39.47 -16.65 -20.14
CA LYS A 1067 39.61 -17.49 -21.32
C LYS A 1067 40.86 -17.13 -22.12
N LEU A 1068 41.27 -15.86 -22.11
CA LEU A 1068 42.53 -15.49 -22.74
C LEU A 1068 43.73 -16.07 -22.01
N ILE A 1069 43.65 -16.16 -20.68
CA ILE A 1069 44.72 -16.78 -19.89
C ILE A 1069 44.89 -18.23 -20.29
N ILE A 1070 43.78 -18.98 -20.37
CA ILE A 1070 43.89 -20.40 -20.73
C ILE A 1070 44.35 -20.56 -22.17
N GLN A 1071 44.00 -19.61 -23.04
CA GLN A 1071 44.45 -19.68 -24.43
C GLN A 1071 45.95 -19.47 -24.54
N LYS A 1072 46.53 -18.58 -23.72
CA LYS A 1072 47.96 -18.31 -23.82
C LYS A 1072 48.82 -19.04 -22.80
N MET A 1073 48.23 -19.88 -21.95
CA MET A 1073 48.97 -20.49 -20.84
C MET A 1073 49.93 -21.53 -21.37
N GLU A 1074 51.03 -21.73 -20.65
CA GLU A 1074 52.04 -22.71 -21.00
C GLU A 1074 51.86 -23.96 -20.15
N ILE A 1075 51.58 -25.09 -20.80
CA ILE A 1075 51.35 -26.33 -20.09
C ILE A 1075 52.49 -27.29 -20.42
N ILE A 1076 53.32 -27.54 -19.43
CA ILE A 1076 54.37 -28.54 -19.49
C ILE A 1076 54.18 -29.43 -18.28
N SER A 1077 54.37 -30.75 -18.46
CA SER A 1077 54.26 -31.77 -17.42
C SER A 1077 52.86 -31.87 -16.84
N GLU A 1078 51.86 -31.46 -17.62
CA GLU A 1078 50.47 -31.73 -17.30
C GLU A 1078 49.67 -32.18 -18.50
N THR A 1079 50.31 -32.38 -19.65
CA THR A 1079 49.62 -32.76 -20.87
C THR A 1079 49.20 -34.22 -20.83
N GLU A 1080 48.34 -34.59 -21.78
CA GLU A 1080 47.84 -35.95 -22.00
C GLU A 1080 47.18 -36.57 -20.77
N LYS B 447 46.71 -39.60 -29.09
CA LYS B 447 46.96 -38.18 -29.38
C LYS B 447 45.64 -37.46 -29.65
N LYS B 448 44.53 -38.18 -29.49
CA LYS B 448 43.22 -37.57 -29.74
C LYS B 448 42.84 -36.64 -28.61
N SER B 449 43.11 -37.01 -27.38
CA SER B 449 42.83 -36.18 -26.21
C SER B 449 43.63 -34.87 -26.17
N PRO B 450 44.91 -34.81 -26.56
CA PRO B 450 45.53 -33.48 -26.71
C PRO B 450 44.89 -32.62 -27.79
N LEU B 451 44.41 -33.20 -28.88
CA LEU B 451 43.75 -32.39 -29.90
C LEU B 451 42.40 -31.89 -29.42
N HIS B 452 41.68 -32.71 -28.65
CA HIS B 452 40.42 -32.28 -28.08
C HIS B 452 40.63 -31.18 -27.06
N PHE B 453 41.68 -31.27 -26.24
CA PHE B 453 41.95 -30.21 -25.28
C PHE B 453 42.42 -28.94 -25.98
N ALA B 454 43.22 -29.07 -27.02
CA ALA B 454 43.75 -27.90 -27.69
C ALA B 454 42.71 -27.20 -28.54
N ALA B 455 41.74 -27.94 -29.06
CA ALA B 455 40.66 -27.33 -29.82
C ALA B 455 39.54 -26.84 -28.93
N SER B 456 39.37 -27.42 -27.75
CA SER B 456 38.32 -26.98 -26.83
C SER B 456 38.65 -25.68 -26.13
N TYR B 457 39.88 -25.18 -26.23
CA TYR B 457 40.26 -23.96 -25.52
C TYR B 457 41.01 -22.98 -26.42
N GLY B 458 40.95 -23.16 -27.73
CA GLY B 458 41.44 -22.14 -28.63
C GLY B 458 42.94 -22.07 -28.77
N ARG B 459 43.66 -23.14 -28.45
CA ARG B 459 45.10 -23.17 -28.64
C ARG B 459 45.39 -23.41 -30.11
N ILE B 460 45.68 -22.33 -30.84
CA ILE B 460 45.82 -22.46 -32.28
C ILE B 460 47.17 -23.03 -32.68
N ASN B 461 48.24 -22.75 -31.92
CA ASN B 461 49.55 -23.23 -32.30
C ASN B 461 49.71 -24.72 -32.00
N THR B 462 49.10 -25.19 -30.91
CA THR B 462 49.10 -26.61 -30.62
C THR B 462 48.29 -27.37 -31.65
N CYS B 463 47.20 -26.79 -32.13
CA CYS B 463 46.43 -27.43 -33.19
C CYS B 463 47.17 -27.41 -34.52
N GLN B 464 48.00 -26.40 -34.77
CA GLN B 464 48.81 -26.43 -35.99
C GLN B 464 49.90 -27.48 -35.89
N ARG B 465 50.48 -27.67 -34.70
CA ARG B 465 51.53 -28.67 -34.55
C ARG B 465 50.97 -30.08 -34.56
N LEU B 466 49.75 -30.28 -34.06
CA LEU B 466 49.15 -31.60 -34.12
C LEU B 466 48.71 -31.97 -35.52
N LEU B 467 48.35 -30.99 -36.34
CA LEU B 467 47.82 -31.23 -37.67
C LEU B 467 48.83 -30.94 -38.75
N GLN B 468 50.10 -31.31 -38.52
CA GLN B 468 51.09 -31.17 -39.56
C GLN B 468 51.08 -32.38 -40.50
N ASP B 469 50.90 -33.58 -39.94
CA ASP B 469 50.78 -34.78 -40.75
C ASP B 469 49.41 -34.81 -41.41
N ILE B 470 49.36 -34.60 -42.72
CA ILE B 470 48.08 -34.49 -43.43
C ILE B 470 47.71 -35.84 -44.03
N SER B 471 48.35 -36.91 -43.55
CA SER B 471 48.11 -38.23 -44.11
C SER B 471 46.82 -38.84 -43.59
N ASP B 472 46.74 -39.05 -42.27
CA ASP B 472 45.61 -39.74 -41.66
C ASP B 472 44.60 -38.70 -41.18
N THR B 473 43.40 -38.73 -41.77
CA THR B 473 42.30 -37.88 -41.34
C THR B 473 41.35 -38.59 -40.40
N ARG B 474 41.65 -39.83 -40.01
CA ARG B 474 40.85 -40.52 -39.02
C ARG B 474 41.01 -39.92 -37.63
N LEU B 475 42.14 -39.26 -37.39
CA LEU B 475 42.34 -38.56 -36.12
C LEU B 475 41.68 -37.19 -36.13
N LEU B 476 41.53 -36.59 -37.30
CA LEU B 476 40.92 -35.27 -37.40
C LEU B 476 39.41 -35.30 -37.16
N ASN B 477 38.73 -36.27 -37.77
CA ASN B 477 37.29 -36.40 -37.65
C ASN B 477 36.90 -37.47 -36.62
N GLU B 478 37.75 -37.71 -35.64
CA GLU B 478 37.48 -38.75 -34.65
C GLU B 478 36.39 -38.29 -33.69
N GLY B 479 35.85 -39.25 -32.93
CA GLY B 479 34.77 -38.97 -32.00
C GLY B 479 35.26 -38.67 -30.61
N ASP B 480 34.32 -38.42 -29.73
CA ASP B 480 34.57 -38.16 -28.32
C ASP B 480 33.76 -39.17 -27.51
N LEU B 481 33.84 -39.06 -26.18
CA LEU B 481 32.95 -39.83 -25.33
C LEU B 481 31.50 -39.45 -25.56
N HIS B 482 31.24 -38.16 -25.75
CA HIS B 482 29.91 -37.69 -26.13
C HIS B 482 29.79 -37.48 -27.64
N GLY B 483 30.71 -38.04 -28.43
CA GLY B 483 30.55 -38.04 -29.87
C GLY B 483 30.74 -36.70 -30.54
N MET B 484 31.64 -35.87 -30.02
CA MET B 484 31.91 -34.56 -30.57
C MET B 484 33.27 -34.55 -31.27
N THR B 485 33.29 -34.09 -32.51
CA THR B 485 34.53 -33.87 -33.22
C THR B 485 35.25 -32.65 -32.62
N PRO B 486 36.54 -32.48 -32.91
CA PRO B 486 37.20 -31.20 -32.57
C PRO B 486 36.57 -29.99 -33.24
N LEU B 487 35.88 -30.17 -34.37
CA LEU B 487 35.09 -29.11 -34.96
C LEU B 487 33.98 -28.67 -34.01
N HIS B 488 33.31 -29.65 -33.36
CA HIS B 488 32.25 -29.34 -32.41
C HIS B 488 32.79 -28.63 -31.17
N LEU B 489 33.95 -29.07 -30.67
CA LEU B 489 34.53 -28.43 -29.49
C LEU B 489 35.00 -27.02 -29.81
N ALA B 490 35.58 -26.82 -30.99
CA ALA B 490 36.04 -25.49 -31.36
C ALA B 490 34.88 -24.56 -31.64
N ALA B 491 33.74 -25.08 -32.08
CA ALA B 491 32.59 -24.24 -32.30
C ALA B 491 31.79 -23.98 -31.04
N LYS B 492 31.85 -24.89 -30.05
CA LYS B 492 31.08 -24.72 -28.83
C LYS B 492 31.58 -23.54 -28.01
N ASN B 493 32.89 -23.42 -27.84
CA ASN B 493 33.45 -22.34 -27.06
C ASN B 493 33.70 -21.09 -27.87
N GLY B 494 33.47 -21.14 -29.17
CA GLY B 494 33.48 -19.92 -29.96
C GLY B 494 34.85 -19.44 -30.35
N HIS B 495 35.68 -20.33 -30.87
CA HIS B 495 37.00 -19.96 -31.37
C HIS B 495 36.97 -20.01 -32.89
N ASP B 496 36.92 -18.85 -33.51
CA ASP B 496 36.73 -18.76 -34.95
C ASP B 496 37.98 -19.14 -35.73
N LYS B 497 39.16 -18.83 -35.23
CA LYS B 497 40.36 -19.14 -35.99
C LYS B 497 40.69 -20.62 -35.93
N VAL B 498 40.37 -21.29 -34.83
CA VAL B 498 40.58 -22.72 -34.74
C VAL B 498 39.63 -23.46 -35.67
N VAL B 499 38.36 -23.04 -35.71
CA VAL B 499 37.40 -23.74 -36.58
C VAL B 499 37.67 -23.38 -38.04
N GLN B 500 38.21 -22.20 -38.32
CA GLN B 500 38.63 -21.87 -39.67
C GLN B 500 39.83 -22.71 -40.10
N LEU B 501 40.74 -22.98 -39.16
CA LEU B 501 41.88 -23.84 -39.46
C LEU B 501 41.45 -25.28 -39.70
N LEU B 502 40.50 -25.77 -38.90
CA LEU B 502 40.01 -27.13 -39.10
C LEU B 502 39.20 -27.27 -40.39
N LEU B 503 38.56 -26.20 -40.84
CA LEU B 503 37.90 -26.27 -42.14
C LEU B 503 38.88 -26.14 -43.28
N LYS B 504 39.97 -25.39 -43.09
CA LYS B 504 40.98 -25.28 -44.13
C LYS B 504 41.75 -26.58 -44.29
N LYS B 505 42.04 -27.28 -43.19
CA LYS B 505 42.67 -28.58 -43.29
C LYS B 505 41.71 -29.67 -43.75
N GLY B 506 40.41 -29.42 -43.70
CA GLY B 506 39.47 -30.40 -44.19
C GLY B 506 38.84 -31.20 -43.08
N ALA B 507 37.62 -30.85 -42.69
CA ALA B 507 36.87 -31.57 -41.69
C ALA B 507 35.45 -31.76 -42.17
N LEU B 508 34.76 -32.75 -41.62
CA LEU B 508 33.44 -33.14 -42.06
C LEU B 508 32.42 -32.74 -41.01
N PHE B 509 31.33 -32.11 -41.46
CA PHE B 509 30.28 -31.65 -40.56
C PHE B 509 29.47 -32.85 -40.07
N LEU B 510 30.04 -33.55 -39.09
CA LEU B 510 29.35 -34.70 -38.53
C LEU B 510 28.29 -34.24 -37.53
N SER B 511 27.64 -35.21 -36.92
CA SER B 511 26.57 -34.94 -35.99
C SER B 511 26.93 -35.46 -34.61
N ASP B 512 26.35 -34.82 -33.60
CA ASP B 512 26.45 -35.24 -32.21
C ASP B 512 25.60 -36.49 -32.00
N HIS B 513 25.75 -37.12 -30.82
CA HIS B 513 24.81 -38.17 -30.43
C HIS B 513 23.39 -37.65 -30.25
N ASN B 514 23.23 -36.37 -29.93
CA ASN B 514 21.91 -35.74 -29.88
C ASN B 514 21.62 -34.94 -31.13
N GLY B 515 22.26 -35.26 -32.25
CA GLY B 515 21.92 -34.69 -33.53
C GLY B 515 22.40 -33.28 -33.78
N TRP B 516 23.12 -32.69 -32.85
CA TRP B 516 23.62 -31.33 -32.98
C TRP B 516 24.69 -31.25 -34.08
N THR B 517 24.97 -30.03 -34.52
CA THR B 517 26.03 -29.79 -35.47
C THR B 517 26.92 -28.71 -34.87
N ALA B 518 28.01 -28.36 -35.56
CA ALA B 518 28.84 -27.26 -35.12
C ALA B 518 28.08 -25.94 -35.13
N LEU B 519 27.18 -25.76 -36.10
CA LEU B 519 26.37 -24.55 -36.15
C LEU B 519 25.36 -24.52 -35.02
N HIS B 520 24.87 -25.69 -34.61
CA HIS B 520 23.98 -25.76 -33.46
C HIS B 520 24.69 -25.36 -32.17
N HIS B 521 25.95 -25.76 -32.00
CA HIS B 521 26.69 -25.34 -30.81
C HIS B 521 27.05 -23.87 -30.87
N ALA B 522 27.42 -23.37 -32.05
CA ALA B 522 27.75 -21.97 -32.19
C ALA B 522 26.53 -21.07 -31.98
N SER B 523 25.34 -21.57 -32.28
CA SER B 523 24.13 -20.81 -32.02
C SER B 523 23.60 -20.98 -30.61
N MET B 524 23.87 -22.14 -30.00
CA MET B 524 23.58 -22.30 -28.58
C MET B 524 24.42 -21.35 -27.75
N GLY B 525 25.67 -21.12 -28.16
CA GLY B 525 26.51 -20.18 -27.44
C GLY B 525 26.25 -18.74 -27.83
N GLY B 526 25.90 -18.48 -29.08
CA GLY B 526 25.70 -17.12 -29.52
C GLY B 526 26.93 -16.46 -30.08
N TYR B 527 27.87 -17.23 -30.61
CA TYR B 527 29.12 -16.68 -31.13
C TYR B 527 28.94 -16.42 -32.61
N THR B 528 28.91 -15.14 -32.99
CA THR B 528 28.64 -14.79 -34.37
C THR B 528 29.80 -15.06 -35.30
N GLN B 529 31.03 -15.16 -34.78
CA GLN B 529 32.19 -15.29 -35.65
C GLN B 529 32.32 -16.70 -36.21
N THR B 530 32.25 -17.71 -35.35
CA THR B 530 32.26 -19.10 -35.81
C THR B 530 31.05 -19.38 -36.68
N MET B 531 29.91 -18.79 -36.31
CA MET B 531 28.70 -18.89 -37.10
C MET B 531 28.88 -18.31 -38.49
N LYS B 532 29.54 -17.15 -38.58
CA LYS B 532 29.77 -16.50 -39.87
C LYS B 532 30.75 -17.32 -40.71
N VAL B 533 31.73 -17.95 -40.08
CA VAL B 533 32.69 -18.79 -40.81
C VAL B 533 32.01 -20.03 -41.38
N ILE B 534 31.21 -20.71 -40.55
CA ILE B 534 30.49 -21.91 -41.00
C ILE B 534 29.50 -21.57 -42.11
N LEU B 535 28.86 -20.40 -42.01
CA LEU B 535 27.94 -19.99 -43.06
C LEU B 535 28.66 -19.57 -44.33
N ASP B 536 29.86 -18.99 -44.22
CA ASP B 536 30.58 -18.60 -45.41
C ASP B 536 31.23 -19.78 -46.13
N THR B 537 31.45 -20.90 -45.44
CA THR B 537 31.91 -22.08 -46.17
C THR B 537 30.77 -22.72 -46.95
N ASN B 538 29.75 -23.20 -46.26
CA ASN B 538 28.65 -23.91 -46.89
C ASN B 538 27.33 -23.24 -46.53
N LEU B 539 26.33 -23.48 -47.37
CA LEU B 539 24.97 -23.05 -47.10
C LEU B 539 24.01 -24.21 -46.89
N LYS B 540 24.43 -25.43 -47.20
CA LYS B 540 23.58 -26.61 -47.08
C LYS B 540 23.57 -27.17 -45.66
N CYS B 541 24.12 -26.46 -44.69
CA CYS B 541 24.14 -26.90 -43.31
C CYS B 541 23.22 -26.07 -42.42
N THR B 542 22.63 -24.99 -42.95
CA THR B 542 21.80 -24.10 -42.16
C THR B 542 20.50 -24.79 -41.72
N ASP B 543 19.68 -25.19 -42.68
CA ASP B 543 18.43 -25.88 -42.38
C ASP B 543 18.76 -27.33 -42.07
N ARG B 544 19.15 -27.58 -40.83
CA ARG B 544 19.53 -28.91 -40.41
C ARG B 544 18.85 -29.22 -39.09
N LEU B 545 18.30 -30.41 -38.99
CA LEU B 545 17.48 -30.78 -37.83
C LEU B 545 18.30 -31.61 -36.86
N ASP B 546 17.99 -31.44 -35.57
CA ASP B 546 18.56 -32.31 -34.55
C ASP B 546 17.63 -33.49 -34.33
N GLU B 547 17.83 -34.21 -33.23
CA GLU B 547 16.95 -35.32 -32.90
C GLU B 547 15.59 -34.84 -32.40
N ASP B 548 15.46 -33.57 -32.03
CA ASP B 548 14.21 -33.03 -31.51
C ASP B 548 13.56 -32.07 -32.50
N GLY B 549 14.08 -31.99 -33.73
CA GLY B 549 13.48 -31.17 -34.75
C GLY B 549 13.88 -29.71 -34.72
N ASN B 550 14.66 -29.28 -33.73
CA ASN B 550 15.07 -27.90 -33.66
C ASN B 550 16.15 -27.61 -34.70
N THR B 551 16.13 -26.40 -35.23
CA THR B 551 17.20 -25.91 -36.06
C THR B 551 18.13 -25.05 -35.22
N ALA B 552 19.13 -24.46 -35.88
CA ALA B 552 20.04 -23.56 -35.17
C ALA B 552 19.36 -22.26 -34.77
N LEU B 553 18.39 -21.83 -35.57
CA LEU B 553 17.65 -20.62 -35.25
C LEU B 553 16.77 -20.80 -34.03
N HIS B 554 16.30 -22.03 -33.80
CA HIS B 554 15.56 -22.34 -32.58
C HIS B 554 16.42 -22.15 -31.35
N PHE B 555 17.67 -22.60 -31.38
CA PHE B 555 18.53 -22.44 -30.21
C PHE B 555 18.97 -20.99 -30.04
N ALA B 556 19.27 -20.31 -31.15
CA ALA B 556 19.70 -18.92 -31.08
C ALA B 556 18.59 -18.01 -30.60
N ALA B 557 17.33 -18.38 -30.84
CA ALA B 557 16.23 -17.62 -30.29
C ALA B 557 15.86 -18.07 -28.88
N ARG B 558 16.12 -19.33 -28.54
CA ARG B 558 15.79 -19.80 -27.21
C ARG B 558 16.73 -19.20 -26.17
N GLU B 559 18.01 -19.10 -26.49
CA GLU B 559 18.95 -18.54 -25.53
C GLU B 559 19.00 -17.02 -25.56
N GLY B 560 18.30 -16.38 -26.50
CA GLY B 560 18.19 -14.94 -26.47
C GLY B 560 19.39 -14.21 -27.01
N HIS B 561 19.91 -14.64 -28.15
CA HIS B 561 21.03 -13.99 -28.79
C HIS B 561 20.51 -13.25 -30.02
N ALA B 562 20.52 -11.92 -29.95
CA ALA B 562 19.87 -11.14 -30.99
C ALA B 562 20.67 -11.14 -32.28
N LYS B 563 21.98 -10.99 -32.20
CA LYS B 563 22.78 -10.90 -33.41
C LYS B 563 22.90 -12.25 -34.10
N ALA B 564 22.81 -13.34 -33.35
CA ALA B 564 22.80 -14.66 -33.98
C ALA B 564 21.51 -14.89 -34.75
N VAL B 565 20.38 -14.45 -34.19
CA VAL B 565 19.11 -14.55 -34.89
C VAL B 565 19.10 -13.66 -36.11
N ALA B 566 19.65 -12.45 -36.00
CA ALA B 566 19.74 -11.55 -37.15
C ALA B 566 20.68 -12.10 -38.22
N LEU B 567 21.72 -12.84 -37.82
CA LEU B 567 22.64 -13.38 -38.80
C LEU B 567 22.02 -14.56 -39.54
N LEU B 568 21.38 -15.49 -38.81
CA LEU B 568 20.67 -16.57 -39.49
C LEU B 568 19.43 -16.10 -40.24
N LEU B 569 18.92 -14.92 -39.91
CA LEU B 569 17.71 -14.43 -40.51
C LEU B 569 18.00 -13.58 -41.74
N SER B 570 19.17 -12.93 -41.78
CA SER B 570 19.61 -12.27 -42.99
C SER B 570 19.94 -13.27 -44.09
N HIS B 571 20.42 -14.44 -43.71
CA HIS B 571 20.47 -15.56 -44.64
C HIS B 571 19.13 -16.27 -44.63
N ASN B 572 18.94 -17.17 -45.58
CA ASN B 572 17.69 -17.92 -45.65
C ASN B 572 17.67 -18.97 -44.55
N ALA B 573 16.69 -18.87 -43.66
CA ALA B 573 16.72 -19.67 -42.45
C ALA B 573 15.86 -20.91 -42.50
N ASP B 574 14.86 -20.96 -43.40
CA ASP B 574 13.94 -22.07 -43.58
C ASP B 574 13.20 -22.40 -42.28
N ILE B 575 12.33 -21.44 -41.91
CA ILE B 575 11.57 -21.51 -40.66
C ILE B 575 10.67 -22.73 -40.65
N VAL B 576 10.81 -23.57 -39.62
CA VAL B 576 10.06 -24.82 -39.53
C VAL B 576 9.64 -24.99 -38.08
N LEU B 577 8.65 -25.84 -37.86
CA LEU B 577 8.18 -26.08 -36.52
C LEU B 577 9.05 -27.12 -35.81
N ASN B 578 8.76 -27.29 -34.53
CA ASN B 578 9.52 -28.16 -33.64
C ASN B 578 8.93 -29.56 -33.71
N LYS B 579 9.41 -30.46 -32.85
CA LYS B 579 8.68 -31.69 -32.59
C LYS B 579 7.37 -31.39 -31.89
N GLN B 580 7.34 -30.36 -31.04
CA GLN B 580 6.12 -29.91 -30.39
C GLN B 580 5.48 -28.74 -31.11
N GLN B 581 5.73 -28.61 -32.43
CA GLN B 581 5.09 -27.65 -33.32
C GLN B 581 5.33 -26.21 -32.88
N ALA B 582 6.52 -25.94 -32.36
CA ALA B 582 6.90 -24.61 -31.89
C ALA B 582 7.86 -23.97 -32.88
N SER B 583 7.54 -22.78 -33.34
CA SER B 583 8.52 -22.05 -34.13
C SER B 583 9.56 -21.45 -33.21
N PHE B 584 10.54 -20.78 -33.81
CA PHE B 584 11.56 -20.12 -33.02
C PHE B 584 11.01 -18.90 -32.32
N LEU B 585 9.97 -18.29 -32.90
CA LEU B 585 9.33 -17.13 -32.29
C LEU B 585 8.54 -17.53 -31.05
N HIS B 586 7.88 -18.69 -31.10
CA HIS B 586 7.22 -19.23 -29.91
C HIS B 586 8.24 -19.52 -28.82
N LEU B 587 9.36 -20.13 -29.19
CA LEU B 587 10.36 -20.53 -28.23
C LEU B 587 11.10 -19.33 -27.66
N ALA B 588 11.09 -18.21 -28.38
CA ALA B 588 11.60 -16.96 -27.84
C ALA B 588 10.59 -16.28 -26.93
N LEU B 589 9.29 -16.38 -27.25
CA LEU B 589 8.30 -15.73 -26.42
C LEU B 589 8.07 -16.44 -25.11
N HIS B 590 8.24 -17.77 -25.07
CA HIS B 590 8.03 -18.45 -23.80
C HIS B 590 9.15 -18.20 -22.82
N ASN B 591 10.31 -17.75 -23.28
CA ASN B 591 11.43 -17.46 -22.41
C ASN B 591 11.60 -15.97 -22.15
N LYS B 592 10.64 -15.15 -22.61
CA LYS B 592 10.56 -13.71 -22.35
C LYS B 592 11.80 -12.98 -22.83
N ARG B 593 12.32 -13.39 -23.98
CA ARG B 593 13.50 -12.75 -24.55
C ARG B 593 13.01 -11.56 -25.36
N LYS B 594 13.16 -10.37 -24.80
CA LYS B 594 12.59 -9.17 -25.41
C LYS B 594 13.34 -8.78 -26.67
N GLU B 595 14.67 -8.88 -26.64
CA GLU B 595 15.47 -8.30 -27.71
C GLU B 595 15.38 -9.12 -28.99
N VAL B 596 15.26 -10.44 -28.88
CA VAL B 596 15.20 -11.22 -30.11
C VAL B 596 13.83 -11.10 -30.76
N VAL B 597 12.74 -10.95 -29.99
CA VAL B 597 11.47 -10.79 -30.68
C VAL B 597 11.35 -9.38 -31.21
N LEU B 598 12.04 -8.41 -30.59
CA LEU B 598 12.06 -7.08 -31.14
C LEU B 598 12.84 -7.04 -32.45
N THR B 599 13.94 -7.77 -32.54
CA THR B 599 14.67 -7.77 -33.81
C THR B 599 14.05 -8.69 -34.85
N ILE B 600 13.16 -9.61 -34.45
CA ILE B 600 12.32 -10.28 -35.44
C ILE B 600 11.31 -9.29 -36.01
N ILE B 601 10.74 -8.45 -35.14
CA ILE B 601 9.76 -7.46 -35.58
C ILE B 601 10.41 -6.44 -36.52
N ARG B 602 11.64 -6.03 -36.22
CA ARG B 602 12.32 -5.07 -37.08
C ARG B 602 12.78 -5.66 -38.41
N SER B 603 12.68 -6.97 -38.61
CA SER B 603 13.17 -7.61 -39.81
C SER B 603 12.22 -7.42 -40.98
N LYS B 604 12.55 -8.05 -42.11
CA LYS B 604 11.70 -8.05 -43.28
C LYS B 604 10.89 -9.32 -43.42
N ARG B 605 11.22 -10.35 -42.64
CA ARG B 605 10.61 -11.66 -42.74
C ARG B 605 9.43 -11.81 -41.78
N TRP B 606 9.07 -10.72 -41.08
CA TRP B 606 8.11 -10.74 -39.98
C TRP B 606 6.77 -11.33 -40.36
N ASP B 607 6.22 -10.88 -41.51
CA ASP B 607 4.95 -11.39 -42.00
C ASP B 607 5.00 -12.89 -42.21
N GLU B 608 6.10 -13.39 -42.80
CA GLU B 608 6.30 -14.82 -42.95
C GLU B 608 6.40 -15.50 -41.60
N CYS B 609 7.08 -14.85 -40.65
CA CYS B 609 7.20 -15.38 -39.30
C CYS B 609 5.86 -15.42 -38.58
N LEU B 610 4.90 -14.63 -39.04
CA LEU B 610 3.59 -14.64 -38.43
C LEU B 610 2.71 -15.74 -39.01
N LYS B 611 3.04 -16.26 -40.19
CA LYS B 611 2.09 -17.12 -40.90
C LYS B 611 2.04 -18.53 -40.31
N ILE B 612 3.21 -19.05 -39.97
CA ILE B 612 3.34 -20.42 -39.50
C ILE B 612 3.13 -20.72 -38.02
N PHE B 613 2.17 -21.60 -37.77
CA PHE B 613 1.91 -22.11 -36.42
C PHE B 613 0.98 -23.30 -36.59
N SER B 614 0.54 -23.86 -35.48
CA SER B 614 -0.37 -25.00 -35.51
C SER B 614 -1.69 -24.61 -34.87
N HIS B 615 -2.78 -24.82 -35.62
CA HIS B 615 -4.11 -24.60 -35.07
C HIS B 615 -4.47 -25.66 -34.04
N ASN B 616 -3.91 -26.86 -34.19
CA ASN B 616 -4.29 -27.97 -33.33
C ASN B 616 -3.52 -27.95 -32.02
N SER B 617 -2.35 -27.34 -31.99
CA SER B 617 -1.46 -27.40 -30.82
C SER B 617 -1.99 -26.56 -29.68
N PRO B 618 -2.23 -27.13 -28.50
CA PRO B 618 -2.79 -26.35 -27.39
C PRO B 618 -1.79 -25.46 -26.69
N GLY B 619 -0.49 -25.67 -26.88
CA GLY B 619 0.53 -24.91 -26.19
C GLY B 619 0.91 -23.61 -26.87
N ASN B 620 1.44 -23.74 -28.10
CA ASN B 620 1.84 -22.54 -28.88
C ASN B 620 0.55 -22.07 -29.52
N LYS B 621 -0.31 -21.43 -28.72
CA LYS B 621 -1.67 -21.18 -29.26
C LYS B 621 -1.65 -20.26 -30.47
N CYS B 622 -1.25 -19.00 -30.34
CA CYS B 622 -1.27 -18.01 -31.40
C CYS B 622 -0.24 -16.93 -31.09
N PRO B 623 0.66 -16.61 -32.03
CA PRO B 623 1.82 -15.75 -31.68
C PRO B 623 1.47 -14.32 -31.28
N ILE B 624 0.42 -13.72 -31.85
CA ILE B 624 -0.02 -12.41 -31.39
C ILE B 624 -0.57 -12.50 -29.97
N THR B 625 -1.35 -13.53 -29.68
CA THR B 625 -1.84 -13.71 -28.32
C THR B 625 -0.72 -14.10 -27.36
N GLU B 626 0.31 -14.79 -27.85
CA GLU B 626 1.45 -15.08 -26.99
C GLU B 626 2.24 -13.82 -26.69
N MET B 627 2.33 -12.90 -27.66
CA MET B 627 2.97 -11.61 -27.41
C MET B 627 2.16 -10.80 -26.41
N ILE B 628 0.83 -10.90 -26.47
CA ILE B 628 0.01 -10.18 -25.51
C ILE B 628 0.18 -10.78 -24.12
N GLU B 629 0.28 -12.11 -24.04
CA GLU B 629 0.39 -12.76 -22.74
C GLU B 629 1.75 -12.54 -22.10
N TYR B 630 2.83 -12.66 -22.86
CA TYR B 630 4.17 -12.70 -22.29
C TYR B 630 4.93 -11.38 -22.37
N LEU B 631 5.00 -10.76 -23.55
CA LEU B 631 5.81 -9.56 -23.75
C LEU B 631 4.95 -8.44 -24.32
N PRO B 632 4.15 -7.79 -23.48
CA PRO B 632 3.28 -6.72 -24.00
C PRO B 632 4.02 -5.48 -24.42
N GLU B 633 5.22 -5.26 -23.88
CA GLU B 633 6.03 -4.12 -24.27
C GLU B 633 6.63 -4.27 -25.66
N CYS B 634 6.54 -5.44 -26.27
CA CYS B 634 6.84 -5.60 -27.69
C CYS B 634 5.60 -5.45 -28.55
N MET B 635 4.44 -5.84 -28.02
CA MET B 635 3.18 -5.60 -28.70
C MET B 635 2.89 -4.12 -28.81
N LYS B 636 3.38 -3.32 -27.86
CA LYS B 636 3.29 -1.87 -27.97
C LYS B 636 4.04 -1.34 -29.19
N VAL B 637 5.23 -1.88 -29.44
CA VAL B 637 6.02 -1.46 -30.60
C VAL B 637 5.35 -1.93 -31.89
N LEU B 638 4.80 -3.15 -31.87
CA LEU B 638 4.08 -3.68 -33.03
C LEU B 638 2.86 -2.84 -33.36
N LEU B 639 2.16 -2.34 -32.34
CA LEU B 639 1.05 -1.42 -32.61
C LEU B 639 1.55 -0.05 -33.02
N ASP B 640 2.74 0.35 -32.59
CA ASP B 640 3.32 1.62 -33.04
C ASP B 640 3.66 1.59 -34.52
N PHE B 641 3.98 0.40 -35.07
CA PHE B 641 4.15 0.34 -36.52
C PHE B 641 2.83 0.45 -37.28
N CYS B 642 1.69 0.20 -36.63
CA CYS B 642 0.41 0.33 -37.30
C CYS B 642 -0.02 1.78 -37.44
N MET B 643 0.45 2.65 -36.56
CA MET B 643 0.12 4.07 -36.64
C MET B 643 0.98 4.75 -37.70
N LEU B 644 0.35 5.57 -38.52
CA LEU B 644 1.06 6.32 -39.56
C LEU B 644 0.78 7.80 -39.37
N HIS B 645 1.56 8.62 -40.07
CA HIS B 645 1.44 10.06 -39.97
C HIS B 645 1.61 10.67 -41.35
N SER B 646 1.29 11.96 -41.47
CA SER B 646 1.41 12.66 -42.73
C SER B 646 2.65 13.56 -42.78
N THR B 647 2.73 14.54 -41.89
CA THR B 647 3.83 15.50 -41.85
C THR B 647 3.80 16.20 -40.51
N GLU B 648 4.93 16.20 -39.81
CA GLU B 648 4.96 16.72 -38.45
C GLU B 648 4.81 18.23 -38.39
N ASP B 649 5.25 18.95 -39.43
CA ASP B 649 5.18 20.40 -39.42
C ASP B 649 3.80 20.92 -39.83
N LYS B 650 3.07 20.15 -40.63
CA LYS B 650 1.77 20.57 -41.15
C LYS B 650 0.63 20.02 -40.30
N SER B 651 0.85 19.93 -38.99
CA SER B 651 -0.08 19.25 -38.08
C SER B 651 -1.42 19.97 -37.95
N CYS B 652 -1.50 21.24 -38.34
CA CYS B 652 -2.77 21.95 -38.30
C CYS B 652 -3.48 21.97 -39.65
N ARG B 653 -2.73 22.02 -40.75
CA ARG B 653 -3.28 22.23 -42.08
C ARG B 653 -3.53 20.89 -42.74
N ASP B 654 -4.80 20.43 -42.71
CA ASP B 654 -5.30 19.24 -43.40
C ASP B 654 -4.56 17.97 -43.00
N TYR B 655 -4.09 17.92 -41.75
CA TYR B 655 -3.25 16.84 -41.29
C TYR B 655 -4.09 15.60 -41.00
N TYR B 656 -3.52 14.43 -41.31
CA TYR B 656 -4.22 13.17 -41.09
C TYR B 656 -3.24 12.16 -40.51
N ILE B 657 -3.80 11.19 -39.81
CA ILE B 657 -3.08 10.01 -39.35
C ILE B 657 -3.89 8.78 -39.70
N GLU B 658 -3.21 7.71 -40.09
CA GLU B 658 -3.88 6.51 -40.56
C GLU B 658 -3.63 5.36 -39.60
N TYR B 659 -4.72 4.69 -39.22
CA TYR B 659 -4.67 3.51 -38.35
C TYR B 659 -4.98 2.29 -39.19
N ASN B 660 -4.12 1.27 -39.06
CA ASN B 660 -4.30 0.01 -39.77
C ASN B 660 -4.53 -1.09 -38.75
N PHE B 661 -5.59 -1.86 -38.94
CA PHE B 661 -6.04 -2.84 -37.95
C PHE B 661 -5.80 -4.25 -38.43
N LYS B 662 -4.66 -4.50 -39.06
CA LYS B 662 -4.42 -5.81 -39.64
C LYS B 662 -4.03 -6.85 -38.60
N TYR B 663 -3.44 -6.43 -37.48
CA TYR B 663 -3.00 -7.38 -36.47
C TYR B 663 -4.00 -7.56 -35.34
N LEU B 664 -5.16 -6.92 -35.39
CA LEU B 664 -6.06 -6.95 -34.25
C LEU B 664 -7.14 -8.01 -34.35
N GLN B 665 -7.34 -8.62 -35.51
CA GLN B 665 -8.42 -9.59 -35.63
C GLN B 665 -8.09 -10.60 -36.71
N CYS B 666 -8.74 -11.75 -36.60
CA CYS B 666 -8.67 -12.77 -37.63
C CYS B 666 -9.54 -12.34 -38.82
N PRO B 667 -9.35 -12.96 -39.99
CA PRO B 667 -10.31 -12.76 -41.08
C PRO B 667 -11.69 -13.30 -40.72
N LEU B 668 -12.71 -12.67 -41.32
CA LEU B 668 -14.10 -12.92 -40.92
C LEU B 668 -14.56 -14.32 -41.29
N GLU B 669 -14.01 -14.90 -42.35
CA GLU B 669 -14.44 -16.23 -42.78
C GLU B 669 -14.02 -17.32 -41.81
N PHE B 670 -13.07 -17.05 -40.92
CA PHE B 670 -12.73 -18.00 -39.88
C PHE B 670 -13.72 -17.94 -38.72
N THR B 671 -14.18 -16.74 -38.38
CA THR B 671 -14.82 -16.49 -37.09
C THR B 671 -16.19 -17.15 -36.99
N LYS B 672 -17.08 -16.84 -37.92
CA LYS B 672 -18.44 -17.38 -37.86
C LYS B 672 -18.55 -18.79 -38.42
N LYS B 673 -17.47 -19.32 -39.00
CA LYS B 673 -17.49 -20.66 -39.57
C LYS B 673 -17.05 -21.69 -38.52
N THR B 674 -17.90 -21.85 -37.51
CA THR B 674 -17.68 -22.86 -36.49
C THR B 674 -17.78 -24.29 -37.03
N PRO B 675 -18.80 -24.70 -37.88
CA PRO B 675 -18.75 -26.09 -38.39
C PRO B 675 -17.66 -26.36 -39.41
N THR B 676 -17.52 -25.49 -40.41
CA THR B 676 -16.72 -25.83 -41.59
C THR B 676 -15.25 -25.45 -41.47
N GLN B 677 -14.90 -24.44 -40.65
CA GLN B 677 -13.48 -24.23 -40.37
C GLN B 677 -13.00 -25.07 -39.20
N ASP B 678 -13.92 -25.39 -38.27
CA ASP B 678 -13.73 -26.39 -37.19
C ASP B 678 -12.61 -26.00 -36.22
N VAL B 679 -12.34 -24.71 -36.09
CA VAL B 679 -11.36 -24.20 -35.13
C VAL B 679 -12.08 -23.15 -34.31
N ILE B 680 -11.75 -23.08 -33.02
CA ILE B 680 -12.34 -22.07 -32.15
C ILE B 680 -11.86 -20.68 -32.54
N TYR B 681 -12.80 -19.76 -32.70
CA TYR B 681 -12.49 -18.37 -32.96
C TYR B 681 -13.47 -17.49 -32.21
N GLU B 682 -13.01 -16.30 -31.86
CA GLU B 682 -13.88 -15.26 -31.36
C GLU B 682 -13.68 -14.02 -32.21
N PRO B 683 -14.70 -13.20 -32.40
CA PRO B 683 -14.46 -11.88 -32.97
C PRO B 683 -13.71 -11.03 -31.95
N LEU B 684 -12.93 -10.07 -32.46
CA LEU B 684 -12.06 -9.18 -31.68
C LEU B 684 -11.06 -9.99 -30.86
N THR B 685 -10.18 -10.70 -31.58
CA THR B 685 -9.27 -11.66 -30.94
C THR B 685 -8.27 -10.96 -30.02
N ALA B 686 -7.58 -9.95 -30.55
CA ALA B 686 -6.52 -9.31 -29.80
C ALA B 686 -7.06 -8.55 -28.61
N LEU B 687 -8.25 -7.94 -28.76
CA LEU B 687 -8.84 -7.21 -27.65
C LEU B 687 -9.27 -8.13 -26.52
N ASN B 688 -9.84 -9.29 -26.86
CA ASN B 688 -10.21 -10.24 -25.82
C ASN B 688 -8.98 -10.81 -25.12
N ALA B 689 -7.91 -11.03 -25.88
CA ALA B 689 -6.67 -11.49 -25.27
C ALA B 689 -6.06 -10.41 -24.38
N MET B 690 -6.21 -9.15 -24.75
CA MET B 690 -5.69 -8.07 -23.93
C MET B 690 -6.55 -7.83 -22.69
N VAL B 691 -7.85 -8.13 -22.76
CA VAL B 691 -8.71 -7.99 -21.59
C VAL B 691 -8.47 -9.12 -20.60
N GLN B 692 -8.32 -10.35 -21.09
CA GLN B 692 -8.10 -11.50 -20.21
C GLN B 692 -6.77 -11.43 -19.47
N ASN B 693 -5.80 -10.68 -20.01
CA ASN B 693 -4.50 -10.56 -19.39
C ASN B 693 -4.29 -9.21 -18.71
N ASN B 694 -5.33 -8.39 -18.63
CA ASN B 694 -5.37 -7.14 -17.87
C ASN B 694 -4.35 -6.12 -18.36
N ARG B 695 -4.05 -6.13 -19.66
CA ARG B 695 -3.02 -5.26 -20.22
C ARG B 695 -3.64 -3.92 -20.58
N ILE B 696 -3.88 -3.09 -19.57
CA ILE B 696 -4.67 -1.88 -19.76
C ILE B 696 -3.89 -0.80 -20.54
N GLU B 697 -2.56 -0.82 -20.46
CA GLU B 697 -1.78 0.16 -21.22
C GLU B 697 -1.81 -0.12 -22.71
N LEU B 698 -2.20 -1.33 -23.11
CA LEU B 698 -2.44 -1.64 -24.50
C LEU B 698 -3.86 -1.37 -24.92
N LEU B 699 -4.83 -1.46 -24.01
CA LEU B 699 -6.19 -1.07 -24.35
C LEU B 699 -6.30 0.44 -24.51
N ASN B 700 -5.47 1.19 -23.79
CA ASN B 700 -5.46 2.64 -23.92
C ASN B 700 -4.56 3.13 -25.05
N HIS B 701 -4.04 2.22 -25.87
CA HIS B 701 -3.26 2.62 -27.02
C HIS B 701 -4.20 3.18 -28.08
N PRO B 702 -3.80 4.24 -28.80
CA PRO B 702 -4.74 4.91 -29.72
C PRO B 702 -5.20 4.06 -30.88
N VAL B 703 -4.45 3.05 -31.28
CA VAL B 703 -4.93 2.13 -32.31
C VAL B 703 -6.11 1.33 -31.80
N CYS B 704 -6.04 0.88 -30.54
CA CYS B 704 -7.16 0.13 -29.98
C CYS B 704 -8.36 1.02 -29.73
N LYS B 705 -8.13 2.27 -29.32
CA LYS B 705 -9.22 3.22 -29.13
C LYS B 705 -9.94 3.50 -30.44
N GLU B 706 -9.18 3.74 -31.51
CA GLU B 706 -9.82 3.97 -32.80
C GLU B 706 -10.45 2.69 -33.35
N TYR B 707 -9.94 1.53 -32.96
CA TYR B 707 -10.55 0.29 -33.40
C TYR B 707 -11.91 0.08 -32.77
N LEU B 708 -12.03 0.30 -31.45
CA LEU B 708 -13.35 0.24 -30.81
C LEU B 708 -14.27 1.35 -31.30
N LEU B 709 -13.74 2.53 -31.59
CA LEU B 709 -14.60 3.63 -32.05
C LEU B 709 -15.17 3.34 -33.42
N MET B 710 -14.33 2.82 -34.33
CA MET B 710 -14.81 2.36 -35.63
C MET B 710 -15.80 1.22 -35.48
N LYS B 711 -15.54 0.29 -34.56
CA LYS B 711 -16.43 -0.85 -34.39
C LYS B 711 -17.78 -0.42 -33.82
N TRP B 712 -17.79 0.65 -33.02
CA TRP B 712 -19.04 1.18 -32.49
C TRP B 712 -19.81 1.94 -33.56
N LEU B 713 -19.11 2.72 -34.38
CA LEU B 713 -19.78 3.43 -35.47
C LEU B 713 -20.23 2.50 -36.58
N ALA B 714 -19.67 1.30 -36.66
CA ALA B 714 -20.09 0.38 -37.70
C ALA B 714 -21.49 -0.16 -37.42
N TYR B 715 -21.63 -0.93 -36.33
CA TYR B 715 -22.91 -1.56 -36.03
C TYR B 715 -23.35 -1.48 -34.58
N GLY B 716 -22.51 -1.03 -33.65
CA GLY B 716 -22.89 -1.07 -32.25
C GLY B 716 -23.86 0.03 -31.87
N PHE B 717 -23.65 1.23 -32.42
CA PHE B 717 -24.53 2.36 -32.14
C PHE B 717 -25.93 2.12 -32.68
N ARG B 718 -26.04 1.61 -33.90
CA ARG B 718 -27.36 1.42 -34.49
C ARG B 718 -28.13 0.31 -33.79
N ALA B 719 -27.44 -0.76 -33.43
CA ALA B 719 -28.10 -1.86 -32.71
C ALA B 719 -28.54 -1.42 -31.32
N HIS B 720 -27.70 -0.65 -30.64
CA HIS B 720 -28.08 -0.21 -29.30
C HIS B 720 -29.20 0.82 -29.33
N MET B 721 -29.20 1.72 -30.32
CA MET B 721 -30.28 2.69 -30.40
C MET B 721 -31.59 2.06 -30.84
N MET B 722 -31.54 1.00 -31.65
CA MET B 722 -32.76 0.28 -31.96
C MET B 722 -33.32 -0.45 -30.74
N ASN B 723 -32.43 -1.10 -29.97
CA ASN B 723 -32.84 -1.81 -28.76
C ASN B 723 -33.39 -0.85 -27.71
N LEU B 724 -32.85 0.36 -27.65
CA LEU B 724 -33.38 1.35 -26.72
C LEU B 724 -34.65 1.99 -27.24
N GLY B 725 -34.77 2.16 -28.56
CA GLY B 725 -35.94 2.81 -29.11
C GLY B 725 -37.20 1.99 -29.02
N SER B 726 -37.09 0.66 -29.11
CA SER B 726 -38.28 -0.18 -28.95
C SER B 726 -38.83 -0.09 -27.53
N TYR B 727 -37.95 -0.18 -26.53
CA TYR B 727 -38.38 -0.07 -25.15
C TYR B 727 -38.89 1.31 -24.81
N CYS B 728 -38.29 2.35 -25.40
CA CYS B 728 -38.73 3.71 -25.11
C CYS B 728 -40.07 3.98 -25.79
N LEU B 729 -40.34 3.33 -26.92
CA LEU B 729 -41.66 3.34 -27.53
C LEU B 729 -42.67 2.64 -26.64
N GLY B 730 -42.25 1.64 -25.88
CA GLY B 730 -43.13 1.09 -24.86
C GLY B 730 -43.29 2.01 -23.65
N LEU B 731 -42.25 2.75 -23.31
CA LEU B 731 -42.18 3.49 -22.05
C LEU B 731 -42.97 4.79 -22.07
N ILE B 732 -42.77 5.61 -23.10
CA ILE B 732 -43.33 6.96 -23.12
C ILE B 732 -44.86 7.04 -23.09
N PRO B 733 -45.62 6.26 -23.89
CA PRO B 733 -47.08 6.41 -23.84
C PRO B 733 -47.73 6.03 -22.52
N MET B 734 -47.12 5.14 -21.73
CA MET B 734 -47.72 4.84 -20.44
C MET B 734 -47.55 6.00 -19.47
N THR B 735 -46.41 6.68 -19.50
CA THR B 735 -46.23 7.83 -18.62
C THR B 735 -47.11 8.98 -19.05
N ILE B 736 -47.28 9.16 -20.36
CA ILE B 736 -48.23 10.16 -20.87
C ILE B 736 -49.64 9.84 -20.40
N LEU B 737 -50.01 8.57 -20.46
CA LEU B 737 -51.36 8.14 -20.12
C LEU B 737 -51.62 8.26 -18.62
N VAL B 738 -50.57 8.14 -17.81
CA VAL B 738 -50.72 8.30 -16.37
C VAL B 738 -50.79 9.77 -15.99
N VAL B 739 -49.91 10.61 -16.53
CA VAL B 739 -49.93 12.01 -16.16
C VAL B 739 -51.07 12.79 -16.79
N ASN B 740 -51.81 12.20 -17.74
CA ASN B 740 -52.95 12.89 -18.33
C ASN B 740 -54.30 12.37 -17.88
N ILE B 741 -54.35 11.35 -17.03
CA ILE B 741 -55.61 10.82 -16.54
C ILE B 741 -55.54 10.80 -15.01
N LYS B 742 -56.60 11.29 -14.36
CA LYS B 742 -56.67 11.21 -12.90
C LYS B 742 -56.80 9.76 -12.47
N PRO B 743 -55.97 9.30 -11.55
CA PRO B 743 -56.02 7.89 -11.12
C PRO B 743 -57.30 7.56 -10.38
N GLY B 744 -57.63 6.27 -10.39
CA GLY B 744 -58.82 5.78 -9.74
C GLY B 744 -60.05 5.74 -10.61
N MET B 745 -60.07 6.49 -11.72
CA MET B 745 -61.21 6.54 -12.61
C MET B 745 -61.02 5.58 -13.77
N ALA B 746 -62.09 4.90 -14.14
CA ALA B 746 -62.05 3.98 -15.29
C ALA B 746 -62.04 4.79 -16.57
N PHE B 747 -61.11 4.48 -17.45
CA PHE B 747 -60.99 5.15 -18.73
C PHE B 747 -61.02 4.12 -19.85
N ASN B 748 -61.53 4.58 -21.01
CA ASN B 748 -61.74 3.76 -22.22
C ASN B 748 -61.41 4.59 -23.47
N SER B 749 -61.27 3.91 -24.62
CA SER B 749 -60.89 4.53 -25.89
C SER B 749 -61.68 5.80 -26.20
N THR B 750 -62.90 5.91 -25.73
CA THR B 750 -63.67 7.12 -25.92
C THR B 750 -63.36 8.19 -24.89
N GLY B 751 -62.82 7.82 -23.75
CA GLY B 751 -62.50 8.79 -22.72
C GLY B 751 -62.62 8.17 -21.34
N ILE B 752 -62.98 9.03 -20.39
CA ILE B 752 -62.95 8.70 -18.97
C ILE B 752 -64.38 8.61 -18.46
N ILE B 753 -64.72 7.48 -17.85
CA ILE B 753 -66.06 7.25 -17.34
C ILE B 753 -66.13 7.74 -15.90
N ASN B 754 -67.05 8.67 -15.64
CA ASN B 754 -67.26 9.16 -14.28
C ASN B 754 -68.67 8.80 -13.81
N ILE B 762 -70.85 9.87 -16.81
CA ILE B 762 -70.55 10.70 -17.97
C ILE B 762 -69.19 10.35 -18.54
N LEU B 763 -68.94 10.83 -19.75
CA LEU B 763 -67.70 10.58 -20.45
C LEU B 763 -66.94 11.89 -20.64
N ASP B 764 -65.62 11.81 -20.55
CA ASP B 764 -64.75 12.97 -20.69
C ASP B 764 -64.04 12.90 -22.04
N THR B 765 -64.34 13.86 -22.91
CA THR B 765 -63.79 13.97 -24.25
C THR B 765 -62.54 14.89 -24.18
N THR B 766 -62.08 15.38 -25.34
CA THR B 766 -61.00 16.34 -25.61
C THR B 766 -59.61 15.77 -25.44
N ASN B 767 -59.48 14.48 -25.12
CA ASN B 767 -58.18 13.82 -25.10
C ASN B 767 -58.21 12.44 -25.71
N SER B 768 -59.35 12.03 -26.29
CA SER B 768 -59.54 10.64 -26.68
C SER B 768 -58.65 10.23 -27.83
N TYR B 769 -58.30 11.17 -28.72
CA TYR B 769 -57.39 10.86 -29.81
C TYR B 769 -56.00 10.55 -29.31
N LEU B 770 -55.55 11.21 -28.25
CA LEU B 770 -54.25 10.88 -27.67
C LEU B 770 -54.32 9.60 -26.86
N ILE B 771 -55.40 9.41 -26.10
CA ILE B 771 -55.53 8.25 -25.23
C ILE B 771 -55.60 6.96 -26.03
N LYS B 772 -56.32 6.98 -27.16
CA LYS B 772 -56.47 5.78 -27.98
C LYS B 772 -55.14 5.36 -28.59
N THR B 773 -54.38 6.33 -29.13
CA THR B 773 -53.09 6.01 -29.74
C THR B 773 -52.08 5.54 -28.70
N CYS B 774 -52.11 6.13 -27.50
CA CYS B 774 -51.20 5.69 -26.45
C CYS B 774 -51.52 4.28 -25.97
N MET B 775 -52.81 3.93 -25.87
CA MET B 775 -53.16 2.58 -25.47
C MET B 775 -52.81 1.57 -26.55
N ILE B 776 -52.97 1.93 -27.82
CA ILE B 776 -52.58 1.04 -28.90
C ILE B 776 -51.07 0.82 -28.91
N LEU B 777 -50.29 1.87 -28.64
CA LEU B 777 -48.83 1.73 -28.58
C LEU B 777 -48.39 0.83 -27.43
N VAL B 778 -49.00 0.98 -26.25
CA VAL B 778 -48.62 0.14 -25.12
C VAL B 778 -49.01 -1.32 -25.38
N PHE B 779 -50.18 -1.54 -25.99
CA PHE B 779 -50.63 -2.90 -26.29
C PHE B 779 -49.72 -3.59 -27.30
N LEU B 780 -49.39 -2.90 -28.39
CA LEU B 780 -48.51 -3.48 -29.41
C LEU B 780 -47.11 -3.71 -28.87
N SER B 781 -46.59 -2.77 -28.06
CA SER B 781 -45.27 -2.96 -27.49
C SER B 781 -45.23 -4.14 -26.53
N SER B 782 -46.32 -4.36 -25.80
CA SER B 782 -46.36 -5.50 -24.88
C SER B 782 -46.42 -6.82 -25.62
N ILE B 783 -47.18 -6.89 -26.72
CA ILE B 783 -47.25 -8.19 -27.41
C ILE B 783 -45.97 -8.47 -28.20
N PHE B 784 -45.31 -7.44 -28.76
CA PHE B 784 -44.00 -7.68 -29.36
C PHE B 784 -42.97 -8.04 -28.31
N GLY B 785 -43.11 -7.52 -27.08
CA GLY B 785 -42.23 -7.94 -26.01
C GLY B 785 -42.44 -9.39 -25.63
N TYR B 786 -43.69 -9.85 -25.65
CA TYR B 786 -43.96 -11.28 -25.46
C TYR B 786 -43.29 -12.13 -26.54
N CYS B 787 -43.39 -11.70 -27.80
CA CYS B 787 -42.81 -12.49 -28.88
C CYS B 787 -41.30 -12.53 -28.81
N LYS B 788 -40.67 -11.39 -28.46
CA LYS B 788 -39.22 -11.36 -28.28
C LYS B 788 -38.78 -12.20 -27.09
N GLU B 789 -39.57 -12.19 -26.00
CA GLU B 789 -39.22 -13.00 -24.84
C GLU B 789 -39.41 -14.49 -25.12
N ALA B 790 -40.41 -14.86 -25.91
CA ALA B 790 -40.60 -16.26 -26.27
C ALA B 790 -39.48 -16.72 -27.21
N GLY B 791 -39.03 -15.83 -28.11
CA GLY B 791 -37.87 -16.15 -28.92
C GLY B 791 -36.61 -16.35 -28.09
N GLN B 792 -36.43 -15.52 -27.05
CA GLN B 792 -35.30 -15.72 -26.16
C GLN B 792 -35.45 -16.99 -25.31
N ILE B 793 -36.68 -17.42 -25.04
CA ILE B 793 -36.90 -18.70 -24.38
C ILE B 793 -36.44 -19.84 -25.29
N PHE B 794 -36.96 -19.88 -26.51
CA PHE B 794 -36.63 -20.99 -27.40
C PHE B 794 -35.24 -20.88 -28.04
N GLN B 795 -34.51 -19.80 -27.78
CA GLN B 795 -33.11 -19.74 -28.18
C GLN B 795 -32.14 -19.96 -27.02
N GLN B 796 -32.49 -19.51 -25.80
CA GLN B 796 -31.55 -19.53 -24.69
C GLN B 796 -31.43 -20.92 -24.07
N LYS B 797 -32.48 -21.74 -24.16
CA LYS B 797 -32.50 -23.15 -23.74
C LYS B 797 -32.20 -23.30 -22.25
N ARG B 798 -33.12 -22.76 -21.45
CA ARG B 798 -33.22 -22.94 -19.99
C ARG B 798 -32.05 -22.35 -19.22
N ASN B 799 -31.27 -21.46 -19.83
CA ASN B 799 -30.29 -20.69 -19.09
C ASN B 799 -30.88 -19.40 -18.53
N TYR B 800 -32.13 -19.09 -18.85
CA TYR B 800 -32.75 -17.82 -18.53
C TYR B 800 -33.53 -17.83 -17.22
N PHE B 801 -33.47 -18.91 -16.45
CA PHE B 801 -34.29 -19.01 -15.24
C PHE B 801 -33.79 -18.08 -14.15
N MET B 802 -32.50 -18.13 -13.84
CA MET B 802 -31.91 -17.27 -12.83
C MET B 802 -31.41 -15.97 -13.45
N ASP B 803 -32.36 -15.20 -14.00
CA ASP B 803 -32.04 -13.96 -14.69
C ASP B 803 -33.09 -12.93 -14.30
N ILE B 804 -32.65 -11.76 -13.82
CA ILE B 804 -33.59 -10.81 -13.25
C ILE B 804 -34.33 -10.06 -14.36
N SER B 805 -33.66 -9.78 -15.49
CA SER B 805 -34.23 -8.91 -16.51
C SER B 805 -35.41 -9.56 -17.20
N ASN B 806 -35.39 -10.88 -17.32
CA ASN B 806 -36.52 -11.60 -17.87
C ASN B 806 -37.72 -11.50 -16.94
N VAL B 807 -37.50 -11.62 -15.63
CA VAL B 807 -38.59 -11.55 -14.66
C VAL B 807 -39.20 -10.15 -14.65
N LEU B 808 -38.36 -9.13 -14.69
CA LEU B 808 -38.84 -7.75 -14.77
C LEU B 808 -39.63 -7.51 -16.04
N GLU B 809 -39.18 -8.07 -17.15
CA GLU B 809 -39.93 -7.88 -18.38
C GLU B 809 -41.24 -8.65 -18.38
N TRP B 810 -41.30 -9.83 -17.76
CA TRP B 810 -42.58 -10.52 -17.63
C TRP B 810 -43.58 -9.68 -16.85
N ILE B 811 -43.14 -9.12 -15.72
CA ILE B 811 -44.02 -8.30 -14.90
C ILE B 811 -44.47 -7.06 -15.65
N ILE B 812 -43.54 -6.41 -16.37
CA ILE B 812 -43.86 -5.19 -17.11
C ILE B 812 -44.87 -5.46 -18.21
N TYR B 813 -44.64 -6.50 -19.02
CA TYR B 813 -45.52 -6.66 -20.17
C TYR B 813 -46.89 -7.21 -19.77
N THR B 814 -46.96 -8.14 -18.79
CA THR B 814 -48.25 -8.61 -18.32
C THR B 814 -49.05 -7.48 -17.69
N THR B 815 -48.40 -6.66 -16.87
CA THR B 815 -49.12 -5.63 -16.14
C THR B 815 -49.52 -4.49 -17.06
N GLY B 816 -48.72 -4.20 -18.08
CA GLY B 816 -49.10 -3.21 -19.06
C GLY B 816 -50.18 -3.69 -20.00
N ILE B 817 -50.27 -5.00 -20.23
CA ILE B 817 -51.44 -5.55 -20.91
C ILE B 817 -52.69 -5.30 -20.10
N ILE B 818 -52.65 -5.62 -18.80
CA ILE B 818 -53.86 -5.52 -17.98
C ILE B 818 -54.28 -4.06 -17.77
N PHE B 819 -53.33 -3.13 -17.81
CA PHE B 819 -53.68 -1.72 -17.68
C PHE B 819 -54.40 -1.18 -18.91
N VAL B 820 -54.28 -1.82 -20.06
CA VAL B 820 -54.77 -1.27 -21.31
C VAL B 820 -56.02 -1.99 -21.83
N LEU B 821 -56.24 -3.26 -21.46
CA LEU B 821 -57.36 -4.11 -21.87
C LEU B 821 -58.80 -3.59 -21.85
N PRO B 822 -59.20 -2.56 -21.08
CA PRO B 822 -60.53 -1.98 -21.28
C PRO B 822 -60.88 -1.48 -22.68
N LEU B 823 -59.94 -1.39 -23.62
CA LEU B 823 -60.38 -1.14 -24.98
C LEU B 823 -61.01 -2.39 -25.59
N PHE B 824 -60.50 -3.58 -25.25
CA PHE B 824 -61.18 -4.82 -25.62
C PHE B 824 -62.24 -5.23 -24.61
N VAL B 825 -61.83 -5.53 -23.38
CA VAL B 825 -62.66 -6.21 -22.39
C VAL B 825 -62.78 -5.33 -21.15
N GLU B 826 -64.00 -5.08 -20.72
CA GLU B 826 -64.26 -4.19 -19.60
C GLU B 826 -63.73 -4.76 -18.29
N ILE B 827 -62.97 -3.93 -17.56
CA ILE B 827 -62.29 -4.30 -16.33
C ILE B 827 -62.67 -3.26 -15.27
N PRO B 828 -62.86 -3.65 -14.00
CA PRO B 828 -63.08 -2.65 -12.95
C PRO B 828 -61.89 -1.73 -12.78
N ALA B 829 -62.17 -0.50 -12.36
CA ALA B 829 -61.16 0.54 -12.28
C ALA B 829 -60.12 0.25 -11.22
N HIS B 830 -60.50 -0.47 -10.17
CA HIS B 830 -59.59 -0.80 -9.08
C HIS B 830 -58.45 -1.70 -9.57
N LEU B 831 -58.80 -2.76 -10.30
CA LEU B 831 -57.80 -3.65 -10.86
C LEU B 831 -56.96 -2.94 -11.91
N GLN B 832 -57.58 -2.04 -12.68
CA GLN B 832 -56.88 -1.34 -13.74
C GLN B 832 -55.80 -0.41 -13.18
N TRP B 833 -56.15 0.38 -12.16
CA TRP B 833 -55.13 1.25 -11.60
C TRP B 833 -54.16 0.51 -10.69
N GLN B 834 -54.58 -0.60 -10.10
CA GLN B 834 -53.65 -1.44 -9.35
C GLN B 834 -52.59 -2.03 -10.27
N CYS B 835 -52.95 -2.33 -11.52
CA CYS B 835 -51.93 -2.75 -12.46
C CYS B 835 -51.13 -1.58 -12.99
N GLY B 836 -51.76 -0.42 -13.19
CA GLY B 836 -51.04 0.73 -13.70
C GLY B 836 -49.94 1.20 -12.77
N ALA B 837 -50.17 1.09 -11.46
CA ALA B 837 -49.16 1.49 -10.49
C ALA B 837 -47.92 0.61 -10.57
N ILE B 838 -48.13 -0.71 -10.62
CA ILE B 838 -47.03 -1.67 -10.69
C ILE B 838 -46.27 -1.50 -11.99
N ALA B 839 -46.99 -1.25 -13.08
CA ALA B 839 -46.33 -1.11 -14.37
C ALA B 839 -45.51 0.17 -14.43
N VAL B 840 -46.03 1.30 -13.92
CA VAL B 840 -45.26 2.55 -13.99
C VAL B 840 -44.09 2.52 -13.02
N TYR B 841 -44.19 1.75 -11.93
CA TYR B 841 -43.01 1.52 -11.10
C TYR B 841 -41.94 0.73 -11.86
N PHE B 842 -42.32 -0.43 -12.40
CA PHE B 842 -41.29 -1.31 -12.95
C PHE B 842 -40.75 -0.88 -14.31
N TYR B 843 -41.48 -0.09 -15.10
CA TYR B 843 -40.91 0.46 -16.33
C TYR B 843 -39.68 1.31 -16.05
N TRP B 844 -39.83 2.34 -15.21
CA TRP B 844 -38.69 3.19 -14.93
C TRP B 844 -37.66 2.51 -14.04
N MET B 845 -38.06 1.51 -13.27
CA MET B 845 -37.05 0.80 -12.50
C MET B 845 -36.22 -0.11 -13.39
N ASN B 846 -36.83 -0.67 -14.44
CA ASN B 846 -36.10 -1.49 -15.40
C ASN B 846 -35.23 -0.65 -16.30
N PHE B 847 -35.64 0.60 -16.55
CA PHE B 847 -34.91 1.44 -17.50
C PHE B 847 -33.54 1.87 -16.99
N LEU B 848 -33.20 1.60 -15.73
CA LEU B 848 -31.83 1.76 -15.28
C LEU B 848 -30.91 0.73 -15.89
N LEU B 849 -31.42 -0.45 -16.22
CA LEU B 849 -30.56 -1.51 -16.75
C LEU B 849 -30.07 -1.22 -18.16
N TYR B 850 -30.67 -0.28 -18.86
CA TYR B 850 -30.18 0.08 -20.18
C TYR B 850 -29.13 1.17 -20.14
N LEU B 851 -28.88 1.76 -18.98
CA LEU B 851 -27.79 2.69 -18.83
C LEU B 851 -26.46 2.00 -18.63
N GLN B 852 -26.45 0.69 -18.49
CA GLN B 852 -25.22 -0.03 -18.21
C GLN B 852 -24.34 -0.13 -19.44
N ARG B 853 -24.93 -0.01 -20.64
CA ARG B 853 -24.15 -0.13 -21.86
C ARG B 853 -23.36 1.14 -22.16
N PHE B 854 -23.82 2.29 -21.69
CA PHE B 854 -23.08 3.51 -21.93
C PHE B 854 -21.83 3.57 -21.06
N GLU B 855 -20.93 4.48 -21.41
CA GLU B 855 -19.65 4.51 -20.70
C GLU B 855 -19.70 5.34 -19.44
N ASN B 856 -20.55 6.37 -19.39
CA ASN B 856 -20.58 7.19 -18.18
C ASN B 856 -21.34 6.54 -17.04
N CYS B 857 -22.47 5.90 -17.34
CA CYS B 857 -23.39 5.46 -16.31
C CYS B 857 -23.19 4.03 -15.86
N GLY B 858 -22.39 3.24 -16.60
CA GLY B 858 -22.21 1.85 -16.26
C GLY B 858 -21.50 1.63 -14.96
N ILE B 859 -20.62 2.55 -14.57
CA ILE B 859 -19.92 2.41 -13.30
C ILE B 859 -20.87 2.68 -12.13
N PHE B 860 -21.84 3.58 -12.30
CA PHE B 860 -22.82 3.80 -11.24
C PHE B 860 -23.76 2.63 -11.13
N ILE B 861 -24.12 2.02 -12.27
CA ILE B 861 -25.01 0.87 -12.22
C ILE B 861 -24.31 -0.32 -11.59
N VAL B 862 -23.01 -0.50 -11.84
CA VAL B 862 -22.36 -1.64 -11.23
C VAL B 862 -22.06 -1.40 -9.74
N MET B 863 -21.81 -0.15 -9.33
CA MET B 863 -21.66 0.10 -7.89
C MET B 863 -22.97 -0.06 -7.16
N LEU B 864 -24.08 0.33 -7.78
CA LEU B 864 -25.40 0.16 -7.19
C LEU B 864 -25.74 -1.32 -7.08
N GLU B 865 -25.35 -2.11 -8.08
CA GLU B 865 -25.49 -3.57 -8.02
C GLU B 865 -24.73 -4.17 -6.86
N VAL B 866 -23.48 -3.75 -6.67
CA VAL B 866 -22.65 -4.32 -5.60
C VAL B 866 -23.21 -3.98 -4.23
N ILE B 867 -23.62 -2.72 -4.03
CA ILE B 867 -24.20 -2.31 -2.74
C ILE B 867 -25.51 -3.04 -2.48
N LEU B 868 -26.30 -3.25 -3.53
CA LEU B 868 -27.60 -3.87 -3.33
C LEU B 868 -27.47 -5.37 -3.03
N LYS B 869 -26.49 -6.04 -3.64
CA LYS B 869 -26.26 -7.45 -3.31
C LYS B 869 -25.69 -7.59 -1.90
N THR B 870 -24.81 -6.68 -1.50
CA THR B 870 -24.29 -6.69 -0.14
C THR B 870 -25.39 -6.45 0.88
N LEU B 871 -26.37 -5.62 0.52
CA LEU B 871 -27.51 -5.41 1.41
C LEU B 871 -28.43 -6.62 1.42
N LEU B 872 -28.50 -7.37 0.31
CA LEU B 872 -29.31 -8.58 0.31
C LEU B 872 -28.71 -9.69 1.15
N ARG B 873 -27.38 -9.76 1.23
CA ARG B 873 -26.77 -10.85 2.00
C ARG B 873 -27.02 -10.71 3.49
N SER B 874 -27.26 -9.49 3.96
CA SER B 874 -27.34 -9.20 5.38
C SER B 874 -28.77 -9.21 5.91
N THR B 875 -29.72 -9.76 5.16
CA THR B 875 -31.12 -9.53 5.49
C THR B 875 -31.62 -10.30 6.70
N VAL B 876 -30.98 -11.43 7.06
CA VAL B 876 -31.52 -12.21 8.16
C VAL B 876 -31.18 -11.55 9.50
N VAL B 877 -30.10 -10.76 9.55
CA VAL B 877 -29.80 -9.98 10.73
C VAL B 877 -30.84 -8.89 10.94
N PHE B 878 -31.26 -8.25 9.85
CA PHE B 878 -32.37 -7.30 9.89
C PHE B 878 -33.64 -7.97 10.38
N ILE B 879 -33.94 -9.17 9.88
CA ILE B 879 -35.17 -9.86 10.26
C ILE B 879 -35.19 -10.18 11.74
N PHE B 880 -34.08 -10.74 12.25
CA PHE B 880 -34.06 -11.13 13.67
C PHE B 880 -34.06 -9.92 14.59
N LEU B 881 -33.22 -8.93 14.29
CA LEU B 881 -33.08 -7.77 15.16
C LEU B 881 -34.36 -6.94 15.16
N LEU B 882 -34.92 -6.71 13.97
CA LEU B 882 -36.16 -5.98 13.83
C LEU B 882 -37.34 -6.71 14.43
N LEU B 883 -37.32 -8.04 14.41
CA LEU B 883 -38.44 -8.77 14.99
C LEU B 883 -38.38 -8.76 16.50
N ALA B 884 -37.16 -8.79 17.06
CA ALA B 884 -36.95 -8.61 18.49
C ALA B 884 -37.49 -7.27 18.98
N PHE B 885 -37.04 -6.18 18.36
CA PHE B 885 -37.50 -4.86 18.80
C PHE B 885 -38.97 -4.64 18.51
N GLY B 886 -39.51 -5.20 17.43
CA GLY B 886 -40.91 -5.01 17.13
C GLY B 886 -41.83 -5.71 18.10
N LEU B 887 -41.51 -6.94 18.46
CA LEU B 887 -42.36 -7.64 19.42
C LEU B 887 -42.19 -7.09 20.83
N SER B 888 -41.00 -6.59 21.17
CA SER B 888 -40.81 -5.93 22.45
C SER B 888 -41.64 -4.66 22.56
N PHE B 889 -41.64 -3.83 21.51
CA PHE B 889 -42.48 -2.63 21.55
C PHE B 889 -43.95 -2.95 21.47
N TYR B 890 -44.32 -4.06 20.84
CA TYR B 890 -45.71 -4.48 20.82
C TYR B 890 -46.21 -4.85 22.21
N ILE B 891 -45.36 -5.51 23.00
CA ILE B 891 -45.77 -5.81 24.37
C ILE B 891 -45.78 -4.56 25.24
N LEU B 892 -44.74 -3.71 25.08
CA LEU B 892 -44.61 -2.53 25.94
C LEU B 892 -45.65 -1.46 25.61
N LEU B 893 -45.70 -1.02 24.36
CA LEU B 893 -46.44 0.18 23.97
C LEU B 893 -47.78 -0.15 23.35
N ASN B 894 -48.49 -1.14 23.91
CA ASN B 894 -49.65 -1.71 23.25
C ASN B 894 -50.81 -0.75 23.13
N LEU B 895 -50.96 0.18 24.08
CA LEU B 895 -52.14 1.04 24.09
C LEU B 895 -52.09 2.14 23.05
N GLN B 896 -50.99 2.29 22.32
CA GLN B 896 -50.87 3.31 21.30
C GLN B 896 -51.25 2.75 19.94
N ASP B 897 -51.82 3.61 19.10
CA ASP B 897 -52.24 3.19 17.77
C ASP B 897 -51.15 2.72 16.81
N PRO B 898 -49.90 3.24 16.81
CA PRO B 898 -48.90 2.63 15.93
C PRO B 898 -48.44 1.25 16.35
N PHE B 899 -48.78 0.79 17.55
CA PHE B 899 -48.34 -0.50 18.03
C PHE B 899 -49.53 -1.38 18.38
N SER B 900 -50.63 -1.25 17.66
CA SER B 900 -51.83 -2.00 18.02
C SER B 900 -51.71 -3.46 17.61
N SER B 901 -51.23 -3.71 16.41
CA SER B 901 -51.01 -5.03 15.87
C SER B 901 -49.54 -5.40 15.98
N PRO B 902 -49.19 -6.68 15.93
CA PRO B 902 -47.76 -7.02 15.83
C PRO B 902 -47.16 -6.65 14.49
N LEU B 903 -47.93 -6.74 13.41
CA LEU B 903 -47.39 -6.40 12.10
C LEU B 903 -47.20 -4.90 11.96
N LEU B 904 -48.13 -4.11 12.49
CA LEU B 904 -47.95 -2.67 12.52
C LEU B 904 -46.78 -2.26 13.39
N SER B 905 -46.52 -3.01 14.47
CA SER B 905 -45.37 -2.72 15.31
C SER B 905 -44.07 -3.02 14.58
N ILE B 906 -44.05 -4.08 13.78
CA ILE B 906 -42.87 -4.40 13.00
C ILE B 906 -42.60 -3.34 11.93
N ILE B 907 -43.66 -2.88 11.25
CA ILE B 907 -43.51 -1.83 10.25
C ILE B 907 -43.10 -0.51 10.90
N GLN B 908 -43.59 -0.24 12.11
CA GLN B 908 -43.22 0.98 12.81
C GLN B 908 -41.76 0.97 13.22
N THR B 909 -41.24 -0.16 13.70
CA THR B 909 -39.81 -0.21 14.01
C THR B 909 -38.96 -0.13 12.76
N PHE B 910 -39.44 -0.69 11.65
CA PHE B 910 -38.71 -0.51 10.39
C PHE B 910 -38.69 0.95 9.96
N SER B 911 -39.74 1.71 10.26
CA SER B 911 -39.71 3.13 9.94
C SER B 911 -38.85 3.91 10.92
N MET B 912 -38.76 3.46 12.17
CA MET B 912 -37.91 4.09 13.16
C MET B 912 -36.43 3.81 12.94
N MET B 913 -36.11 2.85 12.06
CA MET B 913 -34.73 2.45 11.76
C MET B 913 -33.80 3.62 11.44
N LEU B 914 -34.26 4.58 10.65
CA LEU B 914 -33.36 5.64 10.22
C LEU B 914 -33.09 6.69 11.29
N GLY B 915 -33.96 6.83 12.27
CA GLY B 915 -33.72 7.82 13.29
C GLY B 915 -34.94 8.68 13.58
N ASP B 916 -36.07 8.32 12.99
CA ASP B 916 -37.33 9.02 13.23
C ASP B 916 -38.05 8.34 14.39
N ILE B 917 -37.52 8.58 15.59
CA ILE B 917 -37.88 7.79 16.75
C ILE B 917 -39.27 8.16 17.29
N ASN B 918 -39.63 9.45 17.14
CA ASN B 918 -40.88 10.04 17.70
C ASN B 918 -40.85 9.96 19.24
N TYR B 919 -39.81 10.52 19.87
CA TYR B 919 -39.63 10.45 21.32
C TYR B 919 -40.73 11.18 22.07
N ARG B 920 -41.02 12.43 21.68
CA ARG B 920 -42.02 13.23 22.39
C ARG B 920 -43.41 12.64 22.24
N GLU B 921 -43.74 12.12 21.06
CA GLU B 921 -45.12 11.68 20.83
C GLU B 921 -45.41 10.32 21.43
N SER B 922 -44.43 9.41 21.45
CA SER B 922 -44.70 8.04 21.86
C SER B 922 -44.14 7.66 23.21
N PHE B 923 -43.17 8.40 23.73
CA PHE B 923 -42.51 8.02 24.97
C PHE B 923 -42.67 9.05 26.08
N LEU B 924 -42.51 10.33 25.77
CA LEU B 924 -42.51 11.34 26.82
C LEU B 924 -43.92 11.71 27.26
N GLU B 925 -44.72 12.18 26.33
CA GLU B 925 -46.07 12.64 26.62
C GLU B 925 -47.02 11.53 27.11
N PRO B 926 -46.88 10.26 26.72
CA PRO B 926 -47.59 9.22 27.49
C PRO B 926 -47.05 9.04 28.90
N TYR B 927 -45.77 9.28 29.12
CA TYR B 927 -45.23 9.13 30.47
C TYR B 927 -45.73 10.23 31.40
N LEU B 928 -45.86 11.45 30.88
CA LEU B 928 -46.31 12.53 31.74
C LEU B 928 -47.80 12.46 32.03
N ARG B 929 -48.56 11.70 31.25
CA ARG B 929 -49.98 11.50 31.47
C ARG B 929 -50.29 10.19 32.16
N ASN B 930 -49.27 9.49 32.68
CA ASN B 930 -49.38 8.20 33.36
C ASN B 930 -50.05 7.15 32.48
N GLU B 931 -49.76 7.18 31.19
CA GLU B 931 -50.38 6.26 30.25
C GLU B 931 -49.42 5.17 29.78
N LEU B 932 -48.24 5.08 30.37
CA LEU B 932 -47.32 3.99 30.08
C LEU B 932 -47.43 2.94 31.17
N ALA B 933 -47.75 1.73 30.78
CA ALA B 933 -47.46 0.58 31.61
C ALA B 933 -46.01 0.21 31.38
N HIS B 934 -45.31 -0.10 32.46
CA HIS B 934 -43.88 -0.41 32.53
C HIS B 934 -43.05 0.74 31.99
N PRO B 935 -42.95 1.88 32.68
CA PRO B 935 -42.22 3.01 32.08
C PRO B 935 -40.71 2.85 32.08
N VAL B 936 -40.13 2.27 33.12
CA VAL B 936 -38.68 2.09 33.20
C VAL B 936 -38.20 1.14 32.12
N LEU B 937 -38.95 0.06 31.93
CA LEU B 937 -38.63 -0.93 30.91
C LEU B 937 -38.80 -0.32 29.52
N SER B 938 -39.74 0.60 29.38
CA SER B 938 -39.97 1.28 28.11
C SER B 938 -38.83 2.21 27.74
N PHE B 939 -38.36 3.04 28.70
CA PHE B 939 -37.22 3.90 28.41
C PHE B 939 -35.93 3.12 28.21
N ALA B 940 -35.76 2.00 28.91
CA ALA B 940 -34.61 1.15 28.67
C ALA B 940 -34.65 0.54 27.28
N GLN B 941 -35.84 0.16 26.82
CA GLN B 941 -35.99 -0.33 25.45
C GLN B 941 -35.70 0.78 24.44
N LEU B 942 -36.06 2.01 24.78
CA LEU B 942 -35.82 3.14 23.89
C LEU B 942 -34.33 3.41 23.72
N VAL B 943 -33.59 3.46 24.82
CA VAL B 943 -32.15 3.72 24.72
C VAL B 943 -31.43 2.53 24.08
N SER B 944 -31.91 1.30 24.31
CA SER B 944 -31.30 0.15 23.65
C SER B 944 -31.56 0.16 22.15
N PHE B 945 -32.77 0.55 21.74
CA PHE B 945 -33.05 0.66 20.31
C PHE B 945 -32.23 1.75 19.66
N THR B 946 -32.07 2.89 20.35
CA THR B 946 -31.31 3.99 19.77
C THR B 946 -29.85 3.62 19.62
N ILE B 947 -29.30 2.83 20.55
CA ILE B 947 -27.91 2.42 20.41
C ILE B 947 -27.75 1.37 19.32
N PHE B 948 -28.62 0.36 19.25
CA PHE B 948 -28.37 -0.72 18.31
C PHE B 948 -28.66 -0.35 16.86
N VAL B 949 -29.90 0.03 16.55
CA VAL B 949 -30.27 0.08 15.13
C VAL B 949 -29.79 1.34 14.42
N PRO B 950 -30.04 2.59 14.84
CA PRO B 950 -29.56 3.71 14.02
C PRO B 950 -28.09 4.02 14.18
N ILE B 951 -27.45 3.60 15.27
CA ILE B 951 -26.03 3.89 15.42
C ILE B 951 -25.22 2.75 14.84
N VAL B 952 -25.36 1.55 15.38
CA VAL B 952 -24.43 0.47 15.06
C VAL B 952 -24.72 -0.09 13.68
N LEU B 953 -25.97 -0.45 13.40
CA LEU B 953 -26.31 -1.16 12.18
C LEU B 953 -26.15 -0.26 10.95
N MET B 954 -26.50 1.01 11.09
CA MET B 954 -26.36 1.93 9.97
C MET B 954 -24.91 2.23 9.67
N ASN B 955 -24.07 2.35 10.70
CA ASN B 955 -22.65 2.53 10.47
C ASN B 955 -22.01 1.29 9.88
N LEU B 956 -22.54 0.11 10.21
CA LEU B 956 -22.07 -1.12 9.58
C LEU B 956 -22.37 -1.10 8.09
N LEU B 957 -23.58 -0.68 7.72
CA LEU B 957 -23.91 -0.58 6.30
C LEU B 957 -23.07 0.47 5.58
N ILE B 958 -22.76 1.58 6.26
CA ILE B 958 -21.93 2.61 5.65
C ILE B 958 -20.51 2.10 5.44
N GLY B 959 -19.95 1.39 6.41
CA GLY B 959 -18.60 0.85 6.25
C GLY B 959 -18.51 -0.19 5.16
N LEU B 960 -19.52 -1.05 5.05
CA LEU B 960 -19.56 -2.02 3.96
C LEU B 960 -19.69 -1.33 2.60
N ALA B 961 -20.48 -0.26 2.52
CA ALA B 961 -20.62 0.45 1.26
C ALA B 961 -19.33 1.14 0.84
N VAL B 962 -18.61 1.73 1.81
CA VAL B 962 -17.35 2.40 1.51
C VAL B 962 -16.31 1.40 1.02
N GLY B 963 -16.25 0.23 1.66
CA GLY B 963 -15.32 -0.80 1.22
C GLY B 963 -15.63 -1.33 -0.17
N ASP B 964 -16.92 -1.55 -0.46
CA ASP B 964 -17.28 -2.08 -1.76
C ASP B 964 -17.06 -1.08 -2.88
N ILE B 965 -17.35 0.21 -2.64
CA ILE B 965 -17.13 1.21 -3.66
C ILE B 965 -15.64 1.41 -3.92
N ALA B 966 -14.81 1.34 -2.88
CA ALA B 966 -13.36 1.39 -3.10
C ALA B 966 -12.87 0.20 -3.91
N GLU B 967 -13.44 -0.97 -3.65
CA GLU B 967 -13.07 -2.16 -4.37
C GLU B 967 -13.45 -2.05 -5.84
N VAL B 968 -14.61 -1.47 -6.14
CA VAL B 968 -15.04 -1.33 -7.53
C VAL B 968 -14.21 -0.27 -8.25
N GLN B 969 -13.97 0.87 -7.62
CA GLN B 969 -13.18 1.90 -8.28
C GLN B 969 -11.70 1.58 -8.35
N LYS B 970 -11.24 0.53 -7.69
CA LYS B 970 -9.89 0.06 -7.93
C LYS B 970 -9.69 -0.42 -9.37
N HIS B 971 -10.72 -1.03 -9.97
CA HIS B 971 -10.64 -1.63 -11.29
C HIS B 971 -11.64 -1.02 -12.25
N ALA B 972 -11.79 0.30 -12.26
CA ALA B 972 -12.84 0.91 -13.06
C ALA B 972 -12.44 1.04 -14.51
N SER B 973 -11.22 1.51 -14.76
CA SER B 973 -10.79 1.83 -16.12
C SER B 973 -10.64 0.59 -16.98
N LEU B 974 -10.36 -0.56 -16.38
CA LEU B 974 -10.39 -1.79 -17.13
C LEU B 974 -11.80 -2.29 -17.34
N LYS B 975 -12.68 -2.10 -16.36
CA LYS B 975 -14.03 -2.64 -16.41
C LYS B 975 -14.86 -1.94 -17.48
N ARG B 976 -14.61 -0.64 -17.71
CA ARG B 976 -15.33 0.09 -18.75
C ARG B 976 -15.06 -0.47 -20.13
N ILE B 977 -13.77 -0.64 -20.47
CA ILE B 977 -13.42 -1.10 -21.81
C ILE B 977 -13.73 -2.57 -21.93
N ALA B 978 -13.69 -3.32 -20.83
CA ALA B 978 -14.08 -4.71 -20.86
C ALA B 978 -15.56 -4.88 -21.15
N MET B 979 -16.40 -4.02 -20.58
CA MET B 979 -17.83 -4.08 -20.90
C MET B 979 -18.10 -3.69 -22.34
N GLN B 980 -17.37 -2.71 -22.87
CA GLN B 980 -17.55 -2.34 -24.27
C GLN B 980 -17.13 -3.45 -25.22
N VAL B 981 -15.99 -4.08 -24.97
CA VAL B 981 -15.52 -5.11 -25.89
C VAL B 981 -16.35 -6.38 -25.74
N GLU B 982 -16.90 -6.64 -24.54
CA GLU B 982 -17.79 -7.78 -24.38
C GLU B 982 -19.11 -7.54 -25.11
N LEU B 983 -19.59 -6.29 -25.08
CA LEU B 983 -20.80 -5.93 -25.81
C LEU B 983 -20.63 -6.14 -27.31
N HIS B 984 -19.50 -5.69 -27.86
CA HIS B 984 -19.30 -5.84 -29.30
C HIS B 984 -19.03 -7.29 -29.70
N THR B 985 -18.26 -8.04 -28.89
CA THR B 985 -17.98 -9.41 -29.26
C THR B 985 -19.18 -10.31 -29.02
N SER B 986 -20.15 -9.88 -28.22
CA SER B 986 -21.39 -10.64 -28.13
C SER B 986 -22.34 -10.28 -29.24
N LEU B 987 -22.33 -9.02 -29.67
CA LEU B 987 -23.26 -8.59 -30.70
C LEU B 987 -22.84 -9.08 -32.07
N GLU B 988 -21.55 -9.28 -32.29
CA GLU B 988 -21.07 -9.64 -33.62
C GLU B 988 -21.34 -11.10 -33.95
N LYS B 989 -21.54 -11.96 -32.94
CA LYS B 989 -21.78 -13.38 -33.21
C LYS B 989 -23.15 -13.65 -33.79
N LYS B 990 -24.07 -12.68 -33.74
CA LYS B 990 -25.44 -12.90 -34.20
C LYS B 990 -25.73 -12.23 -35.55
N LEU B 991 -24.90 -11.32 -36.00
CA LEU B 991 -25.18 -10.64 -37.26
C LEU B 991 -24.75 -11.52 -38.43
N PRO B 992 -25.39 -11.38 -39.59
CA PRO B 992 -24.99 -12.19 -40.74
C PRO B 992 -23.68 -11.72 -41.34
N LEU B 993 -23.01 -12.65 -42.02
CA LEU B 993 -21.62 -12.47 -42.42
C LEU B 993 -21.46 -11.50 -43.58
N TRP B 994 -22.45 -11.43 -44.48
CA TRP B 994 -22.39 -10.46 -45.56
C TRP B 994 -22.49 -9.04 -45.03
N PHE B 995 -23.24 -8.84 -43.95
CA PHE B 995 -23.31 -7.54 -43.31
C PHE B 995 -21.98 -7.19 -42.66
N LEU B 996 -21.30 -8.19 -42.10
CA LEU B 996 -19.97 -7.98 -41.53
C LEU B 996 -18.96 -7.59 -42.60
N ARG B 997 -19.00 -8.25 -43.75
CA ARG B 997 -18.12 -7.89 -44.85
C ARG B 997 -18.47 -6.51 -45.41
N LYS B 998 -19.74 -6.14 -45.37
CA LYS B 998 -20.16 -4.84 -45.88
C LYS B 998 -19.70 -3.71 -44.96
N VAL B 999 -19.76 -3.92 -43.64
CA VAL B 999 -19.64 -2.79 -42.72
C VAL B 999 -18.21 -2.59 -42.19
N ASP B 1000 -17.35 -3.61 -42.22
CA ASP B 1000 -16.06 -3.45 -41.57
C ASP B 1000 -15.10 -2.65 -42.43
N GLN B 1001 -14.01 -2.21 -41.81
CA GLN B 1001 -12.98 -1.41 -42.44
C GLN B 1001 -11.62 -1.86 -41.92
N LYS B 1002 -10.63 -1.87 -42.81
CA LYS B 1002 -9.28 -2.25 -42.42
C LYS B 1002 -8.46 -1.07 -41.94
N SER B 1003 -8.76 0.14 -42.40
CA SER B 1003 -7.99 1.31 -42.03
C SER B 1003 -8.93 2.48 -41.80
N THR B 1004 -8.51 3.37 -40.92
CA THR B 1004 -9.24 4.61 -40.66
C THR B 1004 -8.29 5.80 -40.78
N ILE B 1005 -8.79 6.89 -41.32
CA ILE B 1005 -8.01 8.11 -41.51
C ILE B 1005 -8.64 9.20 -40.65
N VAL B 1006 -7.85 9.78 -39.76
CA VAL B 1006 -8.34 10.73 -38.77
C VAL B 1006 -7.70 12.09 -39.03
N TYR B 1007 -8.53 13.12 -39.13
CA TYR B 1007 -8.08 14.49 -39.26
C TYR B 1007 -8.30 15.20 -37.93
N PRO B 1008 -7.24 15.57 -37.20
CA PRO B 1008 -7.46 16.30 -35.94
C PRO B 1008 -8.01 17.71 -36.12
N ASN B 1009 -7.80 18.32 -37.29
CA ASN B 1009 -8.34 19.65 -37.53
C ASN B 1009 -9.83 19.62 -37.87
N LYS B 1010 -10.31 18.53 -38.44
CA LYS B 1010 -11.69 18.44 -38.89
C LYS B 1010 -12.52 17.65 -37.89
N PRO B 1011 -13.66 18.16 -37.43
CA PRO B 1011 -14.52 17.40 -36.52
C PRO B 1011 -15.21 16.26 -37.24
N ARG B 1012 -15.77 15.35 -36.44
CA ARG B 1012 -16.48 14.20 -36.97
C ARG B 1012 -17.82 14.63 -37.55
N SER B 1013 -18.39 13.75 -38.38
CA SER B 1013 -19.64 14.05 -39.07
C SER B 1013 -20.82 14.00 -38.08
N GLY B 1014 -21.86 14.77 -38.41
CA GLY B 1014 -23.00 14.91 -37.53
C GLY B 1014 -22.69 15.79 -36.33
N GLY B 1015 -22.25 17.03 -36.59
CA GLY B 1015 -21.81 17.89 -35.52
C GLY B 1015 -22.93 18.45 -34.66
N MET B 1016 -24.18 18.39 -35.14
CA MET B 1016 -25.27 19.02 -34.42
C MET B 1016 -25.71 18.20 -33.21
N LEU B 1017 -26.23 17.01 -33.44
CA LEU B 1017 -26.81 16.19 -32.37
C LEU B 1017 -25.87 15.09 -31.88
N PHE B 1018 -25.16 14.44 -32.81
CA PHE B 1018 -24.29 13.33 -32.46
C PHE B 1018 -23.11 13.77 -31.60
N HIS B 1019 -22.63 15.01 -31.80
CA HIS B 1019 -21.55 15.52 -30.97
C HIS B 1019 -22.00 15.76 -29.53
N ILE B 1020 -23.21 16.28 -29.35
CA ILE B 1020 -23.75 16.48 -28.01
C ILE B 1020 -24.05 15.13 -27.35
N PHE B 1021 -24.50 14.16 -28.15
CA PHE B 1021 -24.73 12.81 -27.64
C PHE B 1021 -23.43 12.16 -27.18
N CYS B 1022 -22.36 12.31 -27.96
CA CYS B 1022 -21.08 11.72 -27.60
C CYS B 1022 -20.43 12.47 -26.44
N PHE B 1023 -20.78 13.74 -26.25
CA PHE B 1023 -20.32 14.44 -25.05
C PHE B 1023 -21.07 13.98 -23.81
N LEU B 1024 -22.39 13.78 -23.91
CA LEU B 1024 -23.18 13.46 -22.73
C LEU B 1024 -23.00 12.02 -22.30
N PHE B 1025 -23.06 11.08 -23.24
CA PHE B 1025 -23.15 9.67 -22.87
C PHE B 1025 -21.82 8.93 -22.96
N CYS B 1026 -21.09 9.06 -24.07
CA CYS B 1026 -19.74 8.56 -24.11
C CYS B 1026 -18.80 9.61 -23.51
N THR B 1027 -17.52 9.27 -23.42
CA THR B 1027 -16.54 10.14 -22.76
C THR B 1027 -16.20 11.35 -23.61
N SER B 1040 4.05 -1.62 -10.31
CA SER B 1040 5.06 -1.91 -11.32
C SER B 1040 6.33 -2.44 -10.68
N LEU B 1041 6.32 -2.59 -9.36
CA LEU B 1041 7.50 -3.09 -8.67
C LEU B 1041 7.70 -4.57 -8.89
N GLU B 1042 6.62 -5.31 -9.17
CA GLU B 1042 6.71 -6.75 -9.30
C GLU B 1042 7.48 -7.16 -10.55
N MET B 1043 7.19 -6.52 -11.68
CA MET B 1043 7.95 -6.80 -12.90
C MET B 1043 9.39 -6.33 -12.79
N GLU B 1044 9.64 -5.28 -12.01
CA GLU B 1044 11.01 -4.79 -11.83
C GLU B 1044 11.83 -5.78 -11.01
N ILE B 1045 11.26 -6.30 -9.92
CA ILE B 1045 11.98 -7.27 -9.11
C ILE B 1045 12.08 -8.61 -9.85
N LEU B 1046 11.15 -8.90 -10.75
CA LEU B 1046 11.25 -10.11 -11.56
C LEU B 1046 12.39 -10.01 -12.57
N LYS B 1047 12.55 -8.84 -13.19
CA LYS B 1047 13.69 -8.60 -14.07
C LYS B 1047 15.01 -8.64 -13.30
N GLN B 1048 15.00 -8.11 -12.08
CA GLN B 1048 16.12 -8.21 -11.15
C GLN B 1048 16.51 -9.66 -10.90
N LYS B 1049 15.53 -10.52 -10.68
CA LYS B 1049 15.79 -11.92 -10.38
C LYS B 1049 16.35 -12.65 -11.59
N TYR B 1050 15.84 -12.33 -12.79
CA TYR B 1050 16.39 -12.95 -14.00
C TYR B 1050 17.84 -12.55 -14.23
N ARG B 1051 18.15 -11.27 -14.00
CA ARG B 1051 19.51 -10.80 -14.20
C ARG B 1051 20.46 -11.43 -13.18
N LEU B 1052 19.99 -11.61 -11.94
CA LEU B 1052 20.84 -12.22 -10.93
C LEU B 1052 21.07 -13.71 -11.20
N LYS B 1053 20.08 -14.39 -11.76
CA LYS B 1053 20.26 -15.80 -12.10
C LYS B 1053 21.25 -15.99 -13.24
N ASP B 1054 21.19 -15.10 -14.25
CA ASP B 1054 22.19 -15.14 -15.32
C ASP B 1054 23.58 -14.85 -14.78
N LEU B 1055 23.66 -13.94 -13.80
CA LEU B 1055 24.93 -13.59 -13.18
C LEU B 1055 25.56 -14.77 -12.45
N THR B 1056 24.75 -15.51 -11.68
CA THR B 1056 25.33 -16.62 -10.93
C THR B 1056 25.68 -17.81 -11.84
N PHE B 1057 24.98 -17.97 -12.97
CA PHE B 1057 25.37 -19.01 -13.91
C PHE B 1057 26.74 -18.70 -14.54
N LEU B 1058 26.95 -17.45 -14.94
CA LEU B 1058 28.23 -17.07 -15.52
C LEU B 1058 29.36 -17.19 -14.51
N LEU B 1059 29.08 -16.85 -13.25
CA LEU B 1059 30.12 -16.95 -12.23
C LEU B 1059 30.50 -18.39 -11.94
N GLU B 1060 29.54 -19.31 -12.04
CA GLU B 1060 29.86 -20.73 -11.88
C GLU B 1060 30.77 -21.24 -13.00
N LYS B 1061 30.47 -20.86 -14.25
CA LYS B 1061 31.35 -21.24 -15.36
C LYS B 1061 32.76 -20.70 -15.19
N GLN B 1062 32.87 -19.47 -14.71
CA GLN B 1062 34.18 -18.85 -14.50
C GLN B 1062 34.96 -19.55 -13.40
N HIS B 1063 34.28 -19.96 -12.33
CA HIS B 1063 34.94 -20.69 -11.25
C HIS B 1063 35.48 -22.03 -11.72
N GLU B 1064 34.73 -22.69 -12.61
CA GLU B 1064 35.22 -23.94 -13.20
C GLU B 1064 36.47 -23.72 -14.04
N LEU B 1065 36.51 -22.61 -14.80
CA LEU B 1065 37.71 -22.31 -15.59
C LEU B 1065 38.91 -22.03 -14.71
N ILE B 1066 38.72 -21.37 -13.57
CA ILE B 1066 39.86 -21.07 -12.70
C ILE B 1066 40.41 -22.34 -12.06
N LYS B 1067 39.53 -23.26 -11.67
CA LYS B 1067 40.02 -24.56 -11.18
C LYS B 1067 40.74 -25.33 -12.26
N LEU B 1068 40.33 -25.20 -13.52
CA LEU B 1068 41.05 -25.81 -14.62
C LEU B 1068 42.43 -25.19 -14.80
N ILE B 1069 42.55 -23.88 -14.58
CA ILE B 1069 43.85 -23.21 -14.66
C ILE B 1069 44.81 -23.79 -13.64
N ILE B 1070 44.35 -23.91 -12.38
CA ILE B 1070 45.23 -24.45 -11.34
C ILE B 1070 45.54 -25.92 -11.59
N GLN B 1071 44.63 -26.65 -12.21
CA GLN B 1071 44.90 -28.05 -12.53
C GLN B 1071 45.97 -28.19 -13.60
N LYS B 1072 46.00 -27.29 -14.58
CA LYS B 1072 46.96 -27.40 -15.66
C LYS B 1072 48.18 -26.51 -15.52
N MET B 1073 48.29 -25.74 -14.43
CA MET B 1073 49.34 -24.74 -14.28
C MET B 1073 50.69 -25.42 -14.07
N GLU B 1074 51.75 -24.76 -14.50
CA GLU B 1074 53.11 -25.26 -14.35
C GLU B 1074 53.78 -24.56 -13.18
N ILE B 1075 54.15 -25.32 -12.16
CA ILE B 1075 54.77 -24.78 -10.96
C ILE B 1075 56.21 -25.25 -10.90
N ILE B 1076 57.13 -24.32 -11.12
CA ILE B 1076 58.56 -24.53 -10.95
C ILE B 1076 59.04 -23.43 -10.03
N SER B 1077 59.94 -23.78 -9.10
CA SER B 1077 60.56 -22.87 -8.13
C SER B 1077 59.54 -22.26 -7.18
N GLU B 1078 58.42 -22.95 -6.97
CA GLU B 1078 57.49 -22.62 -5.90
C GLU B 1078 57.00 -23.84 -5.16
N THR B 1079 57.52 -25.02 -5.47
CA THR B 1079 57.07 -26.26 -4.85
C THR B 1079 57.60 -26.38 -3.43
N GLU B 1080 57.03 -27.33 -2.70
CA GLU B 1080 57.41 -27.70 -1.33
C GLU B 1080 57.35 -26.53 -0.35
N LYS C 447 67.38 -4.36 -6.15
CA LYS C 447 66.80 -5.63 -5.75
C LYS C 447 65.68 -5.43 -4.73
N LYS C 448 65.38 -4.17 -4.45
CA LYS C 448 64.33 -3.85 -3.48
C LYS C 448 62.94 -4.12 -4.05
N SER C 449 62.74 -3.77 -5.32
CA SER C 449 61.48 -4.00 -6.01
C SER C 449 61.13 -5.49 -6.19
N PRO C 450 62.07 -6.41 -6.48
CA PRO C 450 61.69 -7.83 -6.40
C PRO C 450 61.31 -8.29 -5.00
N LEU C 451 61.91 -7.76 -3.95
CA LEU C 451 61.52 -8.16 -2.61
C LEU C 451 60.15 -7.61 -2.26
N HIS C 452 59.85 -6.39 -2.70
CA HIS C 452 58.51 -5.83 -2.48
C HIS C 452 57.45 -6.61 -3.23
N PHE C 453 57.75 -7.03 -4.47
CA PHE C 453 56.78 -7.82 -5.21
C PHE C 453 56.62 -9.21 -4.62
N ALA C 454 57.71 -9.81 -4.15
CA ALA C 454 57.63 -11.16 -3.62
C ALA C 454 56.98 -11.20 -2.26
N ALA C 455 57.12 -10.15 -1.47
CA ALA C 455 56.45 -10.08 -0.18
C ALA C 455 55.03 -9.59 -0.28
N SER C 456 54.71 -8.82 -1.31
CA SER C 456 53.35 -8.33 -1.47
C SER C 456 52.39 -9.38 -1.99
N TYR C 457 52.87 -10.56 -2.41
CA TYR C 457 52.00 -11.58 -2.97
C TYR C 457 52.29 -12.96 -2.40
N GLY C 458 53.01 -13.04 -1.30
CA GLY C 458 53.13 -14.29 -0.58
C GLY C 458 54.06 -15.30 -1.19
N ARG C 459 55.00 -14.87 -2.02
CA ARG C 459 56.00 -15.78 -2.59
C ARG C 459 57.05 -16.06 -1.54
N ILE C 460 56.93 -17.20 -0.85
CA ILE C 460 57.80 -17.46 0.28
C ILE C 460 59.18 -17.93 -0.17
N ASN C 461 59.26 -18.67 -1.28
CA ASN C 461 60.56 -19.19 -1.72
C ASN C 461 61.42 -18.09 -2.32
N THR C 462 60.80 -17.16 -3.04
CA THR C 462 61.53 -16.01 -3.56
C THR C 462 62.03 -15.12 -2.43
N CYS C 463 61.24 -14.99 -1.36
CA CYS C 463 61.70 -14.22 -0.20
C CYS C 463 62.80 -14.95 0.55
N GLN C 464 62.81 -16.29 0.55
CA GLN C 464 63.92 -17.00 1.16
C GLN C 464 65.19 -16.86 0.34
N ARG C 465 65.06 -16.84 -0.99
CA ARG C 465 66.25 -16.71 -1.82
C ARG C 465 66.79 -15.29 -1.81
N LEU C 466 65.93 -14.28 -1.67
CA LEU C 466 66.40 -12.91 -1.58
C LEU C 466 67.06 -12.63 -0.24
N LEU C 467 66.65 -13.32 0.82
CA LEU C 467 67.12 -13.05 2.17
C LEU C 467 68.11 -14.11 2.64
N GLN C 468 68.99 -14.56 1.74
CA GLN C 468 70.02 -15.49 2.16
C GLN C 468 71.23 -14.74 2.72
N ASP C 469 71.58 -13.61 2.12
CA ASP C 469 72.67 -12.78 2.63
C ASP C 469 72.16 -12.02 3.85
N ILE C 470 72.65 -12.40 5.03
CA ILE C 470 72.18 -11.84 6.29
C ILE C 470 73.08 -10.70 6.73
N SER C 471 73.89 -10.19 5.80
CA SER C 471 74.84 -9.14 6.14
C SER C 471 74.17 -7.78 6.22
N ASP C 472 73.61 -7.31 5.11
CA ASP C 472 73.03 -5.97 5.03
C ASP C 472 71.55 -6.04 5.31
N THR C 473 71.13 -5.39 6.40
CA THR C 473 69.72 -5.28 6.75
C THR C 473 69.10 -3.97 6.28
N ARG C 474 69.87 -3.14 5.57
CA ARG C 474 69.31 -1.92 5.00
C ARG C 474 68.36 -2.22 3.86
N LEU C 475 68.51 -3.37 3.21
CA LEU C 475 67.57 -3.78 2.18
C LEU C 475 66.33 -4.42 2.77
N LEU C 476 66.44 -5.00 3.96
CA LEU C 476 65.31 -5.64 4.59
C LEU C 476 64.28 -4.64 5.12
N ASN C 477 64.78 -3.62 5.79
CA ASN C 477 63.93 -2.58 6.39
C ASN C 477 63.84 -1.34 5.51
N GLU C 478 64.02 -1.49 4.21
CA GLU C 478 63.99 -0.34 3.31
C GLU C 478 62.57 0.17 3.12
N GLY C 479 62.47 1.37 2.56
CA GLY C 479 61.18 2.01 2.38
C GLY C 479 60.61 1.74 1.00
N ASP C 480 59.43 2.30 0.78
CA ASP C 480 58.72 2.22 -0.49
C ASP C 480 58.46 3.65 -0.97
N LEU C 481 57.78 3.76 -2.11
CA LEU C 481 57.29 5.07 -2.54
C LEU C 481 56.29 5.63 -1.55
N HIS C 482 55.42 4.79 -1.01
CA HIS C 482 54.52 5.17 0.06
C HIS C 482 55.06 4.80 1.43
N GLY C 483 56.35 4.50 1.54
CA GLY C 483 56.97 4.33 2.84
C GLY C 483 56.60 3.06 3.56
N MET C 484 56.37 1.97 2.84
CA MET C 484 55.99 0.69 3.43
C MET C 484 57.16 -0.28 3.34
N THR C 485 57.51 -0.88 4.48
CA THR C 485 58.47 -1.96 4.49
C THR C 485 57.87 -3.22 3.86
N PRO C 486 58.68 -4.21 3.50
CA PRO C 486 58.12 -5.52 3.14
C PRO C 486 57.32 -6.18 4.24
N LEU C 487 57.58 -5.83 5.50
CA LEU C 487 56.73 -6.26 6.61
C LEU C 487 55.32 -5.72 6.43
N HIS C 488 55.19 -4.45 6.03
CA HIS C 488 53.88 -3.85 5.81
C HIS C 488 53.16 -4.48 4.63
N LEU C 489 53.89 -4.76 3.53
CA LEU C 489 53.26 -5.39 2.38
C LEU C 489 52.82 -6.81 2.68
N ALA C 490 53.64 -7.55 3.43
CA ALA C 490 53.28 -8.92 3.76
C ALA C 490 52.13 -8.96 4.76
N ALA C 491 51.99 -7.94 5.60
CA ALA C 491 50.87 -7.92 6.52
C ALA C 491 49.60 -7.37 5.90
N LYS C 492 49.72 -6.54 4.87
CA LYS C 492 48.53 -5.95 4.24
C LYS C 492 47.70 -6.99 3.53
N ASN C 493 48.33 -7.86 2.75
CA ASN C 493 47.61 -8.88 2.02
C ASN C 493 47.39 -10.15 2.82
N GLY C 494 47.92 -10.22 4.03
CA GLY C 494 47.58 -11.30 4.92
C GLY C 494 48.30 -12.59 4.67
N HIS C 495 49.63 -12.53 4.52
CA HIS C 495 50.44 -13.72 4.36
C HIS C 495 51.21 -13.94 5.65
N ASP C 496 50.76 -14.94 6.42
CA ASP C 496 51.31 -15.16 7.75
C ASP C 496 52.69 -15.78 7.72
N LYS C 497 52.96 -16.67 6.77
CA LYS C 497 54.27 -17.31 6.76
C LYS C 497 55.36 -16.38 6.27
N VAL C 498 55.02 -15.46 5.37
CA VAL C 498 56.00 -14.48 4.91
C VAL C 498 56.34 -13.51 6.03
N VAL C 499 55.34 -13.05 6.78
CA VAL C 499 55.62 -12.10 7.85
C VAL C 499 56.29 -12.81 9.02
N GLN C 500 56.02 -14.10 9.21
CA GLN C 500 56.73 -14.87 10.22
C GLN C 500 58.20 -15.06 9.82
N LEU C 501 58.46 -15.24 8.52
CA LEU C 501 59.83 -15.35 8.04
C LEU C 501 60.57 -14.03 8.18
N LEU C 502 59.91 -12.91 7.88
CA LEU C 502 60.56 -11.61 8.04
C LEU C 502 60.78 -11.25 9.50
N LEU C 503 59.96 -11.76 10.41
CA LEU C 503 60.24 -11.54 11.82
C LEU C 503 61.34 -12.47 12.33
N LYS C 504 61.43 -13.68 11.77
CA LYS C 504 62.49 -14.58 12.17
C LYS C 504 63.85 -14.10 11.68
N LYS C 505 63.90 -13.54 10.47
CA LYS C 505 65.15 -12.96 9.99
C LYS C 505 65.46 -11.63 10.65
N GLY C 506 64.50 -10.99 11.29
CA GLY C 506 64.76 -9.76 12.00
C GLY C 506 64.34 -8.55 11.21
N ALA C 507 63.19 -7.98 11.56
CA ALA C 507 62.68 -6.77 10.94
C ALA C 507 62.18 -5.85 12.03
N LEU C 508 62.10 -4.57 11.70
CA LEU C 508 61.75 -3.53 12.66
C LEU C 508 60.36 -3.00 12.36
N PHE C 509 59.53 -2.90 13.39
CA PHE C 509 58.16 -2.42 13.25
C PHE C 509 58.17 -0.92 13.00
N LEU C 510 58.46 -0.55 11.75
CA LEU C 510 58.47 0.86 11.41
C LEU C 510 57.06 1.36 11.17
N SER C 511 56.95 2.62 10.79
CA SER C 511 55.67 3.26 10.58
C SER C 511 55.52 3.70 9.14
N ASP C 512 54.27 3.76 8.70
CA ASP C 512 53.92 4.28 7.39
C ASP C 512 54.07 5.80 7.39
N HIS C 513 53.95 6.42 6.20
CA HIS C 513 53.85 7.86 6.15
C HIS C 513 52.58 8.38 6.80
N ASN C 514 51.52 7.57 6.85
CA ASN C 514 50.31 7.93 7.58
C ASN C 514 50.25 7.26 8.93
N GLY C 515 51.40 6.89 9.50
CA GLY C 515 51.48 6.42 10.87
C GLY C 515 51.02 5.00 11.11
N TRP C 516 50.63 4.28 10.07
CA TRP C 516 50.15 2.91 10.20
C TRP C 516 51.29 1.98 10.62
N THR C 517 50.93 0.80 11.08
CA THR C 517 51.90 -0.23 11.40
C THR C 517 51.47 -1.49 10.66
N ALA C 518 52.26 -2.56 10.77
CA ALA C 518 51.87 -3.84 10.20
C ALA C 518 50.60 -4.36 10.84
N LEU C 519 50.42 -4.13 12.13
CA LEU C 519 49.20 -4.57 12.81
C LEU C 519 48.00 -3.74 12.36
N HIS C 520 48.23 -2.47 12.04
CA HIS C 520 47.16 -1.64 11.48
C HIS C 520 46.70 -2.14 10.13
N HIS C 521 47.63 -2.59 9.28
CA HIS C 521 47.24 -3.13 7.98
C HIS C 521 46.57 -4.49 8.13
N ALA C 522 47.06 -5.32 9.04
CA ALA C 522 46.46 -6.63 9.27
C ALA C 522 45.07 -6.51 9.85
N SER C 523 44.79 -5.45 10.61
CA SER C 523 43.46 -5.24 11.15
C SER C 523 42.56 -4.50 10.18
N MET C 524 43.12 -3.67 9.30
CA MET C 524 42.34 -3.09 8.21
C MET C 524 41.85 -4.18 7.28
N GLY C 525 42.68 -5.20 7.05
CA GLY C 525 42.25 -6.31 6.21
C GLY C 525 41.39 -7.32 6.93
N GLY C 526 41.64 -7.54 8.21
CA GLY C 526 40.90 -8.53 8.96
C GLY C 526 41.50 -9.91 8.95
N TYR C 527 42.81 -10.00 8.77
CA TYR C 527 43.49 -11.29 8.70
C TYR C 527 43.95 -11.66 10.09
N THR C 528 43.35 -12.69 10.67
CA THR C 528 43.65 -13.05 12.05
C THR C 528 44.99 -13.76 12.20
N GLN C 529 45.53 -14.33 11.13
CA GLN C 529 46.75 -15.12 11.26
C GLN C 529 47.98 -14.24 11.41
N THR C 530 48.13 -13.25 10.52
CA THR C 530 49.23 -12.30 10.64
C THR C 530 49.10 -11.49 11.92
N MET C 531 47.86 -11.17 12.29
CA MET C 531 47.58 -10.49 13.55
C MET C 531 48.03 -11.31 14.74
N LYS C 532 47.74 -12.62 14.71
CA LYS C 532 48.13 -13.50 15.80
C LYS C 532 49.64 -13.65 15.88
N VAL C 533 50.31 -13.66 14.74
CA VAL C 533 51.77 -13.76 14.72
C VAL C 533 52.42 -12.50 15.30
N ILE C 534 51.95 -11.32 14.87
CA ILE C 534 52.47 -10.06 15.37
C ILE C 534 52.20 -9.91 16.87
N LEU C 535 51.04 -10.38 17.32
CA LEU C 535 50.76 -10.33 18.75
C LEU C 535 51.56 -11.34 19.55
N ASP C 536 51.88 -12.50 18.97
CA ASP C 536 52.68 -13.47 19.70
C ASP C 536 54.15 -13.11 19.76
N THR C 537 54.64 -12.26 18.85
CA THR C 537 56.01 -11.79 19.01
C THR C 537 56.11 -10.75 20.12
N ASN C 538 55.44 -9.62 19.95
CA ASN C 538 55.51 -8.51 20.89
C ASN C 538 54.12 -8.13 21.37
N LEU C 539 54.08 -7.50 22.54
CA LEU C 539 52.86 -6.93 23.07
C LEU C 539 52.89 -5.41 23.15
N LYS C 540 54.05 -4.80 22.97
CA LYS C 540 54.20 -3.36 23.05
C LYS C 540 53.84 -2.64 21.75
N CYS C 541 53.25 -3.35 20.79
CA CYS C 541 52.85 -2.77 19.52
C CYS C 541 51.34 -2.65 19.39
N THR C 542 50.58 -3.21 20.35
CA THR C 542 49.12 -3.21 20.26
C THR C 542 48.55 -1.82 20.40
N ASP C 543 48.77 -1.18 21.54
CA ASP C 543 48.28 0.17 21.78
C ASP C 543 49.23 1.13 21.07
N ARG C 544 49.02 1.32 19.78
CA ARG C 544 49.86 2.18 18.98
C ARG C 544 48.98 3.09 18.15
N LEU C 545 49.32 4.37 18.09
CA LEU C 545 48.49 5.37 17.46
C LEU C 545 49.01 5.68 16.06
N ASP C 546 48.09 5.99 15.17
CA ASP C 546 48.46 6.49 13.86
C ASP C 546 48.51 8.01 13.90
N GLU C 547 48.54 8.65 12.73
CA GLU C 547 48.52 10.10 12.68
C GLU C 547 47.16 10.68 13.03
N ASP C 548 46.11 9.85 13.02
CA ASP C 548 44.76 10.32 13.30
C ASP C 548 44.27 9.80 14.65
N GLY C 549 45.13 9.19 15.44
CA GLY C 549 44.76 8.73 16.75
C GLY C 549 44.09 7.38 16.81
N ASN C 550 43.80 6.76 15.67
CA ASN C 550 43.17 5.46 15.67
C ASN C 550 44.15 4.37 16.07
N THR C 551 43.65 3.37 16.76
CA THR C 551 44.43 2.17 17.03
C THR C 551 44.03 1.10 16.02
N ALA C 552 44.60 -0.10 16.19
CA ALA C 552 44.25 -1.21 15.32
C ALA C 552 42.84 -1.69 15.57
N LEU C 553 42.36 -1.58 16.81
CA LEU C 553 41.01 -1.99 17.14
C LEU C 553 39.99 -1.06 16.50
N HIS C 554 40.34 0.21 16.31
CA HIS C 554 39.49 1.15 15.58
C HIS C 554 39.27 0.70 14.14
N PHE C 555 40.33 0.25 13.46
CA PHE C 555 40.16 -0.17 12.08
C PHE C 555 39.45 -1.52 12.00
N ALA C 556 39.77 -2.43 12.91
CA ALA C 556 39.14 -3.74 12.90
C ALA C 556 37.66 -3.66 13.23
N ALA C 557 37.24 -2.64 13.98
CA ALA C 557 35.83 -2.42 14.20
C ALA C 557 35.19 -1.58 13.11
N ARG C 558 35.95 -0.72 12.46
CA ARG C 558 35.38 0.09 11.40
C ARG C 558 35.06 -0.75 10.17
N GLU C 559 35.94 -1.68 9.83
CA GLU C 559 35.69 -2.51 8.66
C GLU C 559 34.80 -3.69 8.95
N GLY C 560 34.44 -3.93 10.20
CA GLY C 560 33.46 -4.95 10.52
C GLY C 560 34.01 -6.36 10.51
N HIS C 561 35.15 -6.57 11.14
CA HIS C 561 35.75 -7.89 11.25
C HIS C 561 35.59 -8.35 12.68
N ALA C 562 34.74 -9.36 12.88
CA ALA C 562 34.36 -9.75 14.23
C ALA C 562 35.50 -10.48 14.94
N LYS C 563 36.16 -11.41 14.24
CA LYS C 563 37.19 -12.20 14.88
C LYS C 563 38.45 -11.38 15.15
N ALA C 564 38.69 -10.35 14.35
CA ALA C 564 39.82 -9.46 14.64
C ALA C 564 39.56 -8.64 15.88
N VAL C 565 38.33 -8.16 16.06
CA VAL C 565 37.96 -7.43 17.26
C VAL C 565 38.01 -8.34 18.47
N ALA C 566 37.54 -9.58 18.34
CA ALA C 566 37.61 -10.53 19.44
C ALA C 566 39.04 -10.91 19.76
N LEU C 567 39.94 -10.91 18.78
CA LEU C 567 41.33 -11.25 19.04
C LEU C 567 42.04 -10.12 19.75
N LEU C 568 41.86 -8.88 19.28
CA LEU C 568 42.44 -7.74 20.00
C LEU C 568 41.77 -7.48 21.33
N LEU C 569 40.57 -8.00 21.53
CA LEU C 569 39.82 -7.74 22.74
C LEU C 569 40.09 -8.80 23.79
N SER C 570 40.41 -10.02 23.37
CA SER C 570 40.88 -11.04 24.31
C SER C 570 42.24 -10.68 24.88
N HIS C 571 43.08 -10.02 24.09
CA HIS C 571 44.26 -9.38 24.64
C HIS C 571 43.88 -8.00 25.17
N ASN C 572 44.79 -7.38 25.89
CA ASN C 572 44.53 -6.05 26.43
C ASN C 572 44.62 -5.03 25.31
N ALA C 573 43.53 -4.33 25.06
CA ALA C 573 43.43 -3.50 23.87
C ALA C 573 43.71 -2.03 24.11
N ASP C 574 43.57 -1.55 25.35
CA ASP C 574 43.80 -0.16 25.75
C ASP C 574 42.89 0.79 24.96
N ILE C 575 41.59 0.67 25.25
CA ILE C 575 40.56 1.43 24.55
C ILE C 575 40.76 2.93 24.77
N VAL C 576 40.85 3.67 23.68
CA VAL C 576 41.13 5.09 23.72
C VAL C 576 40.26 5.76 22.67
N LEU C 577 40.08 7.07 22.81
CA LEU C 577 39.27 7.81 21.86
C LEU C 577 40.09 8.19 20.64
N ASN C 578 39.39 8.75 19.66
CA ASN C 578 39.94 9.11 18.36
C ASN C 578 40.48 10.52 18.44
N LYS C 579 40.90 11.08 17.31
CA LYS C 579 41.10 12.52 17.22
C LYS C 579 39.77 13.24 17.33
N GLN C 580 38.69 12.63 16.83
CA GLN C 580 37.35 13.16 16.97
C GLN C 580 36.59 12.54 18.12
N GLN C 581 37.32 12.04 19.13
CA GLN C 581 36.77 11.52 20.39
C GLN C 581 35.81 10.35 20.17
N ALA C 582 36.10 9.53 19.19
CA ALA C 582 35.28 8.37 18.86
C ALA C 582 35.97 7.10 19.34
N SER C 583 35.26 6.29 20.12
CA SER C 583 35.79 4.99 20.45
C SER C 583 35.60 4.05 19.26
N PHE C 584 36.08 2.83 19.42
CA PHE C 584 35.90 1.84 18.36
C PHE C 584 34.46 1.39 18.29
N LEU C 585 33.73 1.46 19.41
CA LEU C 585 32.33 1.08 19.41
C LEU C 585 31.48 2.11 18.70
N HIS C 586 31.82 3.40 18.83
CA HIS C 586 31.16 4.44 18.05
C HIS C 586 31.42 4.24 16.58
N LEU C 587 32.66 3.95 16.22
CA LEU C 587 33.05 3.81 14.82
C LEU C 587 32.46 2.55 14.21
N ALA C 588 32.12 1.57 15.03
CA ALA C 588 31.39 0.41 14.56
C ALA C 588 29.90 0.69 14.43
N LEU C 589 29.34 1.51 15.32
CA LEU C 589 27.91 1.78 15.24
C LEU C 589 27.57 2.72 14.11
N HIS C 590 28.47 3.63 13.73
CA HIS C 590 28.13 4.53 12.63
C HIS C 590 28.17 3.83 11.29
N ASN C 591 28.83 2.68 11.18
CA ASN C 591 28.89 1.93 9.95
C ASN C 591 27.94 0.75 9.93
N LYS C 592 27.09 0.62 10.96
CA LYS C 592 26.02 -0.37 11.05
C LYS C 592 26.56 -1.80 10.99
N ARG C 593 27.71 -2.02 11.61
CA ARG C 593 28.30 -3.35 11.64
C ARG C 593 27.67 -4.11 12.80
N LYS C 594 26.73 -5.00 12.47
CA LYS C 594 25.96 -5.67 13.51
C LYS C 594 26.80 -6.68 14.27
N GLU C 595 27.65 -7.42 13.57
CA GLU C 595 28.31 -8.56 14.19
C GLU C 595 29.40 -8.12 15.16
N VAL C 596 30.09 -7.02 14.87
CA VAL C 596 31.14 -6.63 15.79
C VAL C 596 30.55 -6.00 17.05
N VAL C 597 29.43 -5.29 16.96
CA VAL C 597 28.89 -4.76 18.21
C VAL C 597 28.21 -5.85 18.99
N LEU C 598 27.73 -6.89 18.30
CA LEU C 598 27.18 -8.03 19.02
C LEU C 598 28.28 -8.80 19.75
N THR C 599 29.46 -8.94 19.13
CA THR C 599 30.52 -9.63 19.84
C THR C 599 31.24 -8.75 20.86
N ILE C 600 31.07 -7.42 20.79
CA ILE C 600 31.46 -6.58 21.92
C ILE C 600 30.52 -6.82 23.09
N ILE C 601 29.21 -6.93 22.80
CA ILE C 601 28.23 -7.18 23.84
C ILE C 601 28.46 -8.53 24.51
N ARG C 602 28.80 -9.55 23.73
CA ARG C 602 29.05 -10.87 24.31
C ARG C 602 30.35 -10.95 25.09
N SER C 603 31.20 -9.93 25.05
CA SER C 603 32.50 -9.97 25.71
C SER C 603 32.38 -9.76 27.21
N LYS C 604 33.53 -9.71 27.87
CA LYS C 604 33.60 -9.39 29.29
C LYS C 604 33.96 -7.95 29.56
N ARG C 605 34.42 -7.23 28.54
CA ARG C 605 34.90 -5.86 28.68
C ARG C 605 33.79 -4.84 28.43
N TRP C 606 32.56 -5.32 28.22
CA TRP C 606 31.44 -4.50 27.76
C TRP C 606 31.18 -3.29 28.64
N ASP C 607 31.14 -3.51 29.96
CA ASP C 607 30.92 -2.43 30.92
C ASP C 607 31.99 -1.35 30.78
N GLU C 608 33.26 -1.78 30.64
CA GLU C 608 34.34 -0.83 30.41
C GLU C 608 34.15 -0.12 29.08
N CYS C 609 33.70 -0.86 28.05
CA CYS C 609 33.43 -0.27 26.75
C CYS C 609 32.28 0.73 26.80
N LEU C 610 31.43 0.64 27.82
CA LEU C 610 30.34 1.58 27.95
C LEU C 610 30.78 2.85 28.66
N LYS C 611 31.89 2.81 29.41
CA LYS C 611 32.19 3.92 30.30
C LYS C 611 32.74 5.14 29.57
N ILE C 612 33.61 4.87 28.60
CA ILE C 612 34.30 5.92 27.87
C ILE C 612 33.62 6.56 26.67
N PHE C 613 33.47 7.88 26.76
CA PHE C 613 32.95 8.68 25.65
C PHE C 613 33.20 10.13 26.03
N SER C 614 32.74 11.05 25.20
CA SER C 614 32.90 12.47 25.46
C SER C 614 31.55 13.12 25.66
N HIS C 615 31.38 13.81 26.79
CA HIS C 615 30.16 14.57 27.03
C HIS C 615 30.09 15.80 26.13
N ASN C 616 31.25 16.34 25.76
CA ASN C 616 31.28 17.58 25.00
C ASN C 616 31.08 17.34 23.50
N SER C 617 31.40 16.15 23.02
CA SER C 617 31.41 15.87 21.59
C SER C 617 29.99 15.77 21.04
N PRO C 618 29.62 16.58 20.04
CA PRO C 618 28.23 16.55 19.54
C PRO C 618 27.95 15.39 18.61
N GLY C 619 28.97 14.71 18.09
CA GLY C 619 28.76 13.63 17.14
C GLY C 619 28.54 12.27 17.78
N ASN C 620 29.53 11.81 18.53
CA ASN C 620 29.43 10.49 19.22
C ASN C 620 28.67 10.83 20.49
N LYS C 621 27.36 11.02 20.37
CA LYS C 621 26.65 11.57 21.55
C LYS C 621 26.69 10.61 22.75
N CYS C 622 26.08 9.45 22.68
CA CYS C 622 25.99 8.49 23.77
C CYS C 622 25.79 7.09 23.20
N PRO C 623 26.60 6.11 23.61
CA PRO C 623 26.60 4.80 22.90
C PRO C 623 25.31 4.01 23.01
N ILE C 624 24.58 4.10 24.12
CA ILE C 624 23.27 3.46 24.21
C ILE C 624 22.28 4.13 23.26
N THR C 625 22.31 5.46 23.20
CA THR C 625 21.44 6.16 22.26
C THR C 625 21.89 5.95 20.83
N GLU C 626 23.19 5.74 20.59
CA GLU C 626 23.63 5.42 19.24
C GLU C 626 23.18 4.03 18.83
N MET C 627 23.15 3.09 19.79
CA MET C 627 22.61 1.76 19.50
C MET C 627 21.12 1.83 19.22
N ILE C 628 20.41 2.72 19.92
CA ILE C 628 18.98 2.87 19.64
C ILE C 628 18.77 3.49 18.26
N GLU C 629 19.61 4.45 17.89
CA GLU C 629 19.44 5.13 16.61
C GLU C 629 19.82 4.24 15.43
N TYR C 630 20.92 3.51 15.53
CA TYR C 630 21.46 2.83 14.36
C TYR C 630 21.16 1.33 14.31
N LEU C 631 21.41 0.60 15.39
CA LEU C 631 21.25 -0.86 15.39
C LEU C 631 20.32 -1.28 16.51
N PRO C 632 19.01 -1.13 16.33
CA PRO C 632 18.08 -1.50 17.39
C PRO C 632 17.97 -2.98 17.62
N GLU C 633 18.30 -3.79 16.62
CA GLU C 633 18.27 -5.23 16.76
C GLU C 633 19.42 -5.76 17.61
N CYS C 634 20.40 -4.93 17.95
CA CYS C 634 21.38 -5.26 18.97
C CYS C 634 20.95 -4.78 20.35
N MET C 635 20.23 -3.66 20.40
CA MET C 635 19.66 -3.19 21.65
C MET C 635 18.61 -4.16 22.17
N LYS C 636 17.95 -4.89 21.27
CA LYS C 636 17.05 -5.96 21.69
C LYS C 636 17.79 -7.05 22.44
N VAL C 637 18.97 -7.44 21.96
CA VAL C 637 19.76 -8.46 22.63
C VAL C 637 20.29 -7.94 23.97
N LEU C 638 20.69 -6.67 23.99
CA LEU C 638 21.17 -6.05 25.22
C LEU C 638 20.06 -5.99 26.28
N LEU C 639 18.82 -5.74 25.86
CA LEU C 639 17.72 -5.81 26.81
C LEU C 639 17.36 -7.24 27.18
N ASP C 640 17.64 -8.20 26.29
CA ASP C 640 17.43 -9.60 26.63
C ASP C 640 18.39 -10.07 27.71
N PHE C 641 19.58 -9.48 27.79
CA PHE C 641 20.44 -9.81 28.92
C PHE C 641 19.95 -9.22 30.24
N CYS C 642 19.09 -8.20 30.20
CA CYS C 642 18.57 -7.64 31.44
C CYS C 642 17.48 -8.50 32.05
N MET C 643 16.79 -9.29 31.24
CA MET C 643 15.76 -10.17 31.73
C MET C 643 16.37 -11.43 32.33
N LEU C 644 15.89 -11.82 33.50
CA LEU C 644 16.37 -13.02 34.17
C LEU C 644 15.19 -13.95 34.43
N HIS C 645 15.51 -15.19 34.80
CA HIS C 645 14.49 -16.20 35.04
C HIS C 645 14.90 -17.03 36.24
N SER C 646 13.96 -17.83 36.76
CA SER C 646 14.23 -18.69 37.90
C SER C 646 14.46 -20.14 37.50
N THR C 647 13.46 -20.77 36.88
CA THR C 647 13.50 -22.18 36.49
C THR C 647 12.39 -22.43 35.50
N GLU C 648 12.73 -23.01 34.35
CA GLU C 648 11.75 -23.15 33.28
C GLU C 648 10.69 -24.20 33.59
N ASP C 649 11.04 -25.21 34.39
CA ASP C 649 10.09 -26.28 34.69
C ASP C 649 9.14 -25.89 35.82
N LYS C 650 9.56 -25.02 36.72
CA LYS C 650 8.77 -24.62 37.89
C LYS C 650 7.99 -23.34 37.63
N SER C 651 7.54 -23.15 36.39
CA SER C 651 6.93 -21.89 35.95
C SER C 651 5.61 -21.58 36.65
N CYS C 652 4.96 -22.57 37.26
CA CYS C 652 3.73 -22.31 38.00
C CYS C 652 3.97 -22.15 39.50
N ARG C 653 4.94 -22.87 40.06
CA ARG C 653 5.12 -22.93 41.50
C ARG C 653 6.14 -21.89 41.94
N ASP C 654 5.63 -20.75 42.44
CA ASP C 654 6.42 -19.66 43.05
C ASP C 654 7.45 -19.09 42.09
N TYR C 655 7.15 -19.10 40.81
CA TYR C 655 8.10 -18.70 39.78
C TYR C 655 8.22 -17.19 39.71
N TYR C 656 9.43 -16.71 39.48
CA TYR C 656 9.68 -15.28 39.40
C TYR C 656 10.61 -15.00 38.24
N ILE C 657 10.53 -13.77 37.73
CA ILE C 657 11.46 -13.24 36.76
C ILE C 657 11.91 -11.87 37.22
N GLU C 658 13.18 -11.55 37.01
CA GLU C 658 13.76 -10.31 37.51
C GLU C 658 14.14 -9.40 36.35
N TYR C 659 13.71 -8.15 36.43
CA TYR C 659 14.03 -7.12 35.46
C TYR C 659 15.02 -6.15 36.08
N ASN C 660 16.10 -5.88 35.36
CA ASN C 660 17.14 -4.95 35.80
C ASN C 660 17.17 -3.77 34.84
N PHE C 661 17.09 -2.56 35.38
CA PHE C 661 16.93 -1.36 34.58
C PHE C 661 18.19 -0.52 34.60
N LYS C 662 19.35 -1.15 34.51
CA LYS C 662 20.60 -0.42 34.64
C LYS C 662 20.96 0.33 33.37
N TYR C 663 20.50 -0.14 32.21
CA TYR C 663 20.86 0.51 30.95
C TYR C 663 19.81 1.48 30.45
N LEU C 664 18.73 1.70 31.20
CA LEU C 664 17.63 2.50 30.67
C LEU C 664 17.68 3.96 31.09
N GLN C 665 18.51 4.32 32.06
CA GLN C 665 18.52 5.70 32.52
C GLN C 665 19.89 6.07 33.07
N CYS C 666 20.16 7.36 33.08
CA CYS C 666 21.33 7.90 33.72
C CYS C 666 21.14 7.88 35.24
N PRO C 667 22.21 8.02 36.02
CA PRO C 667 22.03 8.25 37.46
C PRO C 667 21.35 9.57 37.73
N LEU C 668 20.64 9.62 38.87
CA LEU C 668 19.77 10.74 39.17
C LEU C 668 20.53 12.02 39.45
N GLU C 669 21.75 11.92 39.97
CA GLU C 669 22.53 13.12 40.29
C GLU C 669 22.97 13.88 39.05
N PHE C 670 22.94 13.25 37.87
CA PHE C 670 23.21 13.96 36.64
C PHE C 670 22.01 14.75 36.16
N THR C 671 20.81 14.18 36.34
CA THR C 671 19.63 14.64 35.61
C THR C 671 19.16 16.01 36.07
N LYS C 672 18.88 16.15 37.37
CA LYS C 672 18.37 17.41 37.88
C LYS C 672 19.45 18.44 38.14
N LYS C 673 20.73 18.07 38.00
CA LYS C 673 21.83 19.00 38.23
C LYS C 673 22.21 19.72 36.93
N THR C 674 21.28 20.55 36.46
CA THR C 674 21.53 21.38 35.29
C THR C 674 22.65 22.42 35.52
N PRO C 675 22.69 23.21 36.67
CA PRO C 675 23.82 24.14 36.82
C PRO C 675 25.17 23.47 37.09
N THR C 676 25.22 22.53 38.03
CA THR C 676 26.49 22.07 38.57
C THR C 676 27.09 20.89 37.82
N GLN C 677 26.29 20.07 37.14
CA GLN C 677 26.87 19.08 36.24
C GLN C 677 27.10 19.65 34.84
N ASP C 678 26.28 20.64 34.45
CA ASP C 678 26.48 21.48 33.26
C ASP C 678 26.44 20.69 31.96
N VAL C 679 25.74 19.56 31.95
CA VAL C 679 25.54 18.75 30.76
C VAL C 679 24.04 18.55 30.62
N ILE C 680 23.56 18.54 29.37
CA ILE C 680 22.14 18.31 29.12
C ILE C 680 21.77 16.87 29.48
N TYR C 681 20.70 16.72 30.26
CA TYR C 681 20.17 15.42 30.59
C TYR C 681 18.65 15.50 30.61
N GLU C 682 18.02 14.38 30.32
CA GLU C 682 16.61 14.22 30.52
C GLU C 682 16.38 12.99 31.38
N PRO C 683 15.34 12.96 32.20
CA PRO C 683 14.95 11.69 32.81
C PRO C 683 14.37 10.78 31.74
N LEU C 684 14.51 9.47 31.98
CA LEU C 684 14.10 8.40 31.06
C LEU C 684 14.79 8.56 29.70
N THR C 685 16.13 8.41 29.74
CA THR C 685 16.95 8.70 28.57
C THR C 685 16.68 7.73 27.43
N ALA C 686 16.74 6.44 27.72
CA ALA C 686 16.61 5.42 26.68
C ALA C 686 15.21 5.42 26.09
N LEU C 687 14.19 5.67 26.92
CA LEU C 687 12.83 5.68 26.42
C LEU C 687 12.58 6.86 25.51
N ASN C 688 13.12 8.03 25.85
CA ASN C 688 12.96 9.18 24.97
C ASN C 688 13.71 8.99 23.67
N ALA C 689 14.89 8.35 23.72
CA ALA C 689 15.62 8.05 22.49
C ALA C 689 14.88 7.03 21.65
N MET C 690 14.19 6.09 22.29
CA MET C 690 13.42 5.09 21.54
C MET C 690 12.14 5.69 20.96
N VAL C 691 11.58 6.70 21.61
CA VAL C 691 10.38 7.35 21.08
C VAL C 691 10.73 8.25 19.90
N GLN C 692 11.83 9.01 20.01
CA GLN C 692 12.24 9.92 18.93
C GLN C 692 12.64 9.17 17.66
N ASN C 693 13.04 7.91 17.77
CA ASN C 693 13.44 7.12 16.63
C ASN C 693 12.39 6.10 16.20
N ASN C 694 11.21 6.13 16.82
CA ASN C 694 10.04 5.35 16.43
C ASN C 694 10.27 3.84 16.54
N ARG C 695 11.10 3.42 17.48
CA ARG C 695 11.47 2.01 17.60
C ARG C 695 10.45 1.30 18.48
N ILE C 696 9.28 1.02 17.90
CA ILE C 696 8.14 0.55 18.69
C ILE C 696 8.34 -0.89 19.16
N GLU C 697 9.11 -1.70 18.44
CA GLU C 697 9.36 -3.07 18.88
C GLU C 697 10.26 -3.13 20.10
N LEU C 698 10.96 -2.04 20.40
CA LEU C 698 11.71 -1.92 21.63
C LEU C 698 10.88 -1.33 22.76
N LEU C 699 9.89 -0.48 22.44
CA LEU C 699 8.99 -0.01 23.49
C LEU C 699 8.07 -1.11 23.95
N ASN C 700 7.76 -2.06 23.08
CA ASN C 700 6.93 -3.20 23.46
C ASN C 700 7.73 -4.34 24.06
N HIS C 701 9.02 -4.13 24.32
CA HIS C 701 9.82 -5.14 25.00
C HIS C 701 9.42 -5.18 26.47
N PRO C 702 9.37 -6.38 27.08
CA PRO C 702 8.84 -6.49 28.45
C PRO C 702 9.65 -5.78 29.50
N VAL C 703 10.95 -5.54 29.27
CA VAL C 703 11.73 -4.75 30.21
C VAL C 703 11.26 -3.31 30.20
N CYS C 704 10.96 -2.76 29.02
CA CYS C 704 10.46 -1.39 28.96
C CYS C 704 9.05 -1.28 29.51
N LYS C 705 8.22 -2.30 29.29
CA LYS C 705 6.87 -2.31 29.85
C LYS C 705 6.91 -2.32 31.37
N GLU C 706 7.76 -3.18 31.94
CA GLU C 706 7.87 -3.20 33.40
C GLU C 706 8.54 -1.95 33.94
N TYR C 707 9.38 -1.30 33.13
CA TYR C 707 10.01 -0.07 33.57
C TYR C 707 8.98 1.06 33.67
N LEU C 708 8.12 1.21 32.65
CA LEU C 708 7.04 2.19 32.76
C LEU C 708 6.04 1.83 33.83
N LEU C 709 5.76 0.54 34.05
CA LEU C 709 4.79 0.16 35.07
C LEU C 709 5.31 0.46 36.47
N MET C 710 6.59 0.17 36.72
CA MET C 710 7.23 0.56 37.97
C MET C 710 7.27 2.08 38.12
N LYS C 711 7.53 2.80 37.03
CA LYS C 711 7.62 4.25 37.10
C LYS C 711 6.26 4.87 37.38
N TRP C 712 5.18 4.22 36.91
CA TRP C 712 3.83 4.68 37.18
C TRP C 712 3.43 4.38 38.62
N LEU C 713 3.78 3.19 39.11
CA LEU C 713 3.46 2.87 40.50
C LEU C 713 4.31 3.63 41.49
N ALA C 714 5.44 4.19 41.05
CA ALA C 714 6.28 4.96 41.96
C ALA C 714 5.62 6.29 42.31
N TYR C 715 5.47 7.16 41.33
CA TYR C 715 4.94 8.49 41.59
C TYR C 715 3.90 8.98 40.59
N GLY C 716 3.68 8.30 39.46
CA GLY C 716 2.77 8.83 38.46
C GLY C 716 1.31 8.67 38.83
N PHE C 717 0.96 7.51 39.42
CA PHE C 717 -0.40 7.26 39.85
C PHE C 717 -0.85 8.21 40.95
N ARG C 718 0.01 8.43 41.94
CA ARG C 718 -0.38 9.27 43.06
C ARG C 718 -0.52 10.73 42.63
N ALA C 719 0.40 11.20 41.77
CA ALA C 719 0.32 12.57 41.30
C ALA C 719 -0.91 12.78 40.42
N HIS C 720 -1.22 11.80 39.57
CA HIS C 720 -2.39 11.96 38.70
C HIS C 720 -3.69 11.86 39.48
N MET C 721 -3.76 10.99 40.49
CA MET C 721 -4.97 10.90 41.28
C MET C 721 -5.16 12.11 42.18
N MET C 722 -4.07 12.73 42.63
CA MET C 722 -4.21 13.98 43.38
C MET C 722 -4.71 15.10 42.48
N ASN C 723 -4.14 15.19 41.26
CA ASN C 723 -4.55 16.22 40.30
C ASN C 723 -6.00 16.03 39.88
N LEU C 724 -6.46 14.79 39.79
CA LEU C 724 -7.85 14.55 39.45
C LEU C 724 -8.77 14.74 40.65
N GLY C 725 -8.28 14.45 41.85
CA GLY C 725 -9.13 14.57 43.03
C GLY C 725 -9.43 15.99 43.41
N SER C 726 -8.50 16.91 43.18
CA SER C 726 -8.78 18.32 43.47
C SER C 726 -9.88 18.87 42.56
N TYR C 727 -9.78 18.57 41.27
CA TYR C 727 -10.80 19.04 40.34
C TYR C 727 -12.12 18.34 40.57
N CYS C 728 -12.11 17.08 40.97
CA CYS C 728 -13.37 16.38 41.21
C CYS C 728 -14.02 16.86 42.48
N LEU C 729 -13.22 17.31 43.45
CA LEU C 729 -13.72 18.01 44.62
C LEU C 729 -14.35 19.35 44.25
N GLY C 730 -13.84 19.98 43.20
CA GLY C 730 -14.54 21.14 42.66
C GLY C 730 -15.81 20.77 41.91
N LEU C 731 -15.81 19.62 41.24
CA LEU C 731 -16.85 19.27 40.27
C LEU C 731 -18.13 18.76 40.94
N ILE C 732 -18.00 17.81 41.87
CA ILE C 732 -19.18 17.13 42.42
C ILE C 732 -20.16 18.03 43.17
N PRO C 733 -19.73 18.94 44.08
CA PRO C 733 -20.75 19.73 44.79
C PRO C 733 -21.57 20.67 43.92
N MET C 734 -21.04 21.13 42.78
CA MET C 734 -21.85 21.98 41.92
C MET C 734 -22.95 21.18 41.25
N THR C 735 -22.67 19.95 40.82
CA THR C 735 -23.70 19.13 40.21
C THR C 735 -24.74 18.70 41.24
N ILE C 736 -24.30 18.43 42.46
CA ILE C 736 -25.25 18.16 43.55
C ILE C 736 -26.14 19.36 43.80
N LEU C 737 -25.55 20.55 43.80
CA LEU C 737 -26.27 21.78 44.10
C LEU C 737 -27.24 22.13 42.98
N VAL C 738 -26.93 21.74 41.74
CA VAL C 738 -27.84 21.98 40.63
C VAL C 738 -28.99 20.98 40.63
N VAL C 739 -28.70 19.68 40.81
CA VAL C 739 -29.77 18.71 40.77
C VAL C 739 -30.63 18.70 42.02
N ASN C 740 -30.24 19.42 43.07
CA ASN C 740 -31.06 19.48 44.27
C ASN C 740 -31.79 20.81 44.47
N ILE C 741 -31.61 21.78 43.57
CA ILE C 741 -32.30 23.06 43.68
C ILE C 741 -33.00 23.33 42.35
N LYS C 742 -34.26 23.73 42.42
CA LYS C 742 -34.99 24.11 41.21
C LYS C 742 -34.38 25.38 40.62
N PRO C 743 -34.04 25.40 39.34
CA PRO C 743 -33.42 26.58 38.74
C PRO C 743 -34.36 27.77 38.68
N GLY C 744 -33.76 28.95 38.62
CA GLY C 744 -34.51 30.18 38.56
C GLY C 744 -34.79 30.81 39.91
N MET C 745 -34.71 30.04 40.99
CA MET C 745 -35.00 30.54 42.32
C MET C 745 -33.71 30.93 43.03
N ALA C 746 -33.75 32.05 43.74
CA ALA C 746 -32.59 32.49 44.51
C ALA C 746 -32.45 31.63 45.75
N PHE C 747 -31.25 31.11 45.98
CA PHE C 747 -30.96 30.29 47.13
C PHE C 747 -29.79 30.87 47.89
N ASN C 748 -29.81 30.62 49.21
CA ASN C 748 -28.83 31.14 50.20
C ASN C 748 -28.51 30.07 51.24
N SER C 749 -27.44 30.28 52.01
CA SER C 749 -26.97 29.32 53.02
C SER C 749 -28.07 28.78 53.92
N THR C 750 -29.12 29.56 54.15
CA THR C 750 -30.24 29.07 54.92
C THR C 750 -31.23 28.26 54.10
N GLY C 751 -31.24 28.44 52.79
CA GLY C 751 -32.15 27.68 51.96
C GLY C 751 -32.54 28.50 50.72
N ILE C 752 -33.75 28.25 50.25
CA ILE C 752 -34.24 28.76 48.98
C ILE C 752 -35.30 29.80 49.24
N ILE C 753 -35.11 30.99 48.69
CA ILE C 753 -36.04 32.10 48.87
C ILE C 753 -37.10 32.04 47.78
N ASN C 754 -38.36 31.96 48.19
CA ASN C 754 -39.46 31.98 47.24
C ASN C 754 -40.33 33.20 47.48
N ILE C 762 -40.83 33.18 51.30
CA ILE C 762 -40.60 32.14 52.30
C ILE C 762 -39.26 31.45 52.04
N LEU C 763 -38.81 30.70 53.03
CA LEU C 763 -37.55 29.97 52.95
C LEU C 763 -37.81 28.47 52.98
N ASP C 764 -37.00 27.74 52.23
CA ASP C 764 -37.12 26.29 52.15
C ASP C 764 -35.98 25.64 52.94
N THR C 765 -36.32 24.93 54.00
CA THR C 765 -35.39 24.25 54.87
C THR C 765 -35.23 22.80 54.38
N THR C 766 -34.68 21.91 55.23
CA THR C 766 -34.49 20.46 55.10
C THR C 766 -33.37 20.07 54.15
N ASN C 767 -32.65 21.03 53.57
CA ASN C 767 -31.46 20.72 52.78
C ASN C 767 -30.32 21.69 53.05
N SER C 768 -30.47 22.59 54.03
CA SER C 768 -29.53 23.69 54.19
C SER C 768 -28.17 23.23 54.63
N TYR C 769 -28.10 22.13 55.39
CA TYR C 769 -26.81 21.59 55.82
C TYR C 769 -26.01 21.06 54.64
N LEU C 770 -26.68 20.48 53.65
CA LEU C 770 -25.99 20.04 52.45
C LEU C 770 -25.63 21.21 51.54
N ILE C 771 -26.55 22.17 51.42
CA ILE C 771 -26.35 23.31 50.51
C ILE C 771 -25.19 24.18 50.98
N LYS C 772 -25.07 24.39 52.30
CA LYS C 772 -24.01 25.23 52.84
C LYS C 772 -22.64 24.61 52.61
N THR C 773 -22.50 23.31 52.87
CA THR C 773 -21.22 22.63 52.69
C THR C 773 -20.84 22.57 51.21
N CYS C 774 -21.82 22.37 50.33
CA CYS C 774 -21.50 22.33 48.91
C CYS C 774 -21.07 23.70 48.40
N MET C 775 -21.70 24.78 48.88
CA MET C 775 -21.27 26.10 48.45
C MET C 775 -19.89 26.45 49.00
N ILE C 776 -19.58 26.02 50.23
CA ILE C 776 -18.24 26.26 50.78
C ILE C 776 -17.20 25.49 49.99
N LEU C 777 -17.52 24.25 49.57
CA LEU C 777 -16.57 23.48 48.78
C LEU C 777 -16.31 24.10 47.41
N VAL C 778 -17.36 24.58 46.75
CA VAL C 778 -17.17 25.22 45.44
C VAL C 778 -16.38 26.52 45.57
N PHE C 779 -16.64 27.29 46.63
CA PHE C 779 -15.92 28.54 46.84
C PHE C 779 -14.44 28.32 47.11
N LEU C 780 -14.13 27.38 48.01
CA LEU C 780 -12.73 27.08 48.32
C LEU C 780 -12.00 26.50 47.12
N SER C 781 -12.66 25.61 46.36
CA SER C 781 -12.03 25.04 45.17
C SER C 781 -11.75 26.10 44.13
N SER C 782 -12.64 27.09 44.00
CA SER C 782 -12.41 28.15 43.02
C SER C 782 -11.26 29.06 43.44
N ILE C 783 -11.14 29.38 44.73
CA ILE C 783 -10.04 30.26 45.09
C ILE C 783 -8.69 29.54 45.08
N PHE C 784 -8.65 28.24 45.43
CA PHE C 784 -7.41 27.50 45.24
C PHE C 784 -7.07 27.33 43.76
N GLY C 785 -8.10 27.25 42.90
CA GLY C 785 -7.83 27.24 41.47
C GLY C 785 -7.25 28.54 40.97
N TYR C 786 -7.71 29.67 41.53
CA TYR C 786 -7.08 30.95 41.22
C TYR C 786 -5.63 30.98 41.65
N CYS C 787 -5.32 30.48 42.85
CA CYS C 787 -3.94 30.52 43.33
C CYS C 787 -3.03 29.61 42.50
N LYS C 788 -3.53 28.44 42.10
CA LYS C 788 -2.77 27.54 41.25
C LYS C 788 -2.56 28.14 39.85
N GLU C 789 -3.58 28.82 39.32
CA GLU C 789 -3.44 29.45 38.01
C GLU C 789 -2.50 30.65 38.06
N ALA C 790 -2.49 31.40 39.16
CA ALA C 790 -1.56 32.50 39.29
C ALA C 790 -0.13 31.99 39.45
N GLY C 791 0.04 30.86 40.15
CA GLY C 791 1.36 30.23 40.20
C GLY C 791 1.82 29.75 38.84
N GLN C 792 0.91 29.23 38.02
CA GLN C 792 1.28 28.84 36.67
C GLN C 792 1.55 30.05 35.78
N ILE C 793 0.93 31.20 36.08
CA ILE C 793 1.27 32.43 35.39
C ILE C 793 2.70 32.85 35.71
N PHE C 794 3.02 32.96 36.99
CA PHE C 794 4.35 33.44 37.37
C PHE C 794 5.43 32.38 37.24
N GLN C 795 5.09 31.14 36.87
CA GLN C 795 6.10 30.14 36.52
C GLN C 795 6.24 29.93 35.02
N GLN C 796 5.16 30.05 34.25
CA GLN C 796 5.19 29.70 32.84
C GLN C 796 5.81 30.79 31.97
N LYS C 797 5.73 32.05 32.43
CA LYS C 797 6.38 33.22 31.82
C LYS C 797 5.92 33.44 30.37
N ARG C 798 4.62 33.76 30.24
CA ARG C 798 3.95 34.23 29.03
C ARG C 798 3.91 33.20 27.91
N ASN C 799 4.14 31.92 28.21
CA ASN C 799 3.88 30.87 27.24
C ASN C 799 2.45 30.36 27.30
N TYR C 800 1.66 30.84 28.26
CA TYR C 800 0.33 30.32 28.54
C TYR C 800 -0.78 31.06 27.82
N PHE C 801 -0.45 32.00 26.93
CA PHE C 801 -1.48 32.81 26.30
C PHE C 801 -2.30 32.00 25.30
N MET C 802 -1.64 31.29 24.39
CA MET C 802 -2.33 30.47 23.41
C MET C 802 -2.51 29.05 23.93
N ASP C 803 -3.29 28.94 25.01
CA ASP C 803 -3.53 27.68 25.67
C ASP C 803 -5.00 27.62 26.07
N ILE C 804 -5.69 26.55 25.66
CA ILE C 804 -7.13 26.50 25.84
C ILE C 804 -7.51 26.18 27.28
N SER C 805 -6.71 25.35 27.95
CA SER C 805 -7.09 24.84 29.27
C SER C 805 -7.06 25.93 30.32
N ASN C 806 -6.16 26.90 30.15
CA ASN C 806 -6.13 28.04 31.04
C ASN C 806 -7.38 28.89 30.87
N VAL C 807 -7.83 29.09 29.63
CA VAL C 807 -9.02 29.90 29.36
C VAL C 807 -10.26 29.23 29.92
N LEU C 808 -10.36 27.91 29.74
CA LEU C 808 -11.48 27.15 30.30
C LEU C 808 -11.47 27.21 31.82
N GLU C 809 -10.29 27.15 32.44
CA GLU C 809 -10.25 27.23 33.89
C GLU C 809 -10.58 28.63 34.39
N TRP C 810 -10.20 29.69 33.66
CA TRP C 810 -10.61 31.04 34.06
C TRP C 810 -12.12 31.16 34.05
N ILE C 811 -12.76 30.67 32.98
CA ILE C 811 -14.22 30.74 32.88
C ILE C 811 -14.89 29.93 33.98
N ILE C 812 -14.37 28.73 34.25
CA ILE C 812 -14.94 27.85 35.27
C ILE C 812 -14.85 28.47 36.65
N TYR C 813 -13.67 28.98 37.03
CA TYR C 813 -13.53 29.43 38.40
C TYR C 813 -14.22 30.77 38.63
N THR C 814 -14.17 31.70 37.66
CA THR C 814 -14.90 32.95 37.83
C THR C 814 -16.40 32.70 37.90
N THR C 815 -16.92 31.83 37.04
CA THR C 815 -18.35 31.63 36.98
C THR C 815 -18.85 30.84 38.18
N GLY C 816 -18.03 29.92 38.68
CA GLY C 816 -18.38 29.22 39.91
C GLY C 816 -18.28 30.08 41.15
N ILE C 817 -17.40 31.09 41.14
CA ILE C 817 -17.44 32.11 42.18
C ILE C 817 -18.77 32.85 42.17
N ILE C 818 -19.19 33.30 40.98
CA ILE C 818 -20.39 34.15 40.92
C ILE C 818 -21.65 33.33 41.22
N PHE C 819 -21.62 32.03 40.96
CA PHE C 819 -22.78 31.20 41.30
C PHE C 819 -22.96 30.99 42.81
N VAL C 820 -21.90 31.19 43.59
CA VAL C 820 -21.92 30.83 45.00
C VAL C 820 -21.99 32.05 45.92
N LEU C 821 -21.52 33.22 45.47
CA LEU C 821 -21.45 34.49 46.21
C LEU C 821 -22.66 34.99 47.01
N PRO C 822 -23.93 34.59 46.75
CA PRO C 822 -25.00 34.95 47.70
C PRO C 822 -24.82 34.50 49.14
N LEU C 823 -23.84 33.69 49.50
CA LEU C 823 -23.59 33.50 50.92
C LEU C 823 -22.89 34.73 51.50
N PHE C 824 -22.03 35.38 50.73
CA PHE C 824 -21.48 36.68 51.15
C PHE C 824 -22.38 37.84 50.73
N VAL C 825 -22.55 38.05 49.43
CA VAL C 825 -23.12 39.26 48.88
C VAL C 825 -24.35 38.90 48.06
N GLU C 826 -25.47 39.57 48.35
CA GLU C 826 -26.74 39.25 47.70
C GLU C 826 -26.71 39.61 46.22
N ILE C 827 -27.13 38.66 45.39
CA ILE C 827 -27.09 38.75 43.93
C ILE C 827 -28.48 38.40 43.42
N PRO C 828 -29.00 39.05 42.38
CA PRO C 828 -30.26 38.63 41.78
C PRO C 828 -30.19 37.21 41.22
N ALA C 829 -31.34 36.54 41.24
CA ALA C 829 -31.40 35.14 40.87
C ALA C 829 -31.13 34.91 39.39
N HIS C 830 -31.44 35.91 38.56
CA HIS C 830 -31.21 35.79 37.13
C HIS C 830 -29.73 35.69 36.81
N LEU C 831 -28.92 36.57 37.38
CA LEU C 831 -27.47 36.52 37.20
C LEU C 831 -26.88 35.25 37.81
N GLN C 832 -27.44 34.80 38.93
CA GLN C 832 -26.91 33.63 39.62
C GLN C 832 -27.12 32.37 38.78
N TRP C 833 -28.31 32.18 38.25
CA TRP C 833 -28.52 30.99 37.44
C TRP C 833 -27.93 31.12 36.05
N GLN C 834 -27.79 32.35 35.53
CA GLN C 834 -27.08 32.56 34.29
C GLN C 834 -25.61 32.17 34.42
N CYS C 835 -25.02 32.39 35.60
CA CYS C 835 -23.67 31.89 35.81
C CYS C 835 -23.65 30.40 36.09
N GLY C 836 -24.65 29.88 36.79
CA GLY C 836 -24.66 28.45 37.08
C GLY C 836 -24.76 27.59 35.84
N ALA C 837 -25.47 28.08 34.83
CA ALA C 837 -25.59 27.33 33.58
C ALA C 837 -24.26 27.21 32.87
N ILE C 838 -23.54 28.34 32.76
CA ILE C 838 -22.25 28.36 32.09
C ILE C 838 -21.24 27.52 32.84
N ALA C 839 -21.29 27.57 34.17
CA ALA C 839 -20.34 26.80 34.96
C ALA C 839 -20.59 25.31 34.85
N VAL C 840 -21.86 24.87 34.90
CA VAL C 840 -22.14 23.44 34.81
C VAL C 840 -21.89 22.92 33.40
N TYR C 841 -22.02 23.77 32.38
CA TYR C 841 -21.57 23.38 31.05
C TYR C 841 -20.06 23.17 31.01
N PHE C 842 -19.30 24.18 31.43
CA PHE C 842 -17.85 24.10 31.22
C PHE C 842 -17.12 23.19 32.18
N TYR C 843 -17.66 22.88 33.36
CA TYR C 843 -17.04 21.88 34.23
C TYR C 843 -16.96 20.53 33.54
N TRP C 844 -18.10 20.00 33.10
CA TRP C 844 -18.08 18.69 32.46
C TRP C 844 -17.48 18.74 31.07
N MET C 845 -17.48 19.90 30.41
CA MET C 845 -16.80 19.96 29.12
C MET C 845 -15.29 19.97 29.30
N ASN C 846 -14.80 20.58 30.38
CA ASN C 846 -13.37 20.57 30.68
C ASN C 846 -12.92 19.20 31.17
N PHE C 847 -13.81 18.46 31.82
CA PHE C 847 -13.42 17.19 32.43
C PHE C 847 -13.11 16.10 31.40
N LEU C 848 -13.36 16.35 30.11
CA LEU C 848 -12.85 15.46 29.08
C LEU C 848 -11.34 15.56 28.93
N LEU C 849 -10.76 16.71 29.25
CA LEU C 849 -9.33 16.89 29.07
C LEU C 849 -8.50 16.08 30.06
N TYR C 850 -9.10 15.61 31.14
CA TYR C 850 -8.37 14.78 32.08
C TYR C 850 -8.42 13.31 31.73
N LEU C 851 -9.22 12.94 30.74
CA LEU C 851 -9.20 11.57 30.26
C LEU C 851 -8.07 11.31 29.28
N GLN C 852 -7.32 12.34 28.91
CA GLN C 852 -6.27 12.18 27.93
C GLN C 852 -5.05 11.47 28.52
N ARG C 853 -4.89 11.51 29.84
CA ARG C 853 -3.74 10.88 30.47
C ARG C 853 -3.90 9.37 30.56
N PHE C 854 -5.13 8.87 30.63
CA PHE C 854 -5.31 7.43 30.70
C PHE C 854 -5.02 6.78 29.35
N GLU C 855 -4.85 5.46 29.37
CA GLU C 855 -4.46 4.79 28.14
C GLU C 855 -5.64 4.43 27.26
N ASN C 856 -6.81 4.19 27.83
CA ASN C 856 -7.93 3.80 26.98
C ASN C 856 -8.55 4.99 26.27
N CYS C 857 -8.70 6.12 26.96
CA CYS C 857 -9.51 7.22 26.46
C CYS C 857 -8.71 8.28 25.71
N GLY C 858 -7.37 8.23 25.79
CA GLY C 858 -6.56 9.25 25.16
C GLY C 858 -6.64 9.23 23.64
N ILE C 859 -6.88 8.05 23.06
CA ILE C 859 -6.99 7.97 21.62
C ILE C 859 -8.31 8.57 21.14
N PHE C 860 -9.38 8.46 21.94
CA PHE C 860 -10.64 9.10 21.57
C PHE C 860 -10.54 10.61 21.72
N ILE C 861 -9.82 11.06 22.74
CA ILE C 861 -9.67 12.50 22.93
C ILE C 861 -8.82 13.10 21.81
N VAL C 862 -7.80 12.38 21.36
CA VAL C 862 -6.99 12.96 20.29
C VAL C 862 -7.70 12.88 18.92
N MET C 863 -8.54 11.86 18.69
CA MET C 863 -9.31 11.84 17.45
C MET C 863 -10.37 12.92 17.45
N LEU C 864 -10.97 13.19 18.61
CA LEU C 864 -11.95 14.25 18.72
C LEU C 864 -11.31 15.61 18.52
N GLU C 865 -10.09 15.78 19.03
CA GLU C 865 -9.30 16.99 18.76
C GLU C 865 -9.03 17.20 17.28
N VAL C 866 -8.64 16.13 16.58
CA VAL C 866 -8.31 16.26 15.16
C VAL C 866 -9.54 16.61 14.34
N ILE C 867 -10.67 15.95 14.61
CA ILE C 867 -11.91 16.24 13.88
C ILE C 867 -12.39 17.65 14.18
N LEU C 868 -12.22 18.10 15.42
CA LEU C 868 -12.72 19.42 15.77
C LEU C 868 -11.86 20.53 15.18
N LYS C 869 -10.54 20.33 15.09
CA LYS C 869 -9.70 21.32 14.42
C LYS C 869 -9.96 21.34 12.91
N THR C 870 -10.19 20.18 12.32
CA THR C 870 -10.54 20.12 10.89
C THR C 870 -11.87 20.82 10.63
N LEU C 871 -12.80 20.73 11.56
CA LEU C 871 -14.06 21.44 11.42
C LEU C 871 -13.87 22.93 11.65
N LEU C 872 -12.91 23.33 12.48
CA LEU C 872 -12.65 24.76 12.65
C LEU C 872 -12.02 25.39 11.43
N ARG C 873 -11.19 24.64 10.69
CA ARG C 873 -10.54 25.25 9.53
C ARG C 873 -11.52 25.58 8.41
N SER C 874 -12.65 24.89 8.36
CA SER C 874 -13.59 24.98 7.26
C SER C 874 -14.71 25.98 7.51
N THR C 875 -14.58 26.84 8.52
CA THR C 875 -15.74 27.60 8.99
C THR C 875 -16.16 28.73 8.06
N VAL C 876 -15.25 29.26 7.23
CA VAL C 876 -15.64 30.39 6.40
C VAL C 876 -16.51 29.93 5.23
N VAL C 877 -16.37 28.67 4.81
CA VAL C 877 -17.26 28.12 3.80
C VAL C 877 -18.67 27.98 4.35
N PHE C 878 -18.77 27.54 5.61
CA PHE C 878 -20.06 27.51 6.29
C PHE C 878 -20.67 28.90 6.38
N ILE C 879 -19.86 29.90 6.73
CA ILE C 879 -20.36 31.27 6.89
C ILE C 879 -20.90 31.80 5.58
N PHE C 880 -20.15 31.64 4.50
CA PHE C 880 -20.58 32.21 3.21
C PHE C 880 -21.79 31.46 2.65
N LEU C 881 -21.75 30.13 2.68
CA LEU C 881 -22.81 29.32 2.10
C LEU C 881 -24.11 29.48 2.90
N LEU C 882 -24.00 29.44 4.22
CA LEU C 882 -25.14 29.61 5.09
C LEU C 882 -25.70 31.02 5.04
N LEU C 883 -24.85 32.01 4.79
CA LEU C 883 -25.37 33.37 4.73
C LEU C 883 -26.10 33.61 3.41
N ALA C 884 -25.61 32.99 2.32
CA ALA C 884 -26.31 33.00 1.04
C ALA C 884 -27.70 32.41 1.17
N PHE C 885 -27.79 31.18 1.67
CA PHE C 885 -29.10 30.54 1.78
C PHE C 885 -30.00 31.23 2.79
N GLY C 886 -29.44 31.78 3.87
CA GLY C 886 -30.27 32.44 4.86
C GLY C 886 -30.88 33.73 4.35
N LEU C 887 -30.10 34.55 3.65
CA LEU C 887 -30.66 35.79 3.13
C LEU C 887 -31.60 35.54 1.95
N SER C 888 -31.35 34.48 1.18
CA SER C 888 -32.28 34.11 0.12
C SER C 888 -33.62 33.67 0.69
N PHE C 889 -33.62 32.84 1.74
CA PHE C 889 -34.88 32.45 2.34
C PHE C 889 -35.54 33.60 3.09
N TYR C 890 -34.76 34.55 3.59
CA TYR C 890 -35.35 35.72 4.21
C TYR C 890 -36.10 36.58 3.21
N ILE C 891 -35.59 36.71 2.00
CA ILE C 891 -36.32 37.46 0.99
C ILE C 891 -37.53 36.67 0.49
N LEU C 892 -37.35 35.36 0.28
CA LEU C 892 -38.42 34.54 -0.29
C LEU C 892 -39.56 34.31 0.70
N LEU C 893 -39.24 33.78 1.87
CA LEU C 893 -40.24 33.23 2.79
C LEU C 893 -40.54 34.20 3.92
N ASN C 894 -40.64 35.49 3.62
CA ASN C 894 -40.65 36.53 4.64
C ASN C 894 -41.91 36.49 5.51
N LEU C 895 -43.04 36.06 4.95
CA LEU C 895 -44.28 36.13 5.69
C LEU C 895 -44.42 35.06 6.76
N GLN C 896 -43.48 34.13 6.87
CA GLN C 896 -43.56 33.09 7.87
C GLN C 896 -42.76 33.49 9.09
N ASP C 897 -43.22 33.01 10.25
CA ASP C 897 -42.56 33.35 11.50
C ASP C 897 -41.12 32.84 11.69
N PRO C 898 -40.69 31.68 11.17
CA PRO C 898 -39.26 31.35 11.30
C PRO C 898 -38.33 32.20 10.45
N PHE C 899 -38.85 32.99 9.52
CA PHE C 899 -38.01 33.79 8.65
C PHE C 899 -38.37 35.26 8.77
N SER C 900 -38.77 35.71 9.95
CA SER C 900 -39.21 37.10 10.09
C SER C 900 -38.03 38.05 10.10
N SER C 901 -36.99 37.73 10.83
CA SER C 901 -35.76 38.48 10.93
C SER C 901 -34.71 37.88 10.03
N PRO C 902 -33.67 38.62 9.66
CA PRO C 902 -32.54 37.97 8.98
C PRO C 902 -31.74 37.06 9.88
N LEU C 903 -31.61 37.40 11.16
CA LEU C 903 -30.84 36.57 12.06
C LEU C 903 -31.59 35.27 12.38
N LEU C 904 -32.91 35.35 12.53
CA LEU C 904 -33.71 34.15 12.70
C LEU C 904 -33.68 33.28 11.46
N SER C 905 -33.60 33.89 10.27
CA SER C 905 -33.49 33.12 9.05
C SER C 905 -32.15 32.40 8.96
N ILE C 906 -31.09 33.05 9.43
CA ILE C 906 -29.78 32.42 9.44
C ILE C 906 -29.74 31.24 10.41
N ILE C 907 -30.34 31.41 11.60
CA ILE C 907 -30.40 30.32 12.57
C ILE C 907 -31.28 29.19 12.07
N GLN C 908 -32.35 29.52 11.35
CA GLN C 908 -33.23 28.49 10.80
C GLN C 908 -32.54 27.67 9.73
N THR C 909 -31.76 28.31 8.85
CA THR C 909 -31.02 27.52 7.86
C THR C 909 -29.93 26.69 8.51
N PHE C 910 -29.32 27.20 9.59
CA PHE C 910 -28.38 26.37 10.33
C PHE C 910 -29.05 25.17 10.97
N SER C 911 -30.31 25.30 11.37
CA SER C 911 -31.01 24.14 11.90
C SER C 911 -31.46 23.20 10.79
N MET C 912 -31.74 23.72 9.61
CA MET C 912 -32.10 22.90 8.45
C MET C 912 -30.92 22.15 7.87
N MET C 913 -29.70 22.53 8.26
CA MET C 913 -28.46 21.91 7.76
C MET C 913 -28.46 20.39 7.79
N LEU C 914 -28.94 19.79 8.87
CA LEU C 914 -28.84 18.34 8.99
C LEU C 914 -29.86 17.58 8.16
N GLY C 915 -30.96 18.20 7.78
CA GLY C 915 -31.94 17.50 6.98
C GLY C 915 -33.35 17.65 7.51
N ASP C 916 -33.52 18.52 8.50
CA ASP C 916 -34.84 18.80 9.06
C ASP C 916 -35.44 19.99 8.31
N ILE C 917 -35.86 19.71 7.08
CA ILE C 917 -36.17 20.76 6.12
C ILE C 917 -37.50 21.44 6.42
N ASN C 918 -38.45 20.65 6.98
CA ASN C 918 -39.85 21.08 7.22
C ASN C 918 -40.56 21.42 5.90
N TYR C 919 -40.58 20.47 4.95
CA TYR C 919 -41.15 20.68 3.62
C TYR C 919 -42.65 20.96 3.68
N ARG C 920 -43.40 20.11 4.40
CA ARG C 920 -44.85 20.26 4.44
C ARG C 920 -45.26 21.54 5.14
N GLU C 921 -44.56 21.91 6.20
CA GLU C 921 -45.00 23.05 7.01
C GLU C 921 -44.63 24.39 6.38
N SER C 922 -43.50 24.49 5.70
CA SER C 922 -43.00 25.77 5.23
C SER C 922 -43.09 25.97 3.73
N PHE C 923 -43.23 24.90 2.95
CA PHE C 923 -43.20 25.01 1.50
C PHE C 923 -44.49 24.55 0.84
N LEU C 924 -45.04 23.41 1.27
CA LEU C 924 -46.18 22.84 0.57
C LEU C 924 -47.48 23.52 0.98
N GLU C 925 -47.80 23.48 2.25
CA GLU C 925 -49.05 24.03 2.76
C GLU C 925 -49.19 25.56 2.60
N PRO C 926 -48.12 26.37 2.62
CA PRO C 926 -48.29 27.73 2.12
C PRO C 926 -48.55 27.82 0.63
N TYR C 927 -48.03 26.87 -0.16
CA TYR C 927 -48.28 26.92 -1.60
C TYR C 927 -49.72 26.56 -1.92
N LEU C 928 -50.30 25.62 -1.19
CA LEU C 928 -51.67 25.24 -1.48
C LEU C 928 -52.68 26.27 -1.00
N ARG C 929 -52.27 27.17 -0.11
CA ARG C 929 -53.13 28.24 0.38
C ARG C 929 -52.85 29.58 -0.31
N ASN C 930 -52.06 29.56 -1.38
CA ASN C 930 -51.66 30.75 -2.15
C ASN C 930 -50.98 31.80 -1.29
N GLU C 931 -50.18 31.35 -0.33
CA GLU C 931 -49.52 32.25 0.60
C GLU C 931 -48.04 32.41 0.31
N LEU C 932 -47.55 31.84 -0.78
CA LEU C 932 -46.17 32.05 -1.21
C LEU C 932 -46.12 33.12 -2.28
N ALA C 933 -45.38 34.18 -2.02
CA ALA C 933 -44.91 35.03 -3.09
C ALA C 933 -43.67 34.36 -3.68
N HIS C 934 -43.59 34.38 -5.00
CA HIS C 934 -42.57 33.75 -5.83
C HIS C 934 -42.51 32.25 -5.56
N PRO C 935 -43.49 31.45 -5.99
CA PRO C 935 -43.46 30.02 -5.62
C PRO C 935 -42.44 29.21 -6.40
N VAL C 936 -42.24 29.50 -7.69
CA VAL C 936 -41.29 28.74 -8.50
C VAL C 936 -39.87 28.96 -8.01
N LEU C 937 -39.55 30.21 -7.68
CA LEU C 937 -38.25 30.56 -7.17
C LEU C 937 -38.04 29.95 -5.79
N SER C 938 -39.12 29.80 -5.02
CA SER C 938 -39.05 29.18 -3.70
C SER C 938 -38.75 27.70 -3.79
N PHE C 939 -39.44 26.97 -4.67
CA PHE C 939 -39.15 25.54 -4.83
C PHE C 939 -37.77 25.30 -5.45
N ALA C 940 -37.32 26.19 -6.34
CA ALA C 940 -35.98 26.07 -6.88
C ALA C 940 -34.94 26.29 -5.79
N GLN C 941 -35.19 27.22 -4.89
CA GLN C 941 -34.31 27.43 -3.75
C GLN C 941 -34.32 26.22 -2.83
N LEU C 942 -35.47 25.57 -2.69
CA LEU C 942 -35.58 24.39 -1.84
C LEU C 942 -34.75 23.23 -2.38
N VAL C 943 -34.87 22.94 -3.68
CA VAL C 943 -34.11 21.83 -4.25
C VAL C 943 -32.63 22.16 -4.31
N SER C 944 -32.26 23.44 -4.49
CA SER C 944 -30.86 23.82 -4.46
C SER C 944 -30.28 23.68 -3.05
N PHE C 945 -31.05 24.06 -2.03
CA PHE C 945 -30.58 23.88 -0.66
C PHE C 945 -30.44 22.41 -0.31
N THR C 946 -31.38 21.57 -0.75
CA THR C 946 -31.32 20.16 -0.43
C THR C 946 -30.12 19.50 -1.11
N ILE C 947 -29.77 19.95 -2.31
CA ILE C 947 -28.60 19.37 -2.96
C ILE C 947 -27.30 19.85 -2.31
N PHE C 948 -27.19 21.15 -2.02
CA PHE C 948 -25.88 21.65 -1.55
C PHE C 948 -25.58 21.26 -0.11
N VAL C 949 -26.41 21.68 0.84
CA VAL C 949 -25.97 21.60 2.23
C VAL C 949 -26.09 20.20 2.84
N PRO C 950 -27.23 19.49 2.85
CA PRO C 950 -27.23 18.19 3.51
C PRO C 950 -26.61 17.08 2.70
N ILE C 951 -26.49 17.20 1.39
CA ILE C 951 -25.89 16.13 0.61
C ILE C 951 -24.40 16.38 0.48
N VAL C 952 -24.01 17.49 -0.14
CA VAL C 952 -22.61 17.68 -0.53
C VAL C 952 -21.75 18.01 0.68
N LEU C 953 -22.16 19.01 1.45
CA LEU C 953 -21.32 19.52 2.53
C LEU C 953 -21.16 18.51 3.66
N MET C 954 -22.23 17.78 3.95
CA MET C 954 -22.17 16.79 5.02
C MET C 954 -21.32 15.59 4.60
N ASN C 955 -21.40 15.18 3.33
CA ASN C 955 -20.53 14.11 2.87
C ASN C 955 -19.08 14.56 2.81
N LEU C 956 -18.84 15.85 2.57
CA LEU C 956 -17.48 16.37 2.64
C LEU C 956 -16.93 16.26 4.04
N LEU C 957 -17.74 16.61 5.04
CA LEU C 957 -17.30 16.48 6.43
C LEU C 957 -17.08 15.02 6.82
N ILE C 958 -17.92 14.11 6.30
CA ILE C 958 -17.74 12.69 6.60
C ILE C 958 -16.46 12.15 5.98
N GLY C 959 -16.17 12.54 4.73
CA GLY C 959 -14.93 12.08 4.10
C GLY C 959 -13.69 12.61 4.78
N LEU C 960 -13.72 13.88 5.21
CA LEU C 960 -12.61 14.43 5.97
C LEU C 960 -12.43 13.71 7.32
N ALA C 961 -13.53 13.38 7.98
CA ALA C 961 -13.43 12.68 9.26
C ALA C 961 -12.87 11.27 9.10
N VAL C 962 -13.29 10.57 8.04
CA VAL C 962 -12.78 9.23 7.79
C VAL C 962 -11.28 9.25 7.50
N GLY C 963 -10.84 10.22 6.69
CA GLY C 963 -9.41 10.34 6.42
C GLY C 963 -8.59 10.68 7.65
N ASP C 964 -9.09 11.58 8.49
CA ASP C 964 -8.33 11.96 9.67
C ASP C 964 -8.27 10.86 10.70
N ILE C 965 -9.35 10.10 10.87
CA ILE C 965 -9.34 9.00 11.83
C ILE C 965 -8.43 7.87 11.36
N ALA C 966 -8.39 7.62 10.04
CA ALA C 966 -7.45 6.63 9.52
C ALA C 966 -6.01 7.08 9.73
N GLU C 967 -5.76 8.37 9.58
CA GLU C 967 -4.42 8.91 9.77
C GLU C 967 -3.99 8.78 11.24
N VAL C 968 -4.92 9.00 12.17
CA VAL C 968 -4.58 8.89 13.58
C VAL C 968 -4.37 7.44 13.99
N GLN C 969 -5.24 6.54 13.56
CA GLN C 969 -5.08 5.14 13.92
C GLN C 969 -3.94 4.46 13.19
N LYS C 970 -3.34 5.11 12.19
CA LYS C 970 -2.10 4.58 11.63
C LYS C 970 -0.97 4.55 12.67
N HIS C 971 -0.92 5.53 13.56
CA HIS C 971 0.15 5.67 14.52
C HIS C 971 -0.35 5.65 15.96
N ALA C 972 -1.26 4.74 16.28
CA ALA C 972 -1.88 4.77 17.59
C ALA C 972 -1.01 4.14 18.67
N SER C 973 -0.42 2.98 18.35
CA SER C 973 0.31 2.21 19.35
C SER C 973 1.60 2.90 19.77
N LEU C 974 2.18 3.72 18.90
CA LEU C 974 3.31 4.53 19.32
C LEU C 974 2.86 5.74 20.10
N LYS C 975 1.73 6.33 19.74
CA LYS C 975 1.27 7.56 20.36
C LYS C 975 0.85 7.35 21.80
N ARG C 976 0.31 6.17 22.12
CA ARG C 976 -0.06 5.85 23.49
C ARG C 976 1.15 5.85 24.43
N ILE C 977 2.19 5.11 24.04
CA ILE C 977 3.35 4.98 24.91
C ILE C 977 4.15 6.27 24.89
N ALA C 978 4.08 7.03 23.80
CA ALA C 978 4.73 8.33 23.74
C ALA C 978 4.08 9.32 24.69
N MET C 979 2.74 9.30 24.79
CA MET C 979 2.07 10.16 25.76
C MET C 979 2.39 9.76 27.18
N GLN C 980 2.48 8.45 27.46
CA GLN C 980 2.83 8.01 28.82
C GLN C 980 4.25 8.42 29.20
N VAL C 981 5.21 8.24 28.29
CA VAL C 981 6.59 8.56 28.65
C VAL C 981 6.79 10.07 28.68
N GLU C 982 6.03 10.83 27.89
CA GLU C 982 6.12 12.28 27.99
C GLU C 982 5.52 12.79 29.30
N LEU C 983 4.45 12.14 29.76
CA LEU C 983 3.85 12.46 31.04
C LEU C 983 4.83 12.24 32.18
N HIS C 984 5.51 11.09 32.18
CA HIS C 984 6.44 10.81 33.27
C HIS C 984 7.70 11.66 33.20
N THR C 985 8.23 11.91 31.99
CA THR C 985 9.43 12.71 31.90
C THR C 985 9.14 14.19 32.12
N SER C 986 7.89 14.62 32.01
CA SER C 986 7.55 15.97 32.39
C SER C 986 7.31 16.08 33.88
N LEU C 987 6.75 15.03 34.48
CA LEU C 987 6.42 15.08 35.89
C LEU C 987 7.67 14.94 36.75
N GLU C 988 8.69 14.24 36.26
CA GLU C 988 9.87 13.97 37.07
C GLU C 988 10.77 15.19 37.21
N LYS C 989 10.68 16.15 36.30
CA LYS C 989 11.54 17.33 36.37
C LYS C 989 11.16 18.27 37.50
N LYS C 990 9.98 18.11 38.10
CA LYS C 990 9.52 19.03 39.12
C LYS C 990 9.60 18.46 40.53
N LEU C 991 9.76 17.16 40.67
CA LEU C 991 9.79 16.57 42.00
C LEU C 991 11.18 16.75 42.62
N PRO C 992 11.28 16.82 43.95
CA PRO C 992 12.59 16.97 44.57
C PRO C 992 13.40 15.69 44.52
N LEU C 993 14.72 15.85 44.59
CA LEU C 993 15.65 14.77 44.26
C LEU C 993 15.72 13.71 45.35
N TRP C 994 15.53 14.11 46.61
CA TRP C 994 15.50 13.12 47.69
C TRP C 994 14.29 12.20 47.56
N PHE C 995 13.18 12.73 47.06
CA PHE C 995 12.02 11.90 46.81
C PHE C 995 12.28 10.93 45.66
N LEU C 996 13.04 11.38 44.65
CA LEU C 996 13.43 10.50 43.55
C LEU C 996 14.33 9.38 44.03
N ARG C 997 15.30 9.69 44.89
CA ARG C 997 16.15 8.65 45.47
C ARG C 997 15.35 7.71 46.37
N LYS C 998 14.33 8.23 47.04
CA LYS C 998 13.53 7.39 47.91
C LYS C 998 12.65 6.43 47.13
N VAL C 999 12.09 6.88 46.01
CA VAL C 999 11.01 6.12 45.38
C VAL C 999 11.48 5.19 44.27
N ASP C 1000 12.65 5.43 43.66
CA ASP C 1000 13.02 4.63 42.51
C ASP C 1000 13.55 3.25 42.91
N GLN C 1001 13.62 2.37 41.93
CA GLN C 1001 14.06 1.00 42.10
C GLN C 1001 14.91 0.60 40.90
N LYS C 1002 15.96 -0.18 41.17
CA LYS C 1002 16.82 -0.65 40.10
C LYS C 1002 16.35 -1.96 39.50
N SER C 1003 15.65 -2.79 40.27
CA SER C 1003 15.21 -4.08 39.81
C SER C 1003 13.80 -4.35 40.29
N THR C 1004 13.06 -5.12 39.51
CA THR C 1004 11.72 -5.56 39.88
C THR C 1004 11.62 -7.07 39.75
N ILE C 1005 10.91 -7.70 40.66
CA ILE C 1005 10.72 -9.15 40.67
C ILE C 1005 9.24 -9.42 40.46
N VAL C 1006 8.92 -10.19 39.43
CA VAL C 1006 7.54 -10.41 39.01
C VAL C 1006 7.22 -11.89 39.17
N TYR C 1007 6.12 -12.18 39.87
CA TYR C 1007 5.61 -13.54 40.02
C TYR C 1007 4.38 -13.68 39.13
N PRO C 1008 4.42 -14.48 38.07
CA PRO C 1008 3.22 -14.66 37.24
C PRO C 1008 2.10 -15.43 37.95
N ASN C 1009 2.42 -16.24 38.94
CA ASN C 1009 1.40 -16.97 39.67
C ASN C 1009 0.67 -16.09 40.69
N LYS C 1010 1.34 -15.07 41.20
CA LYS C 1010 0.79 -14.22 42.25
C LYS C 1010 0.27 -12.93 41.66
N PRO C 1011 -0.97 -12.53 41.95
CA PRO C 1011 -1.46 -11.24 41.45
C PRO C 1011 -0.82 -10.07 42.19
N ARG C 1012 -1.00 -8.89 41.61
CA ARG C 1012 -0.46 -7.67 42.20
C ARG C 1012 -1.25 -7.27 43.44
N SER C 1013 -0.64 -6.41 44.25
CA SER C 1013 -1.24 -5.98 45.50
C SER C 1013 -2.41 -5.04 45.25
N GLY C 1014 -3.36 -5.05 46.19
CA GLY C 1014 -4.58 -4.28 46.04
C GLY C 1014 -5.53 -4.91 45.04
N GLY C 1015 -5.90 -6.17 45.28
CA GLY C 1015 -6.71 -6.90 44.33
C GLY C 1015 -8.16 -6.47 44.26
N MET C 1016 -8.64 -5.74 45.26
CA MET C 1016 -10.06 -5.41 45.33
C MET C 1016 -10.41 -4.28 44.35
N LEU C 1017 -9.87 -3.08 44.58
CA LEU C 1017 -10.25 -1.91 43.81
C LEU C 1017 -9.24 -1.55 42.72
N PHE C 1018 -7.95 -1.68 43.03
CA PHE C 1018 -6.90 -1.30 42.09
C PHE C 1018 -6.88 -2.21 40.86
N HIS C 1019 -7.27 -3.48 41.02
CA HIS C 1019 -7.33 -4.39 39.88
C HIS C 1019 -8.46 -4.01 38.94
N ILE C 1020 -9.62 -3.63 39.48
CA ILE C 1020 -10.74 -3.19 38.65
C ILE C 1020 -10.41 -1.84 37.99
N PHE C 1021 -9.69 -0.98 38.70
CA PHE C 1021 -9.24 0.29 38.13
C PHE C 1021 -8.27 0.06 36.96
N CYS C 1022 -7.33 -0.86 37.13
CA CYS C 1022 -6.37 -1.14 36.07
C CYS C 1022 -7.02 -1.88 34.92
N PHE C 1023 -8.11 -2.60 35.17
CA PHE C 1023 -8.86 -3.19 34.06
C PHE C 1023 -9.65 -2.13 33.29
N LEU C 1024 -10.27 -1.19 34.00
CA LEU C 1024 -11.13 -0.23 33.33
C LEU C 1024 -10.35 0.85 32.60
N PHE C 1025 -9.33 1.42 33.24
CA PHE C 1025 -8.70 2.62 32.70
C PHE C 1025 -7.39 2.33 31.98
N CYS C 1026 -6.48 1.57 32.58
CA CYS C 1026 -5.33 1.11 31.84
C CYS C 1026 -5.70 -0.16 31.07
N THR C 1027 -4.75 -0.68 30.30
CA THR C 1027 -5.03 -1.81 29.42
C THR C 1027 -5.16 -3.11 30.20
N SER C 1040 8.59 -3.24 6.40
CA SER C 1040 9.89 -3.84 6.70
C SER C 1040 10.66 -4.10 5.43
N LEU C 1041 10.10 -3.72 4.29
CA LEU C 1041 10.78 -3.95 3.02
C LEU C 1041 11.94 -2.98 2.82
N GLU C 1042 11.86 -1.81 3.46
CA GLU C 1042 12.89 -0.78 3.25
C GLU C 1042 14.23 -1.19 3.84
N MET C 1043 14.22 -1.73 5.07
CA MET C 1043 15.46 -2.21 5.67
C MET C 1043 15.99 -3.43 4.95
N GLU C 1044 15.10 -4.25 4.37
CA GLU C 1044 15.54 -5.42 3.63
C GLU C 1044 16.24 -5.03 2.33
N ILE C 1045 15.68 -4.07 1.59
CA ILE C 1045 16.33 -3.62 0.36
C ILE C 1045 17.58 -2.81 0.69
N LEU C 1046 17.63 -2.18 1.86
CA LEU C 1046 18.84 -1.48 2.27
C LEU C 1046 19.98 -2.46 2.57
N LYS C 1047 19.66 -3.56 3.23
CA LYS C 1047 20.64 -4.63 3.47
C LYS C 1047 21.08 -5.26 2.14
N GLN C 1048 20.14 -5.41 1.22
CA GLN C 1048 20.42 -5.86 -0.14
C GLN C 1048 21.44 -4.95 -0.83
N LYS C 1049 21.26 -3.64 -0.69
CA LYS C 1049 22.14 -2.68 -1.34
C LYS C 1049 23.54 -2.71 -0.72
N TYR C 1050 23.62 -2.86 0.60
CA TYR C 1050 24.94 -2.97 1.24
C TYR C 1050 25.69 -4.21 0.79
N ARG C 1051 24.98 -5.34 0.69
CA ARG C 1051 25.61 -6.57 0.25
C ARG C 1051 26.07 -6.49 -1.19
N LEU C 1052 25.28 -5.82 -2.04
CA LEU C 1052 25.67 -5.69 -3.44
C LEU C 1052 26.86 -4.76 -3.61
N LYS C 1053 26.97 -3.72 -2.78
CA LYS C 1053 28.11 -2.82 -2.84
C LYS C 1053 29.40 -3.52 -2.40
N ASP C 1054 29.32 -4.35 -1.35
CA ASP C 1054 30.47 -5.14 -0.95
C ASP C 1054 30.88 -6.12 -2.05
N LEU C 1055 29.88 -6.68 -2.74
CA LEU C 1055 30.12 -7.62 -3.83
C LEU C 1055 30.87 -6.96 -4.98
N THR C 1056 30.46 -5.76 -5.38
CA THR C 1056 31.14 -5.12 -6.51
C THR C 1056 32.52 -4.61 -6.14
N PHE C 1057 32.76 -4.27 -4.87
CA PHE C 1057 34.12 -3.90 -4.46
C PHE C 1057 35.06 -5.10 -4.55
N LEU C 1058 34.61 -6.27 -4.07
CA LEU C 1058 35.45 -7.46 -4.15
C LEU C 1058 35.70 -7.87 -5.59
N LEU C 1059 34.70 -7.71 -6.45
CA LEU C 1059 34.88 -8.09 -7.85
C LEU C 1059 35.87 -7.17 -8.56
N GLU C 1060 35.91 -5.89 -8.17
CA GLU C 1060 36.90 -4.98 -8.74
C GLU C 1060 38.32 -5.37 -8.34
N LYS C 1061 38.53 -5.71 -7.06
CA LYS C 1061 39.85 -6.18 -6.63
C LYS C 1061 40.29 -7.43 -7.38
N GLN C 1062 39.35 -8.35 -7.59
CA GLN C 1062 39.66 -9.59 -8.30
C GLN C 1062 40.02 -9.34 -9.76
N HIS C 1063 39.33 -8.39 -10.41
CA HIS C 1063 39.65 -8.04 -11.79
C HIS C 1063 41.04 -7.44 -11.90
N GLU C 1064 41.44 -6.65 -10.91
CA GLU C 1064 42.80 -6.11 -10.90
C GLU C 1064 43.84 -7.22 -10.76
N LEU C 1065 43.56 -8.23 -9.93
CA LEU C 1065 44.49 -9.35 -9.79
C LEU C 1065 44.61 -10.15 -11.08
N ILE C 1066 43.53 -10.32 -11.83
CA ILE C 1066 43.60 -11.07 -13.08
C ILE C 1066 44.41 -10.33 -14.14
N LYS C 1067 44.24 -9.00 -14.21
CA LYS C 1067 45.10 -8.23 -15.11
C LYS C 1067 46.56 -8.29 -14.71
N LEU C 1068 46.84 -8.38 -13.40
CA LEU C 1068 48.21 -8.57 -12.96
C LEU C 1068 48.76 -9.93 -13.36
N ILE C 1069 47.91 -10.96 -13.35
CA ILE C 1069 48.33 -12.29 -13.80
C ILE C 1069 48.75 -12.25 -15.26
N ILE C 1070 47.93 -11.63 -16.12
CA ILE C 1070 48.28 -11.57 -17.53
C ILE C 1070 49.51 -10.69 -17.77
N GLN C 1071 49.71 -9.69 -16.92
CA GLN C 1071 50.90 -8.85 -17.06
C GLN C 1071 52.17 -9.62 -16.71
N LYS C 1072 52.11 -10.50 -15.72
CA LYS C 1072 53.32 -11.22 -15.30
C LYS C 1072 53.42 -12.64 -15.87
N MET C 1073 52.47 -13.08 -16.69
CA MET C 1073 52.43 -14.46 -17.15
C MET C 1073 53.55 -14.73 -18.14
N GLU C 1074 54.01 -15.98 -18.16
CA GLU C 1074 55.07 -16.41 -19.06
C GLU C 1074 54.46 -17.13 -20.25
N ILE C 1075 54.65 -16.59 -21.44
CA ILE C 1075 54.09 -17.16 -22.66
C ILE C 1075 55.23 -17.68 -23.52
N ILE C 1076 55.33 -19.00 -23.61
CA ILE C 1076 56.24 -19.68 -24.50
C ILE C 1076 55.39 -20.64 -25.32
N SER C 1077 55.70 -20.76 -26.61
CA SER C 1077 55.03 -21.66 -27.57
C SER C 1077 53.56 -21.30 -27.75
N GLU C 1078 53.20 -20.05 -27.51
CA GLU C 1078 51.90 -19.52 -27.88
C GLU C 1078 51.99 -18.14 -28.50
N THR C 1079 53.20 -17.62 -28.72
CA THR C 1079 53.38 -16.29 -29.26
C THR C 1079 53.06 -16.25 -30.74
N GLU C 1080 52.95 -15.03 -31.27
CA GLU C 1080 52.72 -14.72 -32.69
C GLU C 1080 51.48 -15.39 -33.27
N LYS D 447 58.00 -35.08 1.78
CA LYS D 447 57.34 -35.20 0.49
C LYS D 447 55.84 -35.34 0.66
N LYS D 448 55.38 -35.24 1.91
CA LYS D 448 53.94 -35.37 2.19
C LYS D 448 53.19 -34.13 1.74
N SER D 449 53.77 -32.96 1.98
CA SER D 449 53.16 -31.69 1.58
C SER D 449 53.04 -31.51 0.06
N PRO D 450 54.01 -31.93 -0.79
CA PRO D 450 53.69 -31.95 -2.23
C PRO D 450 52.58 -32.89 -2.63
N LEU D 451 52.43 -34.03 -1.95
CA LEU D 451 51.32 -34.92 -2.29
C LEU D 451 49.99 -34.33 -1.86
N HIS D 452 49.97 -33.66 -0.70
CA HIS D 452 48.74 -32.99 -0.26
C HIS D 452 48.38 -31.85 -1.19
N PHE D 453 49.36 -31.09 -1.67
CA PHE D 453 49.05 -30.02 -2.61
C PHE D 453 48.61 -30.56 -3.96
N ALA D 454 49.23 -31.66 -4.41
CA ALA D 454 48.90 -32.18 -5.72
C ALA D 454 47.58 -32.91 -5.73
N ALA D 455 47.17 -33.49 -4.60
CA ALA D 455 45.88 -34.13 -4.51
C ALA D 455 44.77 -33.15 -4.17
N SER D 456 45.10 -32.05 -3.51
CA SER D 456 44.09 -31.06 -3.17
C SER D 456 43.65 -30.20 -4.35
N TYR D 457 44.33 -30.29 -5.49
CA TYR D 457 44.00 -29.46 -6.64
C TYR D 457 43.95 -30.24 -7.93
N GLY D 458 43.87 -31.56 -7.86
CA GLY D 458 43.58 -32.34 -9.04
C GLY D 458 44.73 -32.53 -10.00
N ARG D 459 45.96 -32.36 -9.54
CA ARG D 459 47.12 -32.59 -10.38
C ARG D 459 47.36 -34.09 -10.49
N ILE D 460 46.89 -34.69 -11.58
CA ILE D 460 46.93 -36.14 -11.67
C ILE D 460 48.32 -36.65 -12.05
N ASN D 461 49.08 -35.89 -12.85
CA ASN D 461 50.40 -36.37 -13.27
C ASN D 461 51.41 -36.26 -12.14
N THR D 462 51.31 -35.21 -11.33
CA THR D 462 52.16 -35.09 -10.15
C THR D 462 51.87 -36.18 -9.14
N CYS D 463 50.60 -36.56 -9.01
CA CYS D 463 50.25 -37.66 -8.12
C CYS D 463 50.71 -39.01 -8.68
N GLN D 464 50.77 -39.16 -10.00
CA GLN D 464 51.32 -40.39 -10.55
C GLN D 464 52.83 -40.46 -10.35
N ARG D 465 53.50 -39.32 -10.45
CA ARG D 465 54.95 -39.33 -10.26
C ARG D 465 55.33 -39.49 -8.79
N LEU D 466 54.51 -38.98 -7.88
CA LEU D 466 54.80 -39.17 -6.46
C LEU D 466 54.52 -40.60 -6.01
N LEU D 467 53.58 -41.28 -6.66
CA LEU D 467 53.16 -42.62 -6.25
C LEU D 467 53.71 -43.69 -7.17
N GLN D 468 54.96 -43.53 -7.60
CA GLN D 468 55.58 -44.59 -8.39
C GLN D 468 56.19 -45.66 -7.49
N ASP D 469 56.79 -45.25 -6.38
CA ASP D 469 57.34 -46.20 -5.41
C ASP D 469 56.17 -46.80 -4.62
N ILE D 470 55.88 -48.08 -4.86
CA ILE D 470 54.73 -48.73 -4.25
C ILE D 470 55.17 -49.48 -2.99
N SER D 471 56.35 -49.15 -2.48
CA SER D 471 56.88 -49.87 -1.33
C SER D 471 56.24 -49.37 -0.03
N ASP D 472 56.44 -48.10 0.30
CA ASP D 472 55.98 -47.54 1.56
C ASP D 472 54.61 -46.91 1.38
N THR D 473 53.61 -47.45 2.06
CA THR D 473 52.26 -46.89 2.06
C THR D 473 52.01 -46.00 3.27
N ARG D 474 53.02 -45.78 4.10
CA ARG D 474 52.86 -44.86 5.22
C ARG D 474 52.79 -43.42 4.76
N LEU D 475 53.33 -43.12 3.58
CA LEU D 475 53.20 -41.79 3.00
C LEU D 475 51.87 -41.62 2.29
N LEU D 476 51.28 -42.71 1.81
CA LEU D 476 50.00 -42.62 1.10
C LEU D 476 48.83 -42.34 2.04
N ASN D 477 48.80 -43.04 3.17
CA ASN D 477 47.73 -42.88 4.15
C ASN D 477 48.14 -41.99 5.31
N GLU D 478 49.05 -41.06 5.08
CA GLU D 478 49.53 -40.20 6.15
C GLU D 478 48.48 -39.16 6.49
N GLY D 479 48.69 -38.51 7.64
CA GLY D 479 47.75 -37.53 8.13
C GLY D 479 48.11 -36.12 7.72
N ASP D 480 47.28 -35.19 8.15
CA ASP D 480 47.46 -33.76 7.89
C ASP D 480 47.49 -33.05 9.25
N LEU D 481 47.61 -31.73 9.22
CA LEU D 481 47.43 -30.94 10.44
C LEU D 481 46.02 -31.08 10.97
N HIS D 482 45.03 -31.10 10.08
CA HIS D 482 43.66 -31.39 10.46
C HIS D 482 43.29 -32.86 10.24
N GLY D 483 44.28 -33.74 10.08
CA GLY D 483 44.01 -35.15 10.07
C GLY D 483 43.31 -35.67 8.82
N MET D 484 43.61 -35.09 7.67
CA MET D 484 43.00 -35.49 6.40
C MET D 484 44.01 -36.21 5.54
N THR D 485 43.64 -37.39 5.07
CA THR D 485 44.45 -38.10 4.10
C THR D 485 44.37 -37.38 2.75
N PRO D 486 45.29 -37.69 1.81
CA PRO D 486 45.09 -37.23 0.42
C PRO D 486 43.82 -37.72 -0.22
N LEU D 487 43.26 -38.84 0.24
CA LEU D 487 41.94 -39.28 -0.18
C LEU D 487 40.88 -38.24 0.20
N HIS D 488 40.97 -37.70 1.42
CA HIS D 488 40.04 -36.69 1.87
C HIS D 488 40.19 -35.38 1.09
N LEU D 489 41.42 -34.97 0.80
CA LEU D 489 41.62 -33.75 0.03
C LEU D 489 41.14 -33.91 -1.40
N ALA D 490 41.37 -35.08 -2.00
CA ALA D 490 40.93 -35.29 -3.36
C ALA D 490 39.43 -35.42 -3.45
N ALA D 491 38.78 -35.89 -2.38
CA ALA D 491 37.33 -35.97 -2.40
C ALA D 491 36.66 -34.66 -2.03
N LYS D 492 37.34 -33.80 -1.27
CA LYS D 492 36.74 -32.54 -0.85
C LYS D 492 36.52 -31.60 -2.02
N ASN D 493 37.53 -31.45 -2.87
CA ASN D 493 37.43 -30.56 -4.02
C ASN D 493 36.81 -31.23 -5.23
N GLY D 494 36.52 -32.51 -5.16
CA GLY D 494 35.74 -33.15 -6.20
C GLY D 494 36.53 -33.53 -7.43
N HIS D 495 37.67 -34.17 -7.25
CA HIS D 495 38.47 -34.67 -8.37
C HIS D 495 38.32 -36.17 -8.42
N ASP D 496 37.54 -36.65 -9.38
CA ASP D 496 37.20 -38.06 -9.46
C ASP D 496 38.35 -38.92 -9.95
N LYS D 497 39.17 -38.42 -10.87
CA LYS D 497 40.24 -39.25 -11.38
C LYS D 497 41.38 -39.39 -10.39
N VAL D 498 41.61 -38.37 -9.58
CA VAL D 498 42.63 -38.46 -8.53
C VAL D 498 42.22 -39.44 -7.46
N VAL D 499 40.95 -39.40 -7.04
CA VAL D 499 40.51 -40.30 -6.00
C VAL D 499 40.37 -41.72 -6.55
N GLN D 500 40.09 -41.87 -7.84
CA GLN D 500 40.09 -43.18 -8.46
C GLN D 500 41.50 -43.74 -8.53
N LEU D 501 42.50 -42.89 -8.78
CA LEU D 501 43.89 -43.32 -8.79
C LEU D 501 44.35 -43.70 -7.40
N LEU D 502 43.97 -42.95 -6.38
CA LEU D 502 44.35 -43.30 -5.02
C LEU D 502 43.66 -44.56 -4.53
N LEU D 503 42.47 -44.87 -5.04
CA LEU D 503 41.85 -46.13 -4.70
C LEU D 503 42.45 -47.29 -5.47
N LYS D 504 42.91 -47.04 -6.71
CA LYS D 504 43.56 -48.09 -7.48
C LYS D 504 44.93 -48.43 -6.90
N LYS D 505 45.66 -47.43 -6.43
CA LYS D 505 46.92 -47.71 -5.76
C LYS D 505 46.75 -48.26 -4.36
N GLY D 506 45.56 -48.14 -3.77
CA GLY D 506 45.32 -48.73 -2.48
C GLY D 506 45.40 -47.69 -1.37
N ALA D 507 44.25 -47.24 -0.91
CA ALA D 507 44.17 -46.30 0.20
C ALA D 507 43.08 -46.76 1.16
N LEU D 508 43.17 -46.30 2.40
CA LEU D 508 42.29 -46.75 3.47
C LEU D 508 41.33 -45.63 3.83
N PHE D 509 40.05 -45.96 3.94
CA PHE D 509 39.02 -44.98 4.26
C PHE D 509 39.12 -44.62 5.74
N LEU D 510 40.08 -43.74 6.03
CA LEU D 510 40.25 -43.31 7.41
C LEU D 510 39.24 -42.24 7.75
N SER D 511 39.33 -41.72 8.97
CA SER D 511 38.40 -40.73 9.45
C SER D 511 39.13 -39.43 9.78
N ASP D 512 38.38 -38.34 9.69
CA ASP D 512 38.85 -37.02 10.06
C ASP D 512 38.92 -36.93 11.59
N HIS D 513 39.51 -35.84 12.09
CA HIS D 513 39.42 -35.56 13.52
C HIS D 513 37.99 -35.28 13.96
N ASN D 514 37.13 -34.80 13.06
CA ASN D 514 35.72 -34.62 13.35
C ASN D 514 34.88 -35.76 12.78
N GLY D 515 35.49 -36.92 12.57
CA GLY D 515 34.75 -38.12 12.20
C GLY D 515 34.29 -38.21 10.77
N TRP D 516 34.62 -37.24 9.94
CA TRP D 516 34.21 -37.22 8.54
C TRP D 516 34.91 -38.33 7.77
N THR D 517 34.37 -38.63 6.59
CA THR D 517 35.00 -39.59 5.69
C THR D 517 35.15 -38.88 4.34
N ALA D 518 35.74 -39.56 3.36
CA ALA D 518 35.82 -39.02 2.01
C ALA D 518 34.43 -38.84 1.41
N LEU D 519 33.51 -39.76 1.73
CA LEU D 519 32.15 -39.63 1.23
C LEU D 519 31.41 -38.47 1.90
N HIS D 520 31.75 -38.20 3.16
CA HIS D 520 31.19 -37.03 3.84
C HIS D 520 31.65 -35.73 3.20
N HIS D 521 32.91 -35.65 2.78
CA HIS D 521 33.38 -34.44 2.10
C HIS D 521 32.79 -34.33 0.71
N ALA D 522 32.69 -35.45 0.00
CA ALA D 522 32.11 -35.43 -1.35
C ALA D 522 30.63 -35.08 -1.32
N SER D 523 29.94 -35.39 -0.24
CA SER D 523 28.54 -35.02 -0.11
C SER D 523 28.36 -33.62 0.45
N MET D 524 29.30 -33.16 1.27
CA MET D 524 29.31 -31.76 1.68
C MET D 524 29.50 -30.85 0.48
N GLY D 525 30.34 -31.26 -0.47
CA GLY D 525 30.53 -30.47 -1.67
C GLY D 525 29.44 -30.67 -2.70
N GLY D 526 28.89 -31.87 -2.80
CA GLY D 526 27.89 -32.14 -3.80
C GLY D 526 28.43 -32.65 -5.10
N TYR D 527 29.59 -33.28 -5.09
CA TYR D 527 30.23 -33.78 -6.30
C TYR D 527 29.78 -35.22 -6.53
N THR D 528 28.98 -35.44 -7.57
CA THR D 528 28.42 -36.76 -7.79
C THR D 528 29.43 -37.75 -8.34
N GLN D 529 30.52 -37.28 -8.95
CA GLN D 529 31.45 -38.20 -9.60
C GLN D 529 32.32 -38.93 -8.59
N THR D 530 32.94 -38.19 -7.67
CA THR D 530 33.72 -38.82 -6.61
C THR D 530 32.83 -39.67 -5.72
N MET D 531 31.60 -39.21 -5.50
CA MET D 531 30.60 -39.97 -4.75
C MET D 531 30.28 -41.28 -5.44
N LYS D 532 30.11 -41.25 -6.77
CA LYS D 532 29.81 -42.45 -7.52
C LYS D 532 30.99 -43.42 -7.51
N VAL D 533 32.21 -42.90 -7.54
CA VAL D 533 33.39 -43.75 -7.50
C VAL D 533 33.53 -44.45 -6.15
N ILE D 534 33.37 -43.68 -5.06
CA ILE D 534 33.45 -44.25 -3.71
C ILE D 534 32.34 -45.28 -3.49
N LEU D 535 31.14 -45.02 -4.03
CA LEU D 535 30.06 -45.99 -3.90
C LEU D 535 30.27 -47.21 -4.76
N ASP D 536 30.91 -47.08 -5.92
CA ASP D 536 31.15 -48.24 -6.76
C ASP D 536 32.29 -49.10 -6.25
N THR D 537 33.19 -48.57 -5.43
CA THR D 537 34.19 -49.45 -4.82
C THR D 537 33.57 -50.27 -3.70
N ASN D 538 33.09 -49.61 -2.65
CA ASN D 538 32.55 -50.28 -1.48
C ASN D 538 31.14 -49.80 -1.19
N LEU D 539 30.40 -50.64 -0.48
CA LEU D 539 29.08 -50.27 0.00
C LEU D 539 29.00 -50.17 1.51
N LYS D 540 30.03 -50.65 2.22
CA LYS D 540 30.05 -50.63 3.68
C LYS D 540 30.50 -49.30 4.26
N CYS D 541 30.62 -48.26 3.42
CA CYS D 541 31.03 -46.94 3.88
C CYS D 541 29.89 -45.94 3.82
N THR D 542 28.74 -46.32 3.27
CA THR D 542 27.61 -45.40 3.12
C THR D 542 27.02 -45.01 4.46
N ASP D 543 26.50 -45.99 5.20
CA ASP D 543 25.93 -45.73 6.51
C ASP D 543 27.07 -45.60 7.51
N ARG D 544 27.66 -44.41 7.57
CA ARG D 544 28.79 -44.18 8.45
C ARG D 544 28.54 -42.87 9.20
N LEU D 545 28.80 -42.89 10.50
CA LEU D 545 28.48 -41.78 11.36
C LEU D 545 29.72 -40.92 11.62
N ASP D 546 29.49 -39.63 11.77
CA ASP D 546 30.56 -38.74 12.21
C ASP D 546 30.51 -38.64 13.72
N GLU D 547 31.21 -37.63 14.27
CA GLU D 547 31.17 -37.41 15.71
C GLU D 547 29.85 -36.82 16.17
N ASP D 548 29.04 -36.30 15.25
CA ASP D 548 27.77 -35.67 15.60
C ASP D 548 26.60 -36.53 15.15
N GLY D 549 26.85 -37.74 14.68
CA GLY D 549 25.78 -38.63 14.28
C GLY D 549 25.25 -38.44 12.88
N ASN D 550 25.71 -37.43 12.16
CA ASN D 550 25.25 -37.21 10.81
C ASN D 550 25.85 -38.24 9.86
N THR D 551 25.06 -38.62 8.86
CA THR D 551 25.57 -39.42 7.77
C THR D 551 25.89 -38.52 6.59
N ALA D 552 26.29 -39.12 5.47
CA ALA D 552 26.56 -38.34 4.27
C ALA D 552 25.29 -37.77 3.67
N LEU D 553 24.17 -38.47 3.83
CA LEU D 553 22.90 -37.99 3.32
C LEU D 553 22.42 -36.77 4.09
N HIS D 554 22.78 -36.69 5.37
CA HIS D 554 22.50 -35.49 6.16
C HIS D 554 23.18 -34.26 5.59
N PHE D 555 24.45 -34.39 5.20
CA PHE D 555 25.16 -33.24 4.66
C PHE D 555 24.68 -32.91 3.25
N ALA D 556 24.43 -33.94 2.44
CA ALA D 556 23.97 -33.71 1.08
C ALA D 556 22.58 -33.10 1.04
N ALA D 557 21.77 -33.34 2.07
CA ALA D 557 20.49 -32.65 2.16
C ALA D 557 20.58 -31.32 2.85
N ARG D 558 21.57 -31.13 3.73
CA ARG D 558 21.71 -29.85 4.40
C ARG D 558 22.21 -28.78 3.45
N GLU D 559 23.15 -29.14 2.58
CA GLU D 559 23.67 -28.15 1.65
C GLU D 559 22.82 -27.99 0.40
N GLY D 560 21.80 -28.81 0.23
CA GLY D 560 20.86 -28.62 -0.84
C GLY D 560 21.35 -29.09 -2.19
N HIS D 561 21.90 -30.29 -2.24
CA HIS D 561 22.37 -30.89 -3.49
C HIS D 561 21.40 -32.00 -3.86
N ALA D 562 20.63 -31.77 -4.92
CA ALA D 562 19.55 -32.68 -5.25
C ALA D 562 20.07 -34.00 -5.82
N LYS D 563 21.04 -33.93 -6.72
CA LYS D 563 21.52 -35.15 -7.36
C LYS D 563 22.34 -36.01 -6.41
N ALA D 564 22.98 -35.39 -5.42
CA ALA D 564 23.68 -36.17 -4.40
C ALA D 564 22.70 -36.93 -3.52
N VAL D 565 21.60 -36.29 -3.16
CA VAL D 565 20.56 -36.94 -2.37
C VAL D 565 19.91 -38.05 -3.18
N ALA D 566 19.66 -37.81 -4.46
CA ALA D 566 19.10 -38.85 -5.33
C ALA D 566 20.07 -40.00 -5.55
N LEU D 567 21.38 -39.73 -5.52
CA LEU D 567 22.34 -40.80 -5.70
C LEU D 567 22.46 -41.65 -4.46
N LEU D 568 22.55 -41.02 -3.28
CA LEU D 568 22.55 -41.81 -2.04
C LEU D 568 21.21 -42.45 -1.75
N LEU D 569 20.15 -41.96 -2.37
CA LEU D 569 18.81 -42.47 -2.09
C LEU D 569 18.44 -43.59 -3.04
N SER D 570 19.00 -43.59 -4.25
CA SER D 570 18.85 -44.73 -5.15
C SER D 570 19.59 -45.95 -4.62
N HIS D 571 20.71 -45.73 -3.93
CA HIS D 571 21.31 -46.78 -3.15
C HIS D 571 20.64 -46.82 -1.78
N ASN D 572 20.92 -47.87 -1.02
CA ASN D 572 20.35 -47.98 0.32
C ASN D 572 21.06 -47.03 1.25
N ALA D 573 20.30 -46.09 1.83
CA ALA D 573 20.91 -44.99 2.55
C ALA D 573 20.93 -45.16 4.05
N ASP D 574 20.07 -46.03 4.60
CA ASP D 574 19.97 -46.32 6.04
C ASP D 574 19.68 -45.05 6.83
N ILE D 575 18.46 -44.53 6.62
CA ILE D 575 18.02 -43.27 7.22
C ILE D 575 18.01 -43.39 8.74
N VAL D 576 18.70 -42.47 9.40
CA VAL D 576 18.85 -42.51 10.84
C VAL D 576 18.75 -41.08 11.35
N LEU D 577 18.47 -40.93 12.64
CA LEU D 577 18.37 -39.61 13.21
C LEU D 577 19.74 -39.07 13.59
N ASN D 578 19.73 -37.81 14.00
CA ASN D 578 20.94 -37.06 14.31
C ASN D 578 21.27 -37.27 15.78
N LYS D 579 22.27 -36.54 16.29
CA LYS D 579 22.43 -36.41 17.73
C LYS D 579 21.26 -35.63 18.32
N GLN D 580 20.72 -34.68 17.57
CA GLN D 580 19.54 -33.93 17.98
C GLN D 580 18.27 -34.50 17.37
N GLN D 581 18.27 -35.79 17.03
CA GLN D 581 17.10 -36.53 16.55
C GLN D 581 16.50 -35.94 15.29
N ALA D 582 17.34 -35.42 14.41
CA ALA D 582 16.92 -34.80 13.16
C ALA D 582 17.23 -35.74 12.01
N SER D 583 16.22 -36.04 11.20
CA SER D 583 16.50 -36.77 9.98
C SER D 583 17.08 -35.82 8.94
N PHE D 584 17.42 -36.37 7.78
CA PHE D 584 17.93 -35.53 6.71
C PHE D 584 16.83 -34.68 6.11
N LEU D 585 15.59 -35.14 6.20
CA LEU D 585 14.46 -34.38 5.69
C LEU D 585 14.17 -33.17 6.58
N HIS D 586 14.32 -33.34 7.90
CA HIS D 586 14.22 -32.20 8.81
C HIS D 586 15.31 -31.19 8.53
N LEU D 587 16.53 -31.67 8.33
CA LEU D 587 17.67 -30.80 8.13
C LEU D 587 17.61 -30.11 6.77
N ALA D 588 16.88 -30.68 5.82
CA ALA D 588 16.61 -30.01 4.57
C ALA D 588 15.49 -29.00 4.69
N LEU D 589 14.48 -29.28 5.52
CA LEU D 589 13.37 -28.35 5.65
C LEU D 589 13.72 -27.13 6.46
N HIS D 590 14.64 -27.25 7.42
CA HIS D 590 15.00 -26.07 8.19
C HIS D 590 15.85 -25.09 7.41
N ASN D 591 16.48 -25.54 6.33
CA ASN D 591 17.29 -24.67 5.48
C ASN D 591 16.57 -24.24 4.23
N LYS D 592 15.28 -24.57 4.10
CA LYS D 592 14.41 -24.13 3.01
C LYS D 592 14.92 -24.56 1.64
N ARG D 593 15.48 -25.77 1.58
CA ARG D 593 15.99 -26.31 0.33
C ARG D 593 14.82 -26.94 -0.40
N LYS D 594 14.30 -26.24 -1.41
CA LYS D 594 13.07 -26.68 -2.08
C LYS D 594 13.33 -27.92 -2.94
N GLU D 595 14.46 -27.94 -3.64
CA GLU D 595 14.66 -28.95 -4.66
C GLU D 595 14.95 -30.32 -4.05
N VAL D 596 15.64 -30.37 -2.91
CA VAL D 596 15.92 -31.67 -2.35
C VAL D 596 14.69 -32.27 -1.69
N VAL D 597 13.80 -31.46 -1.10
CA VAL D 597 12.61 -32.07 -0.52
C VAL D 597 11.63 -32.42 -1.62
N LEU D 598 11.69 -31.72 -2.76
CA LEU D 598 10.87 -32.11 -3.88
C LEU D 598 11.35 -33.42 -4.49
N THR D 599 12.67 -33.64 -4.56
CA THR D 599 13.12 -34.91 -5.09
C THR D 599 13.06 -36.04 -4.07
N ILE D 600 12.93 -35.74 -2.77
CA ILE D 600 12.55 -36.77 -1.82
C ILE D 600 11.09 -37.18 -2.05
N ILE D 601 10.23 -36.20 -2.31
CA ILE D 601 8.81 -36.48 -2.57
C ILE D 601 8.65 -37.31 -3.84
N ARG D 602 9.43 -37.00 -4.89
CA ARG D 602 9.33 -37.77 -6.12
C ARG D 602 9.92 -39.17 -6.03
N SER D 603 10.59 -39.52 -4.92
CA SER D 603 11.25 -40.81 -4.80
C SER D 603 10.25 -41.92 -4.48
N LYS D 604 10.78 -43.11 -4.27
CA LYS D 604 9.98 -44.25 -3.86
C LYS D 604 10.07 -44.52 -2.36
N ARG D 605 11.01 -43.89 -1.67
CA ARG D 605 11.26 -44.12 -0.27
C ARG D 605 10.49 -43.15 0.62
N TRP D 606 9.63 -42.32 0.02
CA TRP D 606 8.99 -41.19 0.69
C TRP D 606 8.21 -41.60 1.93
N ASP D 607 7.41 -42.66 1.81
CA ASP D 607 6.63 -43.17 2.93
C ASP D 607 7.53 -43.57 4.09
N GLU D 608 8.64 -44.25 3.78
CA GLU D 608 9.63 -44.58 4.80
C GLU D 608 10.23 -43.33 5.40
N CYS D 609 10.50 -42.33 4.55
CA CYS D 609 11.04 -41.06 5.00
C CYS D 609 10.06 -40.30 5.88
N LEU D 610 8.77 -40.63 5.78
CA LEU D 610 7.78 -39.99 6.62
C LEU D 610 7.67 -40.67 7.98
N LYS D 611 8.12 -41.92 8.10
CA LYS D 611 7.79 -42.69 9.30
C LYS D 611 8.63 -42.28 10.50
N ILE D 612 9.92 -42.03 10.26
CA ILE D 612 10.87 -41.74 11.31
C ILE D 612 11.02 -40.31 11.79
N PHE D 613 10.79 -40.12 13.09
CA PHE D 613 11.00 -38.85 13.75
C PHE D 613 10.92 -39.13 15.25
N SER D 614 11.02 -38.08 16.06
CA SER D 614 10.95 -38.21 17.50
C SER D 614 9.72 -37.50 18.03
N HIS D 615 8.89 -38.22 18.77
CA HIS D 615 7.74 -37.62 19.43
C HIS D 615 8.18 -36.71 20.57
N ASN D 616 9.31 -37.03 21.20
CA ASN D 616 9.75 -36.30 22.38
C ASN D 616 10.48 -35.01 22.01
N SER D 617 11.07 -34.95 20.82
CA SER D 617 11.93 -33.83 20.44
C SER D 617 11.12 -32.57 20.17
N PRO D 618 11.38 -31.47 20.86
CA PRO D 618 10.57 -30.25 20.65
C PRO D 618 10.92 -29.47 19.40
N GLY D 619 12.08 -29.73 18.79
CA GLY D 619 12.51 -28.99 17.63
C GLY D 619 12.00 -29.52 16.31
N ASN D 620 12.38 -30.76 16.00
CA ASN D 620 11.92 -31.40 14.73
C ASN D 620 10.55 -31.94 15.08
N LYS D 621 9.56 -31.05 15.14
CA LYS D 621 8.27 -31.52 15.70
C LYS D 621 7.62 -32.61 14.85
N CYS D 622 7.22 -32.33 13.63
CA CYS D 622 6.54 -33.27 12.75
C CYS D 622 6.75 -32.86 11.30
N PRO D 623 7.20 -33.77 10.44
CA PRO D 623 7.65 -33.37 9.09
C PRO D 623 6.58 -32.79 8.18
N ILE D 624 5.33 -33.24 8.28
CA ILE D 624 4.26 -32.62 7.53
C ILE D 624 4.00 -31.20 8.03
N THR D 625 4.00 -31.01 9.35
CA THR D 625 3.85 -29.67 9.89
C THR D 625 5.07 -28.80 9.62
N GLU D 626 6.26 -29.41 9.52
CA GLU D 626 7.43 -28.62 9.14
C GLU D 626 7.35 -28.20 7.68
N MET D 627 6.80 -29.05 6.82
CA MET D 627 6.57 -28.66 5.43
C MET D 627 5.54 -27.56 5.33
N ILE D 628 4.53 -27.58 6.19
CA ILE D 628 3.54 -26.52 6.19
C ILE D 628 4.16 -25.21 6.68
N GLU D 629 5.03 -25.29 7.69
CA GLU D 629 5.62 -24.09 8.25
C GLU D 629 6.64 -23.46 7.31
N TYR D 630 7.52 -24.28 6.70
CA TYR D 630 8.66 -23.75 5.99
C TYR D 630 8.50 -23.70 4.48
N LEU D 631 8.08 -24.80 3.85
CA LEU D 631 8.01 -24.88 2.39
C LEU D 631 6.61 -25.28 1.96
N PRO D 632 5.66 -24.35 1.97
CA PRO D 632 4.29 -24.70 1.60
C PRO D 632 4.12 -24.99 0.13
N GLU D 633 5.00 -24.46 -0.72
CA GLU D 633 4.95 -24.74 -2.14
C GLU D 633 5.38 -26.16 -2.49
N CYS D 634 5.94 -26.91 -1.54
CA CYS D 634 6.14 -28.34 -1.70
C CYS D 634 4.97 -29.14 -1.16
N MET D 635 4.32 -28.62 -0.11
CA MET D 635 3.10 -29.23 0.38
C MET D 635 1.98 -29.15 -0.65
N LYS D 636 2.00 -28.12 -1.50
CA LYS D 636 1.06 -28.06 -2.61
C LYS D 636 1.25 -29.22 -3.58
N VAL D 637 2.50 -29.58 -3.88
CA VAL D 637 2.78 -30.71 -4.76
C VAL D 637 2.39 -32.02 -4.10
N LEU D 638 2.65 -32.12 -2.79
CA LEU D 638 2.28 -33.32 -2.03
C LEU D 638 0.77 -33.51 -2.00
N LEU D 639 0.01 -32.41 -1.91
CA LEU D 639 -1.44 -32.54 -2.01
C LEU D 639 -1.89 -32.80 -3.44
N ASP D 640 -1.11 -32.36 -4.44
CA ASP D 640 -1.44 -32.67 -5.81
C ASP D 640 -1.29 -34.15 -6.12
N PHE D 641 -0.39 -34.85 -5.41
CA PHE D 641 -0.37 -36.29 -5.57
C PHE D 641 -1.57 -36.99 -4.93
N CYS D 642 -2.27 -36.34 -4.00
CA CYS D 642 -3.44 -36.96 -3.41
C CYS D 642 -4.64 -36.91 -4.32
N MET D 643 -4.70 -35.95 -5.23
CA MET D 643 -5.80 -35.84 -6.17
C MET D 643 -5.60 -36.83 -7.32
N LEU D 644 -6.67 -37.54 -7.66
CA LEU D 644 -6.64 -38.49 -8.77
C LEU D 644 -7.71 -38.12 -9.77
N HIS D 645 -7.64 -38.75 -10.95
CA HIS D 645 -8.56 -38.46 -12.03
C HIS D 645 -8.92 -39.76 -12.73
N SER D 646 -9.95 -39.72 -13.56
CA SER D 646 -10.38 -40.90 -14.32
C SER D 646 -9.91 -40.88 -15.76
N THR D 647 -10.33 -39.87 -16.53
CA THR D 647 -10.02 -39.75 -17.95
C THR D 647 -10.32 -38.33 -18.39
N GLU D 648 -9.34 -37.67 -19.01
CA GLU D 648 -9.48 -36.26 -19.33
C GLU D 648 -10.49 -36.01 -20.45
N ASP D 649 -10.65 -36.98 -21.35
CA ASP D 649 -11.55 -36.78 -22.48
C ASP D 649 -13.00 -37.08 -22.11
N LYS D 650 -13.23 -37.95 -21.13
CA LYS D 650 -14.57 -38.38 -20.73
C LYS D 650 -15.08 -37.57 -19.55
N SER D 651 -14.72 -36.28 -19.50
CA SER D 651 -14.99 -35.42 -18.35
C SER D 651 -16.48 -35.18 -18.11
N CYS D 652 -17.33 -35.40 -19.10
CA CYS D 652 -18.76 -35.24 -18.93
C CYS D 652 -19.47 -36.56 -18.63
N ARG D 653 -18.99 -37.66 -19.20
CA ARG D 653 -19.70 -38.94 -19.15
C ARG D 653 -19.18 -39.76 -17.97
N ASP D 654 -19.92 -39.73 -16.85
CA ASP D 654 -19.70 -40.56 -15.65
C ASP D 654 -18.31 -40.32 -15.04
N TYR D 655 -17.79 -39.12 -15.19
CA TYR D 655 -16.43 -38.81 -14.77
C TYR D 655 -16.35 -38.64 -13.27
N TYR D 656 -15.26 -39.12 -12.69
CA TYR D 656 -15.05 -39.02 -11.26
C TYR D 656 -13.62 -38.60 -10.97
N ILE D 657 -13.43 -38.01 -9.80
CA ILE D 657 -12.12 -37.71 -9.26
C ILE D 657 -12.08 -38.19 -7.82
N GLU D 658 -10.95 -38.72 -7.39
CA GLU D 658 -10.83 -39.31 -6.07
C GLU D 658 -9.86 -38.51 -5.21
N TYR D 659 -10.29 -38.18 -4.01
CA TYR D 659 -9.50 -37.47 -3.03
C TYR D 659 -9.10 -38.43 -1.92
N ASN D 660 -7.81 -38.45 -1.61
CA ASN D 660 -7.27 -39.30 -0.55
C ASN D 660 -6.71 -38.42 0.55
N PHE D 661 -7.14 -38.66 1.78
CA PHE D 661 -6.84 -37.78 2.91
C PHE D 661 -5.85 -38.43 3.87
N LYS D 662 -4.85 -39.13 3.33
CA LYS D 662 -3.95 -39.87 4.21
C LYS D 662 -2.93 -38.98 4.88
N TYR D 663 -2.60 -37.83 4.29
CA TYR D 663 -1.59 -36.95 4.86
C TYR D 663 -2.17 -35.84 5.70
N LEU D 664 -3.49 -35.77 5.86
CA LEU D 664 -4.07 -34.61 6.51
C LEU D 664 -4.34 -34.80 7.99
N GLN D 665 -4.25 -36.03 8.51
CA GLN D 665 -4.57 -36.23 9.92
C GLN D 665 -3.81 -37.42 10.45
N CYS D 666 -3.65 -37.45 11.76
CA CYS D 666 -3.11 -38.59 12.46
C CYS D 666 -4.16 -39.69 12.54
N PRO D 667 -3.76 -40.92 12.83
CA PRO D 667 -4.76 -41.95 13.15
C PRO D 667 -5.52 -41.62 14.42
N LEU D 668 -6.76 -42.10 14.48
CA LEU D 668 -7.69 -41.71 15.52
C LEU D 668 -7.29 -42.23 16.89
N GLU D 669 -6.60 -43.36 16.95
CA GLU D 669 -6.21 -43.94 18.24
C GLU D 669 -5.14 -43.12 18.94
N PHE D 670 -4.46 -42.23 18.23
CA PHE D 670 -3.52 -41.33 18.88
C PHE D 670 -4.24 -40.13 19.50
N THR D 671 -5.29 -39.64 18.84
CA THR D 671 -5.82 -38.31 19.13
C THR D 671 -6.53 -38.25 20.47
N LYS D 672 -7.52 -39.10 20.68
CA LYS D 672 -8.28 -39.07 21.92
C LYS D 672 -7.59 -39.79 23.06
N LYS D 673 -6.48 -40.47 22.81
CA LYS D 673 -5.75 -41.18 23.85
C LYS D 673 -4.70 -40.28 24.50
N THR D 674 -5.20 -39.28 25.21
CA THR D 674 -4.33 -38.39 25.98
C THR D 674 -3.61 -39.10 27.14
N PRO D 675 -4.28 -39.96 28.00
CA PRO D 675 -3.49 -40.63 29.04
C PRO D 675 -2.54 -41.70 28.53
N THR D 676 -3.03 -42.60 27.67
CA THR D 676 -2.31 -43.83 27.38
C THR D 676 -1.34 -43.72 26.20
N GLN D 677 -1.55 -42.80 25.26
CA GLN D 677 -0.52 -42.54 24.27
C GLN D 677 0.47 -41.48 24.76
N ASP D 678 0.01 -40.58 25.63
CA ASP D 678 0.84 -39.64 26.39
C ASP D 678 1.61 -38.66 25.51
N VAL D 679 1.09 -38.38 24.32
CA VAL D 679 1.67 -37.41 23.40
C VAL D 679 0.55 -36.43 23.05
N ILE D 680 0.91 -35.15 22.90
CA ILE D 680 -0.08 -34.15 22.52
C ILE D 680 -0.53 -34.39 21.09
N TYR D 681 -1.85 -34.41 20.89
CA TYR D 681 -2.44 -34.52 19.57
C TYR D 681 -3.67 -33.62 19.51
N GLU D 682 -3.98 -33.16 18.30
CA GLU D 682 -5.22 -32.51 18.03
C GLU D 682 -5.88 -33.20 16.85
N PRO D 683 -7.19 -33.26 16.78
CA PRO D 683 -7.83 -33.67 15.53
C PRO D 683 -7.62 -32.58 14.50
N LEU D 684 -7.61 -32.99 13.22
CA LEU D 684 -7.36 -32.15 12.05
C LEU D 684 -6.00 -31.46 12.18
N THR D 685 -4.94 -32.28 12.17
CA THR D 685 -3.59 -31.79 12.44
C THR D 685 -3.10 -30.83 11.37
N ALA D 686 -3.19 -31.26 10.11
CA ALA D 686 -2.64 -30.46 9.01
C ALA D 686 -3.41 -29.17 8.83
N LEU D 687 -4.73 -29.21 9.04
CA LEU D 687 -5.54 -28.00 8.89
C LEU D 687 -5.24 -26.99 9.97
N ASN D 688 -5.04 -27.44 11.20
CA ASN D 688 -4.68 -26.52 12.27
C ASN D 688 -3.30 -25.93 12.05
N ALA D 689 -2.36 -26.74 11.54
CA ALA D 689 -1.04 -26.22 11.21
C ALA D 689 -1.09 -25.23 10.06
N MET D 690 -2.00 -25.45 9.10
CA MET D 690 -2.15 -24.52 8.00
C MET D 690 -2.84 -23.23 8.42
N VAL D 691 -3.71 -23.30 9.42
CA VAL D 691 -4.39 -22.09 9.91
C VAL D 691 -3.43 -21.25 10.75
N GLN D 692 -2.64 -21.90 11.61
CA GLN D 692 -1.71 -21.16 12.47
C GLN D 692 -0.60 -20.47 11.68
N ASN D 693 -0.31 -20.94 10.47
CA ASN D 693 0.72 -20.35 9.65
C ASN D 693 0.17 -19.52 8.50
N ASN D 694 -1.15 -19.31 8.46
CA ASN D 694 -1.84 -18.41 7.54
C ASN D 694 -1.66 -18.80 6.08
N ARG D 695 -1.54 -20.10 5.81
CA ARG D 695 -1.27 -20.58 4.46
C ARG D 695 -2.59 -20.77 3.72
N ILE D 696 -3.18 -19.65 3.28
CA ILE D 696 -4.54 -19.67 2.76
C ILE D 696 -4.62 -20.33 1.39
N GLU D 697 -3.53 -20.30 0.61
CA GLU D 697 -3.54 -20.96 -0.70
C GLU D 697 -3.55 -22.47 -0.57
N LEU D 698 -3.20 -22.99 0.59
CA LEU D 698 -3.33 -24.41 0.88
C LEU D 698 -4.68 -24.76 1.47
N LEU D 699 -5.32 -23.82 2.19
CA LEU D 699 -6.69 -24.08 2.65
C LEU D 699 -7.67 -24.05 1.50
N ASN D 700 -7.37 -23.27 0.46
CA ASN D 700 -8.22 -23.22 -0.72
C ASN D 700 -7.89 -24.31 -1.72
N HIS D 701 -7.01 -25.25 -1.38
CA HIS D 701 -6.74 -26.37 -2.26
C HIS D 701 -7.93 -27.33 -2.23
N PRO D 702 -8.29 -27.92 -3.37
CA PRO D 702 -9.52 -28.73 -3.43
C PRO D 702 -9.52 -29.96 -2.56
N VAL D 703 -8.35 -30.51 -2.23
CA VAL D 703 -8.30 -31.62 -1.29
C VAL D 703 -8.73 -31.18 0.10
N CYS D 704 -8.29 -29.99 0.52
CA CYS D 704 -8.70 -29.48 1.82
C CYS D 704 -10.16 -29.09 1.84
N LYS D 705 -10.67 -28.54 0.73
CA LYS D 705 -12.09 -28.21 0.64
C LYS D 705 -12.95 -29.45 0.73
N GLU D 706 -12.59 -30.51 0.01
CA GLU D 706 -13.36 -31.73 0.10
C GLU D 706 -13.18 -32.41 1.46
N TYR D 707 -12.04 -32.18 2.11
CA TYR D 707 -11.85 -32.76 3.44
C TYR D 707 -12.76 -32.10 4.46
N LEU D 708 -12.86 -30.77 4.46
CA LEU D 708 -13.82 -30.11 5.33
C LEU D 708 -15.27 -30.42 4.96
N LEU D 709 -15.56 -30.59 3.67
CA LEU D 709 -16.94 -30.88 3.28
C LEU D 709 -17.36 -32.26 3.72
N MET D 710 -16.47 -33.25 3.57
CA MET D 710 -16.71 -34.58 4.12
C MET D 710 -16.83 -34.54 5.64
N LYS D 711 -15.99 -33.75 6.30
CA LYS D 711 -16.02 -33.69 7.75
C LYS D 711 -17.30 -33.03 8.26
N TRP D 712 -17.85 -32.11 7.48
CA TRP D 712 -19.12 -31.48 7.83
C TRP D 712 -20.28 -32.42 7.59
N LEU D 713 -20.26 -33.16 6.48
CA LEU D 713 -21.32 -34.13 6.23
C LEU D 713 -21.25 -35.34 7.15
N ALA D 714 -20.11 -35.58 7.78
CA ALA D 714 -20.00 -36.71 8.69
C ALA D 714 -20.78 -36.45 9.97
N TYR D 715 -20.35 -35.47 10.75
CA TYR D 715 -20.98 -35.21 12.03
C TYR D 715 -21.24 -33.74 12.34
N GLY D 716 -20.72 -32.79 11.56
CA GLY D 716 -20.88 -31.39 11.94
C GLY D 716 -22.27 -30.86 11.65
N PHE D 717 -22.85 -31.26 10.53
CA PHE D 717 -24.20 -30.83 10.17
C PHE D 717 -25.23 -31.33 11.15
N ARG D 718 -25.14 -32.61 11.52
CA ARG D 718 -26.15 -33.17 12.40
C ARG D 718 -26.06 -32.58 13.81
N ALA D 719 -24.84 -32.38 14.29
CA ALA D 719 -24.66 -31.78 15.61
C ALA D 719 -25.13 -30.34 15.64
N HIS D 720 -24.84 -29.59 14.58
CA HIS D 720 -25.27 -28.20 14.55
C HIS D 720 -26.78 -28.07 14.39
N MET D 721 -27.40 -28.94 13.59
CA MET D 721 -28.85 -28.87 13.44
C MET D 721 -29.57 -29.34 14.70
N MET D 722 -28.99 -30.27 15.46
CA MET D 722 -29.58 -30.63 16.74
C MET D 722 -29.49 -29.48 17.73
N ASN D 723 -28.31 -28.84 17.79
CA ASN D 723 -28.11 -27.71 18.70
C ASN D 723 -29.02 -26.53 18.34
N LEU D 724 -29.28 -26.35 17.05
CA LEU D 724 -30.20 -25.29 16.65
C LEU D 724 -31.65 -25.69 16.84
N GLY D 725 -31.97 -26.97 16.68
CA GLY D 725 -33.35 -27.41 16.80
C GLY D 725 -33.87 -27.37 18.22
N SER D 726 -33.01 -27.62 19.21
CA SER D 726 -33.46 -27.53 20.60
C SER D 726 -33.82 -26.09 20.97
N TYR D 727 -32.97 -25.14 20.59
CA TYR D 727 -33.24 -23.74 20.89
C TYR D 727 -34.43 -23.23 20.09
N CYS D 728 -34.61 -23.70 18.86
CA CYS D 728 -35.73 -23.24 18.06
C CYS D 728 -37.04 -23.83 18.57
N LEU D 729 -36.98 -25.03 19.16
CA LEU D 729 -38.11 -25.59 19.90
C LEU D 729 -38.43 -24.76 21.13
N GLY D 730 -37.42 -24.14 21.74
CA GLY D 730 -37.72 -23.16 22.77
C GLY D 730 -38.27 -21.85 22.24
N LEU D 731 -37.83 -21.45 21.05
CA LEU D 731 -38.08 -20.11 20.52
C LEU D 731 -39.48 -19.95 19.95
N ILE D 732 -39.90 -20.89 19.08
CA ILE D 732 -41.15 -20.72 18.33
C ILE D 732 -42.42 -20.63 19.19
N PRO D 733 -42.65 -21.50 20.20
CA PRO D 733 -43.91 -21.39 20.94
C PRO D 733 -44.08 -20.11 21.73
N MET D 734 -43.00 -19.45 22.15
CA MET D 734 -43.17 -18.18 22.85
C MET D 734 -43.64 -17.09 21.89
N THR D 735 -43.10 -17.06 20.67
CA THR D 735 -43.55 -16.06 19.72
C THR D 735 -44.98 -16.33 19.27
N ILE D 736 -45.36 -17.60 19.14
CA ILE D 736 -46.75 -17.95 18.85
C ILE D 736 -47.65 -17.48 19.98
N LEU D 737 -47.21 -17.69 21.22
CA LEU D 737 -48.01 -17.36 22.39
C LEU D 737 -48.14 -15.85 22.56
N VAL D 738 -47.15 -15.09 22.10
CA VAL D 738 -47.22 -13.63 22.17
C VAL D 738 -48.11 -13.08 21.07
N VAL D 739 -47.94 -13.55 19.83
CA VAL D 739 -48.75 -13.00 18.75
C VAL D 739 -50.18 -13.50 18.75
N ASN D 740 -50.52 -14.48 19.59
CA ASN D 740 -51.89 -14.95 19.65
C ASN D 740 -52.63 -14.53 20.91
N ILE D 741 -52.00 -13.81 21.82
CA ILE D 741 -52.65 -13.34 23.05
C ILE D 741 -52.44 -11.84 23.14
N LYS D 742 -53.51 -11.10 23.42
CA LYS D 742 -53.38 -9.67 23.64
C LYS D 742 -52.59 -9.40 24.92
N PRO D 743 -51.57 -8.56 24.87
CA PRO D 743 -50.75 -8.32 26.06
C PRO D 743 -51.50 -7.57 27.14
N GLY D 744 -51.02 -7.73 28.37
CA GLY D 744 -51.63 -7.11 29.52
C GLY D 744 -52.69 -7.94 30.21
N MET D 745 -53.24 -8.95 29.53
CA MET D 745 -54.28 -9.79 30.10
C MET D 745 -53.67 -11.06 30.67
N ALA D 746 -54.16 -11.49 31.83
CA ALA D 746 -53.71 -12.73 32.44
C ALA D 746 -54.31 -13.91 31.68
N PHE D 747 -53.44 -14.85 31.31
CA PHE D 747 -53.87 -16.04 30.59
C PHE D 747 -53.41 -17.27 31.35
N ASN D 748 -54.19 -18.35 31.19
CA ASN D 748 -54.00 -19.65 31.89
C ASN D 748 -54.33 -20.80 30.93
N SER D 749 -53.94 -22.01 31.30
CA SER D 749 -54.13 -23.22 30.48
C SER D 749 -55.53 -23.35 29.90
N THR D 750 -56.53 -22.83 30.58
CA THR D 750 -57.88 -22.85 30.04
C THR D 750 -58.15 -21.71 29.08
N GLY D 751 -57.39 -20.63 29.15
CA GLY D 751 -57.60 -19.52 28.27
C GLY D 751 -57.21 -18.21 28.93
N ILE D 752 -57.90 -17.15 28.53
CA ILE D 752 -57.55 -15.78 28.89
C ILE D 752 -58.60 -15.25 29.86
N ILE D 753 -58.15 -14.77 31.01
CA ILE D 753 -59.05 -14.25 32.04
C ILE D 753 -59.25 -12.76 31.79
N ASN D 754 -60.51 -12.36 31.62
CA ASN D 754 -60.83 -10.94 31.45
C ASN D 754 -61.72 -10.48 32.62
N ILE D 762 -64.38 -13.25 32.83
CA ILE D 762 -64.75 -14.31 31.89
C ILE D 762 -63.51 -14.97 31.32
N LEU D 763 -63.71 -16.12 30.68
CA LEU D 763 -62.62 -16.88 30.08
C LEU D 763 -62.78 -16.92 28.58
N ASP D 764 -61.67 -16.89 27.86
CA ASP D 764 -61.67 -16.93 26.41
C ASP D 764 -61.20 -18.30 25.94
N THR D 765 -62.08 -19.02 25.28
CA THR D 765 -61.82 -20.36 24.76
C THR D 765 -61.35 -20.22 23.29
N THR D 766 -61.38 -21.32 22.53
CA THR D 766 -61.10 -21.51 21.10
C THR D 766 -59.63 -21.45 20.75
N ASN D 767 -58.74 -21.29 21.73
CA ASN D 767 -57.31 -21.40 21.48
C ASN D 767 -56.58 -22.17 22.57
N SER D 768 -57.32 -22.77 23.52
CA SER D 768 -56.69 -23.31 24.72
C SER D 768 -55.84 -24.53 24.43
N TYR D 769 -56.21 -25.31 23.40
CA TYR D 769 -55.40 -26.45 23.03
C TYR D 769 -54.03 -26.04 22.48
N LEU D 770 -53.96 -24.92 21.78
CA LEU D 770 -52.68 -24.43 21.30
C LEU D 770 -51.89 -23.77 22.44
N ILE D 771 -52.59 -23.01 23.29
CA ILE D 771 -51.93 -22.27 24.37
C ILE D 771 -51.31 -23.23 25.39
N LYS D 772 -52.00 -24.33 25.70
CA LYS D 772 -51.50 -25.28 26.68
C LYS D 772 -50.24 -25.98 26.18
N THR D 773 -50.25 -26.42 24.92
CA THR D 773 -49.08 -27.10 24.36
C THR D 773 -47.90 -26.16 24.22
N CYS D 774 -48.16 -24.90 23.87
CA CYS D 774 -47.05 -23.95 23.76
C CYS D 774 -46.44 -23.63 25.12
N MET D 775 -47.27 -23.51 26.16
CA MET D 775 -46.72 -23.28 27.49
C MET D 775 -45.94 -24.48 28.00
N ILE D 776 -46.42 -25.70 27.70
CA ILE D 776 -45.68 -26.89 28.11
C ILE D 776 -44.33 -26.96 27.39
N LEU D 777 -44.31 -26.60 26.10
CA LEU D 777 -43.05 -26.60 25.36
C LEU D 777 -42.05 -25.59 25.90
N VAL D 778 -42.51 -24.38 26.24
CA VAL D 778 -41.60 -23.37 26.78
C VAL D 778 -41.09 -23.79 28.16
N PHE D 779 -41.96 -24.39 28.98
CA PHE D 779 -41.55 -24.83 30.31
C PHE D 779 -40.51 -25.95 30.25
N LEU D 780 -40.75 -26.96 29.42
CA LEU D 780 -39.81 -28.06 29.28
C LEU D 780 -38.48 -27.60 28.68
N SER D 781 -38.55 -26.71 27.68
CA SER D 781 -37.31 -26.19 27.09
C SER D 781 -36.50 -25.39 28.09
N SER D 782 -37.18 -24.65 28.97
CA SER D 782 -36.45 -23.88 29.98
C SER D 782 -35.81 -24.78 31.02
N ILE D 783 -36.48 -25.85 31.43
CA ILE D 783 -35.83 -26.68 32.46
C ILE D 783 -34.72 -27.55 31.86
N PHE D 784 -34.85 -28.00 30.60
CA PHE D 784 -33.71 -28.66 29.98
C PHE D 784 -32.57 -27.69 29.73
N GLY D 785 -32.87 -26.41 29.49
CA GLY D 785 -31.81 -25.42 29.39
C GLY D 785 -31.09 -25.22 30.71
N TYR D 786 -31.83 -25.26 31.82
CA TYR D 786 -31.19 -25.23 33.14
C TYR D 786 -30.27 -26.42 33.34
N CYS D 787 -30.72 -27.62 32.96
CA CYS D 787 -29.89 -28.81 33.17
C CYS D 787 -28.64 -28.79 32.30
N LYS D 788 -28.78 -28.32 31.05
CA LYS D 788 -27.61 -28.18 30.18
C LYS D 788 -26.64 -27.12 30.69
N GLU D 789 -27.17 -26.02 31.22
CA GLU D 789 -26.31 -24.97 31.76
C GLU D 789 -25.62 -25.42 33.04
N ALA D 790 -26.29 -26.22 33.87
CA ALA D 790 -25.65 -26.74 35.07
C ALA D 790 -24.58 -27.77 34.71
N GLY D 791 -24.81 -28.55 33.66
CA GLY D 791 -23.78 -29.44 33.16
C GLY D 791 -22.57 -28.68 32.64
N GLN D 792 -22.80 -27.56 31.96
CA GLN D 792 -21.70 -26.73 31.51
C GLN D 792 -20.99 -26.04 32.67
N ILE D 793 -21.71 -25.78 33.77
CA ILE D 793 -21.06 -25.27 34.99
C ILE D 793 -20.12 -26.33 35.56
N PHE D 794 -20.62 -27.53 35.79
CA PHE D 794 -19.80 -28.56 36.42
C PHE D 794 -18.81 -29.21 35.47
N GLN D 795 -18.82 -28.86 34.18
CA GLN D 795 -17.77 -29.29 33.27
C GLN D 795 -16.75 -28.19 32.96
N GLN D 796 -17.18 -26.93 32.91
CA GLN D 796 -16.30 -25.86 32.46
C GLN D 796 -15.33 -25.40 33.54
N LYS D 797 -15.70 -25.57 34.82
CA LYS D 797 -14.86 -25.31 35.99
C LYS D 797 -14.37 -23.86 36.05
N ARG D 798 -15.36 -22.97 36.23
CA ARG D 798 -15.19 -21.54 36.56
C ARG D 798 -14.52 -20.74 35.44
N ASN D 799 -14.46 -21.27 34.22
CA ASN D 799 -14.07 -20.46 33.08
C ASN D 799 -15.24 -19.73 32.44
N TYR D 800 -16.45 -19.98 32.91
CA TYR D 800 -17.68 -19.50 32.29
C TYR D 800 -18.17 -18.17 32.85
N PHE D 801 -17.41 -17.54 33.75
CA PHE D 801 -17.90 -16.34 34.41
C PHE D 801 -17.94 -15.15 33.46
N MET D 802 -16.83 -14.89 32.75
CA MET D 802 -16.77 -13.79 31.79
C MET D 802 -17.19 -14.28 30.40
N ASP D 803 -18.45 -14.69 30.31
CA ASP D 803 -19.00 -15.23 29.08
C ASP D 803 -20.41 -14.69 28.90
N ILE D 804 -20.69 -14.10 27.74
CA ILE D 804 -21.95 -13.39 27.58
C ILE D 804 -23.09 -14.37 27.33
N SER D 805 -22.82 -15.47 26.63
CA SER D 805 -23.89 -16.37 26.17
C SER D 805 -24.53 -17.10 27.34
N ASN D 806 -23.74 -17.37 28.38
CA ASN D 806 -24.28 -17.97 29.59
C ASN D 806 -25.22 -17.00 30.30
N VAL D 807 -24.85 -15.72 30.36
CA VAL D 807 -25.68 -14.71 31.02
C VAL D 807 -26.98 -14.52 30.27
N LEU D 808 -26.91 -14.46 28.94
CA LEU D 808 -28.11 -14.35 28.12
C LEU D 808 -29.01 -15.56 28.30
N GLU D 809 -28.42 -16.76 28.40
CA GLU D 809 -29.25 -17.93 28.59
C GLU D 809 -29.87 -17.97 29.98
N TRP D 810 -29.16 -17.50 31.01
CA TRP D 810 -29.77 -17.41 32.34
C TRP D 810 -30.99 -16.51 32.33
N ILE D 811 -30.86 -15.33 31.69
CA ILE D 811 -31.97 -14.38 31.61
C ILE D 811 -33.14 -14.98 30.84
N ILE D 812 -32.84 -15.63 29.70
CA ILE D 812 -33.88 -16.22 28.85
C ILE D 812 -34.63 -17.31 29.58
N TYR D 813 -33.93 -18.24 30.22
CA TYR D 813 -34.65 -19.37 30.79
C TYR D 813 -35.38 -19.00 32.06
N THR D 814 -34.80 -18.14 32.92
CA THR D 814 -35.53 -17.69 34.11
C THR D 814 -36.77 -16.90 33.73
N THR D 815 -36.64 -16.01 32.74
CA THR D 815 -37.76 -15.14 32.41
C THR D 815 -38.85 -15.90 31.66
N GLY D 816 -38.46 -16.90 30.87
CA GLY D 816 -39.43 -17.75 30.23
C GLY D 816 -40.12 -18.70 31.17
N ILE D 817 -39.44 -19.09 32.27
CA ILE D 817 -40.12 -19.80 33.35
C ILE D 817 -41.21 -18.91 33.95
N ILE D 818 -40.86 -17.66 34.28
CA ILE D 818 -41.81 -16.80 34.98
C ILE D 818 -42.98 -16.41 34.08
N PHE D 819 -42.77 -16.36 32.77
CA PHE D 819 -43.87 -16.05 31.86
C PHE D 819 -44.89 -17.19 31.76
N VAL D 820 -44.52 -18.41 32.11
CA VAL D 820 -45.36 -19.57 31.86
C VAL D 820 -46.00 -20.13 33.13
N LEU D 821 -45.39 -19.90 34.30
CA LEU D 821 -45.83 -20.38 35.62
C LEU D 821 -47.29 -20.25 36.06
N PRO D 822 -48.14 -19.35 35.54
CA PRO D 822 -49.58 -19.44 35.85
C PRO D 822 -50.28 -20.75 35.54
N LEU D 823 -49.66 -21.72 34.84
CA LEU D 823 -50.31 -23.02 34.79
C LEU D 823 -50.13 -23.75 36.12
N PHE D 824 -49.00 -23.58 36.79
CA PHE D 824 -48.85 -24.07 38.16
C PHE D 824 -49.36 -23.08 39.20
N VAL D 825 -48.74 -21.91 39.29
CA VAL D 825 -48.91 -20.99 40.41
C VAL D 825 -49.40 -19.66 39.86
N GLU D 826 -50.49 -19.15 40.44
CA GLU D 826 -51.11 -17.93 39.95
C GLU D 826 -50.23 -16.71 40.19
N ILE D 827 -50.04 -15.91 39.15
CA ILE D 827 -49.14 -14.76 39.13
C ILE D 827 -49.95 -13.57 38.61
N PRO D 828 -49.76 -12.35 39.13
CA PRO D 828 -50.42 -11.18 38.55
C PRO D 828 -49.99 -10.95 37.11
N ALA D 829 -50.91 -10.36 36.33
CA ALA D 829 -50.69 -10.19 34.90
C ALA D 829 -49.58 -9.20 34.60
N HIS D 830 -49.36 -8.23 35.50
CA HIS D 830 -48.33 -7.23 35.30
C HIS D 830 -46.94 -7.85 35.30
N LEU D 831 -46.66 -8.69 36.31
CA LEU D 831 -45.39 -9.40 36.39
C LEU D 831 -45.23 -10.38 35.23
N GLN D 832 -46.33 -11.00 34.82
CA GLN D 832 -46.27 -12.00 33.76
C GLN D 832 -45.90 -11.37 32.42
N TRP D 833 -46.55 -10.25 32.07
CA TRP D 833 -46.19 -9.62 30.81
C TRP D 833 -44.88 -8.84 30.90
N GLN D 834 -44.52 -8.36 32.09
CA GLN D 834 -43.20 -7.76 32.28
C GLN D 834 -42.10 -8.77 32.05
N CYS D 835 -42.33 -10.03 32.40
CA CYS D 835 -41.35 -11.05 32.06
C CYS D 835 -41.44 -11.47 30.60
N GLY D 836 -42.64 -11.50 30.03
CA GLY D 836 -42.79 -11.89 28.64
C GLY D 836 -42.10 -10.94 27.69
N ALA D 837 -42.08 -9.65 28.02
CA ALA D 837 -41.42 -8.68 27.18
C ALA D 837 -39.91 -8.90 27.14
N ILE D 838 -39.31 -9.10 28.31
CA ILE D 838 -37.88 -9.31 28.42
C ILE D 838 -37.49 -10.62 27.74
N ALA D 839 -38.32 -11.65 27.88
CA ALA D 839 -37.99 -12.92 27.27
C ALA D 839 -38.08 -12.86 25.75
N VAL D 840 -39.11 -12.21 25.20
CA VAL D 840 -39.23 -12.15 23.74
C VAL D 840 -38.19 -11.22 23.14
N TYR D 841 -37.71 -10.23 23.90
CA TYR D 841 -36.54 -9.47 23.46
C TYR D 841 -35.30 -10.34 23.40
N PHE D 842 -34.97 -11.01 24.51
CA PHE D 842 -33.69 -11.69 24.55
C PHE D 842 -33.63 -13.01 23.79
N TYR D 843 -34.76 -13.67 23.52
CA TYR D 843 -34.74 -14.85 22.65
C TYR D 843 -34.22 -14.50 21.26
N TRP D 844 -34.86 -13.55 20.59
CA TRP D 844 -34.41 -13.20 19.26
C TRP D 844 -33.11 -12.42 19.25
N MET D 845 -32.76 -11.77 20.36
CA MET D 845 -31.45 -11.12 20.39
C MET D 845 -30.34 -12.15 20.55
N ASN D 846 -30.61 -13.24 21.29
CA ASN D 846 -29.64 -14.31 21.43
C ASN D 846 -29.51 -15.12 20.16
N PHE D 847 -30.59 -15.21 19.39
CA PHE D 847 -30.59 -16.08 18.21
C PHE D 847 -29.70 -15.56 17.09
N LEU D 848 -29.15 -14.35 17.22
CA LEU D 848 -28.09 -13.93 16.30
C LEU D 848 -26.80 -14.69 16.53
N LEU D 849 -26.56 -15.15 17.75
CA LEU D 849 -25.30 -15.82 18.06
C LEU D 849 -25.20 -17.20 17.42
N TYR D 850 -26.30 -17.77 16.96
CA TYR D 850 -26.25 -19.05 16.28
C TYR D 850 -26.04 -18.91 14.80
N LEU D 851 -26.07 -17.69 14.27
CA LEU D 851 -25.72 -17.47 12.88
C LEU D 851 -24.23 -17.39 12.66
N GLN D 852 -23.44 -17.41 13.72
CA GLN D 852 -22.01 -17.26 13.59
C GLN D 852 -21.36 -18.53 13.05
N ARG D 853 -22.01 -19.68 13.21
CA ARG D 853 -21.44 -20.92 12.74
C ARG D 853 -21.57 -21.09 11.24
N PHE D 854 -22.57 -20.48 10.62
CA PHE D 854 -22.72 -20.60 9.18
C PHE D 854 -21.66 -19.77 8.46
N GLU D 855 -21.50 -20.03 7.18
CA GLU D 855 -20.43 -19.36 6.46
C GLU D 855 -20.83 -18.01 5.91
N ASN D 856 -22.11 -17.80 5.60
CA ASN D 856 -22.50 -16.51 5.04
C ASN D 856 -22.62 -15.44 6.12
N CYS D 857 -23.18 -15.77 7.28
CA CYS D 857 -23.57 -14.76 8.24
C CYS D 857 -22.52 -14.51 9.32
N GLY D 858 -21.49 -15.35 9.40
CA GLY D 858 -20.50 -15.20 10.45
C GLY D 858 -19.67 -13.95 10.31
N ILE D 859 -19.47 -13.49 9.08
CA ILE D 859 -18.70 -12.27 8.87
C ILE D 859 -19.50 -11.04 9.31
N PHE D 860 -20.83 -11.07 9.16
CA PHE D 860 -21.64 -9.96 9.65
C PHE D 860 -21.71 -9.96 11.15
N ILE D 861 -21.75 -11.15 11.76
CA ILE D 861 -21.79 -11.21 13.22
C ILE D 861 -20.46 -10.75 13.81
N VAL D 862 -19.34 -11.07 13.15
CA VAL D 862 -18.08 -10.61 13.73
C VAL D 862 -17.84 -9.12 13.48
N MET D 863 -18.34 -8.56 12.36
CA MET D 863 -18.23 -7.12 12.18
C MET D 863 -19.11 -6.36 13.15
N LEU D 864 -20.29 -6.91 13.44
CA LEU D 864 -21.19 -6.30 14.41
C LEU D 864 -20.60 -6.36 15.81
N GLU D 865 -19.92 -7.45 16.14
CA GLU D 865 -19.17 -7.57 17.39
C GLU D 865 -18.08 -6.52 17.51
N VAL D 866 -17.31 -6.31 16.45
CA VAL D 866 -16.21 -5.35 16.49
C VAL D 866 -16.73 -3.93 16.66
N ILE D 867 -17.77 -3.56 15.91
CA ILE D 867 -18.35 -2.22 16.03
C ILE D 867 -18.95 -2.00 17.41
N LEU D 868 -19.56 -3.05 17.97
CA LEU D 868 -20.23 -2.89 19.26
C LEU D 868 -19.22 -2.78 20.39
N LYS D 869 -18.10 -3.50 20.31
CA LYS D 869 -17.06 -3.34 21.32
C LYS D 869 -16.38 -1.98 21.21
N THR D 870 -16.17 -1.50 19.99
CA THR D 870 -15.60 -0.17 19.80
C THR D 870 -16.54 0.90 20.34
N LEU D 871 -17.84 0.69 20.23
CA LEU D 871 -18.80 1.62 20.81
C LEU D 871 -18.82 1.52 22.32
N LEU D 872 -18.56 0.33 22.87
CA LEU D 872 -18.50 0.20 24.33
C LEU D 872 -17.29 0.89 24.92
N ARG D 873 -16.16 0.91 24.21
CA ARG D 873 -14.97 1.53 24.78
C ARG D 873 -15.11 3.03 24.93
N SER D 874 -15.96 3.66 24.13
CA SER D 874 -16.07 5.10 24.06
C SER D 874 -17.15 5.68 24.95
N THR D 875 -17.67 4.90 25.91
CA THR D 875 -18.90 5.28 26.57
C THR D 875 -18.73 6.41 27.58
N VAL D 876 -17.53 6.61 28.13
CA VAL D 876 -17.39 7.64 29.16
C VAL D 876 -17.37 9.03 28.54
N VAL D 877 -16.97 9.13 27.27
CA VAL D 877 -17.06 10.40 26.56
C VAL D 877 -18.52 10.76 26.32
N PHE D 878 -19.34 9.77 25.96
CA PHE D 878 -20.79 9.96 25.87
C PHE D 878 -21.37 10.42 27.20
N ILE D 879 -20.97 9.78 28.29
CA ILE D 879 -21.51 10.11 29.61
C ILE D 879 -21.18 11.54 30.00
N PHE D 880 -19.92 11.95 29.82
CA PHE D 880 -19.54 13.30 30.24
C PHE D 880 -20.15 14.36 29.35
N LEU D 881 -20.09 14.16 28.03
CA LEU D 881 -20.58 15.16 27.09
C LEU D 881 -22.09 15.30 27.17
N LEU D 882 -22.79 14.16 27.24
CA LEU D 882 -24.22 14.16 27.36
C LEU D 882 -24.69 14.70 28.70
N LEU D 883 -23.90 14.52 29.76
CA LEU D 883 -24.32 15.03 31.06
C LEU D 883 -24.13 16.54 31.12
N ALA D 884 -23.07 17.04 30.47
CA ALA D 884 -22.88 18.49 30.31
C ALA D 884 -24.04 19.13 29.61
N PHE D 885 -24.38 18.64 28.41
CA PHE D 885 -25.47 19.25 27.66
C PHE D 885 -26.82 19.05 28.34
N GLY D 886 -27.03 17.92 29.01
CA GLY D 886 -28.30 17.69 29.66
C GLY D 886 -28.54 18.60 30.84
N LEU D 887 -27.52 18.81 31.68
CA LEU D 887 -27.71 19.69 32.81
C LEU D 887 -27.76 21.15 32.39
N SER D 888 -27.06 21.50 31.31
CA SER D 888 -27.17 22.85 30.77
C SER D 888 -28.58 23.14 30.25
N PHE D 889 -29.16 22.19 29.50
CA PHE D 889 -30.52 22.41 29.03
C PHE D 889 -31.54 22.33 30.16
N TYR D 890 -31.23 21.59 31.22
CA TYR D 890 -32.12 21.56 32.38
C TYR D 890 -32.16 22.91 33.08
N ILE D 891 -31.03 23.59 33.17
CA ILE D 891 -31.05 24.93 33.77
C ILE D 891 -31.70 25.93 32.82
N LEU D 892 -31.38 25.85 31.53
CA LEU D 892 -31.88 26.84 30.58
C LEU D 892 -33.37 26.68 30.30
N LEU D 893 -33.80 25.50 29.89
CA LEU D 893 -35.13 25.27 29.33
C LEU D 893 -36.07 24.67 30.34
N ASN D 894 -36.02 25.12 31.59
CA ASN D 894 -36.67 24.43 32.69
C ASN D 894 -38.19 24.47 32.59
N LEU D 895 -38.75 25.52 32.02
CA LEU D 895 -40.20 25.67 32.03
C LEU D 895 -40.91 24.77 31.03
N GLN D 896 -40.18 24.03 30.21
CA GLN D 896 -40.79 23.14 29.24
C GLN D 896 -40.90 21.74 29.81
N ASP D 897 -41.94 21.03 29.37
CA ASP D 897 -42.16 19.68 29.87
C ASP D 897 -41.10 18.62 29.52
N PRO D 898 -40.40 18.65 28.37
CA PRO D 898 -39.32 17.67 28.18
C PRO D 898 -38.11 17.91 29.05
N PHE D 899 -37.99 19.05 29.71
CA PHE D 899 -36.83 19.35 30.53
C PHE D 899 -37.24 19.64 31.97
N SER D 900 -38.28 18.98 32.46
CA SER D 900 -38.76 19.27 33.81
C SER D 900 -37.85 18.69 34.87
N SER D 901 -37.43 17.46 34.70
CA SER D 901 -36.54 16.75 35.58
C SER D 901 -35.13 16.78 35.00
N PRO D 902 -34.10 16.55 35.82
CA PRO D 902 -32.77 16.37 35.23
C PRO D 902 -32.63 15.07 34.48
N LEU D 903 -33.30 14.01 34.93
CA LEU D 903 -33.19 12.73 34.24
C LEU D 903 -33.92 12.76 32.90
N LEU D 904 -35.09 13.43 32.87
CA LEU D 904 -35.78 13.62 31.61
C LEU D 904 -34.99 14.50 30.65
N SER D 905 -34.24 15.46 31.18
CA SER D 905 -33.41 16.30 30.33
C SER D 905 -32.25 15.50 29.75
N ILE D 906 -31.70 14.57 30.52
CA ILE D 906 -30.63 13.72 30.02
C ILE D 906 -31.14 12.79 28.93
N ILE D 907 -32.34 12.20 29.13
CA ILE D 907 -32.91 11.33 28.12
C ILE D 907 -33.30 12.12 26.86
N GLN D 908 -33.74 13.37 27.04
CA GLN D 908 -34.08 14.19 25.90
C GLN D 908 -32.87 14.56 25.07
N THR D 909 -31.73 14.88 25.71
CA THR D 909 -30.53 15.14 24.92
C THR D 909 -30.00 13.88 24.25
N PHE D 910 -30.17 12.72 24.90
CA PHE D 910 -29.83 11.48 24.23
C PHE D 910 -30.70 11.22 23.01
N SER D 911 -31.96 11.64 23.05
CA SER D 911 -32.79 11.50 21.87
C SER D 911 -32.47 12.54 20.81
N MET D 912 -32.02 13.73 21.22
CA MET D 912 -31.60 14.76 20.29
C MET D 912 -30.27 14.46 19.61
N MET D 913 -29.53 13.46 20.12
CA MET D 913 -28.22 13.07 19.60
C MET D 913 -28.18 12.86 18.09
N LEU D 914 -29.19 12.22 17.53
CA LEU D 914 -29.13 11.88 16.11
C LEU D 914 -29.43 13.05 15.19
N GLY D 915 -30.11 14.09 15.68
CA GLY D 915 -30.41 15.21 14.83
C GLY D 915 -31.86 15.64 14.89
N ASP D 916 -32.61 15.04 15.79
CA ASP D 916 -34.01 15.40 16.00
C ASP D 916 -34.08 16.49 17.06
N ILE D 917 -33.68 17.69 16.65
CA ILE D 917 -33.40 18.77 17.59
C ILE D 917 -34.68 19.39 18.15
N ASN D 918 -35.74 19.41 17.33
CA ASN D 918 -37.03 20.07 17.62
C ASN D 918 -36.83 21.59 17.80
N TYR D 919 -36.24 22.26 16.79
CA TYR D 919 -35.92 23.68 16.84
C TYR D 919 -37.17 24.54 16.98
N ARG D 920 -38.17 24.31 16.12
CA ARG D 920 -39.37 25.14 16.12
C ARG D 920 -40.17 24.97 17.41
N GLU D 921 -40.23 23.75 17.93
CA GLU D 921 -41.11 23.51 19.07
C GLU D 921 -40.49 23.94 20.39
N SER D 922 -39.16 23.84 20.54
CA SER D 922 -38.54 24.08 21.83
C SER D 922 -37.73 25.35 21.91
N PHE D 923 -37.34 25.93 20.78
CA PHE D 923 -36.46 27.10 20.79
C PHE D 923 -37.09 28.32 20.15
N LEU D 924 -37.74 28.16 19.00
CA LEU D 924 -38.23 29.32 18.27
C LEU D 924 -39.54 29.84 18.85
N GLU D 925 -40.55 29.01 18.87
CA GLU D 925 -41.88 29.39 19.34
C GLU D 925 -41.94 29.78 20.83
N PRO D 926 -41.13 29.23 21.73
CA PRO D 926 -41.02 29.90 23.04
C PRO D 926 -40.34 31.25 22.98
N TYR D 927 -39.42 31.47 22.03
CA TYR D 927 -38.77 32.77 21.96
C TYR D 927 -39.73 33.84 21.43
N LEU D 928 -40.60 33.48 20.50
CA LEU D 928 -41.51 34.47 19.96
C LEU D 928 -42.64 34.80 20.93
N ARG D 929 -42.88 33.95 21.93
CA ARG D 929 -43.89 34.20 22.94
C ARG D 929 -43.30 34.73 24.24
N ASN D 930 -42.02 35.13 24.22
CA ASN D 930 -41.29 35.65 25.38
C ASN D 930 -41.30 34.68 26.56
N GLU D 931 -41.20 33.39 26.26
CA GLU D 931 -41.26 32.36 27.29
C GLU D 931 -39.89 31.74 27.57
N LEU D 932 -38.83 32.27 26.97
CA LEU D 932 -37.48 31.83 27.28
C LEU D 932 -36.84 32.78 28.26
N ALA D 933 -36.43 32.26 29.40
CA ALA D 933 -35.45 32.94 30.22
C ALA D 933 -34.08 32.61 29.64
N HIS D 934 -33.23 33.63 29.55
CA HIS D 934 -31.91 33.62 28.96
C HIS D 934 -31.96 33.19 27.50
N PRO D 935 -32.48 34.02 26.58
CA PRO D 935 -32.61 33.54 25.20
C PRO D 935 -31.31 33.46 24.43
N VAL D 936 -30.39 34.41 24.64
CA VAL D 936 -29.12 34.42 23.92
C VAL D 936 -28.28 33.22 24.32
N LEU D 937 -28.26 32.92 25.61
CA LEU D 937 -27.53 31.78 26.13
C LEU D 937 -28.15 30.48 25.64
N SER D 938 -29.47 30.49 25.44
CA SER D 938 -30.17 29.31 24.94
C SER D 938 -29.83 29.03 23.48
N PHE D 939 -29.85 30.06 22.62
CA PHE D 939 -29.46 29.84 21.23
C PHE D 939 -27.99 29.51 21.08
N ALA D 940 -27.13 30.06 21.94
CA ALA D 940 -25.72 29.69 21.91
C ALA D 940 -25.53 28.23 22.31
N GLN D 941 -26.30 27.77 23.28
CA GLN D 941 -26.27 26.36 23.65
C GLN D 941 -26.79 25.49 22.52
N LEU D 942 -27.77 25.97 21.78
CA LEU D 942 -28.33 25.23 20.65
C LEU D 942 -27.30 25.04 19.54
N VAL D 943 -26.62 26.12 19.15
CA VAL D 943 -25.63 25.99 18.08
C VAL D 943 -24.41 25.21 18.55
N SER D 944 -24.06 25.29 19.84
CA SER D 944 -22.97 24.48 20.35
C SER D 944 -23.32 23.00 20.37
N PHE D 945 -24.56 22.68 20.75
CA PHE D 945 -24.98 21.29 20.72
C PHE D 945 -25.04 20.75 19.30
N THR D 946 -25.50 21.56 18.35
CA THR D 946 -25.59 21.09 16.97
C THR D 946 -24.21 20.86 16.38
N ILE D 947 -23.22 21.66 16.77
CA ILE D 947 -21.87 21.44 16.27
C ILE D 947 -21.24 20.22 16.92
N PHE D 948 -21.35 20.06 18.24
CA PHE D 948 -20.61 18.99 18.89
C PHE D 948 -21.21 17.61 18.64
N VAL D 949 -22.45 17.38 19.06
CA VAL D 949 -22.92 15.99 19.13
C VAL D 949 -23.33 15.41 17.77
N PRO D 950 -24.23 16.00 16.95
CA PRO D 950 -24.58 15.30 15.71
C PRO D 950 -23.56 15.45 14.60
N ILE D 951 -22.70 16.46 14.64
CA ILE D 951 -21.71 16.61 13.58
C ILE D 951 -20.44 15.87 13.96
N VAL D 952 -19.80 16.26 15.05
CA VAL D 952 -18.45 15.78 15.34
C VAL D 952 -18.49 14.35 15.86
N LEU D 953 -19.31 14.08 16.86
CA LEU D 953 -19.28 12.79 17.54
C LEU D 953 -19.79 11.67 16.63
N MET D 954 -20.81 11.97 15.82
CA MET D 954 -21.35 10.97 14.91
C MET D 954 -20.38 10.67 13.79
N ASN D 955 -19.69 11.68 13.28
CA ASN D 955 -18.67 11.42 12.26
C ASN D 955 -17.48 10.66 12.84
N LEU D 956 -17.19 10.87 14.13
CA LEU D 956 -16.15 10.08 14.78
C LEU D 956 -16.54 8.61 14.84
N LEU D 957 -17.80 8.33 15.18
CA LEU D 957 -18.27 6.94 15.19
C LEU D 957 -18.27 6.34 13.80
N ILE D 958 -18.60 7.13 12.77
CA ILE D 958 -18.60 6.63 11.40
C ILE D 958 -17.18 6.31 10.94
N GLY D 959 -16.22 7.17 11.27
CA GLY D 959 -14.83 6.91 10.88
C GLY D 959 -14.25 5.70 11.58
N LEU D 960 -14.57 5.52 12.86
CA LEU D 960 -14.15 4.31 13.58
C LEU D 960 -14.78 3.06 12.99
N ALA D 961 -16.05 3.13 12.60
CA ALA D 961 -16.71 1.97 12.01
C ALA D 961 -16.11 1.60 10.66
N VAL D 962 -15.79 2.61 9.84
CA VAL D 962 -15.19 2.35 8.53
C VAL D 962 -13.82 1.71 8.68
N GLY D 963 -13.01 2.21 9.63
CA GLY D 963 -11.71 1.61 9.86
C GLY D 963 -11.78 0.19 10.37
N ASP D 964 -12.72 -0.09 11.28
CA ASP D 964 -12.83 -1.44 11.82
C ASP D 964 -13.35 -2.44 10.80
N ILE D 965 -14.30 -2.03 9.96
CA ILE D 965 -14.81 -2.93 8.94
C ILE D 965 -13.76 -3.21 7.87
N ALA D 966 -12.94 -2.21 7.54
CA ALA D 966 -11.84 -2.46 6.61
C ALA D 966 -10.82 -3.43 7.20
N GLU D 967 -10.57 -3.30 8.49
CA GLU D 967 -9.64 -4.17 9.18
C GLU D 967 -10.16 -5.61 9.20
N VAL D 968 -11.46 -5.79 9.40
CA VAL D 968 -12.02 -7.14 9.44
C VAL D 968 -12.04 -7.76 8.04
N GLN D 969 -12.46 -6.99 7.03
CA GLN D 969 -12.50 -7.55 5.68
C GLN D 969 -11.12 -7.71 5.06
N LYS D 970 -10.07 -7.20 5.69
CA LYS D 970 -8.72 -7.53 5.24
C LYS D 970 -8.43 -9.02 5.40
N HIS D 971 -8.96 -9.66 6.44
CA HIS D 971 -8.66 -11.05 6.77
C HIS D 971 -9.92 -11.90 6.79
N ALA D 972 -10.81 -11.74 5.83
CA ALA D 972 -12.10 -12.41 5.90
C ALA D 972 -12.00 -13.86 5.44
N SER D 973 -11.31 -14.09 4.33
CA SER D 973 -11.27 -15.41 3.70
C SER D 973 -10.52 -16.42 4.54
N LEU D 974 -9.57 -15.97 5.35
CA LEU D 974 -8.93 -16.87 6.29
C LEU D 974 -9.80 -17.09 7.51
N LYS D 975 -10.52 -16.06 7.95
CA LYS D 975 -11.30 -16.15 9.18
C LYS D 975 -12.48 -17.09 9.03
N ARG D 976 -13.06 -17.16 7.83
CA ARG D 976 -14.17 -18.09 7.59
C ARG D 976 -13.75 -19.54 7.76
N ILE D 977 -12.66 -19.93 7.11
CA ILE D 977 -12.23 -21.32 7.17
C ILE D 977 -11.62 -21.62 8.52
N ALA D 978 -11.05 -20.62 9.17
CA ALA D 978 -10.54 -20.80 10.53
C ALA D 978 -11.67 -21.07 11.51
N MET D 979 -12.80 -20.37 11.36
CA MET D 979 -13.94 -20.64 12.23
C MET D 979 -14.52 -22.03 11.97
N GLN D 980 -14.56 -22.45 10.71
CA GLN D 980 -15.07 -23.79 10.41
C GLN D 980 -14.17 -24.88 10.99
N VAL D 981 -12.85 -24.75 10.82
CA VAL D 981 -11.97 -25.80 11.30
C VAL D 981 -11.88 -25.77 12.82
N GLU D 982 -12.05 -24.60 13.45
CA GLU D 982 -12.08 -24.56 14.90
C GLU D 982 -13.36 -25.19 15.44
N LEU D 983 -14.47 -25.01 14.73
CA LEU D 983 -15.73 -25.65 15.09
C LEU D 983 -15.61 -27.17 15.04
N HIS D 984 -15.02 -27.70 13.97
CA HIS D 984 -14.91 -29.15 13.86
C HIS D 984 -13.88 -29.73 14.83
N THR D 985 -12.76 -29.05 15.03
CA THR D 985 -11.75 -29.59 15.94
C THR D 985 -12.16 -29.42 17.39
N SER D 986 -13.13 -28.54 17.70
CA SER D 986 -13.66 -28.50 19.04
C SER D 986 -14.75 -29.53 19.22
N LEU D 987 -15.52 -29.81 18.17
CA LEU D 987 -16.63 -30.75 18.30
C LEU D 987 -16.12 -32.18 18.34
N GLU D 988 -14.99 -32.46 17.70
CA GLU D 988 -14.52 -33.84 17.62
C GLU D 988 -13.92 -34.34 18.92
N LYS D 989 -13.48 -33.44 19.80
CA LYS D 989 -12.87 -33.86 21.06
C LYS D 989 -13.87 -34.43 22.04
N LYS D 990 -15.17 -34.24 21.82
CA LYS D 990 -16.18 -34.69 22.75
C LYS D 990 -16.93 -35.92 22.31
N LEU D 991 -16.85 -36.28 21.04
CA LEU D 991 -17.59 -37.43 20.57
C LEU D 991 -16.85 -38.72 20.92
N PRO D 992 -17.56 -39.84 21.10
CA PRO D 992 -16.87 -41.10 21.43
C PRO D 992 -16.15 -41.68 20.21
N LEU D 993 -15.14 -42.48 20.51
CA LEU D 993 -14.16 -42.89 19.50
C LEU D 993 -14.72 -43.94 18.55
N TRP D 994 -15.62 -44.79 19.00
CA TRP D 994 -16.26 -45.76 18.11
C TRP D 994 -17.12 -45.05 17.07
N PHE D 995 -17.73 -43.93 17.45
CA PHE D 995 -18.49 -43.14 16.49
C PHE D 995 -17.57 -42.48 15.47
N LEU D 996 -16.37 -42.08 15.92
CA LEU D 996 -15.37 -41.53 15.01
C LEU D 996 -14.89 -42.57 14.01
N ARG D 997 -14.65 -43.80 14.48
CA ARG D 997 -14.26 -44.87 13.57
C ARG D 997 -15.41 -45.24 12.64
N LYS D 998 -16.64 -45.12 13.09
CA LYS D 998 -17.78 -45.45 12.26
C LYS D 998 -18.00 -44.42 11.15
N VAL D 999 -17.79 -43.13 11.47
CA VAL D 999 -18.26 -42.09 10.56
C VAL D 999 -17.19 -41.58 9.59
N ASP D 1000 -15.90 -41.76 9.90
CA ASP D 1000 -14.88 -41.14 9.05
C ASP D 1000 -14.66 -41.93 7.78
N GLN D 1001 -13.98 -41.29 6.83
CA GLN D 1001 -13.69 -41.84 5.52
C GLN D 1001 -12.28 -41.44 5.13
N LYS D 1002 -11.57 -42.35 4.47
CA LYS D 1002 -10.22 -42.05 4.00
C LYS D 1002 -10.20 -41.45 2.61
N SER D 1003 -11.20 -41.76 1.78
CA SER D 1003 -11.23 -41.28 0.42
C SER D 1003 -12.64 -40.88 0.05
N THR D 1004 -12.74 -39.90 -0.85
CA THR D 1004 -14.03 -39.47 -1.38
C THR D 1004 -13.97 -39.48 -2.90
N ILE D 1005 -15.08 -39.87 -3.52
CA ILE D 1005 -15.18 -39.93 -4.97
C ILE D 1005 -16.24 -38.93 -5.41
N VAL D 1006 -15.86 -38.01 -6.28
CA VAL D 1006 -16.72 -36.89 -6.67
C VAL D 1006 -17.02 -37.00 -8.16
N TYR D 1007 -18.30 -36.96 -8.49
CA TYR D 1007 -18.76 -36.92 -9.88
C TYR D 1007 -19.22 -35.52 -10.20
N PRO D 1008 -18.52 -34.78 -11.07
CA PRO D 1008 -18.99 -33.44 -11.43
C PRO D 1008 -20.27 -33.43 -12.24
N ASN D 1009 -20.58 -34.53 -12.95
CA ASN D 1009 -21.82 -34.58 -13.72
C ASN D 1009 -23.03 -34.87 -12.84
N LYS D 1010 -22.83 -35.56 -11.73
CA LYS D 1010 -23.93 -35.98 -10.86
C LYS D 1010 -24.04 -35.04 -9.66
N PRO D 1011 -25.22 -34.50 -9.37
CA PRO D 1011 -25.37 -33.66 -8.18
C PRO D 1011 -25.33 -34.49 -6.90
N ARG D 1012 -25.17 -33.78 -5.78
CA ARG D 1012 -25.12 -34.43 -4.48
C ARG D 1012 -26.51 -34.91 -4.07
N SER D 1013 -26.53 -35.82 -3.09
CA SER D 1013 -27.78 -36.43 -2.64
C SER D 1013 -28.60 -35.42 -1.84
N GLY D 1014 -29.91 -35.62 -1.87
CA GLY D 1014 -30.84 -34.69 -1.23
C GLY D 1014 -30.99 -33.41 -2.02
N GLY D 1015 -31.38 -33.54 -3.29
CA GLY D 1015 -31.44 -32.38 -4.17
C GLY D 1015 -32.58 -31.43 -3.88
N MET D 1016 -33.59 -31.87 -3.13
CA MET D 1016 -34.77 -31.04 -2.93
C MET D 1016 -34.53 -29.93 -1.92
N LEU D 1017 -34.27 -30.28 -0.67
CA LEU D 1017 -34.16 -29.30 0.41
C LEU D 1017 -32.71 -28.99 0.77
N PHE D 1018 -31.84 -30.00 0.79
CA PHE D 1018 -30.46 -29.81 1.20
C PHE D 1018 -29.69 -28.95 0.21
N HIS D 1019 -30.05 -29.00 -1.07
CA HIS D 1019 -29.40 -28.16 -2.07
C HIS D 1019 -29.76 -26.69 -1.87
N ILE D 1020 -31.02 -26.40 -1.55
CA ILE D 1020 -31.43 -25.03 -1.29
C ILE D 1020 -30.84 -24.54 0.02
N PHE D 1021 -30.70 -25.43 1.01
CA PHE D 1021 -30.04 -25.09 2.26
C PHE D 1021 -28.57 -24.74 2.05
N CYS D 1022 -27.88 -25.54 1.23
CA CYS D 1022 -26.46 -25.28 0.97
C CYS D 1022 -26.27 -24.07 0.09
N PHE D 1023 -27.28 -23.71 -0.72
CA PHE D 1023 -27.20 -22.45 -1.45
C PHE D 1023 -27.41 -21.25 -0.55
N LEU D 1024 -28.37 -21.35 0.38
CA LEU D 1024 -28.70 -20.19 1.21
C LEU D 1024 -27.67 -19.94 2.29
N PHE D 1025 -27.26 -20.97 3.01
CA PHE D 1025 -26.47 -20.77 4.22
C PHE D 1025 -24.97 -20.99 4.01
N CYS D 1026 -24.58 -22.10 3.39
CA CYS D 1026 -23.19 -22.24 2.99
C CYS D 1026 -22.99 -21.56 1.64
N THR D 1027 -21.76 -21.56 1.16
CA THR D 1027 -21.42 -20.82 -0.06
C THR D 1027 -21.94 -21.52 -1.31
N SER D 1040 3.24 -10.52 -1.88
CA SER D 1040 4.13 -11.59 -2.32
C SER D 1040 5.52 -11.06 -2.60
N LEU D 1041 5.73 -9.77 -2.36
CA LEU D 1041 7.04 -9.19 -2.61
C LEU D 1041 8.05 -9.59 -1.56
N GLU D 1042 7.58 -9.92 -0.35
CA GLU D 1042 8.48 -10.23 0.75
C GLU D 1042 9.23 -11.53 0.51
N MET D 1043 8.51 -12.57 0.08
CA MET D 1043 9.17 -13.85 -0.23
C MET D 1043 10.07 -13.73 -1.47
N GLU D 1044 9.71 -12.84 -2.40
CA GLU D 1044 10.55 -12.64 -3.57
C GLU D 1044 11.87 -11.97 -3.21
N ILE D 1045 11.82 -10.93 -2.37
CA ILE D 1045 13.06 -10.27 -1.95
C ILE D 1045 13.85 -11.17 -0.99
N LEU D 1046 13.17 -12.06 -0.27
CA LEU D 1046 13.88 -13.02 0.57
C LEU D 1046 14.65 -14.04 -0.28
N LYS D 1047 14.03 -14.52 -1.36
CA LYS D 1047 14.73 -15.40 -2.29
C LYS D 1047 15.88 -14.68 -2.97
N GLN D 1048 15.68 -13.40 -3.30
CA GLN D 1048 16.74 -12.53 -3.81
C GLN D 1048 17.92 -12.47 -2.87
N LYS D 1049 17.65 -12.33 -1.57
CA LYS D 1049 18.71 -12.21 -0.58
C LYS D 1049 19.47 -13.52 -0.43
N TYR D 1050 18.77 -14.65 -0.48
CA TYR D 1050 19.45 -15.95 -0.40
C TYR D 1050 20.36 -16.17 -1.59
N ARG D 1051 19.88 -15.81 -2.78
CA ARG D 1051 20.69 -15.97 -3.99
C ARG D 1051 21.92 -15.07 -3.96
N LEU D 1052 21.76 -13.85 -3.45
CA LEU D 1052 22.91 -12.94 -3.38
C LEU D 1052 23.94 -13.39 -2.35
N LYS D 1053 23.48 -14.01 -1.25
CA LYS D 1053 24.42 -14.52 -0.25
C LYS D 1053 25.22 -15.71 -0.78
N ASP D 1054 24.55 -16.60 -1.53
CA ASP D 1054 25.27 -17.70 -2.18
C ASP D 1054 26.28 -17.16 -3.19
N LEU D 1055 25.91 -16.09 -3.90
CA LEU D 1055 26.78 -15.47 -4.89
C LEU D 1055 28.05 -14.91 -4.25
N THR D 1056 27.91 -14.21 -3.12
CA THR D 1056 29.10 -13.61 -2.51
C THR D 1056 29.98 -14.67 -1.84
N PHE D 1057 29.40 -15.78 -1.38
CA PHE D 1057 30.25 -16.86 -0.87
C PHE D 1057 31.09 -17.49 -1.96
N LEU D 1058 30.49 -17.75 -3.13
CA LEU D 1058 31.25 -18.32 -4.24
C LEU D 1058 32.32 -17.36 -4.74
N LEU D 1059 32.02 -16.06 -4.73
CA LEU D 1059 33.02 -15.10 -5.20
C LEU D 1059 34.19 -15.00 -4.24
N GLU D 1060 33.94 -15.18 -2.94
CA GLU D 1060 35.06 -15.20 -1.99
C GLU D 1060 35.98 -16.39 -2.19
N LYS D 1061 35.40 -17.59 -2.42
CA LYS D 1061 36.22 -18.77 -2.72
C LYS D 1061 37.06 -18.57 -3.98
N GLN D 1062 36.46 -17.96 -5.00
CA GLN D 1062 37.17 -17.71 -6.25
C GLN D 1062 38.32 -16.72 -6.08
N HIS D 1063 38.11 -15.69 -5.25
CA HIS D 1063 39.17 -14.73 -4.98
C HIS D 1063 40.35 -15.38 -4.26
N GLU D 1064 40.04 -16.31 -3.36
CA GLU D 1064 41.11 -17.07 -2.69
C GLU D 1064 41.91 -17.91 -3.68
N LEU D 1065 41.22 -18.53 -4.65
CA LEU D 1065 41.93 -19.31 -5.66
C LEU D 1065 42.83 -18.44 -6.54
N ILE D 1066 42.40 -17.23 -6.85
CA ILE D 1066 43.23 -16.36 -7.70
C ILE D 1066 44.48 -15.91 -6.96
N LYS D 1067 44.34 -15.60 -5.67
CA LYS D 1067 45.54 -15.28 -4.88
C LYS D 1067 46.47 -16.48 -4.77
N LEU D 1068 45.93 -17.69 -4.74
CA LEU D 1068 46.78 -18.88 -4.76
C LEU D 1068 47.51 -19.03 -6.09
N ILE D 1069 46.85 -18.66 -7.20
CA ILE D 1069 47.49 -18.70 -8.51
C ILE D 1069 48.70 -17.78 -8.53
N ILE D 1070 48.53 -16.53 -8.06
CA ILE D 1070 49.65 -15.59 -8.07
C ILE D 1070 50.74 -16.03 -7.11
N GLN D 1071 50.37 -16.71 -6.01
CA GLN D 1071 51.38 -17.19 -5.08
C GLN D 1071 52.21 -18.31 -5.69
N LYS D 1072 51.62 -19.18 -6.50
CA LYS D 1072 52.36 -20.29 -7.08
C LYS D 1072 52.83 -20.07 -8.51
N MET D 1073 52.56 -18.91 -9.10
CA MET D 1073 52.85 -18.67 -10.51
C MET D 1073 54.35 -18.58 -10.75
N GLU D 1074 54.77 -18.97 -11.94
CA GLU D 1074 56.17 -18.93 -12.33
C GLU D 1074 56.41 -17.70 -13.19
N ILE D 1075 57.27 -16.79 -12.73
CA ILE D 1075 57.55 -15.55 -13.44
C ILE D 1075 58.99 -15.59 -13.91
N ILE D 1076 59.17 -15.73 -15.21
CA ILE D 1076 60.46 -15.63 -15.87
C ILE D 1076 60.30 -14.59 -16.97
N SER D 1077 61.32 -13.75 -17.15
CA SER D 1077 61.37 -12.70 -18.18
C SER D 1077 60.28 -11.64 -17.99
N GLU D 1078 59.82 -11.48 -16.75
CA GLU D 1078 58.97 -10.36 -16.38
C GLU D 1078 59.37 -9.76 -15.05
N THR D 1079 60.45 -10.22 -14.43
CA THR D 1079 60.86 -9.75 -13.13
C THR D 1079 61.50 -8.36 -13.24
N GLU D 1080 61.67 -7.74 -12.07
CA GLU D 1080 62.32 -6.42 -11.89
C GLU D 1080 61.68 -5.31 -12.73
C1 NAG E . -39.74 57.20 -6.80
C2 NAG E . -39.79 58.50 -7.60
C3 NAG E . -41.08 59.26 -7.32
C4 NAG E . -41.50 59.09 -5.87
C5 NAG E . -40.29 58.72 -5.02
C6 NAG E . -40.64 58.73 -3.54
C7 NAG E . -37.47 59.16 -7.80
C8 NAG E . -36.60 60.38 -7.89
N2 NAG E . -38.65 59.33 -7.24
O3 NAG E . -42.12 58.76 -8.18
O4 NAG E . -42.07 60.31 -5.39
O5 NAG E . -39.84 57.42 -5.40
O6 NAG E . -41.21 60.00 -3.19
O7 NAG E . -37.10 58.07 -8.22
C1 NAG E . -43.50 60.25 -5.53
C2 NAG E . -44.16 60.97 -4.36
C3 NAG E . -44.25 62.45 -4.65
C4 NAG E . -45.12 62.69 -5.88
C5 NAG E . -45.21 61.42 -6.72
C6 NAG E . -45.68 61.75 -8.14
C7 NAG E . -46.42 61.13 -3.50
C8 NAG E . -47.81 60.99 -4.05
N2 NAG E . -45.48 60.42 -4.12
O3 NAG E . -42.93 62.97 -4.89
O4 NAG E . -46.43 63.09 -5.46
O5 NAG E . -43.95 60.76 -6.79
O6 NAG E . -45.92 60.53 -8.86
O7 NAG E . -46.17 61.85 -2.54
C1 NAG F . -66.18 1.39 -22.74
C2 NAG F . -67.07 0.76 -23.81
C3 NAG F . -68.52 1.17 -23.63
C4 NAG F . -68.61 2.61 -23.13
C5 NAG F . -67.34 3.36 -23.50
C6 NAG F . -67.48 4.85 -23.18
C7 NAG F . -65.59 0.57 -25.74
C8 NAG F . -65.62 0.60 -27.24
N2 NAG F . -66.60 1.19 -25.12
O3 NAG F . -69.14 0.29 -22.68
O4 NAG F . -69.74 3.25 -23.74
O5 NAG F . -66.25 2.82 -22.75
O6 NAG F . -68.65 5.36 -23.83
O7 NAG F . -64.71 0.00 -25.12
C1 NAG F . -70.86 3.15 -22.85
C2 NAG F . -71.70 4.42 -22.94
C3 NAG F . -72.68 4.31 -24.11
C4 NAG F . -73.63 3.15 -23.88
C5 NAG F . -73.05 2.16 -22.86
C6 NAG F . -73.76 0.80 -22.96
C7 NAG F . -73.53 5.36 -21.66
C8 NAG F . -74.62 4.84 -20.78
N2 NAG F . -72.43 4.64 -21.70
O3 NAG F . -71.95 4.09 -25.32
O4 NAG F . -74.89 3.64 -23.38
O5 NAG F . -71.65 1.98 -23.10
O6 NAG F . -73.30 -0.04 -21.90
O7 NAG F . -73.66 6.39 -22.31
C1 NAG G . -29.80 35.60 52.38
C2 NAG G . -29.41 36.42 53.61
C3 NAG G . -30.64 37.05 54.26
C4 NAG G . -31.83 36.10 54.16
C5 NAG G . -31.35 34.67 53.98
C6 NAG G . -32.52 33.69 54.06
C7 NAG G . -27.44 35.29 54.47
C8 NAG G . -26.74 34.99 55.76
N2 NAG G . -28.74 35.55 54.57
O3 NAG G . -30.95 38.28 53.60
O4 NAG G . -32.61 36.19 55.36
O5 NAG G . -30.72 34.55 52.70
O6 NAG G . -33.22 33.90 55.30
O7 NAG G . -26.86 35.28 53.39
C1 NAG G . -33.69 37.14 55.13
C2 NAG G . -34.93 36.68 55.87
C3 NAG G . -34.88 37.14 57.32
C4 NAG G . -34.85 38.66 57.37
C5 NAG G . -34.38 39.25 56.04
C6 NAG G . -33.93 40.69 56.22
C7 NAG G . -37.26 37.34 55.88
C8 NAG G . -38.05 38.59 55.57
N2 NAG G . -36.12 37.20 55.22
O3 NAG G . -33.70 36.62 57.95
O4 NAG G . -36.16 39.15 57.68
O5 NAG G . -33.31 38.47 55.51
O6 NAG G . -33.66 41.26 54.93
O7 NAG G . -37.66 36.51 56.69
C1 NAG H . -56.24 -20.30 36.38
C2 NAG H . -56.69 -21.43 37.32
C3 NAG H . -58.08 -21.14 37.88
C4 NAG H . -58.95 -20.48 36.81
C5 NAG H . -58.40 -20.78 35.42
C6 NAG H . -59.36 -20.29 34.34
C7 NAG H . -55.57 -23.40 36.45
C8 NAG H . -55.76 -24.88 36.32
N2 NAG H . -56.68 -22.69 36.60
O3 NAG H . -57.97 -20.29 39.02
O4 NAG H . -60.29 -20.96 36.92
O5 NAG H . -57.13 -20.14 35.27
O6 NAG H . -60.66 -20.83 34.57
O7 NAG H . -54.47 -22.88 36.42
C1 NAG H . -61.04 -20.06 37.73
C2 NAG H . -62.47 -19.96 37.20
C3 NAG H . -63.30 -21.11 37.79
C4 NAG H . -63.37 -20.99 39.30
C5 NAG H . -62.23 -20.12 39.83
C6 NAG H . -62.01 -20.36 41.31
C7 NAG H . -64.38 -18.53 37.64
C8 NAG H . -64.86 -17.68 38.77
N2 NAG H . -63.06 -18.69 37.56
O3 NAG H . -62.71 -22.36 37.42
O4 NAG H . -64.62 -20.41 39.68
O5 NAG H . -61.02 -20.42 39.12
O6 NAG H . -61.05 -19.43 41.81
O7 NAG H . -65.14 -19.05 36.85
S01 9BE I . 20.21 27.71 -18.78
C02 9BE I . 18.85 27.13 -18.29
N03 9BE I . 18.40 27.22 -16.96
C04 9BE I . 17.67 28.41 -16.56
C05 9BE I . 18.46 29.32 -15.66
C06 9BE I . 17.91 29.85 -14.50
C07 9BE I . 18.66 30.70 -13.70
C08 9BE I . 19.97 31.03 -14.03
C09 9BE I . 20.52 30.51 -15.19
C10 9BE I . 19.77 29.67 -15.99
C10 6OU J . -21.32 42.38 6.75
C11 6OU J . -22.81 42.68 6.40
C12 6OU J . -23.74 43.10 7.59
C13 6OU J . -24.76 44.25 7.33
C14 6OU J . -25.88 44.45 8.42
C15 6OU J . -26.17 45.92 8.90
C16 6OU J . -27.09 45.97 10.15
O17 6OU J . -27.89 45.12 10.42
O18 6OU J . -26.98 47.09 10.98
C19 6OU J . -28.17 47.92 11.14
C20 6OU J . -27.77 49.39 11.60
C21 6OU J . -29.06 50.33 11.58
O22 6OU J . -29.45 50.55 12.90
P23 6OU J . -29.62 52.14 13.58
O24 6OU J . -30.13 52.99 12.44
O25 6OU J . -28.36 52.46 14.30
O26 6OU J . -30.89 52.04 14.73
O30 6OU J . -26.80 49.83 10.57
C31 6OU J . -25.48 49.33 10.69
O32 6OU J . -25.09 48.90 11.71
C33 6OU J . -24.58 49.38 9.39
C34 6OU J . -23.04 49.19 9.67
C35 6OU J . -22.28 48.14 8.79
C36 6OU J . -20.79 48.43 8.44
C37 6OU J . -19.82 47.20 8.36
C38 6OU J . -19.35 46.75 6.94
C39 6OU J . -18.07 45.85 6.85
C40 6OU J . -18.21 44.47 6.26
C10 6OU K . -28.24 17.51 -17.86
C11 6OU K . -27.25 17.17 -16.68
C12 6OU K . -25.81 16.70 -17.07
C13 6OU K . -24.62 17.26 -16.22
C14 6OU K . -23.25 16.51 -16.39
C15 6OU K . -21.95 17.40 -16.38
C16 6OU K . -20.66 16.60 -16.73
O17 6OU K . -20.51 15.45 -16.46
O18 6OU K . -19.64 17.29 -17.40
C19 6OU K . -18.49 17.69 -16.61
C20 6OU K . -17.73 18.90 -17.30
C21 6OU K . -16.17 18.62 -17.38
O22 6OU K . -15.59 19.01 -16.18
P23 6OU K . -14.15 19.99 -16.11
O24 6OU K . -14.38 21.07 -17.14
O25 6OU K . -12.97 19.09 -16.16
O26 6OU K . -14.17 20.76 -14.57
O30 6OU K . -17.99 20.05 -16.40
C31 6OU K . -19.21 20.75 -16.59
O32 6OU K . -19.72 20.79 -17.65
C33 6OU K . -19.84 21.45 -15.34
C34 6OU K . -21.00 22.47 -15.69
C35 6OU K . -22.41 22.20 -15.05
C36 6OU K . -23.31 23.44 -14.71
C37 6OU K . -24.85 23.31 -15.01
C38 6OU K . -25.81 23.30 -13.80
C39 6OU K . -27.30 23.73 -14.06
C40 6OU K . -28.39 22.69 -13.76
C41 6OU K . -29.66 22.94 -13.42
C02 6OU L . -26.75 34.38 -19.33
C03 6OU L . -26.85 35.68 -18.52
C04 6OU L . -28.29 36.20 -18.42
C05 6OU L . -28.57 36.96 -17.12
C06 6OU L . -30.04 37.39 -16.95
C07 6OU L . -30.65 36.88 -15.63
C08 6OU L . -32.19 36.86 -15.58
C09 6OU L . -32.86 37.44 -14.32
C10 6OU L . -33.75 38.68 -14.54
C11 6OU L . -35.24 38.44 -14.24
C12 6OU L . -35.57 37.53 -13.06
C13 6OU L . -36.88 36.75 -13.23
C14 6OU L . -36.73 35.21 -13.16
C15 6OU L . -37.93 34.41 -13.71
C16 6OU L . -38.38 33.30 -12.80
O17 6OU L . -37.61 32.59 -12.17
O18 6OU L . -39.72 33.12 -12.69
C19 6OU L . -40.28 32.14 -13.55
C20 6OU L . -41.77 32.33 -13.95
C21 6OU L . -42.53 33.26 -12.93
O22 6OU L . -43.38 32.49 -12.17
P23 6OU L . -43.70 32.76 -10.50
O24 6OU L . -42.35 33.10 -9.92
O25 6OU L . -44.64 31.72 -10.06
O26 6OU L . -44.55 34.24 -10.30
C27 6OU L . -45.91 34.18 -10.13
C28 6OU L . -46.32 35.01 -8.90
N29 6OU L . -47.62 34.64 -8.33
O30 6OU L . -42.43 31.06 -14.11
C31 6OU L . -42.68 30.51 -15.35
O32 6OU L . -43.69 30.82 -15.95
C33 6OU L . -41.64 29.52 -15.91
C34 6OU L . -41.05 28.48 -14.91
C35 6OU L . -39.70 27.80 -15.32
C36 6OU L . -38.78 27.32 -14.16
C37 6OU L . -37.65 26.30 -14.52
C38 6OU L . -36.31 26.34 -13.70
C39 6OU L . -36.20 27.55 -12.72
C40 6OU L . -34.85 28.13 -12.47
C41 6OU L . -34.51 29.34 -11.97
C42 6OU L . -33.13 29.90 -11.71
C43 6OU L . -32.90 31.45 -11.86
C44 6OU L . -31.96 31.87 -13.04
C45 6OU L . -30.45 31.58 -12.85
C46 6OU L . -29.93 30.32 -13.60
C47 6OU L . -28.66 29.70 -12.96
C48 6OU L . -27.91 28.75 -13.88
C49 6OU L . -26.49 28.44 -13.41
C04 6OU M . -35.92 -4.07 -1.91
C05 6OU M . -37.26 -4.74 -2.17
C06 6OU M . -38.11 -4.98 -0.92
C07 6OU M . -39.56 -5.38 -1.23
C08 6OU M . -40.33 -6.11 -0.11
C09 6OU M . -41.82 -5.77 0.05
C10 6OU M . -42.63 -6.74 0.90
C11 6OU M . -43.22 -6.13 2.18
C12 6OU M . -44.73 -5.96 2.21
C13 6OU M . -45.27 -5.45 3.56
C14 6OU M . -46.80 -5.32 3.60
C15 6OU M . -47.34 -4.93 4.97
C16 6OU M . -48.85 -4.85 5.00
O17 6OU M . -49.53 -5.04 4.02
O18 6OU M . -49.41 -4.55 6.20
C19 6OU M . -50.64 -3.86 6.15
C20 6OU M . -51.81 -4.52 6.93
C21 6OU M . -51.65 -4.37 8.47
O22 6OU M . -51.71 -5.60 9.07
P23 6OU M . -52.71 -5.96 10.43
O24 6OU M . -52.74 -4.67 11.20
O25 6OU M . -52.35 -7.31 10.93
O26 6OU M . -54.33 -6.08 9.89
C27 6OU M . -55.06 -7.20 10.22
C28 6OU M . -56.55 -6.93 9.93
N29 6OU M . -57.10 -7.68 8.79
O30 6OU M . -51.93 -5.89 6.57
C31 6OU M . -53.01 -6.37 5.91
O32 6OU M . -53.95 -5.64 5.65
C33 6OU M . -52.96 -7.83 5.50
C34 6OU M . -51.55 -8.49 5.49
C35 6OU M . -51.31 -9.53 4.36
C36 6OU M . -49.89 -9.57 3.71
C37 6OU M . -48.72 -9.02 4.56
C38 6OU M . -47.61 -10.01 4.95
C39 6OU M . -46.21 -9.65 4.36
C40 6OU M . -45.00 -10.08 5.14
C41 6OU M . -43.74 -10.25 4.73
C42 6OU M . -43.16 -10.10 3.36
C43 6OU M . -41.69 -10.57 3.14
C44 6OU M . -41.10 -10.15 1.77
C1 LBN N . -15.89 24.96 -12.05
N1 LBN N . -12.08 28.92 -12.11
P1 LBN N . -14.02 24.30 -13.87
C2 LBN N . -15.64 24.06 -10.85
C3 LBN N . -15.25 24.93 -9.62
C4 LBN N . -26.12 27.12 -8.90
C5 LBN N . -26.36 18.51 -9.09
C6 LBN N . -12.55 27.45 -11.87
O1 LBN N . -15.55 24.30 -13.20
C7 LBN N . -27.51 27.14 -8.23
C8 LBN N . -27.14 17.57 -9.95
C9 LBN N . -12.78 26.66 -13.20
O2 LBN N . -12.97 25.35 -12.85
C10 LBN N . -28.67 27.52 -9.17
C11 LBN N . -28.34 16.82 -9.31
C12 LBN N . -10.78 28.95 -12.89
O3 LBN N . -13.36 22.99 -13.58
C13 LBN N . -30.06 27.54 -8.50
C14 LBN N . -29.71 17.28 -9.85
C15 LBN N . -11.90 29.65 -10.79
O4 LBN N . -14.04 25.06 -15.14
C16 LBN N . -30.89 28.78 -8.84
C17 LBN N . -30.94 16.48 -9.34
C18 LBN N . -13.13 29.66 -12.93
C19 LBN N . -32.24 28.81 -8.15
C20 LBN N . -32.27 17.24 -9.56
C21 LBN N . -32.74 30.22 -7.86
C22 LBN N . -33.53 16.52 -9.06
C23 LBN N . -34.71 17.50 -8.91
C24 LBN N . -36.08 16.85 -8.73
C25 LBN N . -15.87 25.08 -7.32
O5 LBN N . -15.91 24.40 -8.48
C26 LBN N . -16.97 26.06 -7.14
O6 LBN N . -15.00 24.85 -6.50
C27 LBN N . -18.02 25.64 -6.12
C28 LBN N . -19.07 26.73 -5.86
C29 LBN N . -19.95 27.11 -7.07
C30 LBN N . -21.44 27.19 -6.77
C31 LBN N . -22.36 27.73 -7.89
C32 LBN N . -23.61 26.90 -8.19
C33 LBN N . -24.95 27.66 -8.05
C34 LBN N . -18.18 23.80 -10.52
O7 LBN N . -16.86 23.30 -10.49
C35 LBN N . -19.15 22.92 -11.29
O8 LBN N . -18.46 24.82 -9.93
C36 LBN N . -20.54 22.62 -10.65
C37 LBN N . -21.59 23.77 -10.72
C38 LBN N . -23.09 23.41 -10.78
C39 LBN N . -23.46 22.02 -10.19
C40 LBN N . -24.71 21.44 -10.86
C41 LBN N . -24.93 19.90 -10.71
C42 LBN N . -25.46 19.45 -9.39
C08 6OU O . -36.96 15.46 -12.91
C09 6OU O . -38.30 15.74 -13.67
C10 6OU O . -38.84 17.21 -13.64
C11 6OU O . -39.74 17.68 -14.84
C12 6OU O . -41.15 18.27 -14.47
C13 6OU O . -41.65 19.49 -15.31
C14 6OU O . -43.19 19.81 -15.19
C15 6OU O . -43.59 21.34 -15.13
C16 6OU O . -45.10 21.55 -14.81
O17 6OU O . -45.54 22.55 -14.34
O18 6OU O . -45.97 20.49 -15.10
C19 6OU O . -45.99 20.01 -16.48
C20 6OU O . -47.19 18.99 -16.71
C21 6OU O . -47.98 18.75 -15.34
O22 6OU O . -49.34 18.91 -15.58
P23 6OU O . -50.53 18.90 -14.31
O24 6OU O . -49.85 19.59 -13.15
O25 6OU O . -51.07 17.51 -14.20
O26 6OU O . -51.80 19.94 -14.83
C27 6OU O . -52.12 20.02 -16.19
C28 6OU O . -53.30 21.02 -16.41
N29 6OU O . -53.67 21.05 -17.84
O30 6OU O . -46.51 17.75 -17.13
C31 6OU O . -45.50 17.26 -16.28
O32 6OU O . -45.33 17.72 -15.21
C33 6OU O . -44.62 16.07 -16.83
C34 6OU O . -43.08 16.19 -16.47
C35 6OU O . -42.26 14.86 -16.36
C36 6OU O . -40.87 14.81 -17.06
C37 6OU O . -39.73 14.00 -16.35
C38 6OU O . -39.11 12.80 -17.12
C39 6OU O . -37.62 12.45 -16.84
C40 6OU O . -37.31 11.06 -16.29
S01 9BE P . -1.86 -16.00 -35.65
C02 9BE P . -2.56 -15.52 -34.34
N03 9BE P . -2.83 -14.18 -34.05
C04 9BE P . -4.09 -13.61 -34.53
C05 9BE P . -3.90 -12.64 -35.67
C06 9BE P . -4.54 -11.40 -35.66
C07 9BE P . -4.35 -10.53 -36.74
C08 9BE P . -3.53 -10.87 -37.80
C09 9BE P . -2.89 -12.09 -37.80
C10 9BE P . -3.08 -12.97 -36.75
C10 6OU Q . -41.35 12.47 -20.78
C11 6OU Q . -42.77 12.20 -20.15
C12 6OU Q . -43.65 13.47 -19.84
C13 6OU Q . -45.16 13.39 -20.18
C14 6OU Q . -46.07 14.52 -19.58
C15 6OU Q . -47.12 15.18 -20.55
C16 6OU Q . -47.77 16.46 -19.96
O17 6OU Q . -47.89 16.65 -18.78
O18 6OU Q . -48.26 17.42 -20.86
C19 6OU Q . -49.68 17.71 -20.80
C20 6OU Q . -50.18 18.33 -22.18
C21 6OU Q . -51.77 18.46 -22.17
O22 6OU Q . -52.09 19.82 -22.00
P23 6OU Q . -53.09 20.68 -23.13
O24 6OU Q . -54.12 19.67 -23.59
O25 6OU Q . -52.20 21.40 -24.08
O26 6OU Q . -53.95 21.85 -22.20
O30 6OU Q . -49.76 17.34 -23.18
C31 6OU Q . -48.40 17.35 -23.56
O32 6OU Q . -47.73 18.29 -23.36
C33 6OU Q . -47.84 16.04 -24.24
C34 6OU Q . -46.46 16.24 -24.98
C35 6OU Q . -45.31 15.21 -24.65
C36 6OU Q . -44.31 14.85 -25.80
C37 6OU Q . -42.82 14.58 -25.40
C38 6OU Q . -42.32 13.12 -25.42
C39 6OU Q . -40.77 12.88 -25.49
C40 6OU Q . -40.14 12.12 -24.32
C10 6OU R . -34.72 -14.70 1.37
C11 6OU R . -33.61 -13.60 1.14
C12 6OU R . -32.22 -14.09 0.64
C13 6OU R . -31.50 -13.21 -0.45
C14 6OU R . -29.97 -13.53 -0.69
C15 6OU R . -29.46 -13.45 -2.18
C16 6OU R . -27.98 -13.94 -2.32
O17 6OU R . -27.16 -13.80 -1.47
O18 6OU R . -27.63 -14.56 -3.54
C19 6OU R . -26.87 -13.75 -4.48
C20 6OU R . -27.04 -14.32 -5.95
C21 6OU R . -25.62 -14.48 -6.65
O22 6OU R . -25.26 -13.27 -7.23
P23 6OU R . -24.68 -13.13 -8.85
O24 6OU R . -25.60 -14.02 -9.66
O25 6OU R . -23.20 -13.32 -8.84
O26 6OU R . -25.00 -11.51 -9.34
O30 6OU R . -27.84 -13.29 -6.65
C31 6OU R . -29.24 -13.36 -6.49
O32 6OU R . -29.77 -14.39 -6.31
C33 6OU R . -30.04 -12.00 -6.59
C34 6OU R . -31.61 -12.19 -6.74
C35 6OU R . -32.52 -11.54 -5.64
C36 6OU R . -33.93 -11.04 -6.07
C37 6OU R . -35.11 -11.30 -5.07
C38 6OU R . -35.77 -10.06 -4.41
C39 6OU R . -37.25 -10.21 -3.88
C40 6OU R . -37.48 -10.01 -2.39
C41 6OU R . -38.62 -9.60 -1.80
C02 6OU S . -43.57 -14.19 -13.15
C03 6OU S . -44.33 -13.23 -14.06
C04 6OU S . -45.79 -13.02 -13.61
C05 6OU S . -46.32 -11.63 -13.96
C06 6OU S . -47.74 -11.35 -13.42
C07 6OU S . -47.82 -10.10 -12.54
C08 6OU S . -49.04 -10.00 -11.60
C09 6OU S . -49.79 -8.65 -11.58
C10 6OU S . -51.25 -8.69 -12.06
C11 6OU S . -52.29 -8.38 -10.96
C12 6OU S . -51.89 -7.31 -9.95
C13 6OU S . -52.50 -7.52 -8.54
C14 6OU S . -51.47 -7.64 -7.41
C15 6OU S . -52.02 -8.25 -6.10
C16 6OU S . -51.65 -7.46 -4.87
O17 6OU S . -50.56 -6.94 -4.71
O18 6OU S . -52.62 -7.33 -3.92
C19 6OU S . -52.57 -8.28 -2.86
C20 6OU S . -53.92 -8.60 -2.17
C21 6OU S . -54.97 -7.45 -2.38
O22 6OU S . -55.14 -6.78 -1.20
P23 6OU S . -55.38 -5.06 -1.10
O24 6OU S . -54.45 -4.50 -2.12
O25 6OU S . -55.48 -4.72 0.34
O26 6OU S . -56.91 -4.66 -1.76
C27 6OU S . -57.96 -4.46 -0.89
C28 6OU S . -58.66 -3.12 -1.22
N29 6OU S . -59.42 -2.55 -0.11
O30 6OU S . -53.71 -8.89 -0.77
C31 6OU S . -53.72 -10.18 -0.28
O32 6OU S . -54.77 -10.71 0.03
C33 6OU S . -52.35 -10.88 -0.15
C34 6OU S . -51.17 -10.04 0.41
C35 6OU S . -49.72 -10.58 0.13
C36 6OU S . -48.59 -9.51 0.04
C37 6OU S . -47.12 -10.03 0.17
C38 6OU S . -45.99 -9.26 -0.59
C39 6OU S . -46.52 -8.14 -1.55
C40 6OU S . -45.73 -7.86 -2.80
C41 6OU S . -46.13 -7.24 -3.93
C42 6OU S . -45.33 -6.96 -5.18
C43 6OU S . -46.07 -6.93 -6.58
C44 6OU S . -45.68 -8.07 -7.55
C45 6OU S . -44.28 -7.98 -8.20
C46 6OU S . -43.18 -8.88 -7.56
C47 6OU S . -41.74 -8.36 -7.78
C48 6OU S . -40.66 -9.43 -7.53
C49 6OU S . -39.29 -9.04 -8.08
C1 LBN T . -28.60 -8.45 -11.49
N1 LBN T . -27.87 -8.17 -16.93
P1 LBN T . -26.88 -10.39 -12.22
C2 LBN T . -27.76 -7.37 -10.82
C3 LBN T . -27.83 -6.06 -11.66
C4 LBN T . -37.79 -4.73 -6.91
C5 LBN T . -32.95 -5.94 0.12
C6 LBN T . -27.37 -8.09 -15.46
O1 LBN T . -28.05 -9.68 -11.25
C7 LBN T . -38.85 -4.02 -6.04
C8 LBN T . -33.10 -6.88 1.27
C9 LBN T . -27.21 -9.49 -14.78
O2 LBN T . -26.56 -9.29 -13.60
C10 LBN T . -40.10 -4.86 -5.73
C11 LBN T . -33.56 -6.30 2.64
C12 LBN T . -26.91 -8.97 -17.78
O3 LBN T . -25.56 -10.28 -11.53
C13 LBN T . -41.16 -4.16 -4.86
C14 LBN T . -34.98 -6.74 3.04
C15 LBN T . -28.02 -6.76 -17.51
O4 LBN T . -27.48 -11.56 -12.91
C16 LBN T . -42.59 -4.32 -5.39
C17 LBN T . -35.46 -6.28 4.45
C18 LBN T . -29.23 -8.84 -16.96
C19 LBN T . -43.63 -3.58 -4.56
C20 LBN T . -36.99 -6.36 4.61
C21 LBN T . -44.82 -3.12 -5.37
C22 LBN T . -37.53 -5.91 5.97
C23 LBN T . -39.04 -5.62 5.91
C24 LBN T . -39.75 -5.45 7.25
C25 LBN T . -28.19 -3.73 -11.23
O5 LBN T . -27.95 -4.98 -10.75
C26 LBN T . -29.64 -3.40 -11.35
O6 LBN T . -27.28 -3.00 -11.50
C27 LBN T . -30.14 -2.42 -10.32
C28 LBN T . -31.58 -1.99 -10.54
C29 LBN T . -32.64 -3.12 -10.42
C30 LBN T . -33.86 -2.77 -9.57
C31 LBN T . -35.02 -3.77 -9.55
C32 LBN T . -35.58 -4.13 -8.15
C33 LBN T . -37.08 -3.86 -7.96
C34 LBN T . -29.60 -7.00 -9.08
O7 LBN T . -28.26 -7.07 -9.47
C35 LBN T . -29.94 -7.84 -7.86
O8 LBN T . -30.37 -6.28 -9.68
C36 LBN T . -30.83 -7.18 -6.75
C37 LBN T . -32.36 -7.09 -7.04
C38 LBN T . -33.36 -7.13 -5.88
C39 LBN T . -32.78 -6.71 -4.50
C40 LBN T . -33.51 -7.40 -3.34
C41 LBN T . -32.77 -7.43 -1.96
C42 LBN T . -32.80 -6.16 -1.19
C08 6OU U . -40.01 -9.77 8.55
C09 6OU U . -41.34 -10.44 9.06
C10 6OU U . -42.62 -10.22 8.19
C11 6OU U . -43.74 -11.33 8.27
C12 6OU U . -45.18 -10.86 8.66
C13 6OU U . -46.38 -11.52 7.93
C14 6OU U . -47.80 -11.31 8.59
C15 6OU U . -49.00 -11.05 7.60
C16 6OU U . -50.31 -10.66 8.35
O17 6OU U . -51.21 -10.06 7.84
O18 6OU U . -50.43 -11.05 9.70
C19 6OU U . -50.30 -12.47 9.97
C20 6OU U . -50.68 -12.78 11.49
C21 6OU U . -51.04 -11.44 12.26
O22 6OU U . -52.26 -11.62 12.92
P23 6OU U . -53.07 -10.32 13.73
O24 6OU U . -52.83 -9.10 12.86
O25 6OU U . -52.70 -10.36 15.17
O26 6OU U . -54.76 -10.67 13.62
C27 6OU U . -55.20 -12.00 13.63
C28 6OU U . -56.75 -12.07 13.51
N29 6OU U . -57.21 -13.47 13.59
O30 6OU U . -49.45 -13.38 12.04
C31 6OU U . -48.26 -12.62 11.91
O32 6OU U . -48.30 -11.51 11.53
C33 6OU U . -46.91 -13.33 12.29
C34 6OU U . -45.71 -13.02 11.32
C35 6OU U . -44.26 -13.09 11.91
C36 6OU U . -43.18 -13.84 11.06
C37 6OU U . -41.72 -13.27 11.09
C38 6OU U . -40.60 -14.20 11.63
C39 6OU U . -39.15 -14.01 11.04
C40 6OU U . -38.05 -13.64 12.02
C08 6OU V . -22.55 33.87 10.76
C09 6OU V . -23.19 35.29 10.84
C10 6OU V . -23.69 35.76 12.25
C11 6OU V . -23.72 37.31 12.53
C12 6OU V . -25.08 37.91 13.01
C13 6OU V . -25.03 39.02 14.10
C14 6OU V . -26.34 39.87 14.29
C15 6OU V . -26.76 40.23 15.77
C16 6OU V . -28.17 40.89 15.84
O17 6OU V . -28.84 40.88 16.84
O18 6OU V . -28.66 41.51 14.69
C19 6OU V . -27.85 42.56 14.12
C20 6OU V . -28.64 43.33 12.97
C21 6OU V . -30.07 42.66 12.76
O22 6OU V . -31.03 43.69 12.77
P23 6OU V . -32.73 43.36 12.74
O24 6OU V . -32.91 42.12 13.58
O25 6OU V . -33.20 43.42 11.31
O26 6OU V . -33.48 44.64 13.60
C27 6OU V . -32.93 45.93 13.55
C28 6OU V . -33.78 46.92 14.41
N29 6OU V . -33.24 48.30 14.30
O30 6OU V . -27.80 43.12 11.77
C31 6OU V . -27.48 41.78 11.44
O32 6OU V . -27.98 40.89 12.00
C33 6OU V . -26.41 41.57 10.31
C34 6OU V . -25.39 40.39 10.61
C35 6OU V . -24.75 39.66 9.37
C36 6OU V . -23.21 39.40 9.41
C37 6OU V . -22.69 38.06 8.77
C38 6OU V . -21.69 38.19 7.57
C39 6OU V . -20.64 37.04 7.39
C40 6OU V . -20.68 36.25 6.09
S01 9BE W . 26.49 6.50 28.04
C02 9BE W . 25.12 6.84 27.37
N03 9BE W . 23.97 6.05 27.52
C04 9BE W . 23.10 6.30 28.66
C05 9BE W . 23.17 5.22 29.71
C06 9BE W . 22.03 4.68 30.26
C07 9BE W . 22.13 3.69 31.24
C08 9BE W . 23.37 3.23 31.68
C09 9BE W . 24.50 3.77 31.12
C10 9BE W . 24.41 4.76 30.16
C10 6OU X . -22.54 12.16 40.51
C11 6OU X . -23.56 13.35 40.62
C12 6OU X . -25.02 13.00 41.04
C13 6OU X . -25.72 13.94 42.07
C14 6OU X . -27.28 13.75 42.23
C15 6OU X . -27.84 13.71 43.70
C16 6OU X . -29.33 13.26 43.77
O17 6OU X . -30.10 13.41 42.86
O18 6OU X . -29.76 12.66 44.95
C19 6OU X . -30.84 13.32 45.66
C20 6OU X . -30.84 12.90 47.20
C21 6OU X . -31.90 13.78 48.01
O22 6OU X . -33.01 12.99 48.28
P23 6OU X . -33.60 12.73 49.90
O24 6OU X . -33.37 14.05 50.60
O25 6OU X . -33.03 11.44 50.40
O26 6OU X . -35.30 12.54 49.76
O30 6OU X . -29.47 13.21 47.65
C31 6OU X . -28.47 12.28 47.29
O32 6OU X . -28.74 11.18 46.98
C33 6OU X . -26.98 12.80 47.33
C34 6OU X . -25.89 11.65 47.33
C35 6OU X . -24.73 11.78 46.28
C36 6OU X . -23.32 11.22 46.69
C37 6OU X . -22.45 10.57 45.55
C38 6OU X . -21.22 11.38 45.05
C39 6OU X . -20.10 10.59 44.28
C40 6OU X . -19.83 10.99 42.84
C10 6OU Y . -12.67 32.96 13.27
C11 6OU Y . -12.57 31.41 13.13
C12 6OU Y . -11.17 30.81 12.77
C13 6OU Y . -10.73 29.51 13.50
C14 6OU Y . -9.50 28.75 12.88
C15 6OU Y . -8.48 28.09 13.89
C16 6OU Y . -7.21 27.52 13.19
O17 6OU Y . -7.23 27.07 12.09
O18 6OU Y . -6.02 27.53 13.92
C19 6OU Y . -5.58 26.28 14.50
C20 6OU Y . -4.60 26.53 15.73
C21 6OU Y . -3.29 25.64 15.59
O22 6OU Y . -3.55 24.38 16.12
P23 6OU Y . -2.47 23.60 17.24
O24 6OU Y . -2.08 24.69 18.21
O25 6OU Y . -1.45 22.83 16.46
O26 6OU Y . -3.42 22.47 18.13
O30 6OU Y . -5.39 26.10 16.91
C31 6OU Y . -6.27 27.06 17.46
O32 6OU Y . -6.04 28.20 17.37
C33 6OU Y . -7.55 26.50 18.20
C34 6OU Y . -8.31 27.58 19.06
C35 6OU Y . -9.81 27.86 18.70
C36 6OU Y . -10.77 28.27 19.87
C37 6OU Y . -11.82 29.40 19.57
C38 6OU Y . -13.33 28.99 19.56
C39 6OU Y . -14.38 30.11 19.83
C40 6OU Y . -15.39 30.39 18.72
C41 6OU Y . -16.63 30.89 18.86
C02 6OU Z . -11.16 35.29 30.05
C03 6OU Z . -11.77 34.85 31.39
C04 6OU Z . -12.99 35.68 31.77
C05 6OU Z . -14.03 34.89 32.60
C06 6OU Z . -15.32 35.66 32.90
C07 6OU Z . -16.58 34.91 32.43
C08 6OU Z . -17.85 35.77 32.26
C09 6OU Z . -19.15 35.23 32.87
C10 6OU Z . -19.78 36.07 34.00
C11 6OU Z . -21.14 36.69 33.64
C12 6OU Z . -22.07 35.81 32.79
C13 6OU Z . -23.01 36.63 31.87
C14 6OU Z . -22.87 36.30 30.37
C15 6OU Z . -23.48 37.35 29.43
C16 6OU Z . -24.36 36.75 28.34
O17 6OU Z . -24.08 35.72 27.76
O18 6OU Z . -25.49 37.44 28.05
C19 6OU Z . -25.40 38.33 26.94
C20 6OU Z . -26.37 39.56 26.96
C21 6OU Z . -27.61 39.28 27.88
O22 6OU Z . -28.72 39.10 27.10
P23 6OU Z . -29.98 37.96 27.46
O24 6OU Z . -29.26 36.76 27.98
O25 6OU Z . -30.97 38.05 26.36
O26 6OU Z . -30.82 38.49 28.86
C27 6OU Z . -32.02 39.14 28.68
C28 6OU Z . -33.12 38.49 29.57
N29 6OU Z . -34.48 38.75 29.12
O30 6OU Z . -26.75 39.90 25.62
C31 6OU Z . -26.21 40.98 24.96
O32 6OU Z . -26.67 42.10 25.13
C33 6OU Z . -25.00 40.70 24.04
C34 6OU Z . -25.08 39.43 23.14
C35 6OU Z . -23.73 38.90 22.56
C36 6OU Z . -23.67 37.36 22.27
C37 6OU Z . -22.51 36.87 21.33
C38 6OU Z . -21.92 35.44 21.56
C39 6OU Z . -22.46 34.73 22.86
C40 6OU Z . -21.54 33.79 23.59
C41 6OU Z . -21.61 33.36 24.85
C42 6OU Z . -20.66 32.41 25.57
C43 6OU Z . -20.45 32.56 27.11
C44 6OU Z . -19.01 33.01 27.53
C45 6OU Z . -17.89 31.95 27.40
C46 6OU Z . -16.99 32.08 26.14
C47 6OU Z . -16.32 30.75 25.71
C48 6OU Z . -15.14 30.94 24.76
C49 6OU Z . -14.27 29.68 24.63
C04 6OU AA . -27.59 22.13 -7.67
C05 6OU AA . -28.50 23.06 -8.49
C06 6OU AA . -29.92 22.52 -8.71
C07 6OU AA . -30.89 23.57 -9.27
C08 6OU AA . -32.15 23.03 -9.98
C09 6OU AA . -33.45 23.82 -9.79
C10 6OU AA . -34.58 23.51 -10.77
C11 6OU AA . -35.82 22.90 -10.11
C12 6OU AA . -37.08 23.78 -10.09
C13 6OU AA . -38.31 23.08 -9.54
C14 6OU AA . -39.58 23.95 -9.55
C15 6OU AA . -40.85 23.22 -9.11
C16 6OU AA . -42.07 24.08 -9.17
O17 6OU AA . -42.04 25.25 -9.50
O18 6OU AA . -43.24 23.50 -8.84
C19 6OU AA . -44.23 24.34 -8.29
C20 6OU AA . -45.61 24.33 -9.00
C21 6OU AA . -46.40 23.01 -8.71
O22 6OU AA . -46.76 22.42 -9.89
P23 6OU AA . -48.36 21.87 -10.24
O24 6OU AA . -48.88 21.44 -8.91
O25 6OU AA . -48.32 21.10 -11.51
O26 6OU AA . -49.34 23.25 -10.56
C27 6OU AA . -50.08 23.28 -11.71
C28 6OU AA . -51.12 24.42 -11.61
N29 6OU AA . -50.86 25.56 -12.49
O30 6OU AA . -45.44 24.52 -10.39
C31 6OU AA . -45.91 25.63 -11.01
O32 6OU AA . -46.54 26.47 -10.41
C33 6OU AA . -45.57 25.75 -12.50
C34 6OU AA . -44.41 24.85 -13.02
C35 6OU AA . -43.51 25.48 -14.10
C36 6OU AA . -41.99 25.17 -14.06
C37 6OU AA . -41.57 23.88 -13.34
C38 6OU AA . -40.87 22.78 -14.18
C39 6OU AA . -39.41 22.49 -13.73
C40 6OU AA . -38.89 21.10 -13.97
C41 6OU AA . -37.63 20.66 -14.07
C42 6OU AA . -36.35 21.44 -13.95
C43 6OU AA . -35.02 20.70 -14.30
C44 6OU AA . -33.74 21.51 -13.93
C1 LBN BA . -6.44 21.96 22.31
N1 LBN BA . -3.48 20.25 26.60
P1 LBN BA . -3.83 22.23 21.71
C2 LBN BA . -6.93 20.75 21.54
C3 LBN BA . -7.37 19.64 22.53
C4 LBN BA . -16.61 25.70 23.71
C5 LBN BA . -16.41 24.97 15.12
C6 LBN BA . -3.94 20.15 25.12
O1 LBN BA . -5.46 22.61 21.59
C7 LBN BA . -18.13 25.98 23.63
C8 LBN BA . -16.49 26.00 14.04
C9 LBN BA . -3.32 21.27 24.21
O2 LBN BA . -3.63 20.94 22.93
C10 LBN BA . -18.52 27.46 23.83
C11 LBN BA . -17.80 26.10 13.23
C12 LBN BA . -1.96 20.11 26.71
O3 LBN BA . -3.43 21.47 20.49
C13 LBN BA . -20.03 27.75 23.75
C14 LBN BA . -18.60 27.39 13.51
C15 LBN BA . -4.14 19.16 27.45
O4 LBN BA . -3.12 23.36 22.36
C16 LBN BA . -20.53 28.65 24.89
C17 LBN BA . -19.87 27.61 12.64
C18 LBN BA . -3.87 21.61 27.18
C19 LBN BA . -22.03 28.89 24.83
C20 LBN BA . -20.83 28.65 13.25
C21 LBN BA . -22.64 29.12 26.21
C22 LBN BA . -22.12 28.91 12.44
C23 LBN BA . -23.19 29.60 13.32
C24 LBN BA . -24.38 30.18 12.55
C25 LBN BA . -9.24 18.17 22.79
O5 LBN BA . -8.55 19.05 22.03
C26 LBN BA . -10.27 18.78 23.68
O6 LBN BA . -9.02 16.99 22.71
C27 LBN BA . -11.70 18.54 23.24
C28 LBN BA . -12.72 19.08 24.22
C29 LBN BA . -12.73 20.60 24.42
C30 LBN BA . -14.11 21.26 24.38
C31 LBN BA . -14.20 22.75 24.74
C32 LBN BA . -15.02 23.63 23.78
C33 LBN BA . -16.19 24.39 24.41
C34 LBN BA . -9.15 21.93 21.05
O7 LBN BA . -8.09 21.08 20.69
C35 LBN BA . -9.44 23.02 20.02
O8 LBN BA . -9.76 21.76 22.07
C36 LBN BA . -10.93 23.29 19.65
C37 LBN BA . -11.77 24.10 20.67
C38 LBN BA . -12.94 24.98 20.17
C39 LBN BA . -13.53 24.57 18.80
C40 LBN BA . -14.12 25.76 18.05
C41 LBN BA . -14.33 25.60 16.51
C42 LBN BA . -15.53 24.79 16.12
C04 6OU CA . -26.68 -1.21 24.43
C05 6OU CA . -27.39 -1.51 25.76
C06 6OU CA . -27.82 -0.25 26.54
C07 6OU CA . -28.78 -0.56 27.70
C08 6OU CA . -28.85 0.49 28.82
C09 6OU CA . -30.23 0.74 29.45
C10 6OU CA . -30.23 1.49 30.78
C11 6OU CA . -30.94 2.85 30.74
C12 6OU CA . -32.26 2.95 31.50
C13 6OU CA . -32.86 4.36 31.51
C14 6OU CA . -34.15 4.47 32.32
C15 6OU CA . -34.69 5.90 32.43
C16 6OU CA . -35.94 5.99 33.26
O17 6OU CA . -36.47 5.02 33.75
O18 6OU CA . -36.44 7.23 33.46
C19 6OU CA . -37.85 7.30 33.63
C20 6OU CA . -38.33 8.03 34.91
C21 6OU CA . -38.14 9.58 34.81
O22 6OU CA . -37.40 10.03 35.89
P23 6OU CA . -37.86 11.37 36.86
O24 6OU CA . -38.57 12.27 35.91
O25 6OU CA . -36.73 11.69 37.77
O26 6OU CA . -39.14 10.87 37.88
C27 6OU CA . -39.04 11.09 39.24
C28 6OU CA . -40.43 10.88 39.88
N29 6OU CA . -40.55 9.68 40.72
O30 6OU CA . -37.65 7.52 36.05
C31 6OU CA . -38.31 6.84 37.03
O32 6OU CA . -39.52 6.70 36.99
C33 6OU CA . -37.45 6.25 38.13
C34 6OU CA . -35.93 6.12 37.82
C35 6OU CA . -35.23 4.87 38.43
C36 6OU CA . -34.14 4.17 37.57
C37 6OU CA . -33.44 5.05 36.51
C38 6OU CA . -31.92 5.28 36.66
C39 6OU CA . -31.07 4.68 35.50
C40 6OU CA . -29.77 5.38 35.18
C41 6OU CA . -28.69 4.90 34.54
C42 6OU CA . -28.45 3.55 33.96
C43 6OU CA . -27.02 3.21 33.46
C44 6OU CA . -26.92 1.89 32.66
C08 6OU DA . -25.63 8.67 32.24
C09 6OU DA . -26.25 9.13 33.60
C10 6OU DA . -27.49 8.36 34.12
C11 6OU DA . -27.74 8.34 35.67
C12 6OU DA . -29.13 8.83 36.18
C13 6OU DA . -29.79 8.06 37.37
C14 6OU DA . -30.98 8.78 38.09
C15 6OU DA . -32.20 7.88 38.53
C16 6OU DA . -33.41 8.71 39.05
O17 6OU DA . -34.53 8.31 39.06
O18 6OU DA . -33.13 10.01 39.53
C19 6OU DA . -32.18 10.11 40.61
C20 6OU DA . -32.16 11.60 41.21
C21 6OU DA . -33.16 12.53 40.39
O22 6OU DA . -33.97 13.19 41.31
P23 6OU DA . -35.31 14.18 40.81
O24 6OU DA . -35.91 13.46 39.63
O25 6OU DA . -34.83 15.60 40.73
O26 6OU DA . -36.47 14.09 42.09
C27 6OU DA . -36.04 13.95 43.42
C28 6OU DA . -37.26 13.88 44.38
N29 6OU DA . -36.80 13.82 45.79
O30 6OU DA . -30.77 12.03 40.99
C31 6OU DA . -30.26 11.94 39.67
O32 6OU DA . -30.97 11.69 38.77
C33 6OU DA . -28.73 12.20 39.47
C34 6OU DA . -28.04 11.22 38.43
C35 6OU DA . -26.76 11.75 37.67
C36 6OU DA . -25.54 10.79 37.57
C37 6OU DA . -24.71 10.83 36.24
C38 6OU DA . -23.20 11.22 36.36
C39 6OU DA . -22.21 10.62 35.32
C40 6OU DA . -21.44 11.59 34.44
S01 9BE EA . 4.46 -37.23 11.15
C02 9BE EA . 3.74 -35.85 11.30
N03 9BE EA . 2.76 -35.38 10.41
C04 9BE EA . 1.37 -35.75 10.66
C05 9BE EA . 0.85 -36.77 9.68
C06 9BE EA . -0.38 -36.60 9.06
C07 9BE EA . -0.84 -37.56 8.17
C08 9BE EA . -0.09 -38.69 7.87
C09 9BE EA . 1.13 -38.85 8.47
C10 9BE EA . 1.59 -37.91 9.37
C10 6OU FA . -42.55 -17.80 12.93
C11 6OU FA . -43.48 -17.16 14.03
C12 6OU FA . -44.89 -16.68 13.57
C13 6OU FA . -46.10 -16.97 14.51
C14 6OU FA . -47.45 -16.21 14.17
C15 6OU FA . -48.77 -17.07 14.19
C16 6OU FA . -49.98 -16.30 13.61
O17 6OU FA . -50.08 -15.11 13.61
O18 6OU FA . -51.02 -17.06 13.06
C19 6OU FA . -52.33 -16.93 13.66
C20 6OU FA . -53.23 -18.20 13.36
C21 6OU FA . -54.58 -18.13 14.20
O22 6OU FA . -55.62 -17.80 13.32
P23 6OU FA . -57.04 -18.78 13.13
O24 6OU FA . -57.31 -19.33 14.51
O25 6OU FA . -56.84 -19.66 11.95
O26 6OU FA . -58.32 -17.69 12.76
O30 6OU FA . -52.41 -19.34 13.83
C31 6OU FA . -51.35 -19.75 12.98
O32 6OU FA . -51.35 -19.46 11.84
C33 6OU FA . -50.19 -20.59 13.64
C34 6OU FA . -49.28 -21.36 12.61
C35 6OU FA . -47.73 -21.18 12.76
C36 6OU FA . -46.81 -22.40 12.39
C37 6OU FA . -45.43 -22.09 11.74
C38 6OU FA . -44.16 -22.30 12.62
C39 6OU FA . -42.78 -22.43 11.90
C40 6OU FA . -41.71 -21.40 12.20
C10 6OU GA . -19.16 0.68 32.51
C11 6OU GA . -18.94 0.56 30.96
C12 6OU GA . -17.58 -0.04 30.49
C13 6OU GA . -17.62 -1.05 29.28
C14 6OU GA . -16.24 -1.36 28.61
C15 6OU GA . -16.00 -2.84 28.12
C16 6OU GA . -14.55 -3.09 27.62
O17 6OU GA . -13.88 -2.25 27.09
O18 6OU GA . -14.02 -4.37 27.81
C19 6OU GA . -13.97 -5.24 26.66
C20 6OU GA . -13.91 -6.78 27.09
C21 6OU GA . -12.74 -7.53 26.32
O22 6OU GA . -13.22 -7.96 25.08
P23 6OU GA . -12.99 -9.58 24.50
O24 6OU GA . -13.30 -10.46 25.69
O25 6OU GA . -11.69 -9.63 23.78
O26 6OU GA . -14.25 -9.86 23.35
O30 6OU GA . -15.22 -7.30 26.67
C31 6OU GA . -16.31 -7.12 27.57
O32 6OU GA . -16.11 -7.04 28.73
C33 6OU GA . -17.75 -7.03 26.96
C34 6OU GA . -18.91 -7.16 28.03
C35 6OU GA . -19.92 -5.94 28.13
C36 6OU GA . -21.39 -6.27 28.53
C37 6OU GA . -22.10 -5.29 29.52
C38 6OU GA . -23.29 -4.45 28.97
C39 6OU GA . -24.33 -3.90 30.00
C40 6OU GA . -24.50 -2.39 30.10
C41 6OU GA . -25.60 -1.72 30.49
C02 6OU HA . -27.99 -13.38 36.21
C03 6OU HA . -29.25 -14.15 35.82
C04 6OU HA . -30.49 -13.63 36.55
C05 6OU HA . -31.79 -13.79 35.73
C06 6OU HA . -33.03 -13.17 36.39
C07 6OU HA . -33.75 -12.15 35.50
C08 6OU HA . -34.69 -11.17 36.21
C09 6OU HA . -36.08 -10.96 35.59
C10 6OU HA . -37.29 -11.39 36.45
C11 6OU HA . -38.20 -10.23 36.90
C12 6OU HA . -38.40 -9.12 35.88
C13 6OU HA . -38.64 -7.73 36.54
C14 6OU HA . -37.62 -6.64 36.11
C15 6OU HA . -37.59 -5.40 37.03
C16 6OU HA . -37.63 -4.09 36.27
O17 6OU HA . -37.03 -3.91 35.21
O18 6OU HA . -38.40 -3.12 36.81
C19 6OU HA . -37.70 -2.18 37.62
C20 6OU HA . -38.52 -1.49 38.75
C21 6OU HA . -40.06 -1.53 38.43
O22 6OU HA . -40.49 -0.26 38.08
P23 6OU HA . -41.68 0.05 36.85
O24 6OU HA . -41.36 -0.93 35.76
O25 6OU HA . -41.82 1.52 36.76
O26 6OU HA . -43.20 -0.51 37.38
C27 6OU HA . -44.08 0.41 37.91
C28 6OU HA . -45.46 0.26 37.23
N29 6OU HA . -46.31 1.46 37.33
O30 6OU HA . -38.05 -0.14 38.95
C31 6OU HA . -37.26 0.19 40.03
O32 6OU HA . -37.76 0.47 41.11
C33 6OU HA . -35.74 0.19 39.80
C34 6OU HA . -35.21 0.81 38.47
C35 6OU HA . -33.78 0.42 38.02
C36 6OU HA . -33.49 0.44 36.48
C37 6OU HA . -32.00 0.46 36.04
C38 6OU HA . -31.60 -0.25 34.69
C39 6OU HA . -32.78 -1.05 34.03
C40 6OU HA . -32.44 -2.28 33.24
C41 6OU HA . -33.23 -3.32 32.89
C42 6OU HA . -32.87 -4.55 32.10
C43 6OU HA . -33.62 -5.90 32.40
C44 6OU HA . -32.72 -7.02 33.01
C45 6OU HA . -31.72 -7.70 32.04
C46 6OU HA . -30.25 -7.20 32.18
C47 6OU HA . -29.41 -7.40 30.89
C48 6OU HA . -27.90 -7.31 31.11
C49 6OU HA . -27.08 -7.86 29.95
C04 6OU IA . -18.38 24.95 18.76
C05 6OU IA . -18.65 26.25 19.52
C06 6OU IA . -19.64 27.20 18.83
C07 6OU IA . -20.12 28.33 19.75
C08 6OU IA . -20.68 29.58 19.03
C09 6OU IA . -21.88 30.27 19.71
C10 6OU IA . -22.19 31.69 19.21
C11 6OU IA . -23.56 31.83 18.54
C12 6OU IA . -24.61 32.64 19.29
C13 6OU IA . -25.92 32.84 18.52
C14 6OU IA . -26.95 33.69 19.26
C15 6OU IA . -28.21 33.99 18.44
C16 6OU IA . -29.18 34.87 19.18
O17 6OU IA . -29.01 35.25 20.31
O18 6OU IA . -30.30 35.23 18.50
C19 6OU IA . -31.45 35.45 19.29
C20 6OU IA . -32.14 36.83 19.09
C21 6OU IA . -32.91 36.90 17.72
O22 6OU IA . -32.47 38.00 17.02
P23 6OU IA . -33.54 39.15 16.29
O24 6OU IA . -34.73 38.35 15.91
O25 6OU IA . -32.73 40.05 15.44
O26 6OU IA . -34.18 40.15 17.53
C27 6OU IA . -34.09 41.51 17.41
C28 6OU IA . -35.03 42.17 18.45
N29 6OU IA . -34.33 42.86 19.54
O30 6OU IA . -31.19 37.87 19.19
C31 6OU IA . -31.22 38.78 20.21
O32 6OU IA . -32.13 38.76 21.02
C33 6OU IA . -30.09 39.79 20.24
C34 6OU IA . -28.81 39.41 19.42
C35 6OU IA . -27.47 39.83 20.06
C36 6OU IA . -26.25 38.87 19.91
C37 6OU IA . -26.30 37.90 18.71
C38 6OU IA . -25.21 38.03 17.63
C39 6OU IA . -24.28 36.78 17.51
C40 6OU IA . -23.68 36.51 16.16
C41 6OU IA . -22.60 35.78 15.84
C42 6OU IA . -21.66 35.04 16.75
C43 6OU IA . -20.36 34.45 16.13
C44 6OU IA . -19.58 33.50 17.07
C1 LBN JA . -19.14 -11.50 22.87
N1 LBN JA . -19.25 -16.89 21.78
P1 LBN JA . -16.69 -12.51 23.35
C2 LBN JA . -19.03 -10.74 21.56
C3 LBN JA . -19.95 -11.40 20.48
C4 LBN JA . -28.28 -6.22 25.70
C5 LBN JA . -22.99 0.45 24.35
C6 LBN JA . -18.75 -15.43 21.53
O1 LBN JA . -17.96 -11.43 23.55
C7 LBN JA . -29.46 -5.25 25.82
C8 LBN JA . -22.45 1.48 25.29
C9 LBN JA . -17.73 -14.95 22.62
O2 LBN JA . -17.22 -13.76 22.17
C10 LBN JA . -29.94 -5.00 27.27
C11 LBN JA . -23.04 2.92 25.20
C12 LBN JA . -18.08 -17.87 21.79
O3 LBN JA . -15.63 -11.86 22.53
C13 LBN JA . -31.13 -4.02 27.40
C14 LBN JA . -23.89 3.32 26.43
C15 LBN JA . -20.25 -17.30 20.70
O4 LBN JA . -16.54 -13.32 24.58
C16 LBN JA . -32.23 -4.52 28.34
C17 LBN JA . -24.40 4.78 26.45
C18 LBN JA . -19.95 -16.96 23.13
C19 LBN JA . -33.42 -3.57 28.42
C20 LBN JA . -25.56 4.98 27.44
C21 LBN JA . -34.73 -4.28 28.69
C22 LBN JA . -26.13 6.41 27.51
C23 LBN JA . -27.53 6.42 28.16
C24 LBN JA . -28.05 7.80 28.56
C25 LBN JA . -21.55 -10.69 18.88
O5 LBN JA . -20.58 -10.38 19.75
C26 LBN JA . -22.92 -10.73 19.45
O6 LBN JA . -21.29 -10.90 17.72
C27 LBN JA . -23.80 -9.57 19.04
C28 LBN JA . -25.24 -9.69 19.54
C29 LBN JA . -25.41 -9.67 21.08
C30 LBN JA . -26.52 -8.75 21.59
C31 LBN JA . -26.86 -8.81 23.08
C32 LBN JA . -26.96 -7.46 23.80
C33 LBN JA . -28.32 -7.19 24.50
C34 LBN JA . -20.57 -8.91 22.49
O7 LBN JA . -19.48 -9.34 21.71
C35 LBN JA . -20.23 -7.78 23.46
O8 LBN JA . -21.67 -9.39 22.32
C36 LBN JA . -21.22 -6.58 23.55
C37 LBN JA . -22.53 -6.81 24.36
C38 LBN JA . -23.20 -5.63 25.08
C39 LBN JA . -22.85 -4.23 24.51
C40 LBN JA . -22.92 -3.14 25.58
C41 LBN JA . -22.18 -1.79 25.29
C42 LBN JA . -22.87 -0.88 24.33
#